data_4KQM
#
_entry.id   4KQM
#
_cell.length_a   192.710
_cell.length_b   204.443
_cell.length_c   206.332
_cell.angle_alpha   90.000
_cell.angle_beta   90.000
_cell.angle_gamma   90.000
#
_symmetry.space_group_name_H-M   'I 2 2 2'
#
loop_
_entity.id
_entity.type
_entity.pdbx_description
1 polymer Gsy2p
2 non-polymer "URIDINE-5'-DIPHOSPHATE"
3 non-polymer 6-O-phosphono-alpha-D-glucopyranose
4 non-polymer DI(HYDROXYETHYL)ETHER
5 non-polymer alpha-D-glucopyranose
6 non-polymer beta-D-glucopyranose
#
_entity_poly.entity_id   1
_entity_poly.type   'polypeptide(L)'
_entity_poly.pdbx_seq_one_letter_code
;MGSSHHHHHHSSGLVPRGSMSRDLQNHLLFETATEVANRVGGIYSVLKSKAPITVAQYKDHYHLIGPLNKATYQNEVDIL
DWKKPEAFSDEMRPVQHALQTMESRGVHFVYGRWLIEGAPKVILFDLDSVRGYSNEWKGDLWSLVGIPSPENDFETNDAI
LLGYTVAWFLGEVAHLDSQHAIVAHFHQWLAGVALPLCRKRRIDVVTIFTTHATLLGRYLCASGSFDFYNCLESVDVDHE
AGRFGIYHRYCIERAAAHSADVFTTVSQITAFEAEHLLKRKPDGILPNGLNVIKFQAFHEFQNLHALKKEKINDFVRGHF
HGCFDFDLDNTLYFFIAGRYEYKNKGADMFIEALARLNYRLKVSGSKKTVVAFIVMPAKNNSFTVEALKGQAEVRALENT
VHEVTTSIGKRIFDHAIRYPHNGLTTELPTDLGELLKSSDKVMLKRRILALRRPEGQLPPIVTHNMVDDANDLILNKIRQ
VQLFNSPSDRVKMIFHPEFLNANNPILGLDYDEFVRGCHLGVFPSYYEPWGYTPAECTVMGVPSITTNVSGFGSYMEDLI
ETNQAKDYGIYIVDRRFKAPDESVEQLVDYMEEFVKKTRRQRINQRNRTERLSDLLDWKRMGLEYVKARQLALRRGYPDQ
FRELVGEELNDSNMDALAGGKKLKVARPLSVPGSPRDLRSNSTVYMTPGDLGTLQEVNNADDYFSLGVNPAADDDDDGPY
ADDS
;
_entity_poly.pdbx_strand_id   A,B,C,D
#
loop_
_chem_comp.id
_chem_comp.type
_chem_comp.name
_chem_comp.formula
BGC D-saccharide, beta linking beta-D-glucopyranose 'C6 H12 O6'
G6P D-saccharide, alpha linking 6-O-phosphono-alpha-D-glucopyranose 'C6 H13 O9 P'
GLC D-saccharide, alpha linking alpha-D-glucopyranose 'C6 H12 O6'
PEG non-polymer DI(HYDROXYETHYL)ETHER 'C4 H10 O3'
UDP RNA linking URIDINE-5'-DIPHOSPHATE 'C9 H14 N2 O12 P2'
#
# COMPACT_ATOMS: atom_id res chain seq x y z
N SER A 21 12.52 57.20 -43.55
CA SER A 21 11.04 57.00 -43.51
C SER A 21 10.65 55.60 -43.03
N ARG A 22 11.46 55.00 -42.16
CA ARG A 22 11.14 53.71 -41.57
C ARG A 22 10.12 53.86 -40.45
N ASP A 23 9.14 52.95 -40.41
CA ASP A 23 8.11 52.93 -39.36
C ASP A 23 8.77 52.54 -38.05
N LEU A 24 8.54 53.34 -37.02
CA LEU A 24 9.17 53.14 -35.72
C LEU A 24 8.33 52.29 -34.77
N GLN A 25 7.01 52.36 -34.93
CA GLN A 25 6.10 51.55 -34.13
C GLN A 25 6.10 50.10 -34.58
N ASN A 26 6.00 49.89 -35.88
CA ASN A 26 6.07 48.56 -36.45
C ASN A 26 7.49 48.30 -36.95
N HIS A 27 8.36 47.87 -36.03
CA HIS A 27 9.78 47.67 -36.31
C HIS A 27 10.16 46.21 -36.11
N LEU A 28 11.33 45.80 -36.58
CA LEU A 28 11.80 44.41 -36.36
C LEU A 28 12.82 44.33 -35.24
N LEU A 29 12.96 43.15 -34.65
CA LEU A 29 13.89 42.95 -33.53
C LEU A 29 14.74 41.70 -33.73
N PHE A 30 16.07 41.86 -33.66
CA PHE A 30 16.97 40.72 -33.76
C PHE A 30 17.80 40.64 -32.49
N GLU A 31 17.72 39.49 -31.81
CA GLU A 31 18.43 39.31 -30.57
C GLU A 31 19.56 38.31 -30.76
N THR A 32 20.79 38.77 -30.56
CA THR A 32 21.98 37.94 -30.80
C THR A 32 22.69 37.53 -29.50
N ALA A 33 23.07 36.25 -29.45
CA ALA A 33 23.85 35.68 -28.36
C ALA A 33 24.48 34.36 -28.80
N THR A 34 25.51 33.91 -28.09
CA THR A 34 26.11 32.60 -28.38
C THR A 34 25.36 31.45 -27.72
N GLU A 35 24.46 31.76 -26.80
CA GLU A 35 23.71 30.72 -26.09
C GLU A 35 22.31 30.50 -26.67
N VAL A 36 22.08 31.00 -27.89
CA VAL A 36 20.79 30.87 -28.57
C VAL A 36 20.47 29.41 -28.86
N ALA A 37 21.34 28.74 -29.61
CA ALA A 37 21.14 27.32 -29.90
C ALA A 37 21.24 26.50 -28.63
N ASN A 38 22.30 26.76 -27.87
CA ASN A 38 22.76 25.82 -26.86
C ASN A 38 23.10 26.46 -25.52
N ARG A 39 22.89 25.70 -24.45
CA ARG A 39 23.27 26.13 -23.12
C ARG A 39 24.80 26.11 -22.99
N VAL A 40 25.36 27.25 -22.63
CA VAL A 40 26.78 27.36 -22.32
C VAL A 40 26.89 28.11 -20.98
N GLY A 41 25.92 28.99 -20.74
CA GLY A 41 25.90 29.81 -19.53
C GLY A 41 24.52 30.29 -19.16
N GLY A 42 24.48 31.18 -18.16
CA GLY A 42 23.24 31.69 -17.60
C GLY A 42 22.39 32.50 -18.56
N ILE A 43 23.01 33.01 -19.63
CA ILE A 43 22.27 33.77 -20.64
C ILE A 43 21.22 32.89 -21.34
N TYR A 44 21.53 31.61 -21.50
CA TYR A 44 20.61 30.68 -22.15
C TYR A 44 19.22 30.71 -21.52
N SER A 45 19.16 30.59 -20.18
CA SER A 45 17.87 30.60 -19.48
C SER A 45 17.20 31.99 -19.47
N VAL A 46 18.02 33.05 -19.52
CA VAL A 46 17.53 34.41 -19.68
C VAL A 46 16.80 34.57 -21.01
N LEU A 47 17.42 34.11 -22.09
CA LEU A 47 16.74 34.18 -23.38
C LEU A 47 15.51 33.27 -23.43
N LYS A 48 15.63 32.06 -22.86
CA LYS A 48 14.56 31.08 -22.89
C LYS A 48 13.30 31.59 -22.20
N SER A 49 13.41 31.90 -20.92
CA SER A 49 12.27 32.34 -20.12
C SER A 49 11.65 33.63 -20.67
N LYS A 50 12.50 34.49 -21.24
CA LYS A 50 12.06 35.77 -21.78
C LYS A 50 11.30 35.65 -23.10
N ALA A 51 11.43 34.51 -23.77
CA ALA A 51 10.83 34.36 -25.10
C ALA A 51 9.30 34.56 -25.17
N PRO A 52 8.51 33.89 -24.30
CA PRO A 52 7.04 34.03 -24.43
C PRO A 52 6.56 35.48 -24.55
N ILE A 53 7.16 36.38 -23.78
CA ILE A 53 6.72 37.78 -23.76
C ILE A 53 7.27 38.64 -24.90
N THR A 54 8.40 38.24 -25.47
CA THR A 54 8.94 38.88 -26.68
C THR A 54 8.08 38.47 -27.90
N VAL A 55 7.66 37.21 -27.92
CA VAL A 55 6.80 36.69 -28.96
C VAL A 55 5.43 37.37 -28.92
N ALA A 56 4.88 37.52 -27.72
CA ALA A 56 3.56 38.14 -27.55
C ALA A 56 3.49 39.57 -28.09
N GLN A 57 4.63 40.26 -28.11
CA GLN A 57 4.69 41.66 -28.56
C GLN A 57 5.02 41.80 -30.04
N TYR A 58 5.92 40.93 -30.52
CA TYR A 58 6.52 41.05 -31.85
C TYR A 58 6.03 40.03 -32.86
N LYS A 59 5.68 38.84 -32.36
CA LYS A 59 5.19 37.75 -33.20
C LYS A 59 6.21 37.31 -34.26
N ASP A 60 5.89 37.48 -35.54
CA ASP A 60 6.79 37.07 -36.61
C ASP A 60 7.81 38.17 -36.88
N HIS A 61 7.67 39.29 -36.19
CA HIS A 61 8.60 40.42 -36.35
C HIS A 61 9.88 40.25 -35.52
N TYR A 62 10.01 39.11 -34.89
CA TYR A 62 11.13 38.79 -34.00
C TYR A 62 11.93 37.58 -34.50
N HIS A 63 13.25 37.69 -34.37
CA HIS A 63 14.17 36.59 -34.65
C HIS A 63 15.32 36.59 -33.64
N LEU A 64 15.75 35.40 -33.23
CA LEU A 64 16.98 35.22 -32.48
C LEU A 64 18.08 34.73 -33.42
N ILE A 65 19.30 35.17 -33.17
CA ILE A 65 20.42 34.80 -34.02
C ILE A 65 21.57 34.32 -33.14
N GLY A 66 22.17 33.18 -33.52
CA GLY A 66 23.32 32.66 -32.80
C GLY A 66 24.21 31.76 -33.63
N PRO A 67 25.37 31.36 -33.06
CA PRO A 67 26.20 30.33 -33.68
C PRO A 67 25.45 29.00 -33.78
N LEU A 68 25.67 28.27 -34.87
CA LEU A 68 25.12 26.94 -35.02
C LEU A 68 25.99 25.95 -34.24
N ASN A 69 25.36 25.19 -33.35
CA ASN A 69 26.04 24.10 -32.67
C ASN A 69 25.67 22.77 -33.31
N LYS A 70 26.45 22.37 -34.32
CA LYS A 70 26.12 21.23 -35.20
C LYS A 70 25.75 19.92 -34.47
N ALA A 71 26.21 19.77 -33.24
CA ALA A 71 25.89 18.61 -32.42
C ALA A 71 24.51 18.71 -31.77
N THR A 72 24.29 19.73 -30.94
CA THR A 72 23.11 19.80 -30.07
C THR A 72 21.85 20.41 -30.71
N TYR A 73 22.00 21.04 -31.88
CA TYR A 73 20.92 21.80 -32.51
C TYR A 73 19.69 20.96 -32.89
N GLN A 74 19.83 19.64 -32.88
CA GLN A 74 18.72 18.76 -33.29
C GLN A 74 17.70 18.48 -32.19
N ASN A 75 18.13 18.58 -30.93
CA ASN A 75 17.24 18.42 -29.78
C ASN A 75 16.42 19.67 -29.53
N GLU A 76 17.03 20.81 -29.84
CA GLU A 76 16.51 22.12 -29.45
C GLU A 76 15.66 22.77 -30.54
N VAL A 77 16.07 22.58 -31.79
CA VAL A 77 15.55 23.35 -32.91
C VAL A 77 14.70 22.50 -33.83
N ASP A 78 13.58 23.07 -34.23
CA ASP A 78 12.65 22.50 -35.20
C ASP A 78 13.02 23.07 -36.58
N ILE A 79 13.84 22.33 -37.33
CA ILE A 79 14.34 22.74 -38.65
C ILE A 79 13.21 23.10 -39.64
N LEU A 80 13.36 24.21 -40.37
CA LEU A 80 12.30 24.71 -41.26
C LEU A 80 12.73 24.96 -42.72
N ASP A 81 11.83 24.69 -43.66
CA ASP A 81 12.00 25.03 -45.07
C ASP A 81 11.72 26.53 -45.30
N TRP A 82 12.79 27.32 -45.27
CA TRP A 82 12.72 28.79 -45.34
C TRP A 82 12.59 29.33 -46.77
N LYS A 83 12.82 28.47 -47.75
CA LYS A 83 12.69 28.84 -49.16
C LYS A 83 11.22 28.91 -49.56
N LYS A 84 10.38 28.14 -48.88
CA LYS A 84 8.94 28.13 -49.05
C LYS A 84 8.34 29.56 -48.98
N PRO A 85 7.44 29.89 -49.92
CA PRO A 85 6.75 31.19 -49.88
C PRO A 85 5.91 31.44 -48.62
N GLU A 86 5.27 30.39 -48.10
CA GLU A 86 4.44 30.50 -46.89
C GLU A 86 5.27 30.53 -45.60
N ALA A 87 6.59 30.65 -45.75
CA ALA A 87 7.49 30.74 -44.60
C ALA A 87 7.58 32.17 -44.07
N PHE A 88 7.14 33.12 -44.88
CA PHE A 88 7.18 34.54 -44.51
C PHE A 88 5.96 35.29 -45.02
N SER A 89 5.51 36.27 -44.25
CA SER A 89 4.45 37.20 -44.67
C SER A 89 4.99 38.16 -45.73
N ASP A 90 4.09 38.80 -46.47
CA ASP A 90 4.49 39.81 -47.45
C ASP A 90 5.41 40.90 -46.88
N GLU A 91 5.08 41.42 -45.69
CA GLU A 91 5.91 42.46 -45.09
C GLU A 91 7.24 41.93 -44.55
N MET A 92 7.35 40.62 -44.32
CA MET A 92 8.61 40.02 -43.87
C MET A 92 9.47 39.44 -45.01
N ARG A 93 9.03 39.61 -46.26
CA ARG A 93 9.78 39.18 -47.46
C ARG A 93 11.28 39.55 -47.46
N PRO A 94 11.63 40.81 -47.08
CA PRO A 94 13.03 41.22 -47.05
C PRO A 94 13.94 40.27 -46.25
N VAL A 95 13.43 39.70 -45.16
CA VAL A 95 14.24 38.78 -44.33
C VAL A 95 14.64 37.54 -45.13
N GLN A 96 13.66 37.00 -45.86
CA GLN A 96 13.85 35.84 -46.73
C GLN A 96 14.79 36.16 -47.89
N HIS A 97 14.60 37.33 -48.50
CA HIS A 97 15.47 37.77 -49.58
C HIS A 97 16.92 37.89 -49.11
N ALA A 98 17.10 38.48 -47.92
CA ALA A 98 18.42 38.62 -47.29
C ALA A 98 19.11 37.26 -47.12
N LEU A 99 18.36 36.28 -46.60
CA LEU A 99 18.88 34.93 -46.41
C LEU A 99 19.25 34.26 -47.73
N GLN A 100 18.47 34.49 -48.80
CA GLN A 100 18.81 34.00 -50.14
C GLN A 100 20.18 34.47 -50.60
N THR A 101 20.47 35.75 -50.36
CA THR A 101 21.78 36.30 -50.74
C THR A 101 22.91 35.59 -49.98
N MET A 102 22.82 35.54 -48.65
CA MET A 102 23.74 34.76 -47.80
C MET A 102 23.88 33.33 -48.35
N GLU A 103 22.73 32.72 -48.67
CA GLU A 103 22.68 31.40 -49.31
C GLU A 103 23.52 31.36 -50.60
N SER A 104 23.34 32.38 -51.45
CA SER A 104 23.98 32.46 -52.76
C SER A 104 25.47 32.73 -52.65
N ARG A 105 25.84 33.63 -51.75
CA ARG A 105 27.22 34.05 -51.53
C ARG A 105 28.05 32.98 -50.79
N GLY A 106 27.44 31.83 -50.51
CA GLY A 106 28.17 30.68 -49.95
C GLY A 106 27.82 30.27 -48.53
N VAL A 107 27.30 31.23 -47.76
CA VAL A 107 27.02 31.07 -46.31
C VAL A 107 25.89 30.08 -46.01
N HIS A 108 26.17 29.09 -45.16
CA HIS A 108 25.17 28.13 -44.66
C HIS A 108 24.61 28.55 -43.31
N PHE A 109 23.32 28.30 -43.12
CA PHE A 109 22.61 28.61 -41.86
C PHE A 109 21.44 27.63 -41.64
N VAL A 110 20.83 27.68 -40.46
CA VAL A 110 19.63 26.91 -40.19
C VAL A 110 18.52 27.85 -39.72
N TYR A 111 17.38 27.78 -40.40
CA TYR A 111 16.19 28.49 -39.97
C TYR A 111 15.30 27.47 -39.26
N GLY A 112 14.66 27.90 -38.18
CA GLY A 112 13.77 27.01 -37.42
C GLY A 112 12.97 27.69 -36.33
N ARG A 113 12.22 26.87 -35.58
CA ARG A 113 11.58 27.35 -34.35
C ARG A 113 12.27 26.74 -33.15
N TRP A 114 12.58 27.58 -32.18
CA TRP A 114 13.14 27.11 -30.93
C TRP A 114 12.04 26.35 -30.20
N LEU A 115 12.34 25.13 -29.78
CA LEU A 115 11.36 24.26 -29.14
C LEU A 115 11.24 24.50 -27.63
N ILE A 116 10.79 25.71 -27.29
CA ILE A 116 10.49 26.10 -25.91
C ILE A 116 9.19 26.91 -25.95
N GLU A 117 8.59 27.13 -24.78
CA GLU A 117 7.39 27.94 -24.66
C GLU A 117 7.56 29.26 -25.43
N GLY A 118 6.51 29.72 -26.09
CA GLY A 118 6.61 30.88 -26.95
C GLY A 118 6.97 30.55 -28.39
N ALA A 119 7.89 29.59 -28.56
CA ALA A 119 8.38 29.13 -29.87
C ALA A 119 8.85 30.24 -30.84
N PRO A 120 9.91 30.97 -30.48
CA PRO A 120 10.42 32.05 -31.33
C PRO A 120 11.25 31.53 -32.52
N LYS A 121 11.37 32.37 -33.55
CA LYS A 121 12.09 32.00 -34.75
C LYS A 121 13.59 32.22 -34.64
N VAL A 122 14.37 31.30 -35.19
CA VAL A 122 15.81 31.31 -34.97
C VAL A 122 16.59 31.26 -36.29
N ILE A 123 17.73 31.96 -36.31
CA ILE A 123 18.66 31.93 -37.42
C ILE A 123 20.02 31.50 -36.88
N LEU A 124 20.43 30.29 -37.23
CA LEU A 124 21.68 29.75 -36.71
C LEU A 124 22.71 29.64 -37.81
N PHE A 125 23.80 30.39 -37.69
CA PHE A 125 24.84 30.43 -38.71
C PHE A 125 25.90 29.36 -38.52
N ASP A 126 26.08 28.52 -39.55
CA ASP A 126 27.17 27.55 -39.61
C ASP A 126 28.45 28.33 -39.85
N LEU A 127 29.24 28.46 -38.78
CA LEU A 127 30.47 29.22 -38.82
C LEU A 127 31.53 28.56 -39.71
N ASP A 128 31.55 27.23 -39.74
CA ASP A 128 32.46 26.47 -40.61
C ASP A 128 32.35 26.89 -42.06
N SER A 129 31.15 27.30 -42.46
CA SER A 129 30.85 27.67 -43.84
C SER A 129 31.17 29.12 -44.13
N VAL A 130 32.07 29.70 -43.34
CA VAL A 130 32.47 31.10 -43.51
C VAL A 130 33.88 31.35 -42.95
N ARG A 131 34.45 30.29 -42.38
CA ARG A 131 35.79 30.30 -41.78
C ARG A 131 36.91 30.74 -42.74
N GLY A 132 36.69 30.57 -44.06
CA GLY A 132 37.61 31.05 -45.10
C GLY A 132 37.97 32.53 -45.02
N TYR A 133 37.03 33.34 -44.52
CA TYR A 133 37.23 34.79 -44.41
C TYR A 133 38.05 35.20 -43.20
N SER A 134 38.18 34.30 -42.23
CA SER A 134 38.90 34.56 -40.97
C SER A 134 40.10 35.51 -41.16
N ASN A 135 40.90 35.26 -42.20
CA ASN A 135 42.08 36.07 -42.49
C ASN A 135 41.76 37.54 -42.77
N GLU A 136 40.97 37.77 -43.82
CA GLU A 136 40.59 39.12 -44.26
C GLU A 136 39.91 39.92 -43.15
N TRP A 137 39.13 39.24 -42.32
CA TRP A 137 38.28 39.86 -41.32
C TRP A 137 39.04 40.27 -40.06
N LYS A 138 39.86 39.36 -39.54
CA LYS A 138 40.78 39.71 -38.46
C LYS A 138 41.63 40.92 -38.88
N GLY A 139 41.99 40.98 -40.16
CA GLY A 139 42.74 42.11 -40.71
C GLY A 139 41.99 43.42 -40.66
N ASP A 140 40.77 43.42 -41.22
CA ASP A 140 39.89 44.60 -41.26
C ASP A 140 39.53 45.11 -39.86
N LEU A 141 39.22 44.20 -38.95
CA LEU A 141 38.83 44.53 -37.58
C LEU A 141 39.96 45.23 -36.80
N TRP A 142 41.20 44.85 -37.09
CA TRP A 142 42.33 45.52 -36.47
C TRP A 142 42.40 46.97 -36.94
N SER A 143 42.33 47.18 -38.25
CA SER A 143 42.49 48.52 -38.80
C SER A 143 41.20 49.35 -38.69
N LEU A 144 40.08 48.71 -38.37
CA LEU A 144 38.84 49.43 -38.08
C LEU A 144 38.79 49.94 -36.64
N VAL A 145 38.93 49.02 -35.68
CA VAL A 145 38.67 49.35 -34.28
C VAL A 145 39.88 49.12 -33.38
N GLY A 146 40.79 48.26 -33.82
CA GLY A 146 42.03 48.06 -33.10
C GLY A 146 42.06 46.80 -32.25
N ILE A 147 41.22 45.83 -32.60
CA ILE A 147 41.16 44.56 -31.87
C ILE A 147 42.17 43.52 -32.38
N PRO A 148 43.15 43.15 -31.53
CA PRO A 148 44.06 42.09 -31.94
C PRO A 148 43.45 40.72 -31.65
N SER A 149 43.84 39.71 -32.43
CA SER A 149 43.30 38.36 -32.24
C SER A 149 44.34 37.27 -32.44
N PRO A 150 44.88 36.73 -31.34
CA PRO A 150 45.75 35.57 -31.47
C PRO A 150 44.95 34.40 -32.05
N GLU A 151 45.66 33.40 -32.57
CA GLU A 151 44.98 32.32 -33.28
C GLU A 151 44.38 31.27 -32.33
N ASN A 152 45.16 30.88 -31.31
CA ASN A 152 44.84 29.74 -30.44
C ASN A 152 43.56 29.85 -29.58
N ASP A 153 42.93 31.02 -29.61
CA ASP A 153 41.71 31.24 -28.84
C ASP A 153 40.48 30.97 -29.73
N PHE A 154 39.99 29.73 -29.69
CA PHE A 154 38.85 29.31 -30.53
C PHE A 154 37.57 30.10 -30.29
N GLU A 155 37.36 30.61 -29.07
CA GLU A 155 36.17 31.41 -28.76
C GLU A 155 36.13 32.73 -29.53
N THR A 156 37.22 33.50 -29.46
CA THR A 156 37.31 34.80 -30.14
C THR A 156 37.12 34.68 -31.64
N ASN A 157 37.81 33.72 -32.26
CA ASN A 157 37.64 33.42 -33.68
C ASN A 157 36.16 33.35 -34.06
N ASP A 158 35.42 32.50 -33.35
CA ASP A 158 33.98 32.31 -33.57
C ASP A 158 33.21 33.60 -33.35
N ALA A 159 33.54 34.31 -32.28
CA ALA A 159 32.94 35.61 -32.00
C ALA A 159 33.20 36.59 -33.15
N ILE A 160 34.41 36.53 -33.71
CA ILE A 160 34.78 37.39 -34.84
C ILE A 160 34.05 36.98 -36.11
N LEU A 161 33.92 35.68 -36.33
CA LEU A 161 33.17 35.16 -37.48
C LEU A 161 31.68 35.45 -37.33
N LEU A 162 31.17 35.34 -36.11
CA LEU A 162 29.77 35.65 -35.82
C LEU A 162 29.49 37.13 -36.07
N GLY A 163 30.45 37.98 -35.68
CA GLY A 163 30.28 39.42 -35.77
C GLY A 163 30.14 39.90 -37.18
N TYR A 164 31.03 39.42 -38.05
CA TYR A 164 31.04 39.80 -39.46
C TYR A 164 29.89 39.19 -40.26
N THR A 165 29.44 38.00 -39.86
CA THR A 165 28.35 37.33 -40.55
C THR A 165 27.00 37.98 -40.23
N VAL A 166 26.81 38.34 -38.96
CA VAL A 166 25.56 38.96 -38.54
C VAL A 166 25.48 40.41 -39.04
N ALA A 167 26.64 41.09 -39.08
CA ALA A 167 26.74 42.44 -39.66
C ALA A 167 26.44 42.43 -41.17
N TRP A 168 27.03 41.46 -41.86
CA TRP A 168 26.76 41.18 -43.28
C TRP A 168 25.25 41.03 -43.47
N PHE A 169 24.66 40.21 -42.61
CA PHE A 169 23.24 39.86 -42.68
C PHE A 169 22.32 41.05 -42.39
N LEU A 170 22.63 41.80 -41.34
CA LEU A 170 21.82 42.95 -40.95
C LEU A 170 21.95 44.08 -41.97
N GLY A 171 23.12 44.18 -42.59
CA GLY A 171 23.30 45.08 -43.73
C GLY A 171 22.36 44.74 -44.87
N GLU A 172 22.19 43.44 -45.16
CA GLU A 172 21.30 43.00 -46.24
C GLU A 172 19.81 43.17 -45.93
N VAL A 173 19.44 43.00 -44.66
CA VAL A 173 18.07 43.26 -44.25
C VAL A 173 17.78 44.76 -44.38
N ALA A 174 18.73 45.59 -44.00
CA ALA A 174 18.56 47.05 -44.08
C ALA A 174 18.43 47.51 -45.53
N HIS A 175 19.28 46.97 -46.40
CA HIS A 175 19.23 47.28 -47.84
C HIS A 175 17.90 46.83 -48.48
N LEU A 176 17.42 45.65 -48.10
CA LEU A 176 16.21 45.09 -48.68
C LEU A 176 14.88 45.51 -48.03
N ASP A 177 14.90 45.80 -46.74
CA ASP A 177 13.70 46.26 -46.04
C ASP A 177 13.70 47.79 -45.97
N SER A 178 12.84 48.43 -46.77
CA SER A 178 12.69 49.89 -46.70
C SER A 178 11.52 50.33 -45.81
N GLN A 179 10.85 49.37 -45.18
CA GLN A 179 9.61 49.62 -44.46
C GLN A 179 9.81 49.80 -42.93
N HIS A 180 10.47 48.82 -42.31
CA HIS A 180 10.56 48.78 -40.85
C HIS A 180 11.84 49.35 -40.34
N ALA A 181 11.76 49.96 -39.16
CA ALA A 181 12.95 50.23 -38.36
C ALA A 181 13.47 48.90 -37.86
N ILE A 182 14.78 48.80 -37.72
CA ILE A 182 15.38 47.54 -37.28
C ILE A 182 16.12 47.74 -35.95
N VAL A 183 15.72 46.98 -34.93
CA VAL A 183 16.46 46.95 -33.66
C VAL A 183 17.29 45.68 -33.61
N ALA A 184 18.58 45.85 -33.34
CA ALA A 184 19.48 44.72 -33.14
C ALA A 184 20.07 44.77 -31.73
N HIS A 185 19.87 43.69 -30.98
CA HIS A 185 20.20 43.61 -29.56
C HIS A 185 21.19 42.47 -29.41
N PHE A 186 22.30 42.75 -28.72
CA PHE A 186 23.38 41.78 -28.59
C PHE A 186 23.68 41.55 -27.13
N HIS A 187 23.87 40.28 -26.73
CA HIS A 187 24.23 39.91 -25.35
C HIS A 187 25.66 39.37 -25.23
N GLN A 188 26.42 39.94 -24.29
CA GLN A 188 27.82 39.56 -24.00
C GLN A 188 28.83 39.88 -25.12
N TRP A 189 30.09 40.04 -24.74
CA TRP A 189 31.16 40.37 -25.69
C TRP A 189 31.30 39.32 -26.79
N LEU A 190 31.07 38.05 -26.45
CA LEU A 190 31.04 36.95 -27.41
C LEU A 190 30.15 37.21 -28.62
N ALA A 191 29.02 37.89 -28.38
CA ALA A 191 28.14 38.34 -29.46
C ALA A 191 28.23 39.85 -29.67
N GLY A 192 29.41 40.43 -29.44
CA GLY A 192 29.58 41.88 -29.51
C GLY A 192 30.45 42.43 -30.63
N VAL A 193 30.95 41.56 -31.50
CA VAL A 193 31.81 41.99 -32.61
C VAL A 193 31.05 42.78 -33.68
N ALA A 194 29.81 42.37 -33.95
CA ALA A 194 28.95 43.10 -34.91
C ALA A 194 28.61 44.55 -34.53
N LEU A 195 29.00 45.00 -33.34
CA LEU A 195 28.64 46.34 -32.88
C LEU A 195 29.46 47.48 -33.48
N PRO A 196 30.81 47.43 -33.32
CA PRO A 196 31.61 48.48 -33.99
C PRO A 196 31.53 48.40 -35.51
N LEU A 197 31.12 47.25 -36.04
CA LEU A 197 30.86 47.11 -37.46
C LEU A 197 29.66 47.96 -37.87
N CYS A 198 28.51 47.73 -37.23
CA CYS A 198 27.29 48.52 -37.51
C CYS A 198 27.50 50.02 -37.35
N ARG A 199 28.36 50.42 -36.41
CA ARG A 199 28.62 51.83 -36.20
C ARG A 199 29.49 52.47 -37.30
N LYS A 200 30.66 51.91 -37.56
CA LYS A 200 31.60 52.45 -38.55
C LYS A 200 31.18 52.20 -40.02
N ARG A 201 30.38 51.16 -40.26
CA ARG A 201 29.80 50.91 -41.59
C ARG A 201 28.50 51.69 -41.76
N ARG A 202 28.07 52.34 -40.68
CA ARG A 202 26.73 52.96 -40.59
C ARG A 202 25.62 52.18 -41.30
N ILE A 203 25.37 50.98 -40.79
CA ILE A 203 24.23 50.18 -41.22
C ILE A 203 22.98 50.80 -40.62
N ASP A 204 21.90 50.83 -41.40
CA ASP A 204 20.67 51.48 -40.96
C ASP A 204 19.84 50.61 -39.98
N VAL A 205 20.48 50.26 -38.86
CA VAL A 205 19.83 49.57 -37.74
C VAL A 205 20.18 50.30 -36.45
N VAL A 206 19.37 50.13 -35.41
CA VAL A 206 19.77 50.64 -34.10
C VAL A 206 20.19 49.49 -33.19
N THR A 207 21.29 49.71 -32.47
CA THR A 207 21.93 48.64 -31.70
C THR A 207 21.80 48.80 -30.17
N ILE A 208 21.62 47.66 -29.50
CA ILE A 208 21.68 47.59 -28.04
C ILE A 208 22.76 46.57 -27.62
N PHE A 209 23.63 46.98 -26.70
CA PHE A 209 24.49 46.02 -26.05
C PHE A 209 24.08 45.79 -24.59
N THR A 210 24.01 44.52 -24.20
CA THR A 210 23.78 44.17 -22.82
C THR A 210 24.89 43.26 -22.33
N THR A 211 25.53 43.67 -21.23
CA THR A 211 26.60 42.88 -20.68
C THR A 211 26.15 42.22 -19.37
N HIS A 212 26.32 40.91 -19.30
CA HIS A 212 25.81 40.12 -18.19
C HIS A 212 26.86 39.82 -17.12
N ALA A 213 27.98 40.55 -17.21
CA ALA A 213 29.14 40.41 -16.34
C ALA A 213 30.18 41.32 -16.97
N THR A 214 31.34 41.48 -16.35
CA THR A 214 32.47 42.08 -17.06
C THR A 214 33.64 41.11 -16.94
N LEU A 215 34.49 41.07 -17.96
CA LEU A 215 35.62 40.15 -17.94
C LEU A 215 36.51 40.42 -16.75
N LEU A 216 37.00 41.65 -16.66
CA LEU A 216 37.93 42.02 -15.60
C LEU A 216 37.34 41.85 -14.20
N GLY A 217 36.02 41.98 -14.09
CA GLY A 217 35.32 41.80 -12.82
C GLY A 217 35.51 40.42 -12.20
N ARG A 218 35.25 39.38 -13.00
CA ARG A 218 35.29 37.99 -12.53
C ARG A 218 36.69 37.51 -12.21
N TYR A 219 37.69 38.05 -12.90
CA TYR A 219 39.07 37.65 -12.66
C TYR A 219 39.60 38.27 -11.37
N LEU A 220 39.41 39.59 -11.24
CA LEU A 220 39.84 40.36 -10.07
C LEU A 220 39.20 39.95 -8.74
N CYS A 221 38.02 39.32 -8.81
CA CYS A 221 37.31 38.90 -7.59
C CYS A 221 37.59 37.44 -7.21
N ALA A 222 37.90 36.61 -8.22
CA ALA A 222 38.10 35.16 -8.05
C ALA A 222 39.27 34.81 -7.15
N SER A 223 40.32 35.64 -7.21
CA SER A 223 41.57 35.41 -6.46
C SER A 223 41.55 36.06 -5.07
N GLY A 224 42.72 36.54 -4.63
CA GLY A 224 43.01 36.91 -3.24
C GLY A 224 42.12 37.92 -2.53
N SER A 225 42.71 39.06 -2.18
CA SER A 225 41.99 40.07 -1.38
C SER A 225 42.20 41.45 -1.97
N PHE A 226 42.02 41.53 -3.28
CA PHE A 226 41.83 42.80 -3.94
C PHE A 226 40.48 43.33 -3.45
N ASP A 227 40.47 44.49 -2.80
CA ASP A 227 39.23 45.13 -2.36
C ASP A 227 38.54 45.76 -3.57
N PHE A 228 37.90 44.90 -4.34
CA PHE A 228 37.39 45.23 -5.66
C PHE A 228 36.36 46.36 -5.68
N TYR A 229 35.39 46.34 -4.77
CA TYR A 229 34.31 47.32 -4.83
C TYR A 229 34.67 48.71 -4.28
N ASN A 230 35.81 48.82 -3.61
CA ASN A 230 36.25 50.10 -3.04
C ASN A 230 37.37 50.82 -3.79
N CYS A 231 38.15 50.09 -4.58
CA CYS A 231 39.20 50.71 -5.36
C CYS A 231 39.31 50.12 -6.75
N LEU A 232 38.20 50.15 -7.48
CA LEU A 232 38.21 49.80 -8.88
C LEU A 232 38.47 51.06 -9.69
N GLU A 233 38.33 52.21 -9.03
CA GLU A 233 38.73 53.50 -9.61
C GLU A 233 40.22 53.53 -9.88
N SER A 234 40.96 52.65 -9.21
CA SER A 234 42.41 52.61 -9.33
C SER A 234 42.94 51.39 -10.10
N VAL A 235 42.10 50.76 -10.93
CA VAL A 235 42.56 49.62 -11.75
C VAL A 235 43.04 50.09 -13.12
N ASP A 236 44.26 49.69 -13.47
CA ASP A 236 44.76 49.85 -14.84
C ASP A 236 44.18 48.71 -15.68
N VAL A 237 43.11 49.01 -16.42
CA VAL A 237 42.40 47.99 -17.22
C VAL A 237 43.28 47.22 -18.21
N ASP A 238 44.15 47.94 -18.91
CA ASP A 238 44.99 47.34 -19.93
C ASP A 238 46.04 46.42 -19.33
N HIS A 239 46.58 46.82 -18.19
CA HIS A 239 47.57 46.04 -17.47
C HIS A 239 46.97 44.80 -16.80
N GLU A 240 45.72 44.91 -16.32
CA GLU A 240 45.04 43.79 -15.70
C GLU A 240 44.57 42.76 -16.71
N ALA A 241 43.97 43.22 -17.81
CA ALA A 241 43.58 42.33 -18.91
C ALA A 241 44.81 41.55 -19.36
N GLY A 242 45.92 42.26 -19.54
CA GLY A 242 47.20 41.65 -19.87
C GLY A 242 47.61 40.58 -18.87
N ARG A 243 47.60 40.94 -17.58
CA ARG A 243 48.03 40.02 -16.51
C ARG A 243 47.24 38.70 -16.51
N PHE A 244 45.97 38.75 -16.89
CA PHE A 244 45.14 37.54 -16.95
C PHE A 244 45.15 36.89 -18.35
N GLY A 245 46.02 37.38 -19.22
CA GLY A 245 46.10 36.89 -20.60
C GLY A 245 44.76 36.95 -21.30
N ILE A 246 44.15 38.14 -21.25
CA ILE A 246 42.75 38.34 -21.63
C ILE A 246 42.61 39.54 -22.56
N TYR A 247 43.62 40.41 -22.57
CA TYR A 247 43.57 41.67 -23.31
C TYR A 247 42.65 41.73 -24.53
N HIS A 248 42.82 40.79 -25.46
CA HIS A 248 42.09 40.81 -26.73
C HIS A 248 40.57 40.63 -26.53
N ARG A 249 40.20 39.74 -25.62
CA ARG A 249 38.79 39.56 -25.24
C ARG A 249 38.22 40.84 -24.63
N TYR A 250 38.99 41.48 -23.76
CA TYR A 250 38.56 42.73 -23.15
C TYR A 250 38.25 43.84 -24.17
N CYS A 251 39.04 43.88 -25.26
CA CYS A 251 38.92 44.89 -26.31
C CYS A 251 37.63 44.75 -27.11
N ILE A 252 37.15 43.52 -27.22
CA ILE A 252 35.84 43.25 -27.81
C ILE A 252 34.75 43.78 -26.88
N GLU A 253 34.80 43.39 -25.60
CA GLU A 253 33.86 43.88 -24.62
C GLU A 253 33.77 45.41 -24.60
N ARG A 254 34.91 46.09 -24.53
CA ARG A 254 34.92 47.55 -24.49
C ARG A 254 34.34 48.22 -25.75
N ALA A 255 34.72 47.70 -26.92
CA ALA A 255 34.22 48.26 -28.18
C ALA A 255 32.71 47.96 -28.38
N ALA A 256 32.22 46.89 -27.77
CA ALA A 256 30.81 46.55 -27.84
C ALA A 256 29.99 47.53 -27.02
N ALA A 257 30.51 47.85 -25.84
CA ALA A 257 29.85 48.78 -24.94
C ALA A 257 29.91 50.21 -25.50
N HIS A 258 30.96 50.52 -26.26
CA HIS A 258 31.15 51.87 -26.77
C HIS A 258 30.42 52.13 -28.07
N SER A 259 30.33 51.11 -28.90
CA SER A 259 29.74 51.27 -30.22
C SER A 259 28.23 51.28 -30.17
N ALA A 260 27.65 50.50 -29.26
CA ALA A 260 26.21 50.35 -29.18
C ALA A 260 25.50 51.69 -28.99
N ASP A 261 24.35 51.84 -29.66
CA ASP A 261 23.50 53.02 -29.45
C ASP A 261 23.08 53.10 -27.98
N VAL A 262 22.61 51.97 -27.44
CA VAL A 262 22.20 51.85 -26.04
C VAL A 262 23.01 50.77 -25.33
N PHE A 263 23.60 51.12 -24.20
CA PHE A 263 24.42 50.21 -23.41
C PHE A 263 23.70 49.92 -22.09
N THR A 264 23.47 48.63 -21.82
CA THR A 264 22.80 48.20 -20.60
C THR A 264 23.54 47.05 -19.92
N THR A 265 23.26 46.88 -18.64
CA THR A 265 23.78 45.78 -17.85
C THR A 265 22.61 45.13 -17.11
N VAL A 266 22.84 43.98 -16.49
CA VAL A 266 21.76 43.25 -15.81
C VAL A 266 21.36 43.77 -14.42
N SER A 267 22.19 44.61 -13.79
CA SER A 267 21.89 45.11 -12.44
C SER A 267 22.71 46.35 -12.12
N GLN A 268 22.37 46.99 -11.01
CA GLN A 268 23.09 48.18 -10.57
C GLN A 268 24.55 47.92 -10.22
N ILE A 269 24.80 46.88 -9.44
CA ILE A 269 26.18 46.56 -9.09
C ILE A 269 27.05 46.37 -10.34
N THR A 270 26.48 45.77 -11.39
CA THR A 270 27.22 45.55 -12.62
C THR A 270 27.37 46.86 -13.38
N ALA A 271 26.36 47.71 -13.32
CA ALA A 271 26.43 49.05 -13.93
C ALA A 271 27.55 49.89 -13.30
N PHE A 272 27.67 49.83 -11.97
CA PHE A 272 28.72 50.53 -11.26
C PHE A 272 30.08 50.01 -11.72
N GLU A 273 30.21 48.69 -11.70
CA GLU A 273 31.41 48.00 -12.10
C GLU A 273 31.81 48.36 -13.54
N ALA A 274 30.83 48.39 -14.44
CA ALA A 274 31.09 48.56 -15.86
C ALA A 274 31.43 50.00 -16.24
N GLU A 275 30.95 50.96 -15.46
CA GLU A 275 31.21 52.37 -15.73
C GLU A 275 32.69 52.64 -15.64
N HIS A 276 33.34 51.94 -14.72
CA HIS A 276 34.76 52.14 -14.45
C HIS A 276 35.63 51.17 -15.25
N LEU A 277 35.18 49.92 -15.39
CA LEU A 277 35.96 48.91 -16.10
C LEU A 277 35.85 48.98 -17.63
N LEU A 278 34.73 49.50 -18.13
CA LEU A 278 34.47 49.58 -19.57
C LEU A 278 34.36 51.00 -20.07
N LYS A 279 34.45 51.96 -19.15
CA LYS A 279 34.57 53.38 -19.49
C LYS A 279 33.31 54.04 -20.07
N ARG A 280 32.14 53.48 -19.80
CA ARG A 280 30.88 54.07 -20.26
C ARG A 280 29.78 53.85 -19.23
N LYS A 281 29.10 54.92 -18.84
CA LYS A 281 27.98 54.81 -17.90
C LYS A 281 26.77 54.24 -18.63
N PRO A 282 26.28 53.08 -18.17
CA PRO A 282 25.15 52.42 -18.83
C PRO A 282 23.87 53.27 -18.82
N ASP A 283 23.08 53.13 -19.88
CA ASP A 283 21.84 53.87 -20.04
C ASP A 283 20.74 53.42 -19.08
N GLY A 284 20.84 52.18 -18.61
CA GLY A 284 19.84 51.60 -17.73
C GLY A 284 20.21 50.16 -17.45
N ILE A 285 19.39 49.50 -16.65
CA ILE A 285 19.61 48.12 -16.31
C ILE A 285 18.48 47.23 -16.83
N LEU A 286 18.83 46.00 -17.14
CA LEU A 286 17.87 45.02 -17.58
C LEU A 286 17.89 43.83 -16.61
N PRO A 287 17.22 43.98 -15.45
CA PRO A 287 17.13 42.93 -14.45
C PRO A 287 16.61 41.65 -15.06
N ASN A 288 17.06 40.51 -14.56
CA ASN A 288 16.59 39.21 -15.06
C ASN A 288 15.21 38.81 -14.53
N GLY A 289 14.40 38.23 -15.42
CA GLY A 289 13.06 37.82 -15.06
C GLY A 289 12.91 36.32 -15.10
N LEU A 290 12.03 35.80 -14.28
CA LEU A 290 11.64 34.43 -14.41
C LEU A 290 10.29 34.32 -15.09
N ASN A 291 10.00 33.13 -15.59
CA ASN A 291 8.74 32.87 -16.21
C ASN A 291 7.93 32.10 -15.15
N VAL A 292 7.29 32.87 -14.27
CA VAL A 292 6.77 32.35 -12.99
C VAL A 292 5.53 31.48 -13.18
N ILE A 293 5.70 30.16 -12.97
CA ILE A 293 4.56 29.21 -13.05
C ILE A 293 3.74 29.18 -11.75
N LYS A 294 2.52 29.73 -11.80
CA LYS A 294 1.69 29.89 -10.60
C LYS A 294 0.82 28.65 -10.31
N PHE A 295 0.32 28.55 -9.07
CA PHE A 295 -0.63 27.48 -8.74
C PHE A 295 -2.07 28.00 -8.65
N GLN A 296 -3.04 27.12 -8.84
CA GLN A 296 -4.43 27.50 -8.65
C GLN A 296 -4.75 27.81 -7.18
N ALA A 297 -4.25 26.97 -6.28
CA ALA A 297 -4.28 27.25 -4.85
C ALA A 297 -2.96 27.88 -4.39
N PHE A 298 -3.02 29.14 -3.91
CA PHE A 298 -1.83 29.84 -3.40
C PHE A 298 -1.06 28.96 -2.45
N HIS A 299 -1.77 28.18 -1.65
CA HIS A 299 -1.16 27.39 -0.59
C HIS A 299 -0.50 26.11 -1.04
N GLU A 300 -0.68 25.75 -2.32
CA GLU A 300 -0.12 24.52 -2.87
C GLU A 300 1.39 24.37 -2.57
N PHE A 301 2.19 25.40 -2.85
CA PHE A 301 3.64 25.34 -2.62
C PHE A 301 4.03 24.97 -1.17
N GLN A 302 3.15 25.31 -0.25
CA GLN A 302 3.37 25.06 1.15
C GLN A 302 3.30 23.54 1.38
N ASN A 303 2.32 22.90 0.73
CA ASN A 303 2.22 21.44 0.70
C ASN A 303 3.42 20.81 -0.01
N LEU A 304 3.90 21.42 -1.09
CA LEU A 304 5.05 20.89 -1.82
C LEU A 304 6.31 20.88 -0.96
N HIS A 305 6.53 21.97 -0.23
CA HIS A 305 7.56 22.02 0.78
C HIS A 305 7.50 20.80 1.71
N ALA A 306 6.36 20.58 2.37
CA ALA A 306 6.26 19.44 3.28
C ALA A 306 6.69 18.14 2.60
N LEU A 307 6.20 17.93 1.39
CA LEU A 307 6.43 16.72 0.63
C LEU A 307 7.88 16.56 0.24
N LYS A 308 8.47 17.63 -0.28
CA LYS A 308 9.87 17.62 -0.63
C LYS A 308 10.80 17.45 0.59
N LYS A 309 10.41 18.05 1.71
CA LYS A 309 11.16 17.96 2.95
C LYS A 309 11.28 16.51 3.41
N GLU A 310 10.19 15.75 3.33
CA GLU A 310 10.26 14.37 3.78
C GLU A 310 11.30 13.56 3.02
N LYS A 311 11.47 13.86 1.74
CA LYS A 311 12.49 13.23 0.93
C LYS A 311 13.92 13.60 1.37
N ILE A 312 14.11 14.85 1.78
CA ILE A 312 15.37 15.24 2.40
C ILE A 312 15.56 14.54 3.76
N ASN A 313 14.51 14.48 4.59
CA ASN A 313 14.58 13.75 5.84
C ASN A 313 15.02 12.34 5.56
N ASP A 314 14.50 11.79 4.48
CA ASP A 314 14.82 10.43 4.10
C ASP A 314 16.31 10.24 3.86
N PHE A 315 16.91 11.17 3.11
CA PHE A 315 18.33 11.13 2.83
C PHE A 315 19.12 11.27 4.13
N VAL A 316 18.77 12.31 4.90
CA VAL A 316 19.43 12.66 6.15
C VAL A 316 19.48 11.49 7.13
N ARG A 317 18.39 10.73 7.20
CA ARG A 317 18.38 9.55 8.07
C ARG A 317 19.46 8.54 7.66
N GLY A 318 19.62 8.33 6.36
CA GLY A 318 20.55 7.34 5.87
C GLY A 318 21.98 7.82 6.00
N HIS A 319 22.16 9.12 5.86
CA HIS A 319 23.47 9.70 5.95
C HIS A 319 23.99 9.66 7.39
N PHE A 320 23.06 9.80 8.35
CA PHE A 320 23.36 9.80 9.79
C PHE A 320 23.03 8.47 10.48
N HIS A 321 22.89 7.39 9.72
CA HIS A 321 22.58 6.10 10.35
C HIS A 321 23.64 5.78 11.41
N GLY A 322 23.18 5.24 12.53
CA GLY A 322 24.06 4.93 13.65
C GLY A 322 24.59 6.13 14.41
N CYS A 323 24.09 7.33 14.11
CA CYS A 323 24.53 8.59 14.73
C CYS A 323 23.39 9.60 14.72
N PHE A 324 22.17 9.10 14.78
CA PHE A 324 21.01 9.94 14.59
C PHE A 324 20.47 10.25 15.97
N ASP A 325 20.69 11.50 16.39
CA ASP A 325 20.50 11.87 17.81
C ASP A 325 19.83 13.23 17.96
N PHE A 326 19.22 13.70 16.88
CA PHE A 326 18.44 14.93 16.89
C PHE A 326 17.08 14.66 16.22
N ASP A 327 16.17 15.61 16.39
CA ASP A 327 14.80 15.48 15.92
C ASP A 327 14.57 16.25 14.61
N LEU A 328 14.22 15.54 13.54
CA LEU A 328 14.02 16.21 12.24
C LEU A 328 12.92 17.26 12.28
N ASP A 329 12.01 17.09 13.22
CA ASP A 329 10.94 18.04 13.43
C ASP A 329 11.44 19.35 13.99
N ASN A 330 12.60 19.30 14.62
CA ASN A 330 13.25 20.47 15.14
C ASN A 330 14.58 20.74 14.41
N THR A 331 14.62 20.40 13.12
CA THR A 331 15.81 20.55 12.29
C THR A 331 15.53 21.50 11.12
N LEU A 332 16.54 22.27 10.73
CA LEU A 332 16.41 23.22 9.64
C LEU A 332 17.41 22.93 8.56
N TYR A 333 17.04 23.20 7.31
CA TYR A 333 17.93 22.94 6.18
C TYR A 333 18.34 24.21 5.46
N PHE A 334 19.64 24.50 5.50
CA PHE A 334 20.25 25.64 4.84
C PHE A 334 20.99 25.07 3.64
N PHE A 335 21.21 25.88 2.60
CA PHE A 335 21.91 25.39 1.41
C PHE A 335 22.53 26.49 0.56
N ILE A 336 23.69 26.17 -0.01
CA ILE A 336 24.31 26.99 -1.06
C ILE A 336 24.37 26.08 -2.30
N ALA A 337 24.20 26.66 -3.48
CA ALA A 337 24.23 25.86 -4.71
C ALA A 337 24.73 26.65 -5.90
N GLY A 338 25.13 25.94 -6.95
CA GLY A 338 25.53 26.59 -8.21
C GLY A 338 26.95 26.24 -8.62
N ARG A 339 27.55 27.07 -9.48
CA ARG A 339 28.91 26.84 -9.97
C ARG A 339 29.92 26.75 -8.83
N TYR A 340 30.94 25.90 -8.98
CA TYR A 340 32.02 25.82 -8.01
C TYR A 340 32.93 27.03 -8.18
N GLU A 341 32.45 28.19 -7.73
CA GLU A 341 33.28 29.37 -7.62
C GLU A 341 33.49 29.71 -6.15
N TYR A 342 34.58 29.17 -5.60
CA TYR A 342 34.83 29.17 -4.17
C TYR A 342 34.69 30.55 -3.54
N LYS A 343 35.36 31.55 -4.11
CA LYS A 343 35.33 32.91 -3.55
C LYS A 343 34.13 33.72 -4.02
N ASN A 344 33.91 33.74 -5.33
CA ASN A 344 32.90 34.60 -5.93
C ASN A 344 31.49 34.34 -5.42
N LYS A 345 31.20 33.07 -5.14
CA LYS A 345 29.89 32.67 -4.62
C LYS A 345 29.85 32.64 -3.09
N GLY A 346 31.00 32.86 -2.45
CA GLY A 346 31.06 32.97 -1.01
C GLY A 346 30.92 31.67 -0.26
N ALA A 347 31.53 30.62 -0.79
CA ALA A 347 31.47 29.32 -0.12
C ALA A 347 32.33 29.37 1.13
N ASP A 348 33.49 30.04 1.00
CA ASP A 348 34.37 30.32 2.13
C ASP A 348 33.60 30.99 3.26
N MET A 349 32.79 31.97 2.92
CA MET A 349 32.03 32.73 3.89
C MET A 349 30.84 31.93 4.49
N PHE A 350 30.17 31.17 3.64
CA PHE A 350 29.14 30.26 4.11
C PHE A 350 29.70 29.35 5.22
N ILE A 351 30.79 28.64 4.91
CA ILE A 351 31.33 27.65 5.82
C ILE A 351 31.83 28.29 7.11
N GLU A 352 32.47 29.45 6.98
CA GLU A 352 32.99 30.16 8.14
C GLU A 352 31.84 30.56 9.06
N ALA A 353 30.83 31.20 8.49
CA ALA A 353 29.71 31.69 9.26
C ALA A 353 28.97 30.55 9.94
N LEU A 354 28.98 29.38 9.31
CA LEU A 354 28.34 28.21 9.92
C LEU A 354 29.13 27.68 11.11
N ALA A 355 30.46 27.76 11.05
CA ALA A 355 31.29 27.34 12.20
C ALA A 355 31.05 28.26 13.38
N ARG A 356 30.85 29.54 13.07
CA ARG A 356 30.52 30.56 14.05
C ARG A 356 29.11 30.41 14.62
N LEU A 357 28.16 30.01 13.78
CA LEU A 357 26.80 29.74 14.23
C LEU A 357 26.79 28.52 15.13
N ASN A 358 27.60 27.54 14.78
CA ASN A 358 27.70 26.31 15.55
C ASN A 358 28.03 26.66 17.00
N TYR A 359 29.08 27.47 17.17
CA TYR A 359 29.53 27.94 18.45
C TYR A 359 28.42 28.70 19.17
N ARG A 360 27.91 29.75 18.53
CA ARG A 360 26.79 30.53 19.07
C ARG A 360 25.62 29.65 19.58
N LEU A 361 25.25 28.64 18.80
CA LEU A 361 24.12 27.77 19.17
C LEU A 361 24.42 26.91 20.39
N LYS A 362 25.64 26.39 20.45
CA LYS A 362 26.13 25.65 21.61
C LYS A 362 26.13 26.50 22.88
N VAL A 363 26.74 27.68 22.82
CA VAL A 363 26.72 28.59 23.95
C VAL A 363 25.29 28.88 24.44
N SER A 364 24.39 29.22 23.52
CA SER A 364 23.03 29.60 23.92
C SER A 364 22.18 28.42 24.37
N GLY A 365 22.69 27.21 24.17
CA GLY A 365 22.02 25.96 24.56
C GLY A 365 20.81 25.63 23.72
N SER A 366 20.83 26.03 22.45
CA SER A 366 19.70 25.82 21.53
C SER A 366 19.37 24.34 21.35
N LYS A 367 18.11 24.06 20.99
CA LYS A 367 17.67 22.69 20.74
C LYS A 367 17.65 22.38 19.25
N LYS A 368 17.84 23.42 18.44
CA LYS A 368 17.74 23.28 17.00
C LYS A 368 18.97 22.55 16.43
N THR A 369 18.81 21.95 15.27
CA THR A 369 19.93 21.41 14.53
C THR A 369 19.85 22.01 13.13
N VAL A 370 20.96 22.44 12.57
CA VAL A 370 20.99 22.91 11.19
C VAL A 370 21.79 21.96 10.32
N VAL A 371 21.14 21.33 9.35
CA VAL A 371 21.89 20.55 8.35
C VAL A 371 22.16 21.44 7.14
N ALA A 372 23.43 21.71 6.84
CA ALA A 372 23.79 22.62 5.75
C ALA A 372 24.29 21.89 4.50
N PHE A 373 23.71 22.21 3.36
CA PHE A 373 24.08 21.50 2.13
C PHE A 373 24.93 22.36 1.20
N ILE A 374 25.97 21.78 0.64
CA ILE A 374 26.70 22.42 -0.44
C ILE A 374 26.51 21.61 -1.70
N VAL A 375 25.82 22.20 -2.67
CA VAL A 375 25.61 21.57 -3.96
C VAL A 375 26.32 22.36 -5.05
N MET A 376 27.55 21.94 -5.35
CA MET A 376 28.41 22.58 -6.33
C MET A 376 29.25 21.49 -6.95
N PRO A 377 29.37 21.46 -8.30
CA PRO A 377 30.09 20.31 -8.88
C PRO A 377 31.60 20.40 -8.78
N ALA A 378 32.21 19.30 -8.37
CA ALA A 378 33.65 19.14 -8.34
C ALA A 378 33.96 17.84 -9.08
N LYS A 379 35.23 17.59 -9.40
CA LYS A 379 35.57 16.33 -10.07
C LYS A 379 35.50 15.19 -9.06
N ASN A 380 34.79 14.13 -9.43
CA ASN A 380 34.58 13.01 -8.53
C ASN A 380 34.47 11.68 -9.25
N ASN A 381 34.67 10.59 -8.54
CA ASN A 381 34.46 9.25 -9.09
C ASN A 381 33.18 8.64 -8.54
N SER A 382 32.12 9.45 -8.47
CA SER A 382 30.78 9.02 -8.05
C SER A 382 30.60 8.89 -6.52
N PHE A 383 29.42 8.41 -6.14
CA PHE A 383 28.99 8.23 -4.75
C PHE A 383 29.88 7.29 -3.97
N THR A 384 30.02 7.51 -2.67
CA THR A 384 30.80 6.56 -1.87
C THR A 384 29.96 5.31 -1.64
N VAL A 385 30.61 4.18 -1.48
CA VAL A 385 29.96 2.96 -1.04
C VAL A 385 29.20 3.14 0.27
N GLU A 386 29.71 4.01 1.14
CA GLU A 386 29.06 4.29 2.42
C GLU A 386 27.72 4.98 2.22
N ALA A 387 27.68 5.97 1.33
CA ALA A 387 26.46 6.72 1.03
C ALA A 387 25.33 5.81 0.54
N LEU A 388 25.68 4.85 -0.32
CA LEU A 388 24.69 3.98 -0.92
C LEU A 388 24.26 2.85 0.01
N LYS A 389 25.19 2.36 0.83
CA LYS A 389 24.88 1.36 1.87
C LYS A 389 23.98 1.91 2.94
N GLY A 390 24.27 3.15 3.31
CA GLY A 390 23.54 3.83 4.36
C GLY A 390 22.09 3.89 3.94
N GLN A 391 21.85 4.47 2.77
CA GLN A 391 20.48 4.54 2.25
C GLN A 391 19.78 3.18 2.17
N ALA A 392 20.47 2.14 1.70
CA ALA A 392 19.90 0.78 1.60
C ALA A 392 19.57 0.14 2.94
N GLU A 393 20.36 0.43 3.95
CA GLU A 393 20.13 -0.12 5.29
C GLU A 393 18.90 0.50 5.94
N VAL A 394 18.68 1.77 5.70
CA VAL A 394 17.45 2.42 6.19
C VAL A 394 16.22 1.88 5.46
N ARG A 395 16.35 1.71 4.13
CA ARG A 395 15.29 1.12 3.33
C ARG A 395 14.86 -0.25 3.86
N ALA A 396 15.85 -1.12 4.07
CA ALA A 396 15.67 -2.46 4.64
C ALA A 396 14.99 -2.42 6.00
N LEU A 397 15.29 -1.40 6.80
CA LEU A 397 14.60 -1.22 8.06
C LEU A 397 13.12 -0.88 7.87
N GLU A 398 12.79 0.10 7.02
CA GLU A 398 11.37 0.40 6.71
C GLU A 398 10.58 -0.84 6.27
N ASN A 399 11.10 -1.60 5.32
CA ASN A 399 10.39 -2.79 4.85
C ASN A 399 10.12 -3.75 5.98
N THR A 400 11.09 -3.88 6.90
CA THR A 400 10.93 -4.73 8.08
C THR A 400 9.87 -4.21 9.04
N VAL A 401 9.83 -2.90 9.24
CA VAL A 401 8.83 -2.31 10.10
C VAL A 401 7.45 -2.55 9.50
N HIS A 402 7.32 -2.45 8.18
CA HIS A 402 6.03 -2.67 7.53
C HIS A 402 5.56 -4.11 7.77
N GLU A 403 6.45 -5.08 7.63
CA GLU A 403 6.10 -6.46 7.92
C GLU A 403 5.54 -6.63 9.31
N VAL A 404 6.32 -6.22 10.31
CA VAL A 404 5.93 -6.25 11.71
C VAL A 404 4.59 -5.56 11.95
N THR A 405 4.41 -4.33 11.47
CA THR A 405 3.13 -3.65 11.67
C THR A 405 1.93 -4.31 10.97
N THR A 406 2.16 -5.06 9.88
CA THR A 406 1.09 -5.89 9.34
C THR A 406 0.66 -6.95 10.36
N SER A 407 1.60 -7.60 11.05
CA SER A 407 1.26 -8.56 12.10
C SER A 407 0.56 -7.92 13.29
N ILE A 408 1.04 -6.74 13.68
CA ILE A 408 0.48 -6.05 14.82
C ILE A 408 -1.00 -5.79 14.56
N GLY A 409 -1.30 -5.47 13.30
CA GLY A 409 -2.64 -5.13 12.88
C GLY A 409 -3.58 -6.31 13.02
N LYS A 410 -3.14 -7.49 12.56
CA LYS A 410 -3.93 -8.70 12.67
C LYS A 410 -4.24 -8.95 14.11
N ARG A 411 -3.28 -8.68 14.98
CA ARG A 411 -3.47 -8.93 16.41
C ARG A 411 -4.39 -7.89 17.10
N ILE A 412 -4.22 -6.62 16.76
CA ILE A 412 -5.14 -5.60 17.25
C ILE A 412 -6.55 -5.92 16.78
N PHE A 413 -6.70 -6.12 15.46
CA PHE A 413 -7.97 -6.44 14.83
C PHE A 413 -8.63 -7.63 15.46
N ASP A 414 -7.90 -8.71 15.72
CA ASP A 414 -8.51 -9.87 16.34
C ASP A 414 -9.11 -9.57 17.70
N HIS A 415 -8.37 -8.82 18.52
CA HIS A 415 -8.79 -8.41 19.82
C HIS A 415 -10.00 -7.53 19.70
N ALA A 416 -9.95 -6.55 18.82
CA ALA A 416 -11.09 -5.66 18.61
C ALA A 416 -12.41 -6.40 18.30
N ILE A 417 -12.33 -7.46 17.50
CA ILE A 417 -13.51 -8.16 16.99
C ILE A 417 -14.06 -9.15 18.04
N ARG A 418 -13.23 -9.56 18.99
CA ARG A 418 -13.55 -10.67 19.89
C ARG A 418 -14.07 -10.15 21.22
N TYR A 419 -13.70 -8.91 21.53
CA TYR A 419 -14.05 -8.29 22.81
C TYR A 419 -15.56 -8.21 22.90
N PRO A 420 -16.17 -8.52 24.07
CA PRO A 420 -15.60 -8.89 25.37
C PRO A 420 -15.54 -10.40 25.60
N HIS A 421 -15.52 -11.19 24.54
CA HIS A 421 -15.61 -12.63 24.69
C HIS A 421 -14.24 -13.26 24.97
N ASN A 422 -14.26 -14.53 25.34
CA ASN A 422 -13.05 -15.33 25.62
C ASN A 422 -12.09 -14.69 26.63
N GLY A 423 -12.64 -14.17 27.72
CA GLY A 423 -11.80 -13.62 28.77
C GLY A 423 -11.09 -12.31 28.45
N LEU A 424 -11.44 -11.65 27.35
CA LEU A 424 -10.96 -10.29 27.12
C LEU A 424 -11.75 -9.29 27.99
N THR A 425 -11.07 -8.66 28.93
CA THR A 425 -11.68 -7.70 29.86
C THR A 425 -11.56 -6.22 29.44
N THR A 426 -10.72 -5.93 28.45
CA THR A 426 -10.54 -4.55 28.00
C THR A 426 -10.73 -4.51 26.49
N GLU A 427 -11.24 -3.38 25.96
CA GLU A 427 -11.49 -3.21 24.52
C GLU A 427 -10.24 -3.40 23.68
N LEU A 428 -9.09 -3.04 24.23
CA LEU A 428 -7.84 -3.06 23.47
C LEU A 428 -6.75 -3.84 24.19
N PRO A 429 -5.71 -4.26 23.46
CA PRO A 429 -4.56 -4.85 24.15
C PRO A 429 -3.96 -3.78 25.04
N THR A 430 -3.46 -4.18 26.21
CA THR A 430 -2.82 -3.21 27.09
C THR A 430 -1.35 -3.53 27.28
N ASP A 431 -0.97 -4.76 26.96
CA ASP A 431 0.41 -5.21 27.03
C ASP A 431 1.01 -5.42 25.63
N LEU A 432 2.23 -4.89 25.45
CA LEU A 432 2.95 -4.93 24.17
C LEU A 432 3.25 -6.34 23.65
N GLY A 433 3.39 -7.29 24.56
CA GLY A 433 3.71 -8.67 24.22
C GLY A 433 2.58 -9.39 23.53
N GLU A 434 1.38 -8.82 23.59
CA GLU A 434 0.24 -9.35 22.86
C GLU A 434 0.33 -9.05 21.37
N LEU A 435 1.07 -8.00 21.03
CA LEU A 435 1.16 -7.54 19.66
C LEU A 435 2.52 -7.83 19.04
N LEU A 436 3.58 -7.64 19.83
CA LEU A 436 4.96 -7.83 19.37
C LEU A 436 5.51 -9.17 19.81
N LYS A 437 5.65 -10.11 18.87
CA LYS A 437 6.21 -11.42 19.19
C LYS A 437 7.74 -11.46 19.13
N SER A 438 8.34 -12.57 19.53
CA SER A 438 9.80 -12.69 19.53
C SER A 438 10.40 -12.71 18.13
N SER A 439 9.74 -13.39 17.19
CA SER A 439 10.27 -13.48 15.83
C SER A 439 10.34 -12.11 15.16
N ASP A 440 9.37 -11.26 15.49
CA ASP A 440 9.32 -9.90 14.97
C ASP A 440 10.47 -9.12 15.55
N LYS A 441 10.68 -9.28 16.87
CA LYS A 441 11.79 -8.64 17.55
C LYS A 441 13.14 -8.99 16.94
N VAL A 442 13.38 -10.26 16.66
CA VAL A 442 14.67 -10.73 16.11
C VAL A 442 15.06 -10.00 14.83
N MET A 443 14.14 -9.96 13.86
CA MET A 443 14.45 -9.30 12.60
C MET A 443 14.58 -7.79 12.73
N LEU A 444 13.78 -7.16 13.59
CA LEU A 444 14.01 -5.75 13.93
C LEU A 444 15.41 -5.53 14.50
N LYS A 445 15.83 -6.37 15.45
CA LYS A 445 17.15 -6.20 16.05
C LYS A 445 18.27 -6.34 15.04
N ARG A 446 18.07 -7.22 14.06
CA ARG A 446 19.04 -7.43 12.99
C ARG A 446 19.18 -6.21 12.10
N ARG A 447 18.06 -5.55 11.81
CA ARG A 447 18.08 -4.34 11.00
C ARG A 447 18.78 -3.23 11.74
N ILE A 448 18.53 -3.12 13.04
CA ILE A 448 19.21 -2.12 13.89
C ILE A 448 20.75 -2.31 13.91
N LEU A 449 21.18 -3.55 14.08
CA LEU A 449 22.60 -3.86 14.09
C LEU A 449 23.30 -3.36 12.83
N ALA A 450 22.67 -3.59 11.67
CA ALA A 450 23.22 -3.19 10.37
C ALA A 450 23.46 -1.68 10.25
N LEU A 451 22.73 -0.89 11.04
CA LEU A 451 22.80 0.57 10.95
C LEU A 451 23.87 1.15 11.86
N ARG A 452 24.37 0.33 12.79
CA ARG A 452 25.42 0.69 13.74
C ARG A 452 26.70 1.05 13.00
N ARG A 453 27.43 2.06 13.48
CA ARG A 453 28.77 2.31 12.93
C ARG A 453 29.93 2.14 13.92
N PRO A 454 31.13 1.83 13.39
CA PRO A 454 32.29 1.66 14.28
C PRO A 454 32.39 2.78 15.33
N GLU A 455 32.81 2.41 16.54
CA GLU A 455 32.94 3.36 17.65
C GLU A 455 33.93 4.45 17.24
N GLY A 456 33.50 5.70 17.34
CA GLY A 456 34.35 6.84 16.98
C GLY A 456 34.25 7.31 15.53
N GLN A 457 33.54 6.55 14.69
CA GLN A 457 33.28 6.94 13.30
C GLN A 457 32.11 7.93 13.22
N LEU A 458 32.32 9.03 12.52
CA LEU A 458 31.32 10.10 12.42
C LEU A 458 30.68 10.17 11.01
N PRO A 459 29.47 10.76 10.90
CA PRO A 459 28.81 10.87 9.59
C PRO A 459 29.61 11.78 8.66
N PRO A 460 29.88 11.33 7.43
CA PRO A 460 30.77 12.04 6.50
C PRO A 460 30.38 13.49 6.17
N ILE A 461 31.34 14.24 5.68
CA ILE A 461 31.15 15.62 5.26
C ILE A 461 31.04 15.67 3.75
N VAL A 462 31.16 14.52 3.10
CA VAL A 462 31.06 14.44 1.65
C VAL A 462 30.29 13.17 1.27
N THR A 463 29.54 13.23 0.16
CA THR A 463 28.72 12.09 -0.30
C THR A 463 29.36 11.32 -1.45
N HIS A 464 30.46 11.87 -2.01
CA HIS A 464 31.14 11.30 -3.18
C HIS A 464 32.62 11.02 -2.91
N ASN A 465 33.22 10.13 -3.70
CA ASN A 465 34.69 9.96 -3.73
C ASN A 465 35.26 11.03 -4.65
N MET A 466 36.08 11.92 -4.07
CA MET A 466 36.63 13.04 -4.80
C MET A 466 37.83 12.62 -5.63
N VAL A 467 38.06 13.33 -6.73
CA VAL A 467 39.24 13.06 -7.54
C VAL A 467 40.48 13.54 -6.79
N ASP A 468 40.42 14.77 -6.28
CA ASP A 468 41.53 15.37 -5.56
C ASP A 468 41.06 15.92 -4.21
N ASP A 469 40.72 14.99 -3.32
CA ASP A 469 40.18 15.29 -1.98
C ASP A 469 41.06 16.25 -1.17
N ALA A 470 42.37 16.01 -1.19
CA ALA A 470 43.33 16.74 -0.36
C ALA A 470 43.55 18.21 -0.79
N ASN A 471 43.34 18.48 -2.08
CA ASN A 471 43.50 19.84 -2.60
C ASN A 471 42.20 20.62 -2.75
N ASP A 472 41.07 20.04 -2.33
CA ASP A 472 39.77 20.67 -2.55
C ASP A 472 39.46 21.80 -1.60
N LEU A 473 39.04 22.93 -2.16
CA LEU A 473 38.84 24.15 -1.40
C LEU A 473 37.73 24.05 -0.35
N ILE A 474 36.58 23.53 -0.76
CA ILE A 474 35.45 23.33 0.16
C ILE A 474 35.83 22.38 1.29
N LEU A 475 36.43 21.25 0.94
CA LEU A 475 36.77 20.22 1.91
C LEU A 475 37.87 20.67 2.86
N ASN A 476 38.86 21.40 2.33
CA ASN A 476 39.92 21.98 3.13
C ASN A 476 39.39 23.04 4.11
N LYS A 477 38.30 23.72 3.74
CA LYS A 477 37.70 24.73 4.61
C LYS A 477 36.92 24.09 5.77
N ILE A 478 36.06 23.14 5.44
CA ILE A 478 35.26 22.42 6.43
C ILE A 478 36.18 21.76 7.46
N ARG A 479 37.29 21.19 6.99
CA ARG A 479 38.27 20.55 7.87
C ARG A 479 38.96 21.58 8.78
N GLN A 480 39.17 22.78 8.24
CA GLN A 480 39.87 23.84 8.95
C GLN A 480 38.97 24.47 10.03
N VAL A 481 37.68 24.58 9.76
CA VAL A 481 36.75 25.06 10.78
C VAL A 481 36.33 23.89 11.67
N GLN A 482 36.74 22.68 11.27
CA GLN A 482 36.50 21.46 12.04
C GLN A 482 35.03 21.26 12.30
N LEU A 483 34.25 21.11 11.24
CA LEU A 483 32.85 20.79 11.36
C LEU A 483 32.72 19.34 10.92
N PHE A 484 32.98 18.41 11.85
CA PHE A 484 33.07 17.00 11.51
C PHE A 484 31.83 16.20 11.81
N ASN A 485 30.71 16.89 12.00
CA ASN A 485 29.40 16.24 12.31
C ASN A 485 29.44 15.36 13.55
N SER A 486 30.07 15.86 14.61
CA SER A 486 30.11 15.11 15.86
C SER A 486 28.77 15.31 16.60
N PRO A 487 28.40 14.38 17.50
CA PRO A 487 27.13 14.57 18.21
C PRO A 487 26.91 15.98 18.78
N SER A 488 27.95 16.64 19.27
CA SER A 488 27.74 17.90 19.96
C SER A 488 27.68 19.10 19.03
N ASP A 489 28.06 18.90 17.75
CA ASP A 489 27.97 19.97 16.78
C ASP A 489 26.50 20.22 16.48
N ARG A 490 26.09 21.47 16.59
CA ARG A 490 24.70 21.81 16.42
C ARG A 490 24.44 22.20 14.97
N VAL A 491 25.52 22.39 14.20
CA VAL A 491 25.45 22.56 12.74
C VAL A 491 26.13 21.39 12.03
N LYS A 492 25.37 20.70 11.18
CA LYS A 492 25.90 19.56 10.45
C LYS A 492 26.21 20.02 9.03
N MET A 493 27.13 19.32 8.38
CA MET A 493 27.69 19.82 7.14
C MET A 493 27.74 18.70 6.09
N ILE A 494 27.15 18.92 4.92
CA ILE A 494 27.14 17.90 3.86
C ILE A 494 27.47 18.46 2.50
N PHE A 495 28.61 18.07 1.96
CA PHE A 495 29.03 18.50 0.62
C PHE A 495 28.58 17.47 -0.42
N HIS A 496 27.82 17.93 -1.41
CA HIS A 496 27.29 17.11 -2.52
C HIS A 496 27.85 17.71 -3.81
N PRO A 497 29.00 17.19 -4.28
CA PRO A 497 29.77 17.84 -5.34
C PRO A 497 29.33 17.48 -6.75
N GLU A 498 28.03 17.62 -7.00
CA GLU A 498 27.40 17.21 -8.24
C GLU A 498 26.02 17.86 -8.25
N PHE A 499 25.50 18.18 -9.43
CA PHE A 499 24.17 18.78 -9.54
C PHE A 499 23.06 17.77 -9.25
N LEU A 500 21.99 18.25 -8.62
CA LEU A 500 20.88 17.36 -8.21
C LEU A 500 20.06 16.81 -9.38
N ASN A 501 19.42 15.66 -9.17
CA ASN A 501 18.68 15.01 -10.22
C ASN A 501 17.80 13.90 -9.69
N ALA A 502 16.54 13.87 -10.08
CA ALA A 502 15.61 12.82 -9.63
C ALA A 502 16.13 11.40 -9.77
N ASN A 503 17.16 11.21 -10.59
CA ASN A 503 17.79 9.90 -10.75
C ASN A 503 18.90 9.59 -9.75
N ASN A 504 19.42 10.63 -9.09
CA ASN A 504 20.41 10.47 -8.05
C ASN A 504 19.87 9.44 -7.07
N PRO A 505 20.59 8.31 -6.90
CA PRO A 505 20.14 7.20 -6.05
C PRO A 505 20.11 7.50 -4.55
N ILE A 506 20.74 8.59 -4.11
CA ILE A 506 20.86 8.84 -2.68
C ILE A 506 19.92 9.92 -2.21
N LEU A 507 19.68 10.87 -3.11
CA LEU A 507 18.78 11.97 -2.87
C LEU A 507 18.00 12.13 -4.18
N GLY A 508 16.88 11.42 -4.29
CA GLY A 508 16.12 11.35 -5.54
C GLY A 508 15.27 12.57 -5.82
N LEU A 509 15.90 13.73 -5.90
CA LEU A 509 15.21 14.99 -6.15
C LEU A 509 15.85 15.76 -7.27
N ASP A 510 15.05 16.45 -8.07
CA ASP A 510 15.54 17.49 -8.94
C ASP A 510 15.87 18.72 -8.11
N TYR A 511 16.84 19.49 -8.55
CA TYR A 511 17.22 20.71 -7.86
C TYR A 511 16.04 21.57 -7.41
N ASP A 512 15.15 21.92 -8.33
CA ASP A 512 14.00 22.75 -7.97
C ASP A 512 13.17 22.16 -6.81
N GLU A 513 13.01 20.84 -6.75
CA GLU A 513 12.24 20.23 -5.66
C GLU A 513 12.99 20.30 -4.35
N PHE A 514 14.28 19.93 -4.40
CA PHE A 514 15.18 20.13 -3.26
C PHE A 514 15.06 21.52 -2.65
N VAL A 515 15.10 22.56 -3.49
CA VAL A 515 14.95 23.91 -3.00
C VAL A 515 13.65 24.07 -2.24
N ARG A 516 12.53 23.65 -2.85
CA ARG A 516 11.22 23.72 -2.19
C ARG A 516 11.35 23.12 -0.79
N GLY A 517 12.04 21.98 -0.72
CA GLY A 517 12.24 21.25 0.53
C GLY A 517 13.02 21.96 1.62
N CYS A 518 13.93 22.86 1.24
CA CYS A 518 14.81 23.50 2.23
C CYS A 518 14.13 24.64 3.01
N HIS A 519 14.86 25.23 3.95
CA HIS A 519 14.27 26.28 4.77
C HIS A 519 14.79 27.66 4.44
N LEU A 520 16.07 27.72 4.08
CA LEU A 520 16.77 28.98 3.87
C LEU A 520 17.90 28.77 2.88
N GLY A 521 17.93 29.61 1.86
CA GLY A 521 19.02 29.60 0.89
C GLY A 521 20.05 30.62 1.34
N VAL A 522 21.31 30.24 1.34
CA VAL A 522 22.37 31.15 1.82
C VAL A 522 23.40 31.33 0.73
N PHE A 523 23.40 32.52 0.12
CA PHE A 523 24.21 32.80 -1.08
C PHE A 523 25.05 34.07 -0.92
N PRO A 524 26.09 34.01 -0.07
CA PRO A 524 26.80 35.23 0.33
C PRO A 524 27.84 35.59 -0.72
N SER A 525 27.35 36.01 -1.88
CA SER A 525 28.16 36.20 -3.06
C SER A 525 29.15 37.33 -2.90
N TYR A 526 30.31 37.19 -3.54
CA TYR A 526 31.24 38.32 -3.72
C TYR A 526 31.15 38.91 -5.13
N TYR A 527 31.07 38.06 -6.14
CA TYR A 527 30.85 38.51 -7.52
C TYR A 527 29.72 37.73 -8.16
N GLU A 528 28.62 38.42 -8.43
CA GLU A 528 27.40 37.80 -8.97
C GLU A 528 26.61 38.91 -9.67
N PRO A 529 26.84 39.08 -10.99
CA PRO A 529 26.16 40.12 -11.76
C PRO A 529 24.64 40.08 -11.60
N TRP A 530 24.04 38.90 -11.59
CA TRP A 530 22.61 38.78 -11.26
C TRP A 530 22.32 37.80 -10.14
N GLY A 531 22.43 36.50 -10.42
CA GLY A 531 22.20 35.48 -9.41
C GLY A 531 20.83 34.85 -9.55
N TYR A 532 20.71 33.98 -10.53
CA TYR A 532 19.51 33.20 -10.71
C TYR A 532 19.21 32.28 -9.54
N THR A 533 20.25 31.95 -8.76
CA THR A 533 20.08 31.10 -7.62
C THR A 533 19.11 31.70 -6.56
N PRO A 534 19.47 32.83 -5.93
CA PRO A 534 18.51 33.38 -4.97
C PRO A 534 17.19 33.82 -5.60
N ALA A 535 17.19 34.17 -6.89
CA ALA A 535 15.94 34.52 -7.56
C ALA A 535 14.96 33.33 -7.64
N GLU A 536 15.50 32.16 -7.99
CA GLU A 536 14.74 30.93 -8.08
C GLU A 536 14.21 30.54 -6.73
N CYS A 537 15.08 30.70 -5.75
CA CYS A 537 14.79 30.40 -4.37
C CYS A 537 13.57 31.19 -3.91
N THR A 538 13.54 32.46 -4.28
CA THR A 538 12.42 33.32 -3.96
C THR A 538 11.14 32.83 -4.63
N VAL A 539 11.23 32.51 -5.92
CA VAL A 539 10.11 31.97 -6.66
C VAL A 539 9.52 30.73 -6.00
N MET A 540 10.36 29.82 -5.52
CA MET A 540 9.89 28.65 -4.77
C MET A 540 9.38 29.03 -3.36
N GLY A 541 9.26 30.33 -3.07
CA GLY A 541 8.84 30.78 -1.75
C GLY A 541 9.71 30.36 -0.57
N VAL A 542 11.03 30.34 -0.80
CA VAL A 542 12.02 30.01 0.22
C VAL A 542 12.87 31.24 0.57
N PRO A 543 12.90 31.63 1.85
CA PRO A 543 13.72 32.76 2.30
C PRO A 543 15.16 32.56 1.87
N SER A 544 15.85 33.65 1.58
CA SER A 544 17.27 33.57 1.23
C SER A 544 18.10 34.69 1.82
N ILE A 545 19.38 34.41 1.99
CA ILE A 545 20.35 35.41 2.42
C ILE A 545 21.26 35.66 1.24
N THR A 546 21.38 36.93 0.85
CA THR A 546 22.16 37.33 -0.32
C THR A 546 23.05 38.52 0.03
N THR A 547 23.77 39.07 -0.93
CA THR A 547 24.60 40.25 -0.65
C THR A 547 24.26 41.43 -1.56
N ASN A 548 24.77 42.61 -1.18
CA ASN A 548 24.55 43.81 -1.94
C ASN A 548 25.62 44.01 -3.03
N VAL A 549 26.46 43.01 -3.24
CA VAL A 549 27.35 42.99 -4.42
C VAL A 549 26.83 41.96 -5.43
N SER A 550 25.72 41.34 -5.06
CA SER A 550 24.99 40.46 -5.91
C SER A 550 23.97 41.33 -6.63
N GLY A 551 23.79 41.07 -7.93
CA GLY A 551 22.85 41.84 -8.72
C GLY A 551 21.44 41.75 -8.18
N PHE A 552 21.03 40.53 -7.86
CA PHE A 552 19.74 40.26 -7.24
C PHE A 552 19.58 41.06 -5.94
N GLY A 553 20.61 41.01 -5.10
CA GLY A 553 20.59 41.70 -3.80
C GLY A 553 20.41 43.18 -3.95
N SER A 554 21.23 43.81 -4.80
CA SER A 554 21.19 45.25 -5.07
C SER A 554 19.84 45.73 -5.61
N TYR A 555 19.30 44.98 -6.56
CA TYR A 555 17.98 45.24 -7.11
C TYR A 555 16.89 45.21 -6.03
N MET A 556 16.94 44.18 -5.20
CA MET A 556 15.94 43.91 -4.18
C MET A 556 16.02 44.96 -3.08
N GLU A 557 17.25 45.39 -2.80
CA GLU A 557 17.55 46.47 -1.86
C GLU A 557 16.85 47.77 -2.26
N ASP A 558 16.90 48.12 -3.54
CA ASP A 558 16.21 49.30 -4.08
C ASP A 558 14.70 49.26 -3.91
N LEU A 559 14.11 48.06 -4.00
CA LEU A 559 12.65 47.94 -3.97
C LEU A 559 12.04 48.05 -2.59
N ILE A 560 12.53 47.28 -1.64
CA ILE A 560 11.94 47.24 -0.31
C ILE A 560 12.84 47.97 0.67
N GLU A 561 12.24 48.66 1.64
CA GLU A 561 12.99 49.26 2.74
C GLU A 561 13.75 48.16 3.51
N THR A 562 14.96 48.45 3.97
CA THR A 562 15.88 47.41 4.51
C THR A 562 15.32 46.45 5.58
N ASN A 563 14.67 47.00 6.61
CA ASN A 563 14.12 46.20 7.71
C ASN A 563 12.85 45.45 7.31
N GLN A 564 12.14 46.03 6.34
CA GLN A 564 10.99 45.39 5.71
C GLN A 564 11.38 44.10 4.99
N ALA A 565 12.49 44.13 4.25
CA ALA A 565 12.90 43.02 3.40
C ALA A 565 13.08 41.68 4.13
N LYS A 566 13.49 41.72 5.39
CA LYS A 566 13.68 40.52 6.20
C LYS A 566 12.36 39.82 6.53
N ASP A 567 11.27 40.59 6.61
CA ASP A 567 9.94 40.02 6.81
C ASP A 567 9.49 39.26 5.58
N TYR A 568 9.89 39.72 4.40
CA TYR A 568 9.62 39.04 3.15
C TYR A 568 10.68 37.98 2.83
N GLY A 569 11.51 37.68 3.83
CA GLY A 569 12.53 36.66 3.71
C GLY A 569 13.67 36.97 2.76
N ILE A 570 13.95 38.25 2.51
CA ILE A 570 15.10 38.64 1.71
C ILE A 570 16.15 39.25 2.62
N TYR A 571 17.18 38.50 2.96
CA TYR A 571 18.22 38.97 3.89
C TYR A 571 19.44 39.48 3.12
N ILE A 572 19.76 40.77 3.28
CA ILE A 572 20.91 41.33 2.55
C ILE A 572 22.11 41.63 3.48
N VAL A 573 23.23 40.99 3.16
CA VAL A 573 24.47 41.17 3.87
C VAL A 573 25.27 42.27 3.16
N ASP A 574 25.81 43.18 3.94
CA ASP A 574 26.66 44.24 3.42
C ASP A 574 28.10 43.72 3.28
N ARG A 575 28.53 43.55 2.04
CA ARG A 575 29.85 43.05 1.69
C ARG A 575 30.59 44.16 0.95
N ARG A 576 30.11 45.38 1.15
CA ARG A 576 30.59 46.52 0.37
C ARG A 576 31.23 47.55 1.27
N PHE A 577 30.50 47.98 2.30
CA PHE A 577 30.94 49.06 3.17
C PHE A 577 31.52 48.56 4.48
N LYS A 578 31.25 47.31 4.79
CA LYS A 578 31.80 46.69 6.00
C LYS A 578 33.05 45.87 5.70
N ALA A 579 33.89 45.73 6.71
CA ALA A 579 35.07 44.88 6.66
C ALA A 579 34.63 43.42 6.55
N PRO A 580 35.49 42.55 5.99
CA PRO A 580 35.08 41.15 5.80
C PRO A 580 34.71 40.39 7.08
N ASP A 581 35.32 40.72 8.23
CA ASP A 581 34.91 40.07 9.50
C ASP A 581 33.55 40.55 10.00
N GLU A 582 33.24 41.83 9.80
CA GLU A 582 31.90 42.36 10.08
C GLU A 582 30.83 41.65 9.24
N SER A 583 31.04 41.57 7.92
CA SER A 583 30.13 40.88 6.99
C SER A 583 29.76 39.50 7.50
N VAL A 584 30.77 38.70 7.79
CA VAL A 584 30.58 37.36 8.36
C VAL A 584 29.69 37.38 9.60
N GLU A 585 29.91 38.35 10.48
CA GLU A 585 29.12 38.48 11.71
C GLU A 585 27.67 38.81 11.43
N GLN A 586 27.42 39.74 10.50
CA GLN A 586 26.05 40.03 10.04
C GLN A 586 25.38 38.77 9.44
N LEU A 587 26.14 37.98 8.70
CA LEU A 587 25.63 36.73 8.12
C LEU A 587 25.26 35.80 9.26
N VAL A 588 26.08 35.76 10.31
CA VAL A 588 25.78 34.89 11.45
C VAL A 588 24.56 35.41 12.20
N ASP A 589 24.49 36.73 12.37
CA ASP A 589 23.32 37.35 12.98
C ASP A 589 22.03 36.94 12.29
N TYR A 590 22.03 36.99 10.96
CA TYR A 590 20.86 36.64 10.15
C TYR A 590 20.42 35.19 10.33
N MET A 591 21.38 34.26 10.29
CA MET A 591 21.07 32.84 10.46
C MET A 591 20.59 32.52 11.86
N GLU A 592 21.22 33.11 12.87
CA GLU A 592 20.82 32.91 14.28
C GLU A 592 19.40 33.45 14.50
N GLU A 593 19.07 34.57 13.87
CA GLU A 593 17.73 35.13 13.95
C GLU A 593 16.71 34.14 13.37
N PHE A 594 17.00 33.66 12.15
CA PHE A 594 16.16 32.71 11.47
C PHE A 594 15.96 31.44 12.29
N VAL A 595 17.04 30.97 12.90
CA VAL A 595 17.02 29.74 13.68
C VAL A 595 16.10 29.84 14.90
N LYS A 596 15.90 31.07 15.38
CA LYS A 596 15.05 31.30 16.55
C LYS A 596 13.55 31.23 16.23
N LYS A 597 13.21 31.37 14.96
CA LYS A 597 11.82 31.42 14.53
C LYS A 597 11.02 30.16 14.87
N THR A 598 9.73 30.32 15.08
CA THR A 598 8.83 29.18 15.27
C THR A 598 8.38 28.58 13.92
N ARG A 599 7.79 27.38 13.95
CA ARG A 599 7.14 26.82 12.76
C ARG A 599 6.05 27.77 12.23
N ARG A 600 5.22 28.32 13.12
CA ARG A 600 4.21 29.31 12.73
C ARG A 600 4.85 30.44 11.94
N GLN A 601 5.96 30.97 12.47
CA GLN A 601 6.66 32.12 11.92
C GLN A 601 7.38 31.84 10.60
N ARG A 602 7.88 30.62 10.45
CA ARG A 602 8.48 30.21 9.17
C ARG A 602 7.38 30.12 8.08
N ILE A 603 6.30 29.41 8.39
CA ILE A 603 5.15 29.33 7.49
C ILE A 603 4.73 30.72 6.97
N ASN A 604 4.52 31.69 7.86
CA ASN A 604 4.09 33.02 7.41
C ASN A 604 5.13 33.69 6.55
N GLN A 605 6.40 33.57 6.92
CA GLN A 605 7.48 34.20 6.16
C GLN A 605 7.50 33.65 4.75
N ARG A 606 7.48 32.32 4.63
CA ARG A 606 7.37 31.68 3.33
C ARG A 606 6.21 32.23 2.49
N ASN A 607 5.06 32.46 3.11
CA ASN A 607 3.93 33.04 2.38
C ASN A 607 4.25 34.42 1.86
N ARG A 608 4.91 35.22 2.71
CA ARG A 608 5.30 36.58 2.35
C ARG A 608 6.36 36.61 1.27
N THR A 609 7.36 35.75 1.38
CA THR A 609 8.34 35.66 0.30
C THR A 609 7.77 35.13 -1.03
N GLU A 610 6.76 34.25 -0.98
CA GLU A 610 6.04 33.81 -2.18
C GLU A 610 5.39 34.97 -2.96
N ARG A 611 4.60 35.79 -2.27
CA ARG A 611 3.97 36.97 -2.86
C ARG A 611 4.98 37.93 -3.56
N LEU A 612 6.21 37.97 -3.07
CA LEU A 612 7.26 38.78 -3.68
C LEU A 612 7.67 38.30 -5.05
N SER A 613 7.70 36.99 -5.24
CA SER A 613 8.15 36.38 -6.50
C SER A 613 7.45 36.98 -7.72
N ASP A 614 6.21 37.43 -7.51
CA ASP A 614 5.46 38.11 -8.56
C ASP A 614 6.22 39.28 -9.21
N LEU A 615 7.06 39.97 -8.43
CA LEU A 615 7.86 41.08 -8.93
C LEU A 615 8.96 40.59 -9.84
N LEU A 616 9.21 39.30 -9.84
CA LEU A 616 10.32 38.74 -10.60
C LEU A 616 9.89 38.19 -11.95
N ASP A 617 8.59 38.25 -12.21
CA ASP A 617 8.03 37.71 -13.43
C ASP A 617 8.41 38.56 -14.64
N TRP A 618 8.60 37.90 -15.78
CA TRP A 618 8.90 38.60 -17.01
C TRP A 618 7.81 39.61 -17.46
N LYS A 619 6.56 39.44 -17.00
CA LYS A 619 5.51 40.44 -17.27
C LYS A 619 5.85 41.82 -16.70
N ARG A 620 6.62 41.83 -15.60
CA ARG A 620 7.11 43.06 -15.00
C ARG A 620 8.50 43.45 -15.51
N MET A 621 9.46 42.51 -15.39
CA MET A 621 10.84 42.77 -15.79
C MET A 621 10.95 43.17 -17.26
N GLY A 622 10.03 42.66 -18.07
CA GLY A 622 10.09 42.86 -19.50
C GLY A 622 9.88 44.30 -19.96
N LEU A 623 9.17 45.09 -19.16
CA LEU A 623 8.96 46.50 -19.49
C LEU A 623 10.30 47.23 -19.67
N GLU A 624 11.32 46.84 -18.91
CA GLU A 624 12.67 47.42 -19.07
C GLU A 624 13.26 47.17 -20.46
N TYR A 625 13.03 45.99 -21.00
CA TYR A 625 13.47 45.69 -22.37
C TYR A 625 12.82 46.63 -23.41
N VAL A 626 11.53 46.93 -23.21
CA VAL A 626 10.82 47.89 -24.04
C VAL A 626 11.49 49.26 -23.97
N LYS A 627 11.71 49.75 -22.75
CA LYS A 627 12.40 51.02 -22.50
C LYS A 627 13.73 51.14 -23.21
N ALA A 628 14.49 50.04 -23.26
CA ALA A 628 15.79 50.04 -23.97
C ALA A 628 15.64 50.05 -25.51
N ARG A 629 14.61 49.41 -26.04
CA ARG A 629 14.40 49.50 -27.49
C ARG A 629 13.84 50.85 -27.88
N GLN A 630 12.93 51.40 -27.07
CA GLN A 630 12.44 52.77 -27.28
C GLN A 630 13.61 53.72 -27.40
N LEU A 631 14.48 53.72 -26.40
CA LEU A 631 15.66 54.59 -26.36
C LEU A 631 16.58 54.41 -27.58
N ALA A 632 16.84 53.16 -27.98
CA ALA A 632 17.57 52.87 -29.24
C ALA A 632 16.93 53.51 -30.48
N LEU A 633 15.61 53.40 -30.62
CA LEU A 633 14.89 54.11 -31.69
C LEU A 633 14.94 55.64 -31.54
N ARG A 634 14.77 56.14 -30.32
CA ARG A 634 14.90 57.57 -30.05
C ARG A 634 16.26 58.14 -30.41
N ARG A 635 17.34 57.42 -30.08
CA ARG A 635 18.68 57.89 -30.45
C ARG A 635 18.96 57.67 -31.95
N GLY A 636 18.54 56.53 -32.48
CA GLY A 636 18.71 56.23 -33.90
C GLY A 636 17.93 57.09 -34.87
N TYR A 637 16.71 57.49 -34.51
CA TYR A 637 15.89 58.35 -35.39
C TYR A 637 15.27 59.54 -34.67
N PRO A 638 16.11 60.53 -34.29
CA PRO A 638 15.63 61.71 -33.58
C PRO A 638 14.45 62.38 -34.27
N ASP A 639 14.63 62.79 -35.52
CA ASP A 639 13.59 63.52 -36.27
C ASP A 639 12.31 62.72 -36.43
N GLN A 640 12.46 61.47 -36.82
CA GLN A 640 11.29 60.64 -37.02
C GLN A 640 10.54 60.44 -35.71
N PHE A 641 11.31 60.28 -34.63
CA PHE A 641 10.73 60.12 -33.29
C PHE A 641 10.02 61.40 -32.85
N ARG A 642 10.59 62.57 -33.15
CA ARG A 642 9.94 63.82 -32.76
C ARG A 642 8.63 64.01 -33.48
N GLU A 643 8.66 63.76 -34.79
CA GLU A 643 7.45 63.77 -35.63
C GLU A 643 6.36 62.93 -35.02
N LEU A 644 6.71 61.72 -34.63
CA LEU A 644 5.76 60.79 -34.08
C LEU A 644 5.14 61.27 -32.78
N VAL A 645 5.93 61.97 -31.97
CA VAL A 645 5.58 62.24 -30.58
C VAL A 645 5.25 63.71 -30.29
N GLY A 646 5.62 64.62 -31.20
CA GLY A 646 5.32 66.03 -31.02
C GLY A 646 6.44 66.86 -30.39
N GLU A 647 7.34 66.21 -29.67
CA GLU A 647 8.47 66.89 -29.03
C GLU A 647 9.73 66.02 -29.05
N GLU A 648 10.82 66.65 -28.61
CA GLU A 648 12.12 66.01 -28.48
C GLU A 648 12.18 65.51 -27.02
N LEU A 649 11.82 64.25 -26.85
CA LEU A 649 11.83 63.60 -25.54
C LEU A 649 13.25 63.33 -25.04
N ASN A 650 13.39 63.32 -23.72
CA ASN A 650 14.68 63.25 -23.04
C ASN A 650 15.36 61.91 -23.27
N ASP A 651 16.54 61.92 -23.88
CA ASP A 651 17.19 60.67 -24.26
C ASP A 651 18.47 60.35 -23.47
N SER A 652 18.70 61.09 -22.37
CA SER A 652 19.89 60.86 -21.55
C SER A 652 20.01 59.44 -20.95
N ASN A 653 18.88 58.82 -20.58
CA ASN A 653 18.83 57.38 -20.26
C ASN A 653 17.43 56.74 -20.46
N MET A 654 17.31 55.44 -20.21
CA MET A 654 16.04 54.74 -20.32
C MET A 654 14.90 55.33 -19.48
N ASP A 655 15.20 55.74 -18.25
CA ASP A 655 14.19 56.31 -17.37
C ASP A 655 13.74 57.70 -17.80
N ALA A 656 14.71 58.50 -18.27
CA ALA A 656 14.43 59.86 -18.70
C ALA A 656 13.40 59.87 -19.79
N LEU A 657 13.49 58.89 -20.69
CA LEU A 657 12.59 58.76 -21.80
C LEU A 657 11.19 58.28 -21.40
N ALA A 658 11.13 57.28 -20.51
CA ALA A 658 9.87 56.61 -20.15
C ALA A 658 8.89 57.42 -19.24
N SER B 21 -21.79 -54.52 -46.80
CA SER B 21 -20.32 -54.38 -46.52
C SER B 21 -20.02 -52.99 -45.94
N ARG B 22 -20.35 -52.78 -44.66
CA ARG B 22 -20.15 -51.48 -44.01
C ARG B 22 -18.97 -51.46 -43.02
N ASP B 23 -18.17 -50.40 -43.06
CA ASP B 23 -17.01 -50.27 -42.17
C ASP B 23 -17.44 -49.99 -40.74
N LEU B 24 -17.17 -50.95 -39.85
CA LEU B 24 -17.45 -50.81 -38.43
C LEU B 24 -16.39 -49.96 -37.72
N GLN B 25 -15.16 -50.02 -38.23
CA GLN B 25 -14.05 -49.26 -37.66
C GLN B 25 -14.16 -47.79 -38.01
N ASN B 26 -14.19 -47.48 -39.31
CA ASN B 26 -14.47 -46.11 -39.77
C ASN B 26 -15.97 -45.82 -39.78
N HIS B 27 -16.54 -45.58 -38.58
CA HIS B 27 -17.98 -45.36 -38.47
C HIS B 27 -18.32 -43.90 -38.15
N LEU B 28 -19.57 -43.52 -38.43
CA LEU B 28 -20.05 -42.18 -38.09
C LEU B 28 -20.79 -42.18 -36.77
N LEU B 29 -20.77 -41.04 -36.08
CA LEU B 29 -21.52 -40.89 -34.85
C LEU B 29 -22.39 -39.65 -34.88
N PHE B 30 -23.68 -39.85 -34.69
CA PHE B 30 -24.57 -38.72 -34.49
C PHE B 30 -25.08 -38.74 -33.05
N GLU B 31 -24.89 -37.65 -32.33
CA GLU B 31 -25.39 -37.58 -30.97
C GLU B 31 -26.52 -36.55 -30.83
N THR B 32 -27.69 -37.00 -30.42
CA THR B 32 -28.88 -36.16 -30.46
C THR B 32 -29.39 -35.85 -29.06
N ALA B 33 -29.70 -34.58 -28.83
CA ALA B 33 -30.29 -34.14 -27.56
C ALA B 33 -31.01 -32.80 -27.71
N THR B 34 -31.97 -32.56 -26.84
CA THR B 34 -32.66 -31.27 -26.71
C THR B 34 -31.73 -30.10 -26.37
N GLU B 35 -30.65 -30.40 -25.67
CA GLU B 35 -29.82 -29.36 -25.05
C GLU B 35 -28.54 -29.00 -25.80
N VAL B 36 -28.43 -29.49 -27.04
CA VAL B 36 -27.26 -29.27 -27.89
C VAL B 36 -27.06 -27.79 -28.21
N ALA B 37 -28.11 -27.17 -28.71
CA ALA B 37 -28.08 -25.75 -29.04
C ALA B 37 -27.95 -24.90 -27.77
N ASN B 38 -28.75 -25.26 -26.75
CA ASN B 38 -29.04 -24.38 -25.60
C ASN B 38 -29.02 -25.06 -24.23
N ARG B 39 -28.76 -24.25 -23.20
CA ARG B 39 -28.77 -24.74 -21.82
C ARG B 39 -30.17 -24.75 -21.26
N VAL B 40 -30.63 -25.94 -20.89
CA VAL B 40 -31.82 -26.11 -20.08
C VAL B 40 -31.32 -26.61 -18.73
N GLY B 41 -30.78 -27.82 -18.71
CA GLY B 41 -30.29 -28.43 -17.48
C GLY B 41 -28.83 -28.83 -17.50
N GLY B 42 -28.54 -29.93 -16.83
CA GLY B 42 -27.20 -30.45 -16.72
C GLY B 42 -26.68 -31.14 -17.96
N ILE B 43 -27.59 -31.68 -18.78
CA ILE B 43 -27.22 -32.42 -19.99
C ILE B 43 -26.36 -31.56 -20.94
N TYR B 44 -26.73 -30.28 -21.05
CA TYR B 44 -25.97 -29.29 -21.78
C TYR B 44 -24.51 -29.28 -21.34
N SER B 45 -24.28 -29.40 -20.03
CA SER B 45 -22.92 -29.43 -19.51
C SER B 45 -22.24 -30.78 -19.77
N VAL B 46 -22.98 -31.88 -19.68
CA VAL B 46 -22.45 -33.19 -20.09
C VAL B 46 -21.95 -33.23 -21.57
N LEU B 47 -22.79 -32.85 -22.53
CA LEU B 47 -22.32 -32.87 -23.93
C LEU B 47 -21.23 -31.85 -24.24
N LYS B 48 -21.17 -30.79 -23.44
CA LYS B 48 -20.17 -29.75 -23.63
C LYS B 48 -18.82 -30.24 -23.13
N SER B 49 -18.76 -30.69 -21.88
CA SER B 49 -17.53 -31.22 -21.32
C SER B 49 -17.06 -32.49 -22.02
N LYS B 50 -17.99 -33.25 -22.61
CA LYS B 50 -17.67 -34.50 -23.27
C LYS B 50 -17.09 -34.30 -24.66
N ALA B 51 -17.28 -33.10 -25.22
CA ALA B 51 -16.90 -32.82 -26.61
C ALA B 51 -15.41 -33.02 -26.93
N PRO B 52 -14.50 -32.39 -26.13
CA PRO B 52 -13.07 -32.55 -26.45
C PRO B 52 -12.62 -33.99 -26.63
N ILE B 53 -13.02 -34.91 -25.76
CA ILE B 53 -12.62 -36.31 -25.96
C ILE B 53 -13.29 -36.97 -27.18
N THR B 54 -14.53 -36.58 -27.48
CA THR B 54 -15.26 -37.19 -28.58
C THR B 54 -14.64 -36.78 -29.92
N VAL B 55 -14.50 -35.48 -30.14
CA VAL B 55 -13.83 -34.94 -31.33
C VAL B 55 -12.40 -35.47 -31.48
N ALA B 56 -11.74 -35.75 -30.38
CA ALA B 56 -10.41 -36.37 -30.46
C ALA B 56 -10.47 -37.76 -31.15
N GLN B 57 -11.56 -38.48 -30.93
CA GLN B 57 -11.71 -39.82 -31.47
C GLN B 57 -12.23 -39.78 -32.91
N TYR B 58 -13.23 -38.92 -33.15
CA TYR B 58 -13.99 -38.93 -34.39
C TYR B 58 -13.60 -37.87 -35.42
N LYS B 59 -13.08 -36.74 -34.95
CA LYS B 59 -12.86 -35.55 -35.79
C LYS B 59 -14.14 -35.12 -36.52
N ASP B 60 -14.15 -35.21 -37.85
CA ASP B 60 -15.29 -34.75 -38.66
C ASP B 60 -16.33 -35.85 -38.95
N HIS B 61 -16.29 -36.94 -38.18
CA HIS B 61 -17.24 -38.05 -38.33
C HIS B 61 -18.36 -37.90 -37.30
N TYR B 62 -18.17 -36.90 -36.45
CA TYR B 62 -19.05 -36.62 -35.35
C TYR B 62 -19.93 -35.41 -35.61
N HIS B 63 -21.20 -35.51 -35.26
CA HIS B 63 -22.12 -34.40 -35.38
C HIS B 63 -23.10 -34.48 -34.21
N LEU B 64 -23.32 -33.35 -33.56
CA LEU B 64 -24.37 -33.26 -32.57
C LEU B 64 -25.61 -32.74 -33.27
N ILE B 65 -26.78 -33.24 -32.88
CA ILE B 65 -28.03 -32.82 -33.49
C ILE B 65 -29.00 -32.37 -32.40
N GLY B 66 -29.59 -31.19 -32.57
CA GLY B 66 -30.63 -30.72 -31.67
C GLY B 66 -31.58 -29.75 -32.35
N PRO B 67 -32.65 -29.34 -31.63
CA PRO B 67 -33.53 -28.31 -32.17
C PRO B 67 -32.87 -26.94 -32.13
N LEU B 68 -33.20 -26.09 -33.10
CA LEU B 68 -32.70 -24.72 -33.13
C LEU B 68 -33.45 -23.83 -32.14
N ASN B 69 -32.70 -23.15 -31.27
CA ASN B 69 -33.28 -22.10 -30.44
C ASN B 69 -32.98 -20.76 -31.10
N LYS B 70 -34.03 -20.12 -31.61
CA LYS B 70 -33.89 -18.91 -32.42
C LYS B 70 -33.36 -17.73 -31.62
N ALA B 71 -33.66 -17.71 -30.31
CA ALA B 71 -33.22 -16.61 -29.46
C ALA B 71 -31.70 -16.57 -29.20
N THR B 72 -31.10 -17.73 -28.96
CA THR B 72 -29.76 -17.81 -28.36
C THR B 72 -28.66 -18.40 -29.25
N TYR B 73 -29.04 -19.17 -30.26
CA TYR B 73 -28.06 -19.95 -31.03
C TYR B 73 -26.89 -19.14 -31.56
N GLN B 74 -27.08 -17.84 -31.71
CA GLN B 74 -26.04 -16.99 -32.26
C GLN B 74 -24.93 -16.63 -31.28
N ASN B 75 -25.15 -16.88 -29.99
CA ASN B 75 -24.12 -16.65 -28.97
C ASN B 75 -23.19 -17.84 -28.83
N GLU B 76 -23.62 -18.98 -29.35
CA GLU B 76 -23.00 -20.25 -29.02
C GLU B 76 -22.47 -21.00 -30.23
N VAL B 77 -23.12 -20.78 -31.38
CA VAL B 77 -22.81 -21.49 -32.59
C VAL B 77 -22.07 -20.58 -33.55
N ASP B 78 -21.11 -21.15 -34.25
CA ASP B 78 -20.43 -20.47 -35.36
C ASP B 78 -21.03 -20.95 -36.68
N ILE B 79 -21.91 -20.14 -37.25
CA ILE B 79 -22.64 -20.48 -38.49
C ILE B 79 -21.67 -20.80 -39.63
N LEU B 80 -21.95 -21.86 -40.39
CA LEU B 80 -21.07 -22.29 -41.48
C LEU B 80 -21.81 -22.55 -42.78
N ASP B 81 -21.22 -22.14 -43.89
CA ASP B 81 -21.79 -22.41 -45.20
C ASP B 81 -21.58 -23.87 -45.58
N TRP B 82 -22.61 -24.69 -45.35
CA TRP B 82 -22.56 -26.12 -45.63
C TRP B 82 -22.63 -26.45 -47.13
N LYS B 83 -22.94 -25.47 -47.95
CA LYS B 83 -23.02 -25.68 -49.39
C LYS B 83 -21.64 -25.75 -50.05
N LYS B 84 -20.67 -24.99 -49.51
CA LYS B 84 -19.28 -25.02 -49.95
C LYS B 84 -18.73 -26.45 -50.08
N PRO B 85 -18.07 -26.76 -51.23
CA PRO B 85 -17.35 -28.03 -51.41
C PRO B 85 -16.35 -28.35 -50.28
N GLU B 86 -15.59 -27.36 -49.83
CA GLU B 86 -14.58 -27.54 -48.77
C GLU B 86 -15.19 -27.83 -47.38
N ALA B 87 -16.46 -27.51 -47.19
CA ALA B 87 -17.13 -27.68 -45.89
C ALA B 87 -17.12 -29.13 -45.38
N PHE B 88 -17.04 -30.10 -46.30
CA PHE B 88 -16.97 -31.52 -45.95
C PHE B 88 -15.86 -32.18 -46.77
N SER B 89 -15.34 -33.30 -46.25
CA SER B 89 -14.36 -34.11 -46.96
C SER B 89 -15.04 -35.06 -47.93
N ASP B 90 -14.27 -35.58 -48.89
CA ASP B 90 -14.77 -36.58 -49.84
C ASP B 90 -15.63 -37.64 -49.19
N GLU B 91 -15.13 -38.27 -48.13
CA GLU B 91 -15.87 -39.34 -47.46
C GLU B 91 -17.03 -38.83 -46.58
N MET B 92 -17.06 -37.53 -46.32
CA MET B 92 -18.18 -36.92 -45.57
C MET B 92 -19.29 -36.37 -46.47
N ARG B 93 -19.07 -36.41 -47.79
CA ARG B 93 -20.05 -35.97 -48.80
C ARG B 93 -21.50 -36.39 -48.49
N PRO B 94 -21.72 -37.68 -48.14
CA PRO B 94 -23.11 -38.11 -47.95
C PRO B 94 -23.90 -37.22 -46.98
N VAL B 95 -23.25 -36.75 -45.90
CA VAL B 95 -23.91 -35.85 -44.95
C VAL B 95 -24.36 -34.54 -45.63
N GLN B 96 -23.47 -33.94 -46.41
CA GLN B 96 -23.81 -32.77 -47.23
C GLN B 96 -25.00 -33.03 -48.18
N HIS B 97 -24.98 -34.19 -48.85
CA HIS B 97 -26.05 -34.56 -49.78
C HIS B 97 -27.34 -34.78 -49.01
N ALA B 98 -27.21 -35.31 -47.80
CA ALA B 98 -28.36 -35.54 -46.92
C ALA B 98 -29.03 -34.23 -46.49
N LEU B 99 -28.21 -33.23 -46.15
CA LEU B 99 -28.71 -31.89 -45.84
C LEU B 99 -29.40 -31.22 -47.06
N GLN B 100 -28.84 -31.41 -48.24
CA GLN B 100 -29.46 -30.87 -49.46
C GLN B 100 -30.82 -31.48 -49.71
N THR B 101 -30.97 -32.77 -49.43
CA THR B 101 -32.25 -33.47 -49.58
C THR B 101 -33.26 -33.00 -48.54
N MET B 102 -32.76 -32.55 -47.38
CA MET B 102 -33.60 -31.93 -46.35
C MET B 102 -33.99 -30.52 -46.81
N GLU B 103 -32.98 -29.75 -47.21
CA GLU B 103 -33.18 -28.42 -47.78
C GLU B 103 -34.17 -28.46 -48.96
N SER B 104 -34.08 -29.52 -49.77
CA SER B 104 -34.97 -29.75 -50.92
C SER B 104 -36.45 -29.68 -50.55
N ARG B 105 -36.79 -30.29 -49.42
CA ARG B 105 -38.17 -30.41 -49.01
C ARG B 105 -38.60 -29.31 -48.01
N GLY B 106 -37.85 -28.21 -47.99
CA GLY B 106 -38.23 -27.01 -47.22
C GLY B 106 -37.91 -27.05 -45.73
N VAL B 107 -36.95 -27.89 -45.37
CA VAL B 107 -36.54 -28.06 -43.98
C VAL B 107 -35.32 -27.19 -43.70
N HIS B 108 -35.53 -26.12 -42.92
CA HIS B 108 -34.47 -25.17 -42.64
C HIS B 108 -33.70 -25.57 -41.39
N PHE B 109 -32.39 -25.35 -41.41
CA PHE B 109 -31.51 -25.78 -40.33
C PHE B 109 -30.28 -24.88 -40.24
N VAL B 110 -29.50 -25.02 -39.17
CA VAL B 110 -28.21 -24.33 -39.03
C VAL B 110 -27.08 -25.35 -38.81
N TYR B 111 -26.07 -25.27 -39.67
CA TYR B 111 -24.90 -26.14 -39.59
C TYR B 111 -23.72 -25.27 -39.19
N GLY B 112 -23.05 -25.62 -38.11
CA GLY B 112 -21.95 -24.79 -37.63
C GLY B 112 -21.10 -25.40 -36.55
N ARG B 113 -20.17 -24.60 -36.03
CA ARG B 113 -19.29 -25.03 -34.96
C ARG B 113 -19.78 -24.49 -33.61
N TRP B 114 -20.15 -25.40 -32.71
CA TRP B 114 -20.46 -25.04 -31.34
C TRP B 114 -19.20 -24.46 -30.67
N LEU B 115 -19.26 -23.19 -30.31
CA LEU B 115 -18.09 -22.48 -29.79
C LEU B 115 -17.78 -22.92 -28.36
N ILE B 116 -17.19 -24.10 -28.26
CA ILE B 116 -16.79 -24.68 -26.99
C ILE B 116 -15.46 -25.37 -27.25
N GLU B 117 -14.73 -25.71 -26.18
CA GLU B 117 -13.52 -26.51 -26.35
C GLU B 117 -13.86 -27.76 -27.15
N GLY B 118 -13.03 -28.06 -28.14
CA GLY B 118 -13.25 -29.21 -29.03
C GLY B 118 -13.90 -28.81 -30.34
N ALA B 119 -14.75 -27.79 -30.28
CA ALA B 119 -15.38 -27.23 -31.47
C ALA B 119 -16.09 -28.29 -32.33
N PRO B 120 -17.02 -29.05 -31.72
CA PRO B 120 -17.67 -30.10 -32.47
C PRO B 120 -18.58 -29.51 -33.55
N LYS B 121 -19.03 -30.35 -34.48
CA LYS B 121 -19.92 -29.89 -35.53
C LYS B 121 -21.39 -30.07 -35.13
N VAL B 122 -22.22 -29.13 -35.58
CA VAL B 122 -23.58 -29.03 -35.10
C VAL B 122 -24.59 -29.06 -36.26
N ILE B 123 -25.70 -29.77 -36.07
CA ILE B 123 -26.86 -29.62 -36.95
C ILE B 123 -28.08 -29.26 -36.12
N LEU B 124 -28.57 -28.04 -36.28
CA LEU B 124 -29.73 -27.60 -35.53
C LEU B 124 -30.92 -27.39 -36.45
N PHE B 125 -31.99 -28.15 -36.22
CA PHE B 125 -33.16 -28.07 -37.08
C PHE B 125 -34.16 -27.01 -36.62
N ASP B 126 -34.66 -26.24 -37.57
CA ASP B 126 -35.67 -25.24 -37.27
C ASP B 126 -37.05 -25.89 -37.28
N LEU B 127 -37.58 -26.12 -36.09
CA LEU B 127 -38.84 -26.83 -35.92
C LEU B 127 -40.06 -26.09 -36.46
N ASP B 128 -40.00 -24.75 -36.51
CA ASP B 128 -41.06 -23.95 -37.14
C ASP B 128 -41.22 -24.34 -38.61
N SER B 129 -40.09 -24.58 -39.28
CA SER B 129 -40.03 -24.94 -40.71
C SER B 129 -40.59 -26.33 -41.00
N VAL B 130 -41.07 -27.02 -39.98
CA VAL B 130 -41.57 -28.37 -40.17
C VAL B 130 -42.84 -28.60 -39.36
N ARG B 131 -43.28 -27.54 -38.66
CA ARG B 131 -44.49 -27.57 -37.83
C ARG B 131 -45.75 -27.96 -38.62
N GLY B 132 -45.72 -27.75 -39.94
CA GLY B 132 -46.83 -28.12 -40.82
C GLY B 132 -47.23 -29.58 -40.73
N TYR B 133 -46.23 -30.46 -40.63
CA TYR B 133 -46.44 -31.91 -40.62
C TYR B 133 -46.98 -32.42 -39.28
N SER B 134 -47.29 -31.50 -38.37
CA SER B 134 -47.65 -31.86 -37.02
C SER B 134 -48.83 -32.85 -36.96
N ASN B 135 -49.95 -32.49 -37.58
CA ASN B 135 -51.14 -33.32 -37.58
C ASN B 135 -50.90 -34.77 -38.08
N GLU B 136 -50.21 -34.88 -39.21
CA GLU B 136 -49.90 -36.18 -39.83
C GLU B 136 -48.90 -37.00 -38.98
N TRP B 137 -47.82 -36.37 -38.51
CA TRP B 137 -46.83 -37.10 -37.74
C TRP B 137 -47.39 -37.60 -36.40
N LYS B 138 -48.18 -36.74 -35.75
CA LYS B 138 -48.88 -37.13 -34.53
C LYS B 138 -49.80 -38.32 -34.79
N GLY B 139 -50.60 -38.24 -35.87
CA GLY B 139 -51.42 -39.36 -36.33
C GLY B 139 -50.64 -40.64 -36.59
N ASP B 140 -49.55 -40.52 -37.33
CA ASP B 140 -48.66 -41.64 -37.64
C ASP B 140 -48.11 -42.35 -36.39
N LEU B 141 -47.44 -41.57 -35.53
CA LEU B 141 -46.89 -42.06 -34.27
C LEU B 141 -47.93 -42.79 -33.42
N TRP B 142 -49.13 -42.23 -33.34
CA TRP B 142 -50.20 -42.85 -32.60
C TRP B 142 -50.51 -44.24 -33.18
N SER B 143 -50.50 -44.35 -34.52
CA SER B 143 -50.78 -45.61 -35.22
C SER B 143 -49.65 -46.61 -35.09
N LEU B 144 -48.41 -46.16 -35.28
CA LEU B 144 -47.26 -47.05 -35.13
C LEU B 144 -47.03 -47.49 -33.67
N VAL B 145 -46.85 -46.53 -32.77
CA VAL B 145 -46.35 -46.86 -31.43
C VAL B 145 -47.41 -46.72 -30.34
N GLY B 146 -48.56 -46.15 -30.66
CA GLY B 146 -49.61 -45.97 -29.67
C GLY B 146 -49.43 -44.74 -28.81
N ILE B 147 -48.60 -43.79 -29.25
CA ILE B 147 -48.30 -42.59 -28.46
C ILE B 147 -49.30 -41.45 -28.73
N PRO B 148 -50.17 -41.13 -27.73
CA PRO B 148 -51.09 -39.98 -27.79
C PRO B 148 -50.33 -38.68 -27.58
N SER B 149 -50.96 -37.56 -27.89
CA SER B 149 -50.24 -36.29 -27.88
C SER B 149 -51.17 -35.09 -27.73
N PRO B 150 -51.52 -34.71 -26.48
CA PRO B 150 -52.34 -33.53 -26.22
C PRO B 150 -51.70 -32.26 -26.80
N GLU B 151 -52.55 -31.41 -27.38
CA GLU B 151 -52.11 -30.24 -28.14
C GLU B 151 -51.46 -29.14 -27.30
N ASN B 152 -51.82 -29.09 -26.02
CA ASN B 152 -51.32 -28.06 -25.11
C ASN B 152 -49.92 -28.35 -24.53
N ASP B 153 -49.43 -29.58 -24.75
CA ASP B 153 -48.09 -29.97 -24.31
C ASP B 153 -47.06 -29.61 -25.38
N PHE B 154 -46.53 -28.38 -25.31
CA PHE B 154 -45.63 -27.84 -26.33
C PHE B 154 -44.34 -28.63 -26.44
N GLU B 155 -43.92 -29.24 -25.33
CA GLU B 155 -42.65 -29.97 -25.30
C GLU B 155 -42.69 -31.30 -26.05
N THR B 156 -43.74 -32.08 -25.89
CA THR B 156 -43.83 -33.33 -26.66
C THR B 156 -44.11 -33.01 -28.14
N ASN B 157 -44.85 -31.93 -28.39
CA ASN B 157 -45.00 -31.44 -29.75
C ASN B 157 -43.61 -31.31 -30.37
N ASP B 158 -42.71 -30.62 -29.68
CA ASP B 158 -41.35 -30.44 -30.17
C ASP B 158 -40.56 -31.73 -30.18
N ALA B 159 -40.85 -32.60 -29.22
CA ALA B 159 -40.17 -33.88 -29.15
C ALA B 159 -40.48 -34.70 -30.40
N ILE B 160 -41.75 -34.66 -30.81
CA ILE B 160 -42.24 -35.35 -32.00
C ILE B 160 -41.70 -34.71 -33.27
N LEU B 161 -41.91 -33.40 -33.43
CA LEU B 161 -41.35 -32.69 -34.59
C LEU B 161 -39.89 -33.05 -34.83
N LEU B 162 -39.07 -32.96 -33.77
CA LEU B 162 -37.66 -33.38 -33.82
C LEU B 162 -37.46 -34.83 -34.27
N GLY B 163 -38.18 -35.75 -33.63
CA GLY B 163 -38.07 -37.18 -33.90
C GLY B 163 -38.25 -37.55 -35.38
N TYR B 164 -39.28 -37.02 -36.01
CA TYR B 164 -39.50 -37.31 -37.41
C TYR B 164 -38.45 -36.63 -38.29
N THR B 165 -38.00 -35.46 -37.87
CA THR B 165 -36.97 -34.76 -38.62
C THR B 165 -35.65 -35.53 -38.57
N VAL B 166 -35.33 -36.09 -37.41
CA VAL B 166 -34.03 -36.76 -37.21
C VAL B 166 -33.95 -38.15 -37.87
N ALA B 167 -35.02 -38.94 -37.74
CA ALA B 167 -35.14 -40.24 -38.40
C ALA B 167 -35.12 -40.07 -39.93
N TRP B 168 -35.75 -38.99 -40.37
CA TRP B 168 -35.75 -38.56 -41.76
C TRP B 168 -34.32 -38.27 -42.22
N PHE B 169 -33.63 -37.41 -41.47
CA PHE B 169 -32.25 -37.08 -41.73
C PHE B 169 -31.37 -38.32 -41.68
N LEU B 170 -31.54 -39.16 -40.66
CA LEU B 170 -30.76 -40.39 -40.54
C LEU B 170 -31.04 -41.36 -41.70
N GLY B 171 -32.31 -41.56 -42.02
CA GLY B 171 -32.72 -42.42 -43.13
C GLY B 171 -32.03 -42.08 -44.44
N GLU B 172 -31.89 -40.78 -44.69
CA GLU B 172 -31.23 -40.24 -45.88
C GLU B 172 -29.71 -40.43 -45.88
N VAL B 173 -29.07 -40.28 -44.72
CA VAL B 173 -27.64 -40.55 -44.59
C VAL B 173 -27.38 -42.03 -44.85
N ALA B 174 -28.25 -42.89 -44.31
CA ALA B 174 -28.14 -44.33 -44.49
C ALA B 174 -28.16 -44.72 -45.97
N HIS B 175 -28.93 -43.94 -46.74
CA HIS B 175 -29.12 -44.13 -48.18
C HIS B 175 -27.87 -43.80 -48.99
N LEU B 176 -27.20 -42.73 -48.58
CA LEU B 176 -26.14 -42.11 -49.38
C LEU B 176 -24.73 -42.46 -48.90
N ASP B 177 -24.64 -43.05 -47.71
CA ASP B 177 -23.35 -43.45 -47.16
C ASP B 177 -23.29 -44.98 -47.12
N SER B 178 -22.57 -45.55 -48.09
CA SER B 178 -22.39 -46.99 -48.17
C SER B 178 -21.08 -47.40 -47.49
N GLN B 179 -20.27 -46.40 -47.18
CA GLN B 179 -18.94 -46.63 -46.62
C GLN B 179 -18.96 -46.92 -45.11
N HIS B 180 -19.61 -46.04 -44.34
CA HIS B 180 -19.57 -46.11 -42.88
C HIS B 180 -20.77 -46.81 -42.29
N ALA B 181 -20.55 -47.41 -41.12
CA ALA B 181 -21.64 -47.77 -40.23
C ALA B 181 -22.02 -46.49 -39.49
N ILE B 182 -23.31 -46.29 -39.24
CA ILE B 182 -23.73 -45.08 -38.53
C ILE B 182 -24.28 -45.40 -37.15
N VAL B 183 -23.71 -44.74 -36.14
CA VAL B 183 -24.22 -44.81 -34.77
C VAL B 183 -25.02 -43.55 -34.44
N ALA B 184 -26.22 -43.75 -33.92
CA ALA B 184 -27.09 -42.67 -33.53
C ALA B 184 -27.36 -42.81 -32.04
N HIS B 185 -27.06 -41.77 -31.28
CA HIS B 185 -27.11 -41.82 -29.82
C HIS B 185 -28.07 -40.75 -29.33
N PHE B 186 -29.11 -41.16 -28.63
CA PHE B 186 -30.12 -40.21 -28.14
C PHE B 186 -30.12 -40.01 -26.61
N HIS B 187 -30.28 -38.77 -26.16
CA HIS B 187 -30.35 -38.45 -24.73
C HIS B 187 -31.70 -37.90 -24.28
N GLN B 188 -32.30 -38.59 -23.29
CA GLN B 188 -33.61 -38.23 -22.70
C GLN B 188 -34.79 -38.42 -23.69
N TRP B 189 -35.99 -38.57 -23.14
CA TRP B 189 -37.18 -38.87 -23.92
C TRP B 189 -37.54 -37.75 -24.88
N LEU B 190 -37.29 -36.51 -24.46
CA LEU B 190 -37.47 -35.31 -25.28
C LEU B 190 -36.67 -35.39 -26.59
N ALA B 191 -35.69 -36.28 -26.64
CA ALA B 191 -34.95 -36.58 -27.88
C ALA B 191 -35.14 -38.03 -28.38
N GLY B 192 -36.12 -38.74 -27.83
CA GLY B 192 -36.27 -40.16 -28.09
C GLY B 192 -37.21 -40.61 -29.20
N VAL B 193 -38.01 -39.69 -29.76
CA VAL B 193 -39.07 -40.11 -30.68
C VAL B 193 -38.55 -40.82 -31.94
N ALA B 194 -37.40 -40.40 -32.46
CA ALA B 194 -36.75 -41.02 -33.61
C ALA B 194 -36.47 -42.51 -33.41
N LEU B 195 -36.40 -42.94 -32.16
CA LEU B 195 -36.01 -44.33 -31.88
C LEU B 195 -37.02 -45.36 -32.38
N PRO B 196 -38.29 -45.27 -31.95
CA PRO B 196 -39.24 -46.22 -32.49
C PRO B 196 -39.31 -46.11 -34.02
N LEU B 197 -39.13 -44.90 -34.53
CA LEU B 197 -39.13 -44.66 -35.98
C LEU B 197 -38.01 -45.40 -36.72
N CYS B 198 -36.79 -45.35 -36.19
CA CYS B 198 -35.67 -46.07 -36.79
C CYS B 198 -35.89 -47.59 -36.81
N ARG B 199 -36.41 -48.11 -35.70
CA ARG B 199 -36.71 -49.54 -35.57
C ARG B 199 -37.74 -49.99 -36.63
N LYS B 200 -38.94 -49.40 -36.53
CA LYS B 200 -40.06 -49.73 -37.38
C LYS B 200 -39.77 -49.57 -38.88
N ARG B 201 -39.14 -48.46 -39.27
CA ARG B 201 -38.72 -48.20 -40.66
C ARG B 201 -37.50 -49.02 -41.06
N ARG B 202 -36.87 -49.67 -40.10
CA ARG B 202 -35.73 -50.56 -40.36
C ARG B 202 -34.57 -49.84 -41.07
N ILE B 203 -34.33 -48.58 -40.69
CA ILE B 203 -33.19 -47.77 -41.17
C ILE B 203 -31.86 -48.44 -40.79
N ASP B 204 -30.90 -48.47 -41.71
CA ASP B 204 -29.61 -49.13 -41.46
C ASP B 204 -28.60 -48.30 -40.62
N VAL B 205 -28.97 -48.05 -39.37
CA VAL B 205 -28.06 -47.44 -38.40
C VAL B 205 -28.25 -48.18 -37.08
N VAL B 206 -27.23 -48.21 -36.23
CA VAL B 206 -27.38 -48.75 -34.88
C VAL B 206 -27.67 -47.62 -33.89
N THR B 207 -28.48 -47.90 -32.87
CA THR B 207 -28.99 -46.85 -32.01
C THR B 207 -28.64 -47.09 -30.54
N ILE B 208 -28.46 -45.99 -29.80
CA ILE B 208 -28.23 -46.02 -28.35
C ILE B 208 -29.16 -45.00 -27.70
N PHE B 209 -29.73 -45.36 -26.55
CA PHE B 209 -30.54 -44.44 -25.75
C PHE B 209 -30.03 -44.29 -24.31
N THR B 210 -29.74 -43.06 -23.93
CA THR B 210 -29.35 -42.82 -22.55
C THR B 210 -30.47 -42.06 -21.83
N THR B 211 -30.89 -42.61 -20.70
CA THR B 211 -31.76 -41.89 -19.79
C THR B 211 -30.97 -41.34 -18.59
N HIS B 212 -31.26 -40.09 -18.26
CA HIS B 212 -30.56 -39.36 -17.19
C HIS B 212 -31.45 -39.22 -15.96
N ALA B 213 -32.56 -39.95 -15.94
CA ALA B 213 -33.56 -39.92 -14.89
C ALA B 213 -34.68 -40.77 -15.48
N THR B 214 -35.76 -41.02 -14.76
CA THR B 214 -36.94 -41.58 -15.36
C THR B 214 -38.07 -40.67 -15.01
N LEU B 215 -39.04 -40.52 -15.90
CA LEU B 215 -40.19 -39.67 -15.61
C LEU B 215 -40.91 -40.09 -14.34
N LEU B 216 -41.21 -41.37 -14.19
CA LEU B 216 -42.00 -41.80 -13.03
C LEU B 216 -41.20 -41.69 -11.74
N GLY B 217 -39.88 -41.80 -11.86
CA GLY B 217 -38.95 -41.61 -10.75
C GLY B 217 -39.12 -40.27 -10.07
N ARG B 218 -38.91 -39.21 -10.85
CA ARG B 218 -39.17 -37.85 -10.39
C ARG B 218 -40.55 -37.70 -9.73
N TYR B 219 -41.60 -38.09 -10.43
CA TYR B 219 -42.95 -37.87 -9.95
C TYR B 219 -43.35 -38.69 -8.72
N LEU B 220 -42.90 -39.93 -8.64
CA LEU B 220 -43.26 -40.77 -7.51
C LEU B 220 -42.56 -40.29 -6.24
N CYS B 221 -41.51 -39.48 -6.41
CA CYS B 221 -40.72 -38.92 -5.31
C CYS B 221 -41.04 -37.46 -4.98
N ALA B 222 -41.88 -36.82 -5.80
CA ALA B 222 -42.20 -35.39 -5.61
C ALA B 222 -42.84 -35.05 -4.25
N SER B 223 -43.86 -35.79 -3.86
CA SER B 223 -44.59 -35.48 -2.62
C SER B 223 -43.73 -35.68 -1.36
N GLY B 224 -42.82 -36.65 -1.38
CA GLY B 224 -41.98 -36.95 -0.21
C GLY B 224 -42.57 -37.99 0.75
N SER B 225 -43.78 -38.47 0.47
CA SER B 225 -44.37 -39.51 1.33
C SER B 225 -44.10 -40.97 0.91
N PHE B 226 -43.76 -41.18 -0.36
CA PHE B 226 -43.66 -42.53 -0.97
C PHE B 226 -42.31 -43.25 -0.74
N ASP B 227 -42.37 -44.49 -0.29
CA ASP B 227 -41.17 -45.28 0.00
C ASP B 227 -40.49 -45.87 -1.26
N PHE B 228 -40.01 -44.98 -2.11
CA PHE B 228 -39.59 -45.29 -3.46
C PHE B 228 -38.76 -46.57 -3.67
N TYR B 229 -37.66 -46.69 -2.94
CA TYR B 229 -36.66 -47.72 -3.23
C TYR B 229 -37.06 -49.14 -2.80
N ASN B 230 -38.05 -49.27 -1.91
CA ASN B 230 -38.57 -50.58 -1.51
C ASN B 230 -39.94 -50.93 -2.15
N CYS B 231 -40.45 -50.04 -3.00
CA CYS B 231 -41.82 -50.19 -3.46
C CYS B 231 -41.96 -50.12 -4.97
N LEU B 232 -40.94 -49.63 -5.66
CA LEU B 232 -41.04 -49.40 -7.10
C LEU B 232 -41.27 -50.69 -7.91
N GLU B 233 -40.77 -51.81 -7.39
CA GLU B 233 -41.02 -53.11 -8.00
C GLU B 233 -42.52 -53.48 -8.08
N SER B 234 -43.33 -52.86 -7.24
CA SER B 234 -44.75 -53.19 -7.18
C SER B 234 -45.66 -52.07 -7.71
N VAL B 235 -45.09 -51.07 -8.39
CA VAL B 235 -45.95 -50.04 -9.01
C VAL B 235 -46.49 -50.48 -10.36
N ASP B 236 -47.73 -50.10 -10.64
CA ASP B 236 -48.31 -50.28 -11.96
C ASP B 236 -47.97 -49.03 -12.76
N VAL B 237 -47.06 -49.17 -13.73
CA VAL B 237 -46.52 -47.98 -14.39
C VAL B 237 -47.59 -47.18 -15.13
N ASP B 238 -48.40 -47.87 -15.94
CA ASP B 238 -49.49 -47.23 -16.69
C ASP B 238 -50.43 -46.45 -15.74
N HIS B 239 -50.85 -47.09 -14.65
CA HIS B 239 -51.73 -46.45 -13.68
C HIS B 239 -51.12 -45.17 -13.13
N GLU B 240 -49.85 -45.25 -12.72
CA GLU B 240 -49.13 -44.10 -12.18
C GLU B 240 -48.93 -42.98 -13.20
N ALA B 241 -48.58 -43.36 -14.43
CA ALA B 241 -48.32 -42.36 -15.44
C ALA B 241 -49.60 -41.59 -15.77
N GLY B 242 -50.71 -42.30 -15.87
CA GLY B 242 -52.02 -41.66 -15.99
C GLY B 242 -52.40 -40.76 -14.81
N ARG B 243 -52.12 -41.23 -13.60
CA ARG B 243 -52.37 -40.47 -12.38
C ARG B 243 -51.69 -39.11 -12.41
N PHE B 244 -50.47 -39.03 -12.95
CA PHE B 244 -49.75 -37.76 -12.98
C PHE B 244 -49.94 -36.91 -14.25
N GLY B 245 -50.88 -37.28 -15.12
CA GLY B 245 -51.05 -36.56 -16.41
C GLY B 245 -49.86 -36.68 -17.34
N ILE B 246 -49.13 -37.77 -17.21
CA ILE B 246 -47.80 -37.92 -17.76
C ILE B 246 -47.74 -39.07 -18.77
N TYR B 247 -48.91 -39.65 -19.05
CA TYR B 247 -49.00 -40.86 -19.83
C TYR B 247 -48.28 -40.74 -21.18
N HIS B 248 -48.51 -39.66 -21.91
CA HIS B 248 -47.94 -39.51 -23.27
C HIS B 248 -46.44 -39.42 -23.21
N ARG B 249 -45.95 -38.58 -22.31
CA ARG B 249 -44.51 -38.47 -22.03
C ARG B 249 -43.93 -39.81 -21.67
N TYR B 250 -44.56 -40.52 -20.74
CA TYR B 250 -44.06 -41.82 -20.33
C TYR B 250 -43.92 -42.81 -21.51
N CYS B 251 -44.92 -42.84 -22.39
CA CYS B 251 -44.88 -43.64 -23.63
C CYS B 251 -43.66 -43.39 -24.50
N ILE B 252 -43.30 -42.12 -24.65
CA ILE B 252 -42.10 -41.74 -25.36
C ILE B 252 -40.84 -42.32 -24.69
N GLU B 253 -40.71 -42.18 -23.37
CA GLU B 253 -39.57 -42.75 -22.65
C GLU B 253 -39.49 -44.28 -22.83
N ARG B 254 -40.62 -44.96 -22.69
CA ARG B 254 -40.67 -46.42 -22.81
C ARG B 254 -40.34 -46.93 -24.22
N ALA B 255 -40.89 -46.28 -25.23
CA ALA B 255 -40.65 -46.64 -26.61
C ALA B 255 -39.21 -46.39 -27.04
N ALA B 256 -38.60 -45.35 -26.46
CA ALA B 256 -37.19 -45.07 -26.67
C ALA B 256 -36.30 -46.12 -26.00
N ALA B 257 -36.66 -46.55 -24.80
CA ALA B 257 -35.88 -47.57 -24.11
C ALA B 257 -35.99 -48.92 -24.83
N HIS B 258 -37.20 -49.28 -25.25
CA HIS B 258 -37.44 -50.57 -25.93
C HIS B 258 -36.94 -50.67 -27.35
N SER B 259 -36.96 -49.55 -28.08
CA SER B 259 -36.59 -49.53 -29.49
C SER B 259 -35.09 -49.51 -29.77
N ALA B 260 -34.32 -48.96 -28.84
CA ALA B 260 -32.89 -48.79 -29.06
C ALA B 260 -32.15 -50.11 -29.05
N ASP B 261 -31.15 -50.24 -29.92
CA ASP B 261 -30.28 -51.41 -29.90
C ASP B 261 -29.61 -51.50 -28.53
N VAL B 262 -29.10 -50.38 -28.03
CA VAL B 262 -28.48 -50.34 -26.70
C VAL B 262 -29.24 -49.36 -25.78
N PHE B 263 -29.59 -49.85 -24.58
CA PHE B 263 -30.21 -49.04 -23.53
C PHE B 263 -29.28 -48.81 -22.33
N THR B 264 -29.12 -47.54 -21.96
CA THR B 264 -28.21 -47.14 -20.89
C THR B 264 -28.78 -46.07 -19.95
N THR B 265 -28.25 -46.00 -18.74
CA THR B 265 -28.61 -44.94 -17.79
C THR B 265 -27.32 -44.30 -17.33
N VAL B 266 -27.42 -43.17 -16.65
CA VAL B 266 -26.24 -42.51 -16.09
C VAL B 266 -25.64 -43.19 -14.85
N SER B 267 -26.37 -44.14 -14.25
CA SER B 267 -25.91 -44.70 -12.97
C SER B 267 -26.58 -46.02 -12.60
N GLN B 268 -25.91 -46.80 -11.74
CA GLN B 268 -26.42 -48.09 -11.29
C GLN B 268 -27.75 -47.88 -10.61
N ILE B 269 -27.89 -46.79 -9.86
CA ILE B 269 -29.13 -46.59 -9.09
C ILE B 269 -30.34 -46.28 -10.00
N THR B 270 -30.12 -45.48 -11.03
CA THR B 270 -31.15 -45.25 -12.05
C THR B 270 -31.39 -46.50 -12.90
N ALA B 271 -30.36 -47.31 -13.06
CA ALA B 271 -30.50 -48.57 -13.78
C ALA B 271 -31.49 -49.49 -13.06
N PHE B 272 -31.47 -49.47 -11.74
CA PHE B 272 -32.41 -50.25 -10.95
C PHE B 272 -33.82 -49.72 -11.20
N GLU B 273 -33.99 -48.43 -10.95
CA GLU B 273 -35.19 -47.65 -11.22
C GLU B 273 -35.73 -47.94 -12.63
N ALA B 274 -34.84 -47.94 -13.61
CA ALA B 274 -35.18 -48.04 -15.02
C ALA B 274 -35.72 -49.41 -15.40
N GLU B 275 -35.10 -50.47 -14.88
CA GLU B 275 -35.55 -51.82 -15.15
C GLU B 275 -37.01 -51.98 -14.77
N HIS B 276 -37.39 -51.45 -13.62
CA HIS B 276 -38.76 -51.63 -13.17
C HIS B 276 -39.78 -50.64 -13.74
N LEU B 277 -39.36 -49.42 -14.04
CA LEU B 277 -40.31 -48.40 -14.48
C LEU B 277 -40.38 -48.28 -16.00
N LEU B 278 -39.37 -48.78 -16.70
CA LEU B 278 -39.38 -48.78 -18.15
C LEU B 278 -39.30 -50.19 -18.71
N LYS B 279 -39.34 -51.19 -17.82
CA LYS B 279 -39.45 -52.61 -18.20
C LYS B 279 -38.35 -53.09 -19.15
N ARG B 280 -37.13 -52.63 -18.91
CA ARG B 280 -35.96 -53.14 -19.63
C ARG B 280 -34.71 -52.92 -18.79
N LYS B 281 -33.98 -54.00 -18.54
CA LYS B 281 -32.74 -53.94 -17.81
C LYS B 281 -31.64 -53.34 -18.67
N PRO B 282 -31.11 -52.17 -18.27
CA PRO B 282 -30.06 -51.47 -19.04
C PRO B 282 -28.88 -52.38 -19.39
N ASP B 283 -28.27 -52.14 -20.55
CA ASP B 283 -27.10 -52.89 -20.97
C ASP B 283 -25.83 -52.38 -20.30
N GLY B 284 -25.92 -51.22 -19.66
CA GLY B 284 -24.81 -50.69 -18.91
C GLY B 284 -25.07 -49.27 -18.48
N ILE B 285 -24.04 -48.66 -17.90
CA ILE B 285 -24.17 -47.31 -17.42
C ILE B 285 -23.14 -46.39 -18.08
N LEU B 286 -23.57 -45.15 -18.34
CA LEU B 286 -22.69 -44.10 -18.86
C LEU B 286 -22.62 -42.92 -17.86
N PRO B 287 -21.75 -43.04 -16.85
CA PRO B 287 -21.62 -42.04 -15.77
C PRO B 287 -21.03 -40.71 -16.27
N ASN B 288 -21.51 -39.60 -15.76
CA ASN B 288 -21.11 -38.30 -16.28
C ASN B 288 -19.70 -37.93 -15.87
N GLY B 289 -18.91 -37.54 -16.86
CA GLY B 289 -17.55 -37.14 -16.62
C GLY B 289 -17.48 -35.64 -16.57
N LEU B 290 -16.33 -35.16 -16.12
CA LEU B 290 -16.05 -33.75 -16.12
C LEU B 290 -14.80 -33.51 -16.95
N ASN B 291 -14.64 -32.29 -17.41
CA ASN B 291 -13.46 -31.96 -18.17
C ASN B 291 -12.46 -31.27 -17.24
N VAL B 292 -11.66 -32.07 -16.54
CA VAL B 292 -10.81 -31.59 -15.44
C VAL B 292 -9.55 -30.85 -15.95
N ILE B 293 -9.42 -29.58 -15.57
CA ILE B 293 -8.20 -28.82 -15.88
C ILE B 293 -7.21 -28.95 -14.72
N LYS B 294 -6.14 -29.69 -14.95
CA LYS B 294 -5.06 -29.85 -13.96
C LYS B 294 -4.27 -28.55 -13.73
N PHE B 295 -3.76 -28.34 -12.53
CA PHE B 295 -2.81 -27.26 -12.34
C PHE B 295 -1.43 -27.76 -12.66
N GLN B 296 -0.54 -26.86 -13.06
CA GLN B 296 0.86 -27.19 -13.29
C GLN B 296 1.52 -27.77 -12.04
N ALA B 297 1.16 -27.24 -10.86
CA ALA B 297 1.65 -27.77 -9.60
C ALA B 297 0.51 -28.44 -8.85
N PHE B 298 0.68 -29.71 -8.51
CA PHE B 298 -0.34 -30.46 -7.76
C PHE B 298 -0.84 -29.73 -6.52
N HIS B 299 -0.01 -28.91 -5.89
CA HIS B 299 -0.40 -28.34 -4.61
C HIS B 299 -1.18 -27.04 -4.80
N GLU B 300 -1.28 -26.56 -6.05
CA GLU B 300 -1.90 -25.26 -6.27
C GLU B 300 -3.28 -25.17 -5.61
N PHE B 301 -4.09 -26.22 -5.73
CA PHE B 301 -5.46 -26.24 -5.19
C PHE B 301 -5.44 -26.07 -3.66
N GLN B 302 -4.33 -26.48 -3.09
CA GLN B 302 -4.16 -26.41 -1.67
C GLN B 302 -3.96 -24.93 -1.27
N ASN B 303 -3.16 -24.18 -2.03
CA ASN B 303 -3.09 -22.72 -1.91
C ASN B 303 -4.40 -22.00 -2.17
N LEU B 304 -5.12 -22.41 -3.21
CA LEU B 304 -6.44 -21.83 -3.49
C LEU B 304 -7.43 -22.02 -2.35
N HIS B 305 -7.45 -23.20 -1.75
CA HIS B 305 -8.27 -23.42 -0.58
C HIS B 305 -8.03 -22.32 0.48
N ALA B 306 -6.77 -21.99 0.76
CA ALA B 306 -6.44 -21.04 1.81
C ALA B 306 -6.87 -19.62 1.46
N LEU B 307 -6.66 -19.20 0.21
CA LEU B 307 -7.11 -17.88 -0.21
C LEU B 307 -8.61 -17.78 -0.12
N LYS B 308 -9.31 -18.78 -0.65
CA LYS B 308 -10.76 -18.73 -0.73
C LYS B 308 -11.35 -18.76 0.67
N LYS B 309 -10.80 -19.65 1.50
CA LYS B 309 -11.24 -19.74 2.89
C LYS B 309 -11.10 -18.41 3.64
N GLU B 310 -10.09 -17.58 3.31
CA GLU B 310 -9.96 -16.28 4.00
C GLU B 310 -11.12 -15.35 3.66
N LYS B 311 -11.59 -15.39 2.42
CA LYS B 311 -12.81 -14.71 2.00
C LYS B 311 -14.02 -15.14 2.84
N ILE B 312 -14.16 -16.44 3.12
CA ILE B 312 -15.27 -16.90 3.93
C ILE B 312 -15.10 -16.36 5.35
N ASN B 313 -13.89 -16.48 5.92
CA ASN B 313 -13.61 -15.95 7.27
C ASN B 313 -14.05 -14.51 7.43
N ASP B 314 -13.74 -13.75 6.42
CA ASP B 314 -14.21 -12.42 6.32
C ASP B 314 -15.72 -12.31 6.41
N PHE B 315 -16.44 -13.09 5.59
CA PHE B 315 -17.88 -13.10 5.66
C PHE B 315 -18.34 -13.48 7.07
N VAL B 316 -17.69 -14.46 7.66
CA VAL B 316 -18.09 -14.94 8.98
C VAL B 316 -17.87 -13.89 10.07
N ARG B 317 -16.77 -13.14 9.97
CA ARG B 317 -16.48 -12.13 10.98
C ARG B 317 -17.63 -11.12 11.04
N GLY B 318 -18.05 -10.66 9.88
CA GLY B 318 -19.12 -9.70 9.82
C GLY B 318 -20.44 -10.30 10.28
N HIS B 319 -20.73 -11.52 9.87
CA HIS B 319 -22.02 -12.14 10.23
C HIS B 319 -22.14 -12.30 11.75
N PHE B 320 -21.02 -12.61 12.41
CA PHE B 320 -21.01 -12.79 13.84
C PHE B 320 -20.54 -11.55 14.62
N HIS B 321 -20.48 -10.38 14.00
CA HIS B 321 -20.03 -9.21 14.72
C HIS B 321 -20.74 -9.12 16.07
N GLY B 322 -20.04 -8.69 17.12
CA GLY B 322 -20.63 -8.60 18.44
C GLY B 322 -20.94 -9.92 19.14
N CYS B 323 -20.56 -11.05 18.52
CA CYS B 323 -20.84 -12.41 19.01
C CYS B 323 -19.73 -13.35 18.61
N PHE B 324 -18.57 -12.79 18.34
CA PHE B 324 -17.46 -13.57 17.81
C PHE B 324 -16.60 -14.08 18.97
N ASP B 325 -16.89 -15.28 19.42
CA ASP B 325 -16.27 -15.89 20.58
C ASP B 325 -15.65 -17.24 20.27
N PHE B 326 -15.30 -17.47 19.02
CA PHE B 326 -14.71 -18.74 18.62
C PHE B 326 -13.53 -18.50 17.74
N ASP B 327 -12.76 -19.54 17.54
CA ASP B 327 -11.52 -19.44 16.83
C ASP B 327 -11.64 -19.93 15.37
N LEU B 328 -11.47 -19.03 14.40
CA LEU B 328 -11.56 -19.40 12.98
C LEU B 328 -10.47 -20.37 12.54
N ASP B 329 -9.36 -20.34 13.24
CA ASP B 329 -8.26 -21.24 12.97
C ASP B 329 -8.64 -22.66 13.34
N ASN B 330 -9.79 -22.78 13.98
CA ASN B 330 -10.30 -24.04 14.44
C ASN B 330 -11.78 -24.21 14.08
N THR B 331 -12.19 -23.62 12.94
CA THR B 331 -13.56 -23.66 12.50
C THR B 331 -13.64 -24.42 11.16
N LEU B 332 -14.61 -25.31 11.02
CA LEU B 332 -14.77 -26.01 9.74
C LEU B 332 -16.00 -25.51 9.01
N TYR B 333 -15.91 -25.40 7.69
CA TYR B 333 -17.10 -25.02 6.88
C TYR B 333 -17.74 -26.23 6.22
N PHE B 334 -18.98 -26.52 6.58
CA PHE B 334 -19.78 -27.55 5.87
C PHE B 334 -20.70 -26.81 4.93
N PHE B 335 -21.05 -27.43 3.82
CA PHE B 335 -22.14 -26.88 2.99
C PHE B 335 -22.95 -27.91 2.27
N ILE B 336 -24.19 -27.53 1.99
CA ILE B 336 -25.03 -28.24 1.04
C ILE B 336 -25.40 -27.17 0.03
N ALA B 337 -25.48 -27.53 -1.23
CA ALA B 337 -25.81 -26.57 -2.28
C ALA B 337 -26.60 -27.30 -3.32
N GLY B 338 -27.39 -26.55 -4.11
CA GLY B 338 -28.14 -27.12 -5.24
C GLY B 338 -29.54 -26.54 -5.35
N ARG B 339 -30.42 -27.18 -6.11
CA ARG B 339 -31.79 -26.68 -6.22
C ARG B 339 -32.57 -26.91 -4.93
N TYR B 340 -33.54 -26.03 -4.69
CA TYR B 340 -34.33 -26.13 -3.51
C TYR B 340 -35.27 -27.32 -3.63
N GLU B 341 -34.77 -28.51 -3.31
CA GLU B 341 -35.59 -29.71 -3.23
C GLU B 341 -35.41 -30.31 -1.85
N TYR B 342 -36.26 -29.91 -0.92
CA TYR B 342 -36.02 -30.15 0.51
C TYR B 342 -35.87 -31.63 0.88
N LYS B 343 -36.81 -32.48 0.46
CA LYS B 343 -36.69 -33.91 0.70
C LYS B 343 -35.66 -34.56 -0.22
N ASN B 344 -35.74 -34.30 -1.52
CA ASN B 344 -34.90 -35.01 -2.48
C ASN B 344 -33.42 -34.72 -2.36
N LYS B 345 -33.06 -33.50 -1.97
CA LYS B 345 -31.65 -33.19 -1.77
C LYS B 345 -31.18 -33.36 -0.34
N GLY B 346 -32.08 -33.88 0.51
CA GLY B 346 -31.77 -34.20 1.89
C GLY B 346 -31.45 -33.04 2.83
N ALA B 347 -31.98 -31.85 2.52
CA ALA B 347 -31.78 -30.72 3.40
C ALA B 347 -32.32 -31.03 4.78
N ASP B 348 -33.39 -31.83 4.85
CA ASP B 348 -33.99 -32.23 6.12
C ASP B 348 -33.04 -33.08 6.96
N MET B 349 -32.38 -34.05 6.35
CA MET B 349 -31.35 -34.82 7.05
C MET B 349 -30.12 -33.99 7.46
N PHE B 350 -29.64 -33.16 6.54
CA PHE B 350 -28.58 -32.25 6.80
C PHE B 350 -28.86 -31.49 8.10
N ILE B 351 -29.99 -30.81 8.17
CA ILE B 351 -30.28 -30.01 9.37
C ILE B 351 -30.49 -30.90 10.59
N GLU B 352 -31.31 -31.94 10.44
CA GLU B 352 -31.52 -32.89 11.52
C GLU B 352 -30.19 -33.36 12.11
N ALA B 353 -29.25 -33.75 11.24
CA ALA B 353 -27.99 -34.31 11.65
C ALA B 353 -27.12 -33.27 12.34
N LEU B 354 -27.12 -32.05 11.78
CA LEU B 354 -26.33 -30.97 12.36
C LEU B 354 -26.75 -30.72 13.80
N ALA B 355 -28.05 -30.74 14.05
CA ALA B 355 -28.58 -30.57 15.39
C ALA B 355 -28.07 -31.64 16.34
N ARG B 356 -27.88 -32.85 15.83
CA ARG B 356 -27.37 -33.93 16.68
C ARG B 356 -25.86 -33.90 16.86
N LEU B 357 -25.20 -33.36 15.86
CA LEU B 357 -23.78 -33.17 15.90
C LEU B 357 -23.44 -32.11 16.95
N ASN B 358 -24.24 -31.04 16.99
CA ASN B 358 -24.13 -29.97 17.98
C ASN B 358 -24.13 -30.54 19.37
N TYR B 359 -25.06 -31.48 19.57
CA TYR B 359 -25.12 -32.17 20.83
C TYR B 359 -23.83 -32.94 21.14
N ARG B 360 -23.37 -33.77 20.20
CA ARG B 360 -22.16 -34.57 20.41
C ARG B 360 -20.91 -33.70 20.70
N LEU B 361 -20.83 -32.55 20.03
CA LEU B 361 -19.67 -31.70 20.14
C LEU B 361 -19.62 -31.05 21.51
N LYS B 362 -20.79 -30.60 22.00
CA LYS B 362 -20.88 -30.02 23.34
C LYS B 362 -20.56 -31.04 24.40
N VAL B 363 -21.20 -32.21 24.34
CA VAL B 363 -20.89 -33.28 25.30
C VAL B 363 -19.41 -33.64 25.35
N SER B 364 -18.68 -33.55 24.26
CA SER B 364 -17.29 -33.98 24.29
C SER B 364 -16.33 -32.86 24.74
N GLY B 365 -16.85 -31.64 24.86
CA GLY B 365 -16.03 -30.50 25.29
C GLY B 365 -14.99 -30.05 24.30
N SER B 366 -15.26 -30.29 23.03
CA SER B 366 -14.39 -29.85 21.96
C SER B 366 -14.54 -28.33 21.80
N LYS B 367 -13.45 -27.66 21.41
CA LYS B 367 -13.44 -26.21 21.13
C LYS B 367 -13.64 -25.87 19.63
N LYS B 368 -13.85 -26.87 18.78
CA LYS B 368 -14.04 -26.61 17.36
C LYS B 368 -15.40 -25.95 17.05
N THR B 369 -15.56 -25.39 15.87
CA THR B 369 -16.88 -24.95 15.43
C THR B 369 -17.18 -25.38 14.00
N VAL B 370 -18.42 -25.83 13.76
CA VAL B 370 -18.89 -26.03 12.41
C VAL B 370 -19.79 -24.87 12.05
N VAL B 371 -19.44 -24.18 10.97
CA VAL B 371 -20.32 -23.19 10.37
C VAL B 371 -20.91 -23.87 9.11
N ALA B 372 -22.22 -24.14 9.15
CA ALA B 372 -22.91 -24.89 8.09
C ALA B 372 -23.67 -23.93 7.18
N PHE B 373 -23.37 -24.04 5.88
CA PHE B 373 -23.95 -23.18 4.88
C PHE B 373 -24.98 -23.96 4.05
N ILE B 374 -26.13 -23.33 3.80
CA ILE B 374 -27.12 -23.87 2.86
C ILE B 374 -27.28 -22.92 1.70
N VAL B 375 -26.88 -23.37 0.52
CA VAL B 375 -26.98 -22.56 -0.69
C VAL B 375 -28.04 -23.15 -1.62
N MET B 376 -29.26 -22.65 -1.53
CA MET B 376 -30.38 -23.14 -2.33
C MET B 376 -31.33 -21.98 -2.61
N PRO B 377 -31.63 -21.72 -3.89
CA PRO B 377 -32.42 -20.56 -4.30
C PRO B 377 -33.83 -20.61 -3.74
N ALA B 378 -34.28 -19.51 -3.13
CA ALA B 378 -35.65 -19.36 -2.64
C ALA B 378 -36.16 -17.96 -2.98
N LYS B 379 -37.47 -17.74 -3.06
CA LYS B 379 -37.98 -16.42 -3.43
C LYS B 379 -37.58 -15.51 -2.30
N ASN B 380 -36.94 -14.39 -2.64
CA ASN B 380 -36.47 -13.48 -1.64
C ASN B 380 -36.46 -12.03 -2.10
N ASN B 381 -36.23 -11.11 -1.16
CA ASN B 381 -36.21 -9.70 -1.46
C ASN B 381 -34.83 -9.16 -1.24
N SER B 382 -33.81 -9.91 -1.62
CA SER B 382 -32.41 -9.49 -1.48
C SER B 382 -31.94 -9.50 -0.04
N PHE B 383 -30.66 -9.17 0.14
CA PHE B 383 -29.98 -9.11 1.46
C PHE B 383 -30.66 -8.30 2.52
N THR B 384 -30.59 -8.75 3.75
CA THR B 384 -31.10 -7.92 4.88
C THR B 384 -30.14 -6.76 5.14
N VAL B 385 -30.70 -5.68 5.68
CA VAL B 385 -29.91 -4.58 6.24
C VAL B 385 -28.84 -5.06 7.20
N GLU B 386 -29.18 -6.00 8.08
CA GLU B 386 -28.22 -6.54 9.04
C GLU B 386 -26.96 -7.12 8.40
N ALA B 387 -27.17 -7.88 7.33
CA ALA B 387 -26.09 -8.55 6.63
C ALA B 387 -25.05 -7.57 6.13
N LEU B 388 -25.52 -6.43 5.62
CA LEU B 388 -24.70 -5.43 4.96
C LEU B 388 -24.10 -4.44 5.93
N LYS B 389 -24.82 -4.05 7.00
CA LYS B 389 -24.24 -3.17 8.01
C LYS B 389 -23.08 -3.89 8.65
N GLY B 390 -23.24 -5.19 8.85
CA GLY B 390 -22.25 -5.98 9.56
C GLY B 390 -20.95 -6.01 8.79
N GLN B 391 -21.04 -6.27 7.48
CA GLN B 391 -19.86 -6.31 6.60
CA GLN B 391 -19.82 -6.34 6.70
C GLN B 391 -19.15 -4.97 6.64
N ALA B 392 -19.94 -3.90 6.66
CA ALA B 392 -19.42 -2.56 6.50
C ALA B 392 -18.68 -2.08 7.78
N GLU B 393 -19.21 -2.49 8.91
CA GLU B 393 -18.68 -2.14 10.21
C GLU B 393 -17.35 -2.83 10.42
N VAL B 394 -17.28 -4.09 10.01
CA VAL B 394 -16.03 -4.84 10.01
C VAL B 394 -15.03 -4.21 9.08
N ARG B 395 -15.47 -3.78 7.91
CA ARG B 395 -14.57 -3.08 7.00
C ARG B 395 -14.03 -1.81 7.65
N ALA B 396 -14.88 -1.09 8.35
CA ALA B 396 -14.53 0.15 8.96
C ALA B 396 -13.51 -0.05 10.13
N LEU B 397 -13.68 -1.13 10.87
CA LEU B 397 -12.68 -1.61 11.79
C LEU B 397 -11.34 -1.90 11.10
N GLU B 398 -11.32 -2.77 10.08
CA GLU B 398 -10.10 -2.94 9.29
C GLU B 398 -9.39 -1.63 8.91
N ASN B 399 -10.11 -0.67 8.34
CA ASN B 399 -9.45 0.53 7.85
C ASN B 399 -8.86 1.35 8.99
N THR B 400 -9.58 1.41 10.12
CA THR B 400 -9.07 2.11 11.27
C THR B 400 -7.78 1.46 11.78
N VAL B 401 -7.79 0.13 11.86
CA VAL B 401 -6.64 -0.60 12.35
C VAL B 401 -5.45 -0.31 11.47
N HIS B 402 -5.70 -0.20 10.17
CA HIS B 402 -4.63 0.08 9.25
C HIS B 402 -4.01 1.48 9.44
N GLU B 403 -4.83 2.49 9.66
CA GLU B 403 -4.33 3.82 10.00
C GLU B 403 -3.43 3.74 11.20
N VAL B 404 -3.89 2.99 12.21
CA VAL B 404 -3.22 2.93 13.48
C VAL B 404 -1.86 2.25 13.38
N THR B 405 -1.77 1.17 12.59
CA THR B 405 -0.49 0.48 12.46
C THR B 405 0.51 1.25 11.60
N THR B 406 0.03 2.18 10.76
CA THR B 406 0.95 3.12 10.14
C THR B 406 1.64 4.02 11.20
N SER B 407 0.84 4.55 12.12
CA SER B 407 1.33 5.35 13.25
C SER B 407 2.34 4.58 14.07
N ILE B 408 1.97 3.35 14.41
CA ILE B 408 2.80 2.50 15.24
C ILE B 408 4.11 2.27 14.53
N GLY B 409 4.01 2.12 13.20
CA GLY B 409 5.17 1.90 12.36
C GLY B 409 6.11 3.07 12.37
N LYS B 410 5.55 4.27 12.30
CA LYS B 410 6.36 5.48 12.41
C LYS B 410 7.12 5.56 13.74
N ARG B 411 6.50 5.11 14.83
CA ARG B 411 7.11 5.18 16.15
C ARG B 411 8.16 4.07 16.37
N ILE B 412 7.85 2.87 15.94
CA ILE B 412 8.82 1.78 15.96
C ILE B 412 10.06 2.23 15.17
N PHE B 413 9.83 2.69 13.94
CA PHE B 413 10.91 3.18 13.09
C PHE B 413 11.81 4.24 13.78
N ASP B 414 11.21 5.27 14.37
CA ASP B 414 12.00 6.34 14.96
C ASP B 414 12.87 5.77 16.06
N HIS B 415 12.27 4.95 16.91
CA HIS B 415 12.99 4.29 17.99
C HIS B 415 14.21 3.53 17.49
N ALA B 416 13.98 2.70 16.47
CA ALA B 416 14.98 1.80 15.92
C ALA B 416 16.12 2.58 15.31
N ILE B 417 15.82 3.74 14.72
CA ILE B 417 16.81 4.48 13.97
C ILE B 417 17.60 5.39 14.91
N ARG B 418 17.11 5.53 16.14
CA ARG B 418 17.58 6.51 17.10
C ARG B 418 18.49 5.89 18.14
N TYR B 419 18.26 4.61 18.42
CA TYR B 419 18.96 3.87 19.45
C TYR B 419 20.46 3.89 19.19
N PRO B 420 21.29 4.08 20.24
CA PRO B 420 20.96 4.21 21.65
C PRO B 420 20.98 5.65 22.15
N HIS B 421 20.66 6.61 21.30
CA HIS B 421 20.77 8.01 21.67
C HIS B 421 19.51 8.58 22.35
N ASN B 422 19.69 9.75 22.99
CA ASN B 422 18.60 10.48 23.66
C ASN B 422 17.79 9.63 24.65
N GLY B 423 18.47 8.88 25.51
CA GLY B 423 17.80 8.12 26.55
C GLY B 423 17.34 6.70 26.21
N LEU B 424 17.21 6.39 24.93
CA LEU B 424 16.78 5.07 24.49
C LEU B 424 17.76 3.97 24.90
N THR B 425 17.38 3.15 25.87
CA THR B 425 18.33 2.18 26.45
C THR B 425 18.07 0.78 25.94
N THR B 426 16.83 0.53 25.55
CA THR B 426 16.45 -0.71 24.88
C THR B 426 16.33 -0.48 23.36
N GLU B 427 16.70 -1.48 22.58
CA GLU B 427 16.64 -1.40 21.12
C GLU B 427 15.23 -1.22 20.60
N LEU B 428 14.27 -1.83 21.28
CA LEU B 428 12.86 -1.73 20.88
C LEU B 428 12.01 -1.03 21.96
N PRO B 429 10.85 -0.48 21.57
CA PRO B 429 9.93 0.01 22.59
C PRO B 429 9.51 -1.14 23.50
N THR B 430 9.33 -0.88 24.79
CA THR B 430 8.85 -1.95 25.67
C THR B 430 7.48 -1.64 26.24
N ASP B 431 7.11 -0.35 26.19
CA ASP B 431 5.84 0.15 26.69
C ASP B 431 4.89 0.38 25.51
N LEU B 432 3.71 -0.23 25.56
CA LEU B 432 2.70 -0.01 24.50
C LEU B 432 2.34 1.46 24.37
N GLY B 433 2.39 2.18 25.49
CA GLY B 433 2.10 3.61 25.53
C GLY B 433 2.95 4.44 24.58
N GLU B 434 4.18 4.01 24.36
CA GLU B 434 5.10 4.67 23.42
C GLU B 434 4.61 4.57 21.97
N LEU B 435 3.92 3.48 21.65
CA LEU B 435 3.53 3.18 20.30
C LEU B 435 2.07 3.52 20.01
N LEU B 436 1.21 3.36 21.01
CA LEU B 436 -0.24 3.49 20.80
C LEU B 436 -0.80 4.70 21.56
N LYS B 437 -1.09 5.77 20.82
CA LYS B 437 -1.52 7.07 21.41
C LYS B 437 -3.03 7.15 21.69
N SER B 438 -3.44 8.11 22.49
CA SER B 438 -4.82 8.13 22.95
C SER B 438 -5.82 8.42 21.83
N SER B 439 -5.48 9.29 20.88
CA SER B 439 -6.40 9.53 19.77
C SER B 439 -6.60 8.24 18.94
N ASP B 440 -5.57 7.38 18.95
CA ASP B 440 -5.60 6.09 18.31
C ASP B 440 -6.60 5.14 18.97
N LYS B 441 -6.53 5.06 20.31
CA LYS B 441 -7.47 4.34 21.15
C LYS B 441 -8.94 4.81 21.00
N VAL B 442 -9.15 6.12 20.84
CA VAL B 442 -10.51 6.62 20.77
C VAL B 442 -11.19 6.08 19.50
N MET B 443 -10.53 6.15 18.34
CA MET B 443 -11.17 5.69 17.12
C MET B 443 -11.32 4.17 17.05
N LEU B 444 -10.34 3.44 17.58
CA LEU B 444 -10.53 1.99 17.70
C LEU B 444 -11.75 1.67 18.58
N LYS B 445 -11.90 2.40 19.70
CA LYS B 445 -13.02 2.15 20.58
C LYS B 445 -14.36 2.44 19.92
N ARG B 446 -14.41 3.51 19.12
CA ARG B 446 -15.62 3.85 18.39
C ARG B 446 -15.98 2.75 17.36
N ARG B 447 -14.98 2.22 16.67
CA ARG B 447 -15.24 1.16 15.72
C ARG B 447 -15.74 -0.10 16.45
N ILE B 448 -15.22 -0.38 17.65
CA ILE B 448 -15.67 -1.54 18.43
C ILE B 448 -17.12 -1.40 18.90
N LEU B 449 -17.49 -0.19 19.25
CA LEU B 449 -18.86 0.11 19.62
C LEU B 449 -19.82 -0.11 18.44
N ALA B 450 -19.38 0.26 17.23
CA ALA B 450 -20.19 0.07 16.04
C ALA B 450 -20.58 -1.38 15.84
N LEU B 451 -19.74 -2.28 16.33
CA LEU B 451 -19.89 -3.73 16.15
C LEU B 451 -20.75 -4.41 17.22
N ARG B 452 -20.99 -3.70 18.32
CA ARG B 452 -21.71 -4.24 19.45
C ARG B 452 -23.11 -4.50 18.98
N ARG B 453 -23.68 -5.64 19.34
CA ARG B 453 -25.10 -5.83 19.06
C ARG B 453 -25.97 -5.83 20.33
N PRO B 454 -27.25 -5.41 20.19
CA PRO B 454 -28.11 -5.28 21.36
C PRO B 454 -28.19 -6.57 22.18
N GLU B 455 -28.34 -6.40 23.48
CA GLU B 455 -28.42 -7.52 24.42
C GLU B 455 -29.47 -8.55 23.96
N GLY B 456 -29.05 -9.81 23.94
CA GLY B 456 -29.91 -10.95 23.57
C GLY B 456 -30.08 -11.22 22.07
N GLN B 457 -29.40 -10.48 21.19
CA GLN B 457 -29.55 -10.67 19.76
C GLN B 457 -28.51 -11.65 19.18
N LEU B 458 -28.97 -12.75 18.62
CA LEU B 458 -28.05 -13.77 18.10
C LEU B 458 -27.78 -13.47 16.65
N PRO B 459 -26.64 -13.94 16.11
CA PRO B 459 -26.45 -13.86 14.63
C PRO B 459 -27.54 -14.63 13.85
N PRO B 460 -28.10 -14.01 12.80
CA PRO B 460 -29.23 -14.58 12.07
C PRO B 460 -28.96 -15.95 11.45
N ILE B 461 -30.03 -16.70 11.21
CA ILE B 461 -29.89 -17.94 10.45
C ILE B 461 -30.02 -17.74 8.92
N VAL B 462 -30.09 -16.50 8.48
CA VAL B 462 -30.39 -16.24 7.10
C VAL B 462 -29.85 -14.85 6.70
N THR B 463 -29.35 -14.74 5.48
CA THR B 463 -28.79 -13.50 4.96
C THR B 463 -29.77 -12.60 4.19
N HIS B 464 -30.99 -13.10 3.92
CA HIS B 464 -31.95 -12.41 3.04
C HIS B 464 -33.30 -12.20 3.67
N ASN B 465 -34.03 -11.21 3.19
CA ASN B 465 -35.46 -11.13 3.49
C ASN B 465 -36.23 -12.07 2.58
N MET B 466 -37.00 -12.98 3.16
CA MET B 466 -37.65 -14.01 2.36
C MET B 466 -39.05 -13.57 1.95
N VAL B 467 -39.51 -14.01 0.77
CA VAL B 467 -40.89 -13.78 0.35
C VAL B 467 -41.92 -14.47 1.27
N ASP B 468 -41.74 -15.76 1.57
CA ASP B 468 -42.70 -16.44 2.44
C ASP B 468 -42.01 -17.07 3.66
N ASP B 469 -41.42 -16.24 4.52
CA ASP B 469 -40.59 -16.70 5.63
C ASP B 469 -41.30 -17.75 6.51
N ALA B 470 -42.58 -17.54 6.83
CA ALA B 470 -43.29 -18.47 7.74
C ALA B 470 -43.49 -19.87 7.15
N ASN B 471 -43.52 -19.97 5.84
CA ASN B 471 -43.80 -21.27 5.28
C ASN B 471 -42.57 -22.00 4.75
N ASP B 472 -41.41 -21.36 4.83
CA ASP B 472 -40.23 -21.92 4.21
C ASP B 472 -39.79 -23.20 4.89
N LEU B 473 -39.68 -24.25 4.10
CA LEU B 473 -39.32 -25.57 4.64
C LEU B 473 -37.99 -25.53 5.41
N ILE B 474 -36.97 -24.89 4.85
CA ILE B 474 -35.63 -24.95 5.41
C ILE B 474 -35.55 -24.16 6.74
N LEU B 475 -35.99 -22.92 6.70
CA LEU B 475 -36.10 -22.10 7.87
C LEU B 475 -36.93 -22.73 8.98
N ASN B 476 -38.05 -23.38 8.63
CA ASN B 476 -38.87 -24.05 9.67
C ASN B 476 -38.14 -25.19 10.37
N LYS B 477 -37.32 -25.94 9.63
CA LYS B 477 -36.59 -27.04 10.19
C LYS B 477 -35.53 -26.50 11.16
N ILE B 478 -34.77 -25.49 10.71
CA ILE B 478 -33.78 -24.85 11.56
C ILE B 478 -34.44 -24.37 12.88
N ARG B 479 -35.60 -23.74 12.78
CA ARG B 479 -36.31 -23.25 13.96
C ARG B 479 -36.84 -24.39 14.82
N GLN B 480 -37.34 -25.45 14.20
CA GLN B 480 -37.76 -26.63 14.92
C GLN B 480 -36.61 -27.29 15.72
N VAL B 481 -35.41 -27.42 15.17
CA VAL B 481 -34.31 -28.08 15.89
C VAL B 481 -33.59 -27.08 16.78
N GLN B 482 -33.89 -25.81 16.55
CA GLN B 482 -33.42 -24.73 17.42
C GLN B 482 -31.93 -24.38 17.33
N LEU B 483 -31.37 -24.49 16.13
CA LEU B 483 -30.03 -24.02 15.90
C LEU B 483 -30.08 -22.51 15.66
N PHE B 484 -29.89 -21.70 16.72
CA PHE B 484 -30.07 -20.26 16.58
C PHE B 484 -28.78 -19.48 16.63
N ASN B 485 -27.68 -20.19 16.51
CA ASN B 485 -26.35 -19.62 16.56
C ASN B 485 -26.10 -18.94 17.90
N SER B 486 -26.46 -19.58 19.00
CA SER B 486 -26.10 -18.97 20.28
C SER B 486 -24.64 -19.33 20.67
N PRO B 487 -24.04 -18.54 21.56
CA PRO B 487 -22.67 -18.76 22.02
C PRO B 487 -22.37 -20.22 22.33
N SER B 488 -23.24 -20.94 23.02
CA SER B 488 -22.91 -22.30 23.39
C SER B 488 -23.08 -23.40 22.36
N ASP B 489 -23.72 -23.09 21.21
CA ASP B 489 -23.81 -24.01 20.07
C ASP B 489 -22.46 -24.14 19.40
N ARG B 490 -21.98 -25.36 19.30
CA ARG B 490 -20.78 -25.64 18.54
C ARG B 490 -21.07 -25.72 17.03
N VAL B 491 -22.36 -25.83 16.64
CA VAL B 491 -22.72 -25.81 15.23
C VAL B 491 -23.52 -24.54 14.89
N LYS B 492 -22.98 -23.74 13.98
CA LYS B 492 -23.65 -22.53 13.51
C LYS B 492 -24.28 -22.76 12.15
N MET B 493 -25.32 -21.99 11.87
CA MET B 493 -26.21 -22.31 10.78
C MET B 493 -26.45 -21.04 9.97
N ILE B 494 -26.12 -21.06 8.69
CA ILE B 494 -26.39 -19.92 7.83
C ILE B 494 -27.03 -20.35 6.51
N PHE B 495 -28.26 -19.91 6.29
CA PHE B 495 -29.00 -20.12 5.05
C PHE B 495 -28.80 -18.90 4.13
N HIS B 496 -28.42 -19.19 2.89
CA HIS B 496 -28.15 -18.15 1.92
C HIS B 496 -28.98 -18.45 0.66
N PRO B 497 -30.25 -17.97 0.64
CA PRO B 497 -31.25 -18.44 -0.35
C PRO B 497 -31.09 -17.92 -1.78
N GLU B 498 -29.90 -18.05 -2.35
CA GLU B 498 -29.52 -17.50 -3.66
C GLU B 498 -28.21 -18.16 -4.08
N PHE B 499 -27.93 -18.23 -5.37
CA PHE B 499 -26.72 -18.87 -5.86
C PHE B 499 -25.56 -17.93 -5.63
N LEU B 500 -24.37 -18.49 -5.45
CA LEU B 500 -23.19 -17.69 -5.20
C LEU B 500 -22.68 -17.05 -6.46
N ASN B 501 -22.13 -15.86 -6.30
CA ASN B 501 -21.67 -15.06 -7.40
C ASN B 501 -20.68 -14.04 -6.88
N ALA B 502 -19.51 -13.95 -7.49
CA ALA B 502 -18.51 -13.00 -7.02
C ALA B 502 -18.97 -11.53 -6.95
N ASN B 503 -20.16 -11.24 -7.46
CA ASN B 503 -20.77 -9.91 -7.35
C ASN B 503 -21.60 -9.75 -6.08
N ASN B 504 -21.94 -10.86 -5.43
CA ASN B 504 -22.57 -10.89 -4.12
C ASN B 504 -21.86 -9.89 -3.22
N PRO B 505 -22.58 -8.88 -2.69
CA PRO B 505 -21.92 -7.87 -1.86
C PRO B 505 -21.42 -8.35 -0.51
N ILE B 506 -21.99 -9.43 0.05
CA ILE B 506 -21.51 -9.89 1.37
C ILE B 506 -20.48 -11.02 1.33
N LEU B 507 -20.60 -11.90 0.36
CA LEU B 507 -19.73 -13.07 0.24
C LEU B 507 -19.35 -13.13 -1.22
N GLY B 508 -18.31 -12.40 -1.57
CA GLY B 508 -18.04 -12.10 -2.97
C GLY B 508 -17.26 -13.19 -3.67
N LEU B 509 -17.72 -14.43 -3.54
CA LEU B 509 -17.13 -15.59 -4.21
C LEU B 509 -18.10 -16.16 -5.27
N ASP B 510 -17.55 -16.65 -6.39
CA ASP B 510 -18.29 -17.55 -7.27
C ASP B 510 -18.43 -18.89 -6.58
N TYR B 511 -19.41 -19.69 -6.99
CA TYR B 511 -19.69 -20.98 -6.40
C TYR B 511 -18.43 -21.85 -6.26
N ASP B 512 -17.74 -22.09 -7.38
CA ASP B 512 -16.54 -22.92 -7.40
C ASP B 512 -15.53 -22.39 -6.40
N GLU B 513 -15.39 -21.07 -6.33
CA GLU B 513 -14.47 -20.47 -5.38
C GLU B 513 -14.83 -20.83 -3.94
N PHE B 514 -16.08 -20.59 -3.57
CA PHE B 514 -16.65 -21.02 -2.29
C PHE B 514 -16.37 -22.49 -1.94
N VAL B 515 -16.60 -23.40 -2.90
CA VAL B 515 -16.42 -24.81 -2.63
C VAL B 515 -14.98 -25.05 -2.22
N ARG B 516 -14.04 -24.48 -2.97
CA ARG B 516 -12.61 -24.62 -2.65
C ARG B 516 -12.32 -24.17 -1.22
N GLY B 517 -12.95 -23.08 -0.79
CA GLY B 517 -12.73 -22.62 0.55
C GLY B 517 -13.32 -23.46 1.66
N CYS B 518 -14.23 -24.37 1.35
CA CYS B 518 -14.95 -25.12 2.40
C CYS B 518 -14.20 -26.37 2.80
N HIS B 519 -14.72 -27.09 3.78
CA HIS B 519 -14.01 -28.25 4.24
C HIS B 519 -14.70 -29.52 3.86
N LEU B 520 -16.03 -29.49 3.81
CA LEU B 520 -16.78 -30.69 3.61
C LEU B 520 -18.11 -30.35 2.99
N GLY B 521 -18.39 -31.00 1.86
CA GLY B 521 -19.72 -30.96 1.23
C GLY B 521 -20.60 -32.05 1.84
N VAL B 522 -21.88 -31.74 2.07
CA VAL B 522 -22.76 -32.70 2.69
C VAL B 522 -24.03 -32.80 1.86
N PHE B 523 -24.19 -33.92 1.15
CA PHE B 523 -25.23 -33.99 0.15
C PHE B 523 -26.10 -35.24 0.31
N PRO B 524 -26.89 -35.31 1.40
CA PRO B 524 -27.55 -36.59 1.70
C PRO B 524 -28.78 -36.83 0.80
N SER B 525 -28.52 -36.88 -0.50
CA SER B 525 -29.58 -37.05 -1.52
C SER B 525 -30.51 -38.24 -1.34
N TYR B 526 -31.79 -38.06 -1.64
CA TYR B 526 -32.74 -39.15 -1.68
C TYR B 526 -33.11 -39.54 -3.12
N TYR B 527 -33.21 -38.55 -4.01
CA TYR B 527 -33.45 -38.81 -5.42
C TYR B 527 -32.53 -37.91 -6.22
N GLU B 528 -31.61 -38.55 -6.95
CA GLU B 528 -30.52 -37.85 -7.60
C GLU B 528 -29.87 -38.82 -8.59
N PRO B 529 -30.40 -38.87 -9.83
CA PRO B 529 -29.90 -39.80 -10.86
C PRO B 529 -28.38 -39.74 -11.06
N TRP B 530 -27.80 -38.54 -11.13
CA TRP B 530 -26.34 -38.39 -11.10
C TRP B 530 -25.80 -37.80 -9.80
N GLY B 531 -25.53 -36.51 -9.73
CA GLY B 531 -24.78 -36.02 -8.57
C GLY B 531 -23.67 -35.07 -9.00
N TYR B 532 -24.04 -34.06 -9.76
CA TYR B 532 -23.08 -33.10 -10.24
C TYR B 532 -22.44 -32.40 -9.05
N THR B 533 -23.24 -32.15 -8.02
CA THR B 533 -22.77 -31.39 -6.88
C THR B 533 -21.60 -32.08 -6.18
N PRO B 534 -21.75 -33.34 -5.70
CA PRO B 534 -20.56 -33.94 -5.08
C PRO B 534 -19.39 -34.25 -6.03
N ALA B 535 -19.66 -34.40 -7.32
CA ALA B 535 -18.59 -34.75 -8.25
C ALA B 535 -17.69 -33.53 -8.41
N GLU B 536 -18.33 -32.39 -8.55
CA GLU B 536 -17.71 -31.13 -8.79
C GLU B 536 -16.85 -30.78 -7.57
N CYS B 537 -17.45 -30.97 -6.39
CA CYS B 537 -16.81 -30.90 -5.11
C CYS B 537 -15.56 -31.79 -5.09
N THR B 538 -15.72 -33.09 -5.30
CA THR B 538 -14.57 -33.99 -5.46
C THR B 538 -13.48 -33.42 -6.38
N VAL B 539 -13.88 -32.83 -7.50
CA VAL B 539 -12.90 -32.31 -8.44
C VAL B 539 -12.08 -31.13 -7.87
N MET B 540 -12.72 -30.31 -7.04
CA MET B 540 -12.03 -29.23 -6.31
C MET B 540 -11.19 -29.77 -5.15
N GLY B 541 -11.09 -31.09 -5.02
CA GLY B 541 -10.36 -31.70 -3.91
C GLY B 541 -11.00 -31.52 -2.54
N VAL B 542 -12.33 -31.38 -2.47
CA VAL B 542 -13.00 -31.27 -1.17
C VAL B 542 -13.73 -32.56 -0.87
N PRO B 543 -13.50 -33.17 0.31
CA PRO B 543 -14.25 -34.37 0.66
C PRO B 543 -15.74 -34.09 0.77
N SER B 544 -16.57 -35.12 0.77
CA SER B 544 -18.03 -34.92 0.78
C SER B 544 -18.77 -36.12 1.28
N ILE B 545 -19.99 -35.90 1.76
CA ILE B 545 -20.86 -37.02 2.07
C ILE B 545 -21.92 -37.16 0.96
N THR B 546 -22.03 -38.38 0.44
CA THR B 546 -23.11 -38.66 -0.45
C THR B 546 -23.97 -39.81 0.10
N THR B 547 -24.94 -40.26 -0.68
CA THR B 547 -25.74 -41.43 -0.28
C THR B 547 -25.61 -42.49 -1.36
N ASN B 548 -25.95 -43.72 -1.01
CA ASN B 548 -26.03 -44.81 -1.97
C ASN B 548 -27.29 -44.82 -2.84
N VAL B 549 -28.07 -43.74 -2.83
CA VAL B 549 -29.18 -43.68 -3.79
C VAL B 549 -28.97 -42.51 -4.71
N SER B 550 -27.83 -41.86 -4.54
CA SER B 550 -27.36 -40.92 -5.51
C SER B 550 -26.52 -41.68 -6.53
N GLY B 551 -26.64 -41.31 -7.81
CA GLY B 551 -25.84 -41.91 -8.86
C GLY B 551 -24.35 -41.88 -8.57
N PHE B 552 -23.83 -40.71 -8.21
CA PHE B 552 -22.43 -40.55 -7.82
C PHE B 552 -22.03 -41.49 -6.67
N GLY B 553 -22.82 -41.50 -5.61
CA GLY B 553 -22.55 -42.37 -4.50
C GLY B 553 -22.51 -43.83 -4.86
N SER B 554 -23.54 -44.27 -5.59
CA SER B 554 -23.60 -45.64 -6.09
C SER B 554 -22.46 -45.95 -7.05
N TYR B 555 -22.03 -44.97 -7.84
CA TYR B 555 -20.88 -45.18 -8.70
C TYR B 555 -19.62 -45.42 -7.87
N MET B 556 -19.23 -44.40 -7.09
CA MET B 556 -18.17 -44.49 -6.08
C MET B 556 -18.20 -45.79 -5.29
N GLU B 557 -19.37 -46.13 -4.75
CA GLU B 557 -19.54 -47.36 -3.99
C GLU B 557 -19.01 -48.61 -4.72
N ASP B 558 -19.26 -48.72 -6.03
CA ASP B 558 -18.77 -49.83 -6.84
C ASP B 558 -17.27 -49.77 -7.08
N LEU B 559 -16.70 -48.56 -7.06
CA LEU B 559 -15.30 -48.36 -7.38
C LEU B 559 -14.33 -48.63 -6.24
N ILE B 560 -14.71 -48.19 -5.03
CA ILE B 560 -13.84 -48.30 -3.87
C ILE B 560 -14.58 -49.00 -2.75
N GLU B 561 -13.89 -49.90 -2.05
CA GLU B 561 -14.45 -50.58 -0.88
C GLU B 561 -14.78 -49.57 0.24
N THR B 562 -16.02 -49.58 0.72
CA THR B 562 -16.59 -48.44 1.48
C THR B 562 -15.74 -47.91 2.64
N ASN B 563 -14.94 -48.76 3.27
CA ASN B 563 -14.06 -48.29 4.36
C ASN B 563 -12.86 -47.48 3.83
N GLN B 564 -12.15 -48.06 2.85
CA GLN B 564 -11.16 -47.35 2.02
C GLN B 564 -11.59 -45.94 1.54
N ALA B 565 -12.85 -45.81 1.12
CA ALA B 565 -13.35 -44.59 0.49
C ALA B 565 -13.42 -43.36 1.39
N LYS B 566 -13.64 -43.57 2.69
CA LYS B 566 -13.58 -42.48 3.66
C LYS B 566 -12.20 -41.80 3.61
N ASP B 567 -11.17 -42.59 3.33
CA ASP B 567 -9.84 -42.05 3.23
C ASP B 567 -9.63 -41.15 2.01
N TYR B 568 -10.44 -41.32 0.98
CA TYR B 568 -10.31 -40.47 -0.20
C TYR B 568 -11.35 -39.38 -0.14
N GLY B 569 -11.82 -39.09 1.08
CA GLY B 569 -12.89 -38.12 1.31
C GLY B 569 -14.26 -38.41 0.69
N ILE B 570 -14.56 -39.65 0.33
CA ILE B 570 -15.93 -39.97 -0.05
C ILE B 570 -16.63 -40.68 1.10
N TYR B 571 -17.60 -40.02 1.71
CA TYR B 571 -18.43 -40.69 2.71
C TYR B 571 -19.77 -41.05 2.09
N ILE B 572 -20.16 -42.31 2.21
CA ILE B 572 -21.41 -42.79 1.61
C ILE B 572 -22.38 -43.23 2.69
N VAL B 573 -23.50 -42.54 2.77
CA VAL B 573 -24.58 -42.90 3.69
C VAL B 573 -25.57 -43.87 3.05
N ASP B 574 -25.91 -44.91 3.79
CA ASP B 574 -26.86 -45.91 3.32
C ASP B 574 -28.29 -45.43 3.57
N ARG B 575 -28.97 -45.03 2.51
CA ARG B 575 -30.36 -44.65 2.56
C ARG B 575 -31.24 -45.75 1.97
N ARG B 576 -30.62 -46.84 1.56
CA ARG B 576 -31.38 -47.82 0.79
C ARG B 576 -31.76 -49.03 1.62
N PHE B 577 -30.96 -49.36 2.64
CA PHE B 577 -31.14 -50.61 3.41
C PHE B 577 -31.31 -50.35 4.90
N LYS B 578 -31.53 -49.09 5.25
CA LYS B 578 -31.47 -48.63 6.61
C LYS B 578 -32.66 -47.74 6.87
N ALA B 579 -33.22 -47.87 8.06
CA ALA B 579 -34.28 -46.97 8.51
C ALA B 579 -33.84 -45.49 8.45
N PRO B 580 -34.81 -44.58 8.20
CA PRO B 580 -34.40 -43.18 8.06
C PRO B 580 -33.63 -42.68 9.28
N ASP B 581 -34.03 -43.08 10.48
CA ASP B 581 -33.31 -42.69 11.67
C ASP B 581 -31.90 -43.29 11.75
N GLU B 582 -31.75 -44.53 11.31
CA GLU B 582 -30.41 -45.10 11.22
C GLU B 582 -29.55 -44.37 10.19
N SER B 583 -30.16 -43.77 9.16
CA SER B 583 -29.40 -43.04 8.16
C SER B 583 -28.88 -41.74 8.72
N VAL B 584 -29.72 -41.07 9.49
CA VAL B 584 -29.37 -39.79 10.13
C VAL B 584 -28.20 -40.01 11.07
N GLU B 585 -28.25 -41.08 11.85
CA GLU B 585 -27.19 -41.40 12.78
C GLU B 585 -25.86 -41.68 12.11
N GLN B 586 -25.93 -42.32 10.94
CA GLN B 586 -24.72 -42.60 10.19
C GLN B 586 -24.11 -41.31 9.67
N LEU B 587 -24.98 -40.39 9.25
CA LEU B 587 -24.57 -39.08 8.78
C LEU B 587 -23.89 -38.30 9.91
N VAL B 588 -24.40 -38.43 11.13
CA VAL B 588 -23.82 -37.73 12.24
C VAL B 588 -22.46 -38.33 12.53
N ASP B 589 -22.38 -39.66 12.52
CA ASP B 589 -21.11 -40.37 12.69
C ASP B 589 -20.02 -39.87 11.76
N TYR B 590 -20.31 -39.82 10.47
CA TYR B 590 -19.39 -39.27 9.47
C TYR B 590 -18.96 -37.83 9.76
N MET B 591 -19.91 -36.92 9.90
CA MET B 591 -19.61 -35.55 10.26
C MET B 591 -18.73 -35.50 11.51
N GLU B 592 -19.07 -36.30 12.51
CA GLU B 592 -18.32 -36.27 13.73
C GLU B 592 -16.88 -36.78 13.50
N GLU B 593 -16.75 -37.90 12.80
CA GLU B 593 -15.45 -38.45 12.40
C GLU B 593 -14.61 -37.37 11.69
N PHE B 594 -15.23 -36.62 10.79
CA PHE B 594 -14.51 -35.54 10.13
C PHE B 594 -14.02 -34.41 11.06
N VAL B 595 -14.86 -33.95 11.98
CA VAL B 595 -14.52 -32.82 12.86
C VAL B 595 -13.33 -33.16 13.79
N LYS B 596 -13.15 -34.43 14.05
CA LYS B 596 -12.09 -34.87 14.90
C LYS B 596 -10.75 -34.86 14.21
N LYS B 597 -10.72 -34.75 12.90
CA LYS B 597 -9.44 -34.71 12.20
C LYS B 597 -8.61 -33.48 12.60
N THR B 598 -7.29 -33.62 12.60
CA THR B 598 -6.36 -32.51 12.80
C THR B 598 -6.15 -31.86 11.44
N ARG B 599 -5.48 -30.71 11.40
CA ARG B 599 -5.21 -30.01 10.13
C ARG B 599 -4.37 -30.88 9.19
N ARG B 600 -3.35 -31.52 9.77
CA ARG B 600 -2.47 -32.39 8.99
C ARG B 600 -3.30 -33.45 8.27
N GLN B 601 -4.21 -34.07 9.04
CA GLN B 601 -5.09 -35.10 8.54
C GLN B 601 -6.02 -34.57 7.46
N ARG B 602 -6.66 -33.42 7.71
CA ARG B 602 -7.46 -32.76 6.69
C ARG B 602 -6.69 -32.51 5.38
N ILE B 603 -5.50 -31.91 5.47
CA ILE B 603 -4.67 -31.59 4.32
C ILE B 603 -4.41 -32.83 3.47
N ASN B 604 -3.83 -33.85 4.09
CA ASN B 604 -3.54 -35.11 3.42
C ASN B 604 -4.80 -35.78 2.88
N GLN B 605 -5.95 -35.56 3.52
CA GLN B 605 -7.17 -36.15 2.97
C GLN B 605 -7.54 -35.46 1.65
N ARG B 606 -7.50 -34.13 1.66
CA ARG B 606 -7.77 -33.35 0.46
C ARG B 606 -6.83 -33.72 -0.67
N ASN B 607 -5.63 -34.16 -0.33
CA ASN B 607 -4.67 -34.61 -1.32
C ASN B 607 -5.20 -35.88 -1.95
N ARG B 608 -5.55 -36.84 -1.12
CA ARG B 608 -6.10 -38.10 -1.59
C ARG B 608 -7.34 -37.88 -2.44
N THR B 609 -8.24 -36.99 -2.01
CA THR B 609 -9.47 -36.77 -2.76
C THR B 609 -9.24 -36.03 -4.07
N GLU B 610 -8.26 -35.14 -4.08
CA GLU B 610 -7.77 -34.54 -5.32
C GLU B 610 -7.26 -35.57 -6.37
N ARG B 611 -6.53 -36.62 -5.94
CA ARG B 611 -6.07 -37.73 -6.84
C ARG B 611 -7.23 -38.54 -7.39
N LEU B 612 -8.27 -38.70 -6.59
CA LEU B 612 -9.49 -39.38 -7.03
C LEU B 612 -10.16 -38.68 -8.16
N SER B 613 -9.97 -37.37 -8.26
CA SER B 613 -10.69 -36.62 -9.27
C SER B 613 -10.36 -37.08 -10.71
N ASP B 614 -9.20 -37.72 -10.91
CA ASP B 614 -8.83 -38.35 -12.19
C ASP B 614 -9.90 -39.27 -12.72
N LEU B 615 -10.52 -40.02 -11.83
CA LEU B 615 -11.49 -41.04 -12.20
C LEU B 615 -12.82 -40.47 -12.71
N LEU B 616 -12.93 -39.15 -12.66
CA LEU B 616 -14.14 -38.45 -13.06
C LEU B 616 -13.85 -37.64 -14.30
N ASP B 617 -12.61 -37.71 -14.77
CA ASP B 617 -12.25 -37.04 -16.00
C ASP B 617 -12.85 -37.81 -17.16
N TRP B 618 -13.15 -37.09 -18.23
CA TRP B 618 -13.67 -37.74 -19.43
C TRP B 618 -12.70 -38.72 -20.04
N LYS B 619 -11.39 -38.47 -19.93
CA LYS B 619 -10.40 -39.43 -20.41
C LYS B 619 -10.66 -40.84 -19.87
N ARG B 620 -11.36 -40.94 -18.75
CA ARG B 620 -11.66 -42.26 -18.16
C ARG B 620 -13.11 -42.70 -18.36
N MET B 621 -14.06 -41.78 -18.19
CA MET B 621 -15.48 -42.11 -18.28
C MET B 621 -15.92 -42.21 -19.75
N GLY B 622 -15.12 -41.65 -20.63
CA GLY B 622 -15.36 -41.73 -22.07
C GLY B 622 -15.24 -43.15 -22.60
N LEU B 623 -14.52 -43.99 -21.84
CA LEU B 623 -14.35 -45.41 -22.17
C LEU B 623 -15.67 -46.14 -22.10
N GLU B 624 -16.59 -45.64 -21.28
CA GLU B 624 -17.90 -46.22 -21.13
C GLU B 624 -18.73 -45.99 -22.39
N TYR B 625 -18.71 -44.75 -22.87
CA TYR B 625 -19.36 -44.42 -24.13
C TYR B 625 -18.81 -45.30 -25.26
N VAL B 626 -17.51 -45.58 -25.20
CA VAL B 626 -16.87 -46.43 -26.19
C VAL B 626 -17.44 -47.85 -26.06
N LYS B 627 -17.53 -48.34 -24.83
CA LYS B 627 -18.14 -49.65 -24.59
C LYS B 627 -19.56 -49.76 -25.17
N ALA B 628 -20.34 -48.67 -25.03
CA ALA B 628 -21.74 -48.61 -25.48
C ALA B 628 -21.86 -48.68 -27.01
N ARG B 629 -21.09 -47.84 -27.71
CA ARG B 629 -21.06 -47.86 -29.17
C ARG B 629 -20.50 -49.18 -29.72
N GLN B 630 -19.43 -49.67 -29.13
CA GLN B 630 -18.90 -51.00 -29.45
C GLN B 630 -19.98 -52.08 -29.31
N LEU B 631 -20.86 -51.93 -28.33
CA LEU B 631 -21.97 -52.89 -28.14
C LEU B 631 -23.03 -52.74 -29.23
N ALA B 632 -23.31 -51.51 -29.62
CA ALA B 632 -24.30 -51.22 -30.65
C ALA B 632 -23.92 -51.83 -32.02
N LEU B 633 -22.68 -51.58 -32.47
CA LEU B 633 -22.18 -52.17 -33.71
C LEU B 633 -22.13 -53.68 -33.60
N ARG B 634 -21.66 -54.17 -32.46
CA ARG B 634 -21.64 -55.61 -32.19
C ARG B 634 -23.02 -56.24 -32.41
N ARG B 635 -24.04 -55.60 -31.84
CA ARG B 635 -25.42 -56.06 -31.97
C ARG B 635 -25.99 -55.94 -33.38
N GLY B 636 -25.70 -54.83 -34.05
CA GLY B 636 -26.32 -54.50 -35.32
C GLY B 636 -25.76 -55.28 -36.51
N TYR B 637 -24.44 -55.49 -36.50
CA TYR B 637 -23.78 -56.26 -37.54
C TYR B 637 -22.89 -57.34 -36.90
N PRO B 638 -23.51 -58.39 -36.32
CA PRO B 638 -22.75 -59.44 -35.61
C PRO B 638 -21.79 -60.23 -36.49
N ASP B 639 -22.23 -60.55 -37.71
CA ASP B 639 -21.39 -61.25 -38.68
C ASP B 639 -20.09 -60.50 -38.89
N GLN B 640 -20.22 -59.26 -39.37
CA GLN B 640 -19.06 -58.43 -39.73
C GLN B 640 -18.15 -58.16 -38.52
N PHE B 641 -18.76 -58.10 -37.34
CA PHE B 641 -18.07 -57.80 -36.09
C PHE B 641 -17.15 -58.93 -35.64
N ARG B 642 -17.69 -60.14 -35.53
CA ARG B 642 -16.89 -61.31 -35.23
C ARG B 642 -15.69 -61.36 -36.21
N GLU B 643 -15.96 -61.08 -37.49
CA GLU B 643 -14.93 -61.09 -38.55
C GLU B 643 -13.79 -60.11 -38.32
N LEU B 644 -14.00 -59.12 -37.46
CA LEU B 644 -12.94 -58.19 -37.08
C LEU B 644 -12.14 -58.66 -35.88
N VAL B 645 -12.83 -59.23 -34.90
CA VAL B 645 -12.19 -59.59 -33.63
C VAL B 645 -11.38 -60.88 -33.74
N GLY B 646 -12.00 -61.94 -34.24
CA GLY B 646 -11.33 -63.23 -34.35
C GLY B 646 -12.15 -64.38 -33.79
N GLU B 647 -13.07 -64.07 -32.87
CA GLU B 647 -14.04 -65.03 -32.36
C GLU B 647 -15.26 -64.28 -31.84
N GLU B 648 -16.30 -65.03 -31.47
CA GLU B 648 -17.55 -64.42 -31.02
C GLU B 648 -17.55 -64.11 -29.52
N LEU B 649 -17.54 -62.82 -29.21
CA LEU B 649 -17.60 -62.37 -27.82
C LEU B 649 -19.05 -62.16 -27.37
N ASN B 650 -19.23 -62.21 -26.04
CA ASN B 650 -20.55 -62.06 -25.42
C ASN B 650 -21.11 -60.65 -25.61
N ASP B 651 -22.41 -60.55 -25.90
CA ASP B 651 -23.06 -59.27 -26.20
C ASP B 651 -24.27 -58.97 -25.30
N SER B 652 -24.48 -59.80 -24.29
CA SER B 652 -25.58 -59.59 -23.36
C SER B 652 -25.31 -58.44 -22.39
N ASN B 653 -24.12 -57.85 -22.47
CA ASN B 653 -23.74 -56.64 -21.70
C ASN B 653 -22.79 -55.75 -22.47
N MET B 654 -22.58 -54.56 -21.93
CA MET B 654 -21.47 -53.70 -22.28
C MET B 654 -20.19 -54.27 -21.64
N ASP B 655 -20.32 -54.65 -20.37
CA ASP B 655 -19.22 -55.21 -19.58
C ASP B 655 -18.73 -56.56 -20.10
N ALA B 656 -19.68 -57.44 -20.42
CA ALA B 656 -19.37 -58.76 -20.92
C ALA B 656 -18.80 -58.73 -22.34
N LEU B 657 -18.72 -57.53 -22.93
CA LEU B 657 -18.07 -57.39 -24.23
C LEU B 657 -16.57 -57.05 -24.13
N ALA B 658 -16.19 -56.21 -23.17
CA ALA B 658 -14.78 -55.81 -23.02
C ALA B 658 -14.06 -56.51 -21.86
N SER C 21 33.03 -45.25 42.58
CA SER C 21 31.89 -45.90 41.87
C SER C 21 30.81 -44.88 41.40
N ARG C 22 30.67 -44.74 40.09
CA ARG C 22 29.84 -43.68 39.51
C ARG C 22 28.65 -44.21 38.72
N ASP C 23 27.69 -43.34 38.43
CA ASP C 23 26.43 -43.73 37.77
C ASP C 23 26.52 -43.64 36.23
N LEU C 24 26.45 -44.80 35.59
CA LEU C 24 26.58 -44.87 34.12
C LEU C 24 25.37 -44.34 33.35
N GLN C 25 24.17 -44.52 33.90
CA GLN C 25 22.97 -43.97 33.28
C GLN C 25 22.83 -42.47 33.47
N ASN C 26 22.85 -42.02 34.73
CA ASN C 26 22.82 -40.59 35.03
C ASN C 26 24.23 -40.01 34.89
N HIS C 27 24.60 -39.64 33.67
CA HIS C 27 25.96 -39.14 33.40
C HIS C 27 25.97 -37.74 32.85
N LEU C 28 27.10 -37.05 33.00
CA LEU C 28 27.27 -35.73 32.40
C LEU C 28 27.85 -35.86 31.01
N LEU C 29 27.57 -34.86 30.18
CA LEU C 29 28.25 -34.75 28.91
C LEU C 29 28.81 -33.34 28.72
N PHE C 30 30.10 -33.27 28.42
CA PHE C 30 30.73 -32.04 27.93
C PHE C 30 31.19 -32.26 26.49
N GLU C 31 30.93 -31.30 25.63
CA GLU C 31 31.26 -31.43 24.23
C GLU C 31 32.05 -30.20 23.85
N THR C 32 33.30 -30.42 23.45
CA THR C 32 34.26 -29.32 23.28
C THR C 32 34.65 -29.13 21.82
N ALA C 33 34.59 -27.87 21.37
CA ALA C 33 34.91 -27.50 20.01
C ALA C 33 35.30 -26.02 19.93
N THR C 34 36.08 -25.69 18.90
CA THR C 34 36.53 -24.34 18.64
C THR C 34 35.40 -23.45 18.09
N GLU C 35 34.46 -24.06 17.38
CA GLU C 35 33.45 -23.32 16.64
C GLU C 35 32.15 -23.12 17.43
N VAL C 36 32.20 -23.38 18.74
CA VAL C 36 31.05 -23.22 19.64
C VAL C 36 30.33 -21.87 19.48
N ALA C 37 31.02 -20.78 19.77
CA ALA C 37 30.36 -19.48 19.65
C ALA C 37 30.40 -18.96 18.22
N ASN C 38 31.37 -19.42 17.41
CA ASN C 38 31.62 -18.79 16.11
C ASN C 38 31.77 -19.74 14.94
N ARG C 39 31.07 -19.42 13.86
CA ARG C 39 31.13 -20.22 12.63
C ARG C 39 32.44 -20.03 11.90
N VAL C 40 33.02 -21.14 11.49
CA VAL C 40 34.13 -21.11 10.55
C VAL C 40 33.69 -21.92 9.33
N GLY C 41 33.19 -23.13 9.58
CA GLY C 41 32.66 -24.03 8.55
C GLY C 41 31.57 -24.95 9.08
N GLY C 42 31.53 -26.17 8.56
CA GLY C 42 30.45 -27.12 8.85
C GLY C 42 30.39 -27.70 10.24
N ILE C 43 31.51 -27.68 10.97
CA ILE C 43 31.55 -28.12 12.39
C ILE C 43 30.61 -27.27 13.25
N TYR C 44 30.51 -25.99 12.95
CA TYR C 44 29.55 -25.12 13.63
C TYR C 44 28.13 -25.62 13.40
N SER C 45 27.80 -25.91 12.14
CA SER C 45 26.51 -26.47 11.76
C SER C 45 26.19 -27.79 12.48
N VAL C 46 27.17 -28.68 12.60
CA VAL C 46 27.02 -29.93 13.35
C VAL C 46 26.55 -29.66 14.78
N LEU C 47 27.33 -28.91 15.54
CA LEU C 47 26.97 -28.57 16.92
C LEU C 47 25.63 -27.88 17.05
N LYS C 48 25.37 -26.91 16.17
CA LYS C 48 24.15 -26.12 16.23
C LYS C 48 22.91 -27.01 15.99
N SER C 49 22.91 -27.71 14.87
CA SER C 49 21.76 -28.51 14.46
C SER C 49 21.55 -29.71 15.39
N LYS C 50 22.63 -30.16 16.01
CA LYS C 50 22.57 -31.31 16.90
C LYS C 50 22.09 -30.93 18.32
N ALA C 51 21.99 -29.63 18.63
CA ALA C 51 21.70 -29.19 20.00
C ALA C 51 20.33 -29.64 20.52
N PRO C 52 19.25 -29.48 19.72
CA PRO C 52 17.90 -29.85 20.23
C PRO C 52 17.82 -31.28 20.77
N ILE C 53 18.39 -32.23 20.03
CA ILE C 53 18.29 -33.63 20.40
C ILE C 53 19.16 -34.02 21.60
N THR C 54 20.30 -33.35 21.74
CA THR C 54 21.18 -33.55 22.88
C THR C 54 20.52 -33.04 24.16
N VAL C 55 20.03 -31.80 24.09
CA VAL C 55 19.30 -31.18 25.20
C VAL C 55 18.07 -32.01 25.58
N ALA C 56 17.34 -32.49 24.59
CA ALA C 56 16.16 -33.32 24.87
C ALA C 56 16.55 -34.56 25.70
N GLN C 57 17.75 -35.09 25.46
CA GLN C 57 18.23 -36.30 26.13
C GLN C 57 18.90 -36.01 27.48
N TYR C 58 19.61 -34.89 27.56
CA TYR C 58 20.47 -34.60 28.70
C TYR C 58 19.98 -33.49 29.64
N LYS C 59 19.14 -32.59 29.12
CA LYS C 59 18.64 -31.45 29.89
C LYS C 59 19.80 -30.60 30.40
N ASP C 60 19.91 -30.47 31.72
CA ASP C 60 20.95 -29.67 32.36
C ASP C 60 22.25 -30.45 32.66
N HIS C 61 22.42 -31.63 32.08
CA HIS C 61 23.63 -32.44 32.29
C HIS C 61 24.60 -32.25 31.10
N TYR C 62 24.30 -31.26 30.25
CA TYR C 62 25.02 -31.04 29.01
C TYR C 62 25.49 -29.60 28.89
N HIS C 63 26.78 -29.43 28.64
CA HIS C 63 27.39 -28.12 28.40
C HIS C 63 28.32 -28.26 27.21
N LEU C 64 28.31 -27.30 26.30
CA LEU C 64 29.39 -27.22 25.32
C LEU C 64 30.46 -26.27 25.86
N ILE C 65 31.71 -26.56 25.51
CA ILE C 65 32.87 -25.79 25.95
C ILE C 65 33.66 -25.31 24.74
N GLY C 66 34.10 -24.06 24.76
CA GLY C 66 34.91 -23.50 23.68
C GLY C 66 35.71 -22.28 24.08
N PRO C 67 36.49 -21.71 23.12
CA PRO C 67 37.20 -20.47 23.38
C PRO C 67 36.28 -19.28 23.20
N LEU C 68 36.41 -18.28 24.07
CA LEU C 68 35.61 -17.06 23.99
C LEU C 68 36.14 -16.18 22.87
N ASN C 69 35.28 -15.88 21.89
CA ASN C 69 35.61 -14.87 20.89
C ASN C 69 35.08 -13.52 21.37
N LYS C 70 35.90 -12.82 22.16
CA LYS C 70 35.51 -11.58 22.81
C LYS C 70 34.77 -10.59 21.90
N ALA C 71 35.06 -10.67 20.60
CA ALA C 71 34.43 -9.82 19.61
C ALA C 71 32.99 -10.23 19.33
N THR C 72 32.80 -11.47 18.86
CA THR C 72 31.54 -11.91 18.27
C THR C 72 30.53 -12.60 19.20
N TYR C 73 30.98 -13.01 20.39
CA TYR C 73 30.15 -13.81 21.29
C TYR C 73 28.86 -13.12 21.76
N GLN C 74 28.85 -11.79 21.68
CA GLN C 74 27.80 -10.96 22.28
C GLN C 74 26.42 -11.14 21.64
N ASN C 75 26.39 -11.44 20.35
CA ASN C 75 25.12 -11.58 19.63
C ASN C 75 24.80 -13.01 19.16
N GLU C 76 25.22 -13.98 19.95
CA GLU C 76 24.83 -15.37 19.75
C GLU C 76 24.64 -16.05 21.10
N VAL C 77 25.23 -15.46 22.14
CA VAL C 77 25.21 -16.02 23.48
C VAL C 77 24.51 -15.08 24.45
N ASP C 78 23.62 -15.66 25.24
CA ASP C 78 23.01 -14.97 26.38
C ASP C 78 23.96 -15.18 27.55
N ILE C 79 24.57 -14.10 28.03
CA ILE C 79 25.42 -14.15 29.22
C ILE C 79 24.54 -14.35 30.44
N LEU C 80 24.80 -15.42 31.19
CA LEU C 80 24.02 -15.71 32.39
C LEU C 80 24.83 -15.45 33.66
N ASP C 81 24.13 -15.30 34.78
CA ASP C 81 24.78 -15.18 36.08
C ASP C 81 24.97 -16.55 36.73
N TRP C 82 26.09 -17.20 36.42
CA TRP C 82 26.43 -18.53 36.93
C TRP C 82 26.64 -18.59 38.44
N LYS C 83 26.78 -17.42 39.08
CA LYS C 83 27.03 -17.32 40.52
C LYS C 83 25.78 -17.54 41.40
N LYS C 84 24.61 -17.18 40.88
CA LYS C 84 23.30 -17.44 41.51
C LYS C 84 23.12 -18.90 41.94
N PRO C 85 22.49 -19.14 43.11
CA PRO C 85 22.10 -20.51 43.50
C PRO C 85 21.09 -21.15 42.53
N GLU C 86 20.18 -20.35 41.98
CA GLU C 86 19.10 -20.82 41.10
C GLU C 86 19.60 -21.20 39.70
N ALA C 87 20.85 -20.86 39.40
CA ALA C 87 21.44 -21.14 38.08
C ALA C 87 21.79 -22.61 37.87
N PHE C 88 22.09 -23.31 38.97
CA PHE C 88 22.40 -24.75 38.95
C PHE C 88 21.52 -25.48 39.98
N SER C 89 21.23 -26.75 39.72
CA SER C 89 20.49 -27.59 40.67
C SER C 89 21.48 -28.22 41.66
N ASP C 90 20.96 -28.95 42.66
CA ASP C 90 21.83 -29.59 43.64
C ASP C 90 22.68 -30.76 43.11
N GLU C 91 22.14 -31.57 42.19
CA GLU C 91 22.94 -32.63 41.61
C GLU C 91 23.87 -32.09 40.50
N MET C 92 23.66 -30.84 40.12
CA MET C 92 24.57 -30.17 39.20
C MET C 92 25.47 -29.16 39.91
N ARG C 93 25.44 -29.13 41.26
CA ARG C 93 26.33 -28.28 42.09
C ARG C 93 27.81 -28.37 41.68
N PRO C 94 28.33 -29.61 41.53
CA PRO C 94 29.76 -29.74 41.27
C PRO C 94 30.30 -28.86 40.13
N VAL C 95 29.51 -28.69 39.07
CA VAL C 95 29.95 -27.86 37.93
C VAL C 95 30.21 -26.42 38.36
N GLN C 96 29.26 -25.87 39.14
CA GLN C 96 29.38 -24.51 39.68
C GLN C 96 30.63 -24.41 40.52
N HIS C 97 30.76 -25.29 41.52
CA HIS C 97 31.92 -25.31 42.41
C HIS C 97 33.25 -25.30 41.63
N ALA C 98 33.32 -26.11 40.58
CA ALA C 98 34.48 -26.18 39.69
C ALA C 98 34.72 -24.88 38.93
N LEU C 99 33.64 -24.19 38.55
CA LEU C 99 33.75 -22.90 37.87
C LEU C 99 34.28 -21.81 38.81
N GLN C 100 33.94 -21.93 40.09
CA GLN C 100 34.40 -21.02 41.13
C GLN C 100 35.90 -21.18 41.42
N THR C 101 36.38 -22.41 41.32
CA THR C 101 37.80 -22.73 41.54
C THR C 101 38.69 -22.13 40.44
N MET C 102 38.22 -22.18 39.19
CA MET C 102 38.89 -21.53 38.05
C MET C 102 39.00 -20.02 38.27
N GLU C 103 37.87 -19.44 38.67
CA GLU C 103 37.76 -18.03 39.01
C GLU C 103 38.76 -17.63 40.10
N SER C 104 38.78 -18.40 41.20
CA SER C 104 39.67 -18.11 42.34
C SER C 104 41.16 -18.16 41.97
N ARG C 105 41.46 -18.82 40.86
CA ARG C 105 42.82 -18.98 40.37
C ARG C 105 43.10 -18.07 39.15
N GLY C 106 42.14 -17.20 38.84
CA GLY C 106 42.31 -16.16 37.82
C GLY C 106 41.74 -16.39 36.42
N VAL C 107 40.96 -17.46 36.25
CA VAL C 107 40.47 -17.82 34.92
C VAL C 107 39.10 -17.20 34.59
N HIS C 108 39.09 -16.27 33.63
CA HIS C 108 37.85 -15.66 33.18
C HIS C 108 37.14 -16.51 32.11
N PHE C 109 35.81 -16.58 32.21
CA PHE C 109 34.98 -17.36 31.28
C PHE C 109 33.58 -16.78 31.22
N VAL C 110 32.81 -17.17 30.20
CA VAL C 110 31.43 -16.72 30.08
C VAL C 110 30.49 -17.91 30.10
N TYR C 111 29.63 -17.97 31.10
CA TYR C 111 28.60 -19.00 31.17
C TYR C 111 27.27 -18.45 30.67
N GLY C 112 26.77 -18.99 29.57
CA GLY C 112 25.49 -18.53 29.03
C GLY C 112 24.70 -19.56 28.26
N ARG C 113 23.57 -19.11 27.72
CA ARG C 113 22.72 -19.93 26.87
C ARG C 113 22.94 -19.51 25.42
N TRP C 114 23.31 -20.46 24.58
CA TRP C 114 23.52 -20.23 23.15
C TRP C 114 22.16 -20.00 22.48
N LEU C 115 22.02 -18.89 21.76
CA LEU C 115 20.72 -18.45 21.24
C LEU C 115 20.31 -19.15 19.95
N ILE C 116 20.24 -20.48 20.02
CA ILE C 116 19.84 -21.34 18.92
C ILE C 116 18.70 -22.24 19.42
N GLU C 117 17.98 -22.91 18.51
CA GLU C 117 16.97 -23.88 18.94
C GLU C 117 17.64 -24.97 19.77
N GLY C 118 17.02 -25.31 20.90
CA GLY C 118 17.59 -26.20 21.89
C GLY C 118 18.10 -25.42 23.09
N ALA C 119 18.73 -24.29 22.83
CA ALA C 119 19.25 -23.41 23.88
C ALA C 119 20.23 -24.12 24.84
N PRO C 120 21.27 -24.78 24.29
CA PRO C 120 22.21 -25.49 25.15
C PRO C 120 23.05 -24.55 26.01
N LYS C 121 23.38 -24.98 27.22
CA LYS C 121 24.26 -24.21 28.12
C LYS C 121 25.68 -24.17 27.54
N VAL C 122 26.40 -23.08 27.80
CA VAL C 122 27.73 -22.89 27.20
C VAL C 122 28.76 -22.38 28.21
N ILE C 123 29.98 -22.94 28.17
CA ILE C 123 31.14 -22.40 28.92
C ILE C 123 32.29 -21.94 28.00
N LEU C 124 32.35 -20.63 27.76
CA LEU C 124 33.36 -20.04 26.87
C LEU C 124 34.54 -19.41 27.61
N PHE C 125 35.74 -19.93 27.34
CA PHE C 125 36.93 -19.49 28.07
C PHE C 125 37.67 -18.33 27.42
N ASP C 126 38.00 -17.33 28.22
CA ASP C 126 38.82 -16.21 27.75
C ASP C 126 40.28 -16.60 27.76
N LEU C 127 40.79 -16.97 26.58
CA LEU C 127 42.17 -17.43 26.41
C LEU C 127 43.22 -16.40 26.83
N ASP C 128 42.85 -15.13 26.78
CA ASP C 128 43.70 -14.06 27.31
C ASP C 128 43.99 -14.31 28.79
N SER C 129 42.94 -14.57 29.56
CA SER C 129 43.02 -14.70 31.02
C SER C 129 43.86 -15.89 31.52
N VAL C 130 44.55 -16.56 30.61
CA VAL C 130 45.36 -17.72 30.96
C VAL C 130 46.70 -17.74 30.19
N ARG C 131 46.84 -16.78 29.27
CA ARG C 131 48.00 -16.65 28.38
C ARG C 131 49.36 -16.61 29.11
N GLY C 132 49.35 -16.21 30.38
CA GLY C 132 50.56 -16.21 31.22
C GLY C 132 51.28 -17.55 31.28
N TYR C 133 50.52 -18.65 31.32
CA TYR C 133 51.10 -19.99 31.46
C TYR C 133 51.56 -20.60 30.14
N SER C 134 51.33 -19.90 29.03
CA SER C 134 51.67 -20.40 27.70
C SER C 134 53.05 -21.07 27.66
N ASN C 135 54.10 -20.31 27.98
CA ASN C 135 55.48 -20.80 28.05
C ASN C 135 55.61 -22.08 28.86
N GLU C 136 55.16 -22.02 30.10
CA GLU C 136 55.22 -23.14 31.02
C GLU C 136 54.49 -24.39 30.50
N TRP C 137 53.33 -24.17 29.86
CA TRP C 137 52.50 -25.25 29.35
C TRP C 137 53.06 -25.85 28.06
N LYS C 138 53.52 -25.00 27.15
CA LYS C 138 54.15 -25.44 25.90
C LYS C 138 55.28 -26.45 26.15
N GLY C 139 56.16 -26.12 27.11
CA GLY C 139 57.22 -27.03 27.54
C GLY C 139 56.73 -28.36 28.09
N ASP C 140 55.68 -28.31 28.91
CA ASP C 140 55.09 -29.52 29.50
C ASP C 140 54.59 -30.51 28.44
N LEU C 141 53.91 -29.99 27.42
CA LEU C 141 53.40 -30.81 26.33
C LEU C 141 54.53 -31.47 25.55
N TRP C 142 55.64 -30.75 25.38
CA TRP C 142 56.81 -31.29 24.70
C TRP C 142 57.39 -32.48 25.44
N SER C 143 57.45 -32.41 26.78
CA SER C 143 57.98 -33.52 27.56
C SER C 143 56.91 -34.54 27.97
N LEU C 144 55.64 -34.17 27.89
CA LEU C 144 54.56 -35.12 28.16
C LEU C 144 54.14 -35.88 26.92
N VAL C 145 54.35 -35.29 25.75
CA VAL C 145 53.90 -35.92 24.51
C VAL C 145 54.96 -35.85 23.41
N GLY C 146 55.70 -34.75 23.37
CA GLY C 146 56.75 -34.59 22.36
C GLY C 146 56.35 -33.70 21.21
N ILE C 147 55.36 -32.83 21.46
CA ILE C 147 54.81 -31.91 20.44
C ILE C 147 55.54 -30.56 20.41
N PRO C 148 56.22 -30.25 19.27
CA PRO C 148 56.86 -28.95 19.11
C PRO C 148 55.82 -27.83 19.04
N SER C 149 56.24 -26.61 19.38
CA SER C 149 55.31 -25.49 19.45
C SER C 149 55.85 -24.21 18.81
N PRO C 150 55.96 -24.19 17.45
CA PRO C 150 56.36 -22.96 16.77
C PRO C 150 55.57 -21.74 17.24
N GLU C 151 56.27 -20.65 17.55
CA GLU C 151 55.66 -19.48 18.18
C GLU C 151 54.71 -18.74 17.25
N ASN C 152 55.20 -18.42 16.06
CA ASN C 152 54.44 -17.72 15.01
C ASN C 152 53.09 -18.33 14.64
N ASP C 153 52.87 -19.59 15.04
CA ASP C 153 51.61 -20.27 14.78
C ASP C 153 50.56 -19.92 15.84
N PHE C 154 49.67 -19.01 15.48
CA PHE C 154 48.64 -18.45 16.37
C PHE C 154 47.66 -19.52 16.85
N GLU C 155 47.26 -20.40 15.93
CA GLU C 155 46.29 -21.47 16.21
C GLU C 155 46.79 -22.52 17.20
N THR C 156 47.98 -23.06 16.95
CA THR C 156 48.55 -24.11 17.81
C THR C 156 48.86 -23.60 19.20
N ASN C 157 48.93 -22.28 19.34
CA ASN C 157 49.00 -21.64 20.63
C ASN C 157 47.63 -21.65 21.31
N ASP C 158 46.60 -21.29 20.53
CA ASP C 158 45.21 -21.28 21.03
C ASP C 158 44.75 -22.67 21.46
N ALA C 159 45.11 -23.66 20.65
CA ALA C 159 44.75 -25.05 20.89
C ALA C 159 45.37 -25.56 22.18
N ILE C 160 46.65 -25.25 22.38
CA ILE C 160 47.37 -25.62 23.59
C ILE C 160 46.78 -24.89 24.80
N LEU C 161 46.49 -23.60 24.63
CA LEU C 161 45.87 -22.83 25.69
C LEU C 161 44.51 -23.38 26.07
N LEU C 162 43.64 -23.58 25.08
CA LEU C 162 42.30 -24.12 25.32
C LEU C 162 42.35 -25.53 25.90
N GLY C 163 43.35 -26.30 25.51
CA GLY C 163 43.49 -27.70 25.93
C GLY C 163 43.77 -27.84 27.40
N TYR C 164 44.78 -27.12 27.88
CA TYR C 164 45.13 -27.15 29.30
C TYR C 164 44.02 -26.57 30.17
N THR C 165 43.25 -25.64 29.62
CA THR C 165 42.16 -25.00 30.35
C THR C 165 40.98 -25.93 30.56
N VAL C 166 40.63 -26.69 29.51
CA VAL C 166 39.53 -27.65 29.56
C VAL C 166 39.91 -28.87 30.41
N ALA C 167 41.17 -29.32 30.30
CA ALA C 167 41.71 -30.41 31.13
C ALA C 167 41.75 -30.03 32.62
N TRP C 168 42.24 -28.81 32.91
CA TRP C 168 42.20 -28.23 34.26
C TRP C 168 40.77 -28.36 34.81
N PHE C 169 39.80 -27.90 34.02
CA PHE C 169 38.40 -27.80 34.42
C PHE C 169 37.69 -29.13 34.55
N LEU C 170 38.02 -30.07 33.68
CA LEU C 170 37.44 -31.42 33.76
C LEU C 170 38.04 -32.15 34.94
N GLY C 171 39.34 -31.97 35.14
CA GLY C 171 40.03 -32.45 36.35
C GLY C 171 39.28 -31.98 37.59
N GLU C 172 38.90 -30.71 37.58
CA GLU C 172 38.17 -30.09 38.68
C GLU C 172 36.75 -30.61 38.86
N VAL C 173 36.05 -30.90 37.77
CA VAL C 173 34.69 -31.45 37.90
C VAL C 173 34.74 -32.90 38.36
N ALA C 174 35.71 -33.65 37.86
CA ALA C 174 35.86 -35.06 38.23
C ALA C 174 36.20 -35.17 39.72
N HIS C 175 37.05 -34.25 40.18
CA HIS C 175 37.34 -34.06 41.59
C HIS C 175 36.04 -33.85 42.40
N LEU C 176 35.34 -32.75 42.11
CA LEU C 176 34.21 -32.28 42.93
C LEU C 176 32.91 -33.07 42.79
N ASP C 177 32.77 -33.79 41.68
CA ASP C 177 31.59 -34.64 41.44
C ASP C 177 31.95 -36.10 41.67
N SER C 178 31.15 -36.77 42.50
CA SER C 178 31.37 -38.18 42.80
C SER C 178 30.12 -39.01 42.50
N GLN C 179 29.08 -38.36 41.97
CA GLN C 179 27.85 -39.05 41.61
C GLN C 179 27.85 -39.54 40.14
N HIS C 180 28.10 -38.64 39.21
CA HIS C 180 27.94 -38.92 37.79
C HIS C 180 29.22 -39.41 37.10
N ALA C 181 29.07 -40.34 36.17
CA ALA C 181 30.11 -40.63 35.18
C ALA C 181 30.15 -39.42 34.25
N ILE C 182 31.33 -39.08 33.74
CA ILE C 182 31.45 -37.91 32.88
C ILE C 182 31.96 -38.30 31.49
N VAL C 183 31.22 -37.91 30.46
CA VAL C 183 31.70 -38.10 29.11
C VAL C 183 32.20 -36.77 28.56
N ALA C 184 33.45 -36.75 28.09
CA ALA C 184 34.01 -35.57 27.44
C ALA C 184 34.27 -35.88 25.97
N HIS C 185 33.49 -35.25 25.11
CA HIS C 185 33.57 -35.44 23.66
C HIS C 185 34.27 -34.24 23.04
N PHE C 186 35.31 -34.47 22.23
CA PHE C 186 36.06 -33.34 21.61
C PHE C 186 36.01 -33.38 20.09
N HIS C 187 35.94 -32.21 19.46
CA HIS C 187 35.84 -32.07 18.01
C HIS C 187 37.01 -31.29 17.38
N GLN C 188 37.70 -31.92 16.42
CA GLN C 188 38.89 -31.37 15.73
C GLN C 188 40.15 -31.24 16.60
N TRP C 189 41.32 -31.38 15.94
CA TRP C 189 42.63 -31.24 16.59
C TRP C 189 42.73 -29.95 17.42
N LEU C 190 42.16 -28.85 16.92
CA LEU C 190 42.19 -27.57 17.64
C LEU C 190 41.63 -27.69 19.06
N ALA C 191 40.65 -28.57 19.23
CA ALA C 191 40.04 -28.83 20.55
C ALA C 191 40.52 -30.15 21.12
N GLY C 192 41.67 -30.63 20.65
CA GLY C 192 42.16 -31.96 21.02
C GLY C 192 43.32 -32.05 22.01
N VAL C 193 43.91 -30.92 22.38
CA VAL C 193 45.09 -30.91 23.24
C VAL C 193 44.77 -31.44 24.66
N ALA C 194 43.53 -31.28 25.09
CA ALA C 194 43.08 -31.80 26.38
C ALA C 194 43.14 -33.34 26.44
N LEU C 195 42.87 -34.01 25.32
CA LEU C 195 42.82 -35.48 25.26
C LEU C 195 44.06 -36.20 25.82
N PRO C 196 45.26 -35.80 25.40
CA PRO C 196 46.39 -36.54 25.97
C PRO C 196 46.67 -36.20 27.44
N LEU C 197 46.21 -35.04 27.89
CA LEU C 197 46.33 -34.65 29.30
C LEU C 197 45.39 -35.49 30.18
N CYS C 198 44.16 -35.71 29.72
CA CYS C 198 43.21 -36.57 30.43
C CYS C 198 43.74 -37.99 30.65
N ARG C 199 44.33 -38.56 29.60
CA ARG C 199 44.91 -39.89 29.68
C ARG C 199 46.11 -39.90 30.62
N LYS C 200 47.02 -38.96 30.43
CA LYS C 200 48.27 -38.97 31.19
C LYS C 200 48.09 -38.61 32.67
N ARG C 201 47.22 -37.65 32.98
CA ARG C 201 46.91 -37.29 34.38
C ARG C 201 45.94 -38.28 35.01
N ARG C 202 45.49 -39.24 34.21
CA ARG C 202 44.55 -40.27 34.64
C ARG C 202 43.23 -39.72 35.24
N ILE C 203 42.76 -38.61 34.68
CA ILE C 203 41.50 -37.97 35.07
C ILE C 203 40.32 -38.94 34.89
N ASP C 204 39.42 -38.97 35.89
CA ASP C 204 38.27 -39.89 35.88
C ASP C 204 37.13 -39.42 34.98
N VAL C 205 37.39 -39.42 33.68
CA VAL C 205 36.37 -39.19 32.66
C VAL C 205 36.60 -40.18 31.51
N VAL C 206 35.57 -40.38 30.70
CA VAL C 206 35.74 -41.15 29.47
C VAL C 206 35.64 -40.20 28.31
N THR C 207 36.55 -40.40 27.34
CA THR C 207 36.69 -39.45 26.24
C THR C 207 36.34 -40.02 24.87
N ILE C 208 35.72 -39.17 24.05
CA ILE C 208 35.55 -39.42 22.64
C ILE C 208 36.33 -38.34 21.88
N PHE C 209 36.96 -38.73 20.77
CA PHE C 209 37.46 -37.77 19.82
C PHE C 209 36.74 -38.01 18.49
N THR C 210 36.19 -36.93 17.94
CA THR C 210 35.71 -36.93 16.56
C THR C 210 36.64 -36.03 15.74
N THR C 211 37.14 -36.56 14.62
CA THR C 211 37.82 -35.74 13.63
C THR C 211 36.93 -35.57 12.41
N HIS C 212 36.79 -34.33 11.97
CA HIS C 212 35.92 -33.97 10.87
C HIS C 212 36.68 -33.85 9.56
N ALA C 213 37.93 -34.28 9.59
CA ALA C 213 38.84 -34.24 8.43
C ALA C 213 40.17 -34.83 8.89
N THR C 214 41.21 -34.63 8.09
CA THR C 214 42.58 -34.79 8.55
C THR C 214 43.40 -33.68 7.90
N LEU C 215 44.40 -33.18 8.63
CA LEU C 215 45.34 -32.20 8.11
C LEU C 215 46.03 -32.72 6.87
N LEU C 216 46.53 -33.95 6.93
CA LEU C 216 47.19 -34.53 5.75
C LEU C 216 46.26 -34.66 4.55
N GLY C 217 45.08 -35.25 4.78
CA GLY C 217 44.08 -35.42 3.75
C GLY C 217 43.80 -34.15 2.98
N ARG C 218 43.44 -33.08 3.69
CA ARG C 218 43.13 -31.80 3.07
C ARG C 218 44.30 -31.19 2.28
N TYR C 219 45.53 -31.34 2.78
CA TYR C 219 46.71 -30.82 2.12
C TYR C 219 47.13 -31.63 0.90
N LEU C 220 46.99 -32.95 1.00
CA LEU C 220 47.37 -33.84 -0.08
C LEU C 220 46.50 -33.64 -1.30
N CYS C 221 45.21 -33.40 -1.06
CA CYS C 221 44.27 -33.15 -2.11
C CYS C 221 44.43 -31.77 -2.72
N ALA C 222 44.63 -30.76 -1.88
CA ALA C 222 44.75 -29.36 -2.31
C ALA C 222 45.77 -29.19 -3.44
N SER C 223 46.90 -29.89 -3.32
CA SER C 223 47.96 -29.83 -4.33
C SER C 223 47.59 -30.48 -5.67
N GLY C 224 46.69 -31.47 -5.64
CA GLY C 224 46.34 -32.24 -6.83
C GLY C 224 47.53 -33.03 -7.35
N SER C 225 48.44 -33.37 -6.44
CA SER C 225 49.72 -34.00 -6.82
C SER C 225 49.62 -35.52 -7.02
N PHE C 226 48.43 -36.08 -6.75
CA PHE C 226 48.20 -37.53 -6.95
C PHE C 226 46.74 -37.98 -6.73
N ASP C 227 46.45 -39.21 -7.18
CA ASP C 227 45.16 -39.85 -7.01
C ASP C 227 45.01 -40.26 -5.55
N PHE C 228 44.53 -39.32 -4.74
CA PHE C 228 44.43 -39.50 -3.31
C PHE C 228 43.61 -40.72 -2.90
N TYR C 229 42.55 -41.03 -3.64
CA TYR C 229 41.58 -42.03 -3.17
C TYR C 229 41.92 -43.47 -3.50
N ASN C 230 42.58 -43.69 -4.62
CA ASN C 230 43.02 -45.04 -5.01
C ASN C 230 44.43 -45.40 -4.56
N CYS C 231 45.15 -44.45 -3.95
CA CYS C 231 46.60 -44.57 -3.76
C CYS C 231 47.13 -44.01 -2.44
N LEU C 232 46.27 -43.90 -1.42
CA LEU C 232 46.73 -43.27 -0.18
C LEU C 232 47.54 -44.19 0.75
N GLU C 233 47.37 -45.50 0.57
CA GLU C 233 48.06 -46.52 1.38
C GLU C 233 49.57 -46.40 1.30
N SER C 234 50.05 -45.78 0.22
CA SER C 234 51.49 -45.74 -0.06
C SER C 234 52.23 -44.44 0.37
N VAL C 235 51.52 -43.47 0.96
CA VAL C 235 52.18 -42.26 1.44
C VAL C 235 52.88 -42.55 2.78
N ASP C 236 54.11 -42.05 2.94
CA ASP C 236 54.77 -42.04 4.24
C ASP C 236 54.29 -40.78 4.97
N VAL C 237 53.60 -40.99 6.10
CA VAL C 237 53.01 -39.90 6.86
C VAL C 237 54.07 -38.92 7.39
N ASP C 238 55.10 -39.46 8.03
CA ASP C 238 56.04 -38.63 8.76
C ASP C 238 56.72 -37.57 7.90
N HIS C 239 57.14 -37.96 6.69
CA HIS C 239 57.77 -36.97 5.83
C HIS C 239 56.86 -36.17 4.87
N GLU C 240 55.63 -36.64 4.66
CA GLU C 240 54.63 -35.80 4.00
C GLU C 240 54.20 -34.65 4.91
N ALA C 241 53.91 -34.97 6.19
CA ALA C 241 53.64 -33.96 7.24
C ALA C 241 54.75 -32.90 7.37
N GLY C 242 56.01 -33.32 7.23
CA GLY C 242 57.14 -32.41 7.24
C GLY C 242 57.19 -31.52 6.01
N ARG C 243 56.91 -32.13 4.86
CA ARG C 243 56.83 -31.43 3.58
C ARG C 243 55.87 -30.23 3.60
N PHE C 244 54.71 -30.41 4.22
CA PHE C 244 53.71 -29.35 4.26
C PHE C 244 53.96 -28.34 5.37
N GLY C 245 55.02 -28.56 6.17
CA GLY C 245 55.35 -27.70 7.31
C GLY C 245 54.23 -27.68 8.31
N ILE C 246 53.70 -28.87 8.59
CA ILE C 246 52.44 -29.05 9.27
C ILE C 246 52.64 -30.01 10.46
N TYR C 247 53.91 -30.41 10.65
CA TYR C 247 54.26 -31.49 11.58
C TYR C 247 53.72 -31.33 13.00
N HIS C 248 53.91 -30.16 13.59
CA HIS C 248 53.42 -29.88 14.94
C HIS C 248 51.89 -30.01 15.04
N ARG C 249 51.18 -29.56 14.00
CA ARG C 249 49.74 -29.72 13.93
C ARG C 249 49.36 -31.20 13.85
N TYR C 250 50.05 -31.96 12.99
CA TYR C 250 49.80 -33.39 12.79
C TYR C 250 49.97 -34.19 14.08
N CYS C 251 50.99 -33.85 14.86
CA CYS C 251 51.23 -34.46 16.16
C CYS C 251 50.06 -34.27 17.14
N ILE C 252 49.42 -33.09 17.10
CA ILE C 252 48.27 -32.81 17.96
C ILE C 252 47.05 -33.66 17.59
N GLU C 253 46.78 -33.77 16.28
CA GLU C 253 45.64 -34.51 15.76
C GLU C 253 45.89 -36.00 15.98
N ARG C 254 47.12 -36.45 15.76
CA ARG C 254 47.47 -37.85 15.94
C ARG C 254 47.33 -38.26 17.40
N ALA C 255 47.85 -37.41 18.30
CA ALA C 255 47.78 -37.66 19.74
C ALA C 255 46.35 -37.61 20.25
N ALA C 256 45.53 -36.74 19.66
CA ALA C 256 44.12 -36.68 20.02
C ALA C 256 43.45 -38.01 19.69
N ALA C 257 43.53 -38.43 18.42
CA ALA C 257 43.03 -39.72 17.95
C ALA C 257 43.54 -40.88 18.80
N HIS C 258 44.82 -40.84 19.16
CA HIS C 258 45.44 -41.94 19.93
C HIS C 258 45.15 -41.94 21.42
N SER C 259 44.86 -40.78 22.00
CA SER C 259 44.61 -40.68 23.44
C SER C 259 43.19 -41.03 23.89
N ALA C 260 42.21 -40.81 23.02
CA ALA C 260 40.80 -41.00 23.35
C ALA C 260 40.39 -42.45 23.57
N ASP C 261 39.40 -42.66 24.44
CA ASP C 261 38.81 -43.98 24.62
C ASP C 261 38.13 -44.41 23.33
N VAL C 262 37.40 -43.49 22.71
CA VAL C 262 36.65 -43.74 21.50
C VAL C 262 37.09 -42.75 20.44
N PHE C 263 37.43 -43.27 19.25
CA PHE C 263 37.83 -42.46 18.09
C PHE C 263 36.87 -42.58 16.89
N THR C 264 36.42 -41.44 16.37
CA THR C 264 35.41 -41.41 15.32
C THR C 264 35.72 -40.40 14.22
N THR C 265 35.12 -40.63 13.05
CA THR C 265 35.08 -39.64 11.99
C THR C 265 33.61 -39.47 11.60
N VAL C 266 33.35 -38.59 10.65
CA VAL C 266 32.00 -38.30 10.17
C VAL C 266 31.54 -39.14 8.99
N SER C 267 32.46 -39.77 8.26
CA SER C 267 32.10 -40.63 7.12
C SER C 267 33.02 -41.84 7.00
N GLN C 268 32.53 -42.87 6.31
CA GLN C 268 33.36 -44.02 5.95
C GLN C 268 34.59 -43.58 5.15
N ILE C 269 34.39 -42.61 4.27
CA ILE C 269 35.48 -42.12 3.41
C ILE C 269 36.63 -41.62 4.28
N THR C 270 36.30 -40.71 5.20
CA THR C 270 37.27 -40.14 6.13
C THR C 270 37.87 -41.20 7.04
N ALA C 271 37.03 -42.14 7.50
CA ALA C 271 37.46 -43.26 8.36
C ALA C 271 38.63 -44.08 7.77
N PHE C 272 38.51 -44.44 6.48
CA PHE C 272 39.57 -45.11 5.74
C PHE C 272 40.81 -44.23 5.74
N GLU C 273 40.61 -42.92 5.56
CA GLU C 273 41.70 -41.97 5.46
C GLU C 273 42.44 -41.78 6.79
N ALA C 274 41.68 -41.71 7.88
CA ALA C 274 42.23 -41.57 9.23
C ALA C 274 42.97 -42.81 9.72
N GLU C 275 42.51 -43.99 9.31
CA GLU C 275 43.23 -45.22 9.64
C GLU C 275 44.67 -45.15 9.12
N HIS C 276 44.83 -44.69 7.88
CA HIS C 276 46.14 -44.68 7.25
C HIS C 276 46.97 -43.45 7.53
N LEU C 277 46.32 -42.32 7.78
CA LEU C 277 47.03 -41.07 7.98
C LEU C 277 47.28 -40.72 9.45
N LEU C 278 46.41 -41.22 10.34
CA LEU C 278 46.51 -40.94 11.78
C LEU C 278 46.85 -42.18 12.60
N LYS C 279 46.87 -43.32 11.91
CA LYS C 279 47.36 -44.62 12.41
C LYS C 279 46.44 -45.35 13.41
N ARG C 280 45.17 -44.95 13.48
CA ARG C 280 44.22 -45.66 14.31
C ARG C 280 42.93 -45.88 13.53
N LYS C 281 42.41 -47.11 13.52
CA LYS C 281 41.13 -47.36 12.87
C LYS C 281 40.07 -46.76 13.78
N PRO C 282 39.19 -45.89 13.22
CA PRO C 282 38.06 -45.34 13.97
C PRO C 282 37.18 -46.44 14.54
N ASP C 283 36.54 -46.15 15.66
CA ASP C 283 35.67 -47.11 16.33
C ASP C 283 34.26 -47.12 15.72
N GLY C 284 33.97 -46.11 14.92
CA GLY C 284 32.69 -45.97 14.29
C GLY C 284 32.62 -44.62 13.62
N ILE C 285 31.53 -44.41 12.87
CA ILE C 285 31.35 -43.15 12.15
C ILE C 285 30.15 -42.44 12.73
N LEU C 286 30.19 -41.12 12.73
CA LEU C 286 29.09 -40.33 13.24
C LEU C 286 28.56 -39.43 12.12
N PRO C 287 27.69 -39.97 11.25
CA PRO C 287 27.27 -39.16 10.11
C PRO C 287 26.55 -37.90 10.61
N ASN C 288 26.74 -36.78 9.91
CA ASN C 288 26.08 -35.52 10.24
C ASN C 288 24.60 -35.53 9.91
N GLY C 289 23.80 -34.99 10.81
CA GLY C 289 22.38 -34.84 10.58
C GLY C 289 22.02 -33.37 10.55
N LEU C 290 20.75 -33.09 10.29
CA LEU C 290 20.24 -31.74 10.23
C LEU C 290 19.02 -31.56 11.14
N ASN C 291 18.75 -30.32 11.53
CA ASN C 291 17.53 -30.06 12.27
C ASN C 291 16.36 -29.87 11.33
N VAL C 292 15.73 -30.97 10.93
CA VAL C 292 14.64 -30.94 9.97
C VAL C 292 13.38 -30.30 10.58
N ILE C 293 13.09 -29.09 10.11
CA ILE C 293 11.94 -28.30 10.55
C ILE C 293 10.69 -28.65 9.72
N LYS C 294 9.90 -29.61 10.21
CA LYS C 294 8.78 -30.15 9.44
C LYS C 294 7.57 -29.20 9.45
N PHE C 295 7.14 -28.74 8.26
CA PHE C 295 5.97 -27.87 8.18
C PHE C 295 4.68 -28.66 8.40
N GLN C 296 3.59 -27.97 8.68
CA GLN C 296 2.30 -28.64 8.83
C GLN C 296 1.74 -29.13 7.50
N ALA C 297 1.98 -28.34 6.45
CA ALA C 297 1.67 -28.73 5.07
C ALA C 297 2.96 -29.17 4.40
N PHE C 298 2.96 -30.38 3.85
CA PHE C 298 4.12 -30.89 3.14
C PHE C 298 4.54 -29.96 1.99
N HIS C 299 3.59 -29.28 1.39
CA HIS C 299 3.87 -28.47 0.22
C HIS C 299 4.36 -27.05 0.50
N GLU C 300 4.37 -26.63 1.76
CA GLU C 300 4.78 -25.28 2.09
C GLU C 300 6.18 -24.92 1.55
N PHE C 301 7.14 -25.84 1.68
CA PHE C 301 8.49 -25.62 1.13
C PHE C 301 8.46 -25.15 -0.35
N GLN C 302 7.44 -25.59 -1.06
CA GLN C 302 7.30 -25.28 -2.45
C GLN C 302 6.91 -23.82 -2.65
N ASN C 303 5.98 -23.32 -1.82
CA ASN C 303 5.66 -21.88 -1.75
C ASN C 303 6.84 -21.03 -1.31
N LEU C 304 7.66 -21.53 -0.37
CA LEU C 304 8.85 -20.78 0.03
C LEU C 304 9.85 -20.62 -1.10
N HIS C 305 9.99 -21.66 -1.92
CA HIS C 305 10.84 -21.59 -3.11
C HIS C 305 10.45 -20.40 -3.97
N ALA C 306 9.17 -20.25 -4.22
CA ALA C 306 8.66 -19.22 -5.12
C ALA C 306 8.87 -17.80 -4.58
N LEU C 307 8.63 -17.63 -3.28
CA LEU C 307 8.80 -16.34 -2.61
C LEU C 307 10.25 -15.94 -2.53
N LYS C 308 11.10 -16.92 -2.22
CA LYS C 308 12.52 -16.68 -2.12
C LYS C 308 13.15 -16.49 -3.50
N LYS C 309 12.55 -17.08 -4.55
CA LYS C 309 13.05 -16.90 -5.90
C LYS C 309 12.82 -15.49 -6.41
N GLU C 310 11.69 -14.88 -6.07
CA GLU C 310 11.46 -13.48 -6.43
C GLU C 310 12.53 -12.55 -5.87
N LYS C 311 13.08 -12.89 -4.70
CA LYS C 311 14.13 -12.07 -4.13
C LYS C 311 15.39 -12.18 -4.95
N ILE C 312 15.68 -13.39 -5.43
CA ILE C 312 16.80 -13.57 -6.36
C ILE C 312 16.52 -12.85 -7.69
N ASN C 313 15.28 -12.87 -8.15
CA ASN C 313 14.89 -12.07 -9.31
C ASN C 313 15.16 -10.56 -9.19
N ASP C 314 14.84 -9.93 -8.04
CA ASP C 314 15.12 -8.49 -7.87
C ASP C 314 16.62 -8.22 -7.98
N PHE C 315 17.41 -9.11 -7.40
CA PHE C 315 18.82 -8.95 -7.52
C PHE C 315 19.25 -9.02 -8.99
N VAL C 316 18.90 -10.11 -9.67
CA VAL C 316 19.32 -10.34 -11.05
C VAL C 316 18.95 -9.17 -11.95
N ARG C 317 17.72 -8.65 -11.79
CA ARG C 317 17.28 -7.51 -12.58
C ARG C 317 18.22 -6.29 -12.43
N GLY C 318 18.58 -5.94 -11.20
CA GLY C 318 19.51 -4.86 -10.95
C GLY C 318 20.88 -5.14 -11.50
N HIS C 319 21.38 -6.34 -11.27
CA HIS C 319 22.69 -6.71 -11.76
C HIS C 319 22.80 -6.58 -13.29
N PHE C 320 21.73 -6.98 -13.99
CA PHE C 320 21.67 -7.00 -15.45
C PHE C 320 20.99 -5.79 -16.11
N HIS C 321 20.72 -4.73 -15.36
CA HIS C 321 20.10 -3.51 -15.91
C HIS C 321 20.79 -3.10 -17.21
N GLY C 322 20.03 -2.59 -18.16
CA GLY C 322 20.59 -2.19 -19.44
C GLY C 322 21.16 -3.32 -20.31
N CYS C 323 20.99 -4.57 -19.87
CA CYS C 323 21.45 -5.77 -20.59
C CYS C 323 20.52 -6.92 -20.31
N PHE C 324 19.28 -6.58 -19.99
CA PHE C 324 18.31 -7.56 -19.56
C PHE C 324 17.48 -8.02 -20.74
N ASP C 325 17.86 -9.17 -21.28
CA ASP C 325 17.30 -9.68 -22.53
C ASP C 325 16.88 -11.14 -22.44
N PHE C 326 16.69 -11.65 -21.22
CA PHE C 326 16.15 -12.99 -21.03
C PHE C 326 14.88 -12.98 -20.17
N ASP C 327 14.13 -14.06 -20.23
CA ASP C 327 12.92 -14.23 -19.43
C ASP C 327 13.27 -15.00 -18.16
N LEU C 328 13.02 -14.38 -17.00
CA LEU C 328 13.32 -15.02 -15.73
C LEU C 328 12.37 -16.18 -15.48
N ASP C 329 11.27 -16.21 -16.23
CA ASP C 329 10.35 -17.31 -16.10
C ASP C 329 10.89 -18.58 -16.74
N ASN C 330 12.02 -18.42 -17.41
CA ASN C 330 12.63 -19.43 -18.21
C ASN C 330 14.10 -19.47 -17.89
N THR C 331 14.46 -18.94 -16.73
CA THR C 331 15.84 -18.88 -16.28
C THR C 331 15.99 -19.76 -15.06
N LEU C 332 17.13 -20.41 -14.93
CA LEU C 332 17.41 -21.28 -13.80
C LEU C 332 18.63 -20.81 -13.02
N TYR C 333 18.55 -20.92 -11.70
CA TYR C 333 19.66 -20.54 -10.81
C TYR C 333 20.42 -21.73 -10.27
N PHE C 334 21.67 -21.83 -10.69
CA PHE C 334 22.63 -22.81 -10.17
C PHE C 334 23.53 -22.11 -9.18
N PHE C 335 23.97 -22.80 -8.14
CA PHE C 335 24.95 -22.16 -7.26
C PHE C 335 25.98 -23.13 -6.66
N ILE C 336 27.17 -22.60 -6.41
CA ILE C 336 28.15 -23.24 -5.53
C ILE C 336 28.32 -22.33 -4.32
N ALA C 337 28.52 -22.93 -3.16
CA ALA C 337 28.84 -22.17 -1.95
C ALA C 337 29.80 -22.95 -1.09
N GLY C 338 30.59 -22.23 -0.29
CA GLY C 338 31.53 -22.85 0.65
C GLY C 338 32.70 -21.93 0.91
N ARG C 339 33.62 -22.36 1.78
CA ARG C 339 34.84 -21.59 2.08
C ARG C 339 35.73 -21.66 0.87
N TYR C 340 36.62 -20.68 0.71
CA TYR C 340 37.43 -20.58 -0.51
C TYR C 340 38.55 -21.63 -0.51
N GLU C 341 38.20 -22.85 -0.88
CA GLU C 341 39.19 -23.88 -1.21
C GLU C 341 39.00 -24.25 -2.68
N TYR C 342 39.58 -23.43 -3.55
CA TYR C 342 39.36 -23.52 -4.98
C TYR C 342 39.34 -24.95 -5.55
N LYS C 343 40.32 -25.77 -5.18
CA LYS C 343 40.44 -27.16 -5.66
C LYS C 343 39.63 -28.19 -4.85
N ASN C 344 39.76 -28.16 -3.52
CA ASN C 344 39.09 -29.14 -2.69
C ASN C 344 37.57 -29.06 -2.79
N LYS C 345 37.07 -27.85 -3.10
CA LYS C 345 35.63 -27.66 -3.24
C LYS C 345 35.12 -27.61 -4.67
N GLY C 346 36.00 -27.92 -5.61
CA GLY C 346 35.63 -28.12 -7.00
C GLY C 346 35.17 -26.87 -7.71
N ALA C 347 35.66 -25.71 -7.30
CA ALA C 347 35.22 -24.45 -7.92
C ALA C 347 35.74 -24.38 -9.36
N ASP C 348 36.85 -25.06 -9.61
CA ASP C 348 37.39 -25.20 -10.96
C ASP C 348 36.45 -26.01 -11.85
N MET C 349 36.10 -27.24 -11.44
CA MET C 349 35.16 -28.08 -12.19
C MET C 349 33.84 -27.36 -12.48
N PHE C 350 33.33 -26.64 -11.48
CA PHE C 350 32.14 -25.87 -11.66
C PHE C 350 32.32 -24.91 -12.84
N ILE C 351 33.30 -24.02 -12.76
CA ILE C 351 33.46 -23.01 -13.80
C ILE C 351 33.73 -23.67 -15.16
N GLU C 352 34.55 -24.72 -15.16
CA GLU C 352 34.89 -25.39 -16.41
C GLU C 352 33.64 -25.96 -17.09
N ALA C 353 32.85 -26.71 -16.32
CA ALA C 353 31.64 -27.37 -16.82
C ALA C 353 30.61 -26.37 -17.33
N LEU C 354 30.38 -25.31 -16.55
CA LEU C 354 29.49 -24.25 -16.97
C LEU C 354 29.86 -23.71 -18.35
N ALA C 355 31.17 -23.54 -18.59
CA ALA C 355 31.66 -23.03 -19.87
C ALA C 355 31.36 -23.99 -21.01
N ARG C 356 31.54 -25.28 -20.76
CA ARG C 356 31.12 -26.32 -21.68
C ARG C 356 29.60 -26.33 -21.85
N LEU C 357 28.87 -26.17 -20.75
CA LEU C 357 27.41 -26.17 -20.78
C LEU C 357 26.90 -25.03 -21.67
N ASN C 358 27.54 -23.88 -21.53
CA ASN C 358 27.23 -22.71 -22.33
C ASN C 358 27.31 -23.05 -23.82
N TYR C 359 28.36 -23.80 -24.17
CA TYR C 359 28.58 -24.23 -25.52
C TYR C 359 27.52 -25.23 -26.00
N ARG C 360 27.25 -26.27 -25.20
CA ARG C 360 26.21 -27.25 -25.54
C ARG C 360 24.85 -26.56 -25.77
N LEU C 361 24.48 -25.65 -24.88
CA LEU C 361 23.21 -24.94 -24.99
C LEU C 361 23.09 -24.07 -26.25
N LYS C 362 24.17 -23.36 -26.61
CA LYS C 362 24.17 -22.57 -27.84
C LYS C 362 24.01 -23.49 -29.06
N VAL C 363 24.84 -24.51 -29.15
CA VAL C 363 24.73 -25.50 -30.23
C VAL C 363 23.33 -26.11 -30.35
N SER C 364 22.72 -26.48 -29.23
CA SER C 364 21.38 -27.08 -29.28
C SER C 364 20.27 -26.04 -29.48
N GLY C 365 20.63 -24.76 -29.47
CA GLY C 365 19.67 -23.68 -29.67
C GLY C 365 18.61 -23.57 -28.59
N SER C 366 18.93 -24.02 -27.38
CA SER C 366 17.99 -23.91 -26.25
C SER C 366 17.74 -22.45 -25.88
N LYS C 367 16.56 -22.21 -25.30
CA LYS C 367 16.09 -20.86 -24.98
C LYS C 367 16.14 -20.65 -23.49
N LYS C 368 16.70 -21.61 -22.78
CA LYS C 368 16.85 -21.50 -21.36
C LYS C 368 18.06 -20.62 -21.02
N THR C 369 18.07 -20.07 -19.81
CA THR C 369 19.21 -19.30 -19.32
C THR C 369 19.56 -19.74 -17.91
N VAL C 370 20.84 -20.00 -17.70
CA VAL C 370 21.33 -20.35 -16.40
C VAL C 370 22.07 -19.14 -15.83
N VAL C 371 21.65 -18.66 -14.67
CA VAL C 371 22.47 -17.71 -13.94
C VAL C 371 23.17 -18.49 -12.84
N ALA C 372 24.50 -18.57 -12.90
CA ALA C 372 25.25 -19.31 -11.89
C ALA C 372 25.89 -18.37 -10.85
N PHE C 373 25.68 -18.67 -9.57
CA PHE C 373 26.24 -17.87 -8.50
C PHE C 373 27.37 -18.62 -7.84
N ILE C 374 28.45 -17.91 -7.49
CA ILE C 374 29.52 -18.47 -6.67
C ILE C 374 29.56 -17.70 -5.36
N VAL C 375 29.26 -18.39 -4.28
CA VAL C 375 29.27 -17.77 -2.97
C VAL C 375 30.46 -18.33 -2.22
N MET C 376 31.54 -17.55 -2.18
CA MET C 376 32.83 -17.98 -1.59
C MET C 376 33.63 -16.79 -1.05
N PRO C 377 33.88 -16.74 0.27
CA PRO C 377 34.60 -15.59 0.86
C PRO C 377 36.00 -15.38 0.29
N ALA C 378 36.25 -14.22 -0.29
CA ALA C 378 37.57 -13.81 -0.77
C ALA C 378 37.86 -12.39 -0.25
N LYS C 379 39.13 -12.05 0.01
CA LYS C 379 39.45 -10.72 0.54
C LYS C 379 38.93 -9.59 -0.37
N ASN C 380 38.11 -8.70 0.20
CA ASN C 380 37.49 -7.64 -0.61
C ASN C 380 37.30 -6.33 0.14
N ASN C 381 37.02 -5.28 -0.64
CA ASN C 381 36.79 -3.96 -0.11
C ASN C 381 35.32 -3.58 -0.21
N SER C 382 34.45 -4.58 -0.03
CA SER C 382 33.01 -4.38 -0.07
C SER C 382 32.45 -4.22 -1.51
N PHE C 383 31.13 -4.08 -1.62
CA PHE C 383 30.42 -4.04 -2.92
C PHE C 383 30.88 -2.88 -3.77
N THR C 384 30.89 -3.08 -5.08
CA THR C 384 31.24 -2.01 -6.00
C THR C 384 30.15 -0.96 -5.99
N VAL C 385 30.49 0.25 -6.39
CA VAL C 385 29.48 1.29 -6.59
C VAL C 385 28.41 0.84 -7.60
N GLU C 386 28.84 0.18 -8.67
CA GLU C 386 27.92 -0.29 -9.71
C GLU C 386 26.83 -1.19 -9.18
N ALA C 387 27.19 -2.06 -8.23
CA ALA C 387 26.24 -2.99 -7.66
C ALA C 387 25.14 -2.29 -6.87
N LEU C 388 25.50 -1.21 -6.19
CA LEU C 388 24.55 -0.55 -5.30
C LEU C 388 23.65 0.39 -6.09
N LYS C 389 24.26 1.11 -7.04
CA LYS C 389 23.51 1.96 -7.96
C LYS C 389 22.50 1.12 -8.74
N GLY C 390 22.92 -0.06 -9.17
CA GLY C 390 22.07 -0.96 -9.90
C GLY C 390 20.74 -1.24 -9.21
N GLN C 391 20.81 -1.53 -7.91
CA GLN C 391 19.63 -1.90 -7.16
C GLN C 391 18.80 -0.65 -6.94
N ALA C 392 19.48 0.44 -6.62
CA ALA C 392 18.79 1.70 -6.33
C ALA C 392 18.04 2.20 -7.56
N GLU C 393 18.68 2.08 -8.73
CA GLU C 393 18.04 2.45 -10.00
C GLU C 393 16.79 1.62 -10.29
N VAL C 394 16.89 0.30 -10.15
CA VAL C 394 15.73 -0.59 -10.30
C VAL C 394 14.61 -0.30 -9.32
N ARG C 395 14.97 -0.04 -8.08
CA ARG C 395 14.02 0.32 -7.02
C ARG C 395 13.27 1.61 -7.33
N ALA C 396 13.96 2.56 -7.94
CA ALA C 396 13.38 3.84 -8.31
C ALA C 396 12.41 3.69 -9.50
N LEU C 397 12.71 2.74 -10.40
CA LEU C 397 11.80 2.37 -11.46
C LEU C 397 10.52 1.77 -10.87
N GLU C 398 10.68 0.79 -9.99
CA GLU C 398 9.56 0.20 -9.24
C GLU C 398 8.60 1.22 -8.61
N ASN C 399 9.13 2.22 -7.91
CA ASN C 399 8.28 3.24 -7.30
C ASN C 399 7.58 4.13 -8.35
N THR C 400 8.30 4.52 -9.39
CA THR C 400 7.66 5.29 -10.46
C THR C 400 6.56 4.49 -11.19
N VAL C 401 6.80 3.20 -11.43
CA VAL C 401 5.75 2.33 -11.96
C VAL C 401 4.55 2.25 -11.02
N HIS C 402 4.78 2.21 -9.72
CA HIS C 402 3.65 2.19 -8.79
C HIS C 402 2.87 3.49 -8.78
N GLU C 403 3.55 4.62 -8.92
CA GLU C 403 2.89 5.89 -9.09
C GLU C 403 2.02 5.94 -10.32
N VAL C 404 2.59 5.63 -11.47
CA VAL C 404 1.85 5.57 -12.71
C VAL C 404 0.60 4.68 -12.63
N THR C 405 0.71 3.49 -12.02
CA THR C 405 -0.46 2.60 -11.95
C THR C 405 -1.58 3.06 -11.01
N THR C 406 -1.25 3.92 -10.04
CA THR C 406 -2.26 4.55 -9.21
C THR C 406 -3.08 5.51 -10.07
N SER C 407 -2.39 6.32 -10.88
CA SER C 407 -3.07 7.21 -11.80
C SER C 407 -3.92 6.43 -12.78
N ILE C 408 -3.34 5.35 -13.33
CA ILE C 408 -4.08 4.49 -14.21
C ILE C 408 -5.33 3.98 -13.51
N GLY C 409 -5.18 3.57 -12.25
CA GLY C 409 -6.29 3.13 -11.45
C GLY C 409 -7.43 4.11 -11.41
N LYS C 410 -7.14 5.37 -11.13
CA LYS C 410 -8.19 6.39 -11.02
C LYS C 410 -8.94 6.49 -12.33
N ARG C 411 -8.20 6.34 -13.42
CA ARG C 411 -8.74 6.51 -14.74
C ARG C 411 -9.58 5.31 -15.18
N ILE C 412 -9.13 4.08 -14.87
CA ILE C 412 -9.92 2.90 -15.16
C ILE C 412 -11.22 2.95 -14.36
N PHE C 413 -11.10 3.38 -13.10
CA PHE C 413 -12.23 3.44 -12.20
C PHE C 413 -13.24 4.48 -12.65
N ASP C 414 -12.77 5.65 -13.07
CA ASP C 414 -13.72 6.65 -13.54
C ASP C 414 -14.51 6.15 -14.74
N HIS C 415 -13.81 5.53 -15.68
CA HIS C 415 -14.46 5.04 -16.87
C HIS C 415 -15.53 4.03 -16.46
N ALA C 416 -15.15 3.11 -15.58
CA ALA C 416 -16.01 2.02 -15.19
C ALA C 416 -17.26 2.51 -14.47
N ILE C 417 -17.13 3.58 -13.70
CA ILE C 417 -18.25 4.07 -12.89
C ILE C 417 -19.14 4.97 -13.74
N ARG C 418 -18.60 5.53 -14.80
CA ARG C 418 -19.34 6.44 -15.67
C ARG C 418 -20.11 5.70 -16.80
N TYR C 419 -19.63 4.52 -17.19
CA TYR C 419 -20.24 3.81 -18.26
C TYR C 419 -21.76 3.67 -18.06
N PRO C 420 -22.57 3.89 -19.11
CA PRO C 420 -22.28 4.34 -20.46
C PRO C 420 -22.64 5.81 -20.68
N HIS C 421 -22.37 6.66 -19.72
CA HIS C 421 -22.75 8.07 -19.84
C HIS C 421 -21.61 8.89 -20.40
N ASN C 422 -21.93 10.11 -20.82
CA ASN C 422 -20.95 11.08 -21.32
C ASN C 422 -20.09 10.54 -22.46
N GLY C 423 -20.73 9.84 -23.40
CA GLY C 423 -20.04 9.33 -24.57
C GLY C 423 -19.19 8.11 -24.34
N LEU C 424 -19.11 7.61 -23.12
CA LEU C 424 -18.37 6.35 -22.88
C LEU C 424 -19.18 5.16 -23.39
N THR C 425 -19.00 4.87 -24.66
CA THR C 425 -19.81 3.88 -25.30
C THR C 425 -19.33 2.44 -25.06
N THR C 426 -18.09 2.22 -24.61
CA THR C 426 -17.61 0.86 -24.29
C THR C 426 -17.28 0.73 -22.80
N GLU C 427 -17.50 -0.47 -22.25
CA GLU C 427 -17.29 -0.76 -20.82
C GLU C 427 -15.92 -0.31 -20.29
N LEU C 428 -14.89 -0.61 -21.07
CA LEU C 428 -13.51 -0.30 -20.72
C LEU C 428 -12.86 0.71 -21.66
N PRO C 429 -11.76 1.34 -21.20
CA PRO C 429 -10.97 2.14 -22.14
C PRO C 429 -10.34 1.20 -23.16
N THR C 430 -10.16 1.69 -24.38
CA THR C 430 -9.60 0.82 -25.41
C THR C 430 -8.29 1.38 -25.89
N ASP C 431 -8.12 2.68 -25.69
CA ASP C 431 -6.88 3.36 -26.04
C ASP C 431 -5.98 3.64 -24.83
N LEU C 432 -4.69 3.35 -24.99
CA LEU C 432 -3.71 3.54 -23.91
C LEU C 432 -3.64 4.99 -23.46
N GLY C 433 -3.81 5.91 -24.38
CA GLY C 433 -3.79 7.33 -24.08
C GLY C 433 -4.89 7.86 -23.19
N GLU C 434 -5.95 7.09 -22.96
CA GLU C 434 -6.97 7.48 -21.98
C GLU C 434 -6.44 7.26 -20.56
N LEU C 435 -5.43 6.39 -20.47
CA LEU C 435 -4.91 5.93 -19.20
C LEU C 435 -3.51 6.45 -18.91
N LEU C 436 -2.61 6.33 -19.88
CA LEU C 436 -1.23 6.80 -19.75
C LEU C 436 -1.08 8.22 -20.29
N LYS C 437 -0.85 9.16 -19.39
CA LYS C 437 -0.70 10.55 -19.79
C LYS C 437 0.76 10.89 -20.04
N SER C 438 0.99 12.02 -20.69
CA SER C 438 2.32 12.37 -21.14
C SER C 438 3.25 12.63 -19.96
N SER C 439 2.71 13.22 -18.91
CA SER C 439 3.43 13.41 -17.66
C SER C 439 4.00 12.09 -17.12
N ASP C 440 3.18 11.04 -17.17
CA ASP C 440 3.58 9.69 -16.75
C ASP C 440 4.73 9.19 -17.60
N LYS C 441 4.60 9.36 -18.92
CA LYS C 441 5.58 8.90 -19.90
C LYS C 441 6.95 9.51 -19.70
N VAL C 442 6.98 10.79 -19.34
CA VAL C 442 8.23 11.50 -19.13
C VAL C 442 9.06 10.89 -17.99
N MET C 443 8.42 10.68 -16.83
CA MET C 443 9.13 10.10 -15.68
C MET C 443 9.49 8.62 -15.84
N LEU C 444 8.63 7.86 -16.50
CA LEU C 444 9.02 6.50 -16.80
C LEU C 444 10.28 6.46 -17.66
N LYS C 445 10.37 7.35 -18.66
CA LYS C 445 11.54 7.40 -19.54
C LYS C 445 12.86 7.82 -18.84
N ARG C 446 12.73 8.76 -17.90
CA ARG C 446 13.85 9.21 -17.10
C ARG C 446 14.42 8.05 -16.28
N ARG C 447 13.54 7.23 -15.71
CA ARG C 447 13.98 6.04 -15.00
C ARG C 447 14.59 4.99 -15.94
N ILE C 448 14.05 4.84 -17.15
CA ILE C 448 14.61 3.92 -18.13
C ILE C 448 16.02 4.36 -18.57
N LEU C 449 16.23 5.66 -18.68
CA LEU C 449 17.54 6.21 -19.03
C LEU C 449 18.60 5.95 -17.95
N ALA C 450 18.18 6.02 -16.69
CA ALA C 450 19.07 5.76 -15.55
C ALA C 450 19.63 4.34 -15.56
N LEU C 451 18.92 3.41 -16.21
CA LEU C 451 19.30 2.00 -16.27
C LEU C 451 20.18 1.68 -17.48
N ARG C 452 20.35 2.66 -18.36
CA ARG C 452 21.08 2.48 -19.59
C ARG C 452 22.57 2.39 -19.25
N ARG C 453 23.23 1.29 -19.62
CA ARG C 453 24.67 1.26 -19.47
C ARG C 453 25.43 1.56 -20.79
N PRO C 454 26.57 2.28 -20.68
CA PRO C 454 27.33 2.72 -21.87
C PRO C 454 27.56 1.57 -22.86
N GLU C 455 27.53 1.88 -24.16
CA GLU C 455 27.71 0.87 -25.22
C GLU C 455 28.89 -0.08 -24.97
N GLY C 456 28.66 -1.37 -25.20
CA GLY C 456 29.69 -2.37 -25.03
C GLY C 456 29.84 -2.92 -23.62
N GLN C 457 29.53 -2.12 -22.60
CA GLN C 457 29.69 -2.58 -21.22
C GLN C 457 28.76 -3.75 -20.85
N LEU C 458 29.33 -4.76 -20.19
CA LEU C 458 28.64 -6.01 -19.93
C LEU C 458 28.35 -6.18 -18.45
N PRO C 459 27.27 -6.90 -18.11
CA PRO C 459 27.01 -7.18 -16.67
C PRO C 459 28.27 -7.76 -16.03
N PRO C 460 28.68 -7.23 -14.86
CA PRO C 460 29.93 -7.68 -14.27
C PRO C 460 29.93 -9.14 -13.83
N ILE C 461 31.09 -9.75 -13.73
CA ILE C 461 31.20 -11.12 -13.23
C ILE C 461 31.40 -11.18 -11.72
N VAL C 462 31.37 -10.03 -11.06
CA VAL C 462 31.67 -9.93 -9.64
C VAL C 462 30.94 -8.74 -9.02
N THR C 463 30.54 -8.90 -7.76
CA THR C 463 29.74 -7.90 -7.05
C THR C 463 30.54 -7.01 -6.12
N HIS C 464 31.81 -7.28 -5.93
CA HIS C 464 32.64 -6.57 -4.96
C HIS C 464 33.91 -6.05 -5.62
N ASN C 465 34.59 -5.12 -4.96
CA ASN C 465 35.93 -4.73 -5.31
C ASN C 465 36.90 -5.68 -4.63
N MET C 466 37.59 -6.48 -5.40
CA MET C 466 38.51 -7.47 -4.86
C MET C 466 39.81 -6.82 -4.39
N VAL C 467 40.47 -7.47 -3.42
CA VAL C 467 41.74 -6.96 -2.94
C VAL C 467 42.84 -7.27 -3.94
N ASP C 468 42.93 -8.54 -4.38
CA ASP C 468 43.91 -8.92 -5.38
C ASP C 468 43.22 -9.47 -6.63
N ASP C 469 42.48 -8.61 -7.31
CA ASP C 469 41.68 -8.99 -8.49
C ASP C 469 42.46 -9.82 -9.52
N ALA C 470 43.71 -9.42 -9.77
CA ALA C 470 44.57 -10.01 -10.79
C ALA C 470 44.97 -11.48 -10.54
N ASN C 471 45.16 -11.85 -9.27
CA ASN C 471 45.61 -13.20 -8.95
C ASN C 471 44.57 -14.11 -8.32
N ASP C 472 43.33 -13.63 -8.21
CA ASP C 472 42.23 -14.44 -7.70
C ASP C 472 41.98 -15.64 -8.61
N LEU C 473 41.88 -16.81 -8.00
CA LEU C 473 41.70 -18.05 -8.75
C LEU C 473 40.34 -18.13 -9.44
N ILE C 474 39.27 -17.79 -8.72
CA ILE C 474 37.92 -17.82 -9.28
C ILE C 474 37.83 -16.90 -10.48
N LEU C 475 38.31 -15.67 -10.31
CA LEU C 475 38.19 -14.65 -11.34
C LEU C 475 39.04 -14.99 -12.56
N ASN C 476 40.22 -15.55 -12.33
CA ASN C 476 41.09 -15.93 -13.43
C ASN C 476 40.51 -17.05 -14.27
N LYS C 477 39.85 -18.00 -13.61
CA LYS C 477 39.24 -19.14 -14.31
C LYS C 477 38.08 -18.66 -15.16
N ILE C 478 37.28 -17.73 -14.63
CA ILE C 478 36.18 -17.16 -15.37
C ILE C 478 36.69 -16.41 -16.60
N ARG C 479 37.85 -15.77 -16.46
CA ARG C 479 38.44 -15.02 -17.56
C ARG C 479 39.04 -15.97 -18.57
N GLN C 480 39.67 -17.03 -18.08
CA GLN C 480 40.26 -18.02 -18.94
C GLN C 480 39.22 -18.72 -19.82
N VAL C 481 38.08 -19.12 -19.25
CA VAL C 481 36.99 -19.76 -20.00
C VAL C 481 36.12 -18.77 -20.79
N GLN C 482 36.34 -17.47 -20.55
CA GLN C 482 35.65 -16.38 -21.24
C GLN C 482 34.11 -16.35 -21.10
N LEU C 483 33.62 -16.56 -19.88
CA LEU C 483 32.23 -16.34 -19.61
C LEU C 483 32.13 -14.92 -19.09
N PHE C 484 31.82 -13.98 -19.98
CA PHE C 484 31.74 -12.58 -19.59
C PHE C 484 30.34 -12.00 -19.55
N ASN C 485 29.33 -12.88 -19.47
CA ASN C 485 27.91 -12.48 -19.50
C ASN C 485 27.54 -11.64 -20.72
N SER C 486 27.82 -12.14 -21.93
CA SER C 486 27.40 -11.42 -23.13
C SER C 486 26.05 -11.96 -23.55
N PRO C 487 25.25 -11.19 -24.31
CA PRO C 487 23.92 -11.64 -24.75
C PRO C 487 23.87 -13.06 -25.32
N SER C 488 24.88 -13.46 -26.10
CA SER C 488 24.84 -14.77 -26.74
C SER C 488 25.11 -15.93 -25.78
N ASP C 489 25.74 -15.62 -24.64
CA ASP C 489 25.99 -16.59 -23.57
C ASP C 489 24.70 -17.02 -22.89
N ARG C 490 24.50 -18.33 -22.85
CA ARG C 490 23.31 -18.89 -22.24
C ARG C 490 23.59 -19.23 -20.76
N VAL C 491 24.87 -19.26 -20.38
CA VAL C 491 25.25 -19.35 -18.96
C VAL C 491 25.81 -18.01 -18.52
N LYS C 492 25.16 -17.42 -17.51
CA LYS C 492 25.59 -16.16 -16.89
C LYS C 492 26.33 -16.44 -15.59
N MET C 493 27.24 -15.56 -15.22
CA MET C 493 28.12 -15.84 -14.12
C MET C 493 28.19 -14.67 -13.14
N ILE C 494 27.90 -14.94 -11.86
CA ILE C 494 28.06 -13.94 -10.80
C ILE C 494 28.84 -14.43 -9.58
N PHE C 495 30.06 -13.93 -9.43
CA PHE C 495 30.90 -14.20 -8.26
C PHE C 495 30.55 -13.23 -7.14
N HIS C 496 30.16 -13.79 -5.99
CA HIS C 496 29.82 -13.01 -4.79
C HIS C 496 30.71 -13.40 -3.59
N PRO C 497 31.87 -12.72 -3.43
CA PRO C 497 32.90 -13.17 -2.50
C PRO C 497 32.67 -12.82 -1.02
N GLU C 498 31.56 -13.25 -0.46
CA GLU C 498 31.16 -12.99 0.94
C GLU C 498 30.05 -14.00 1.21
N PHE C 499 29.89 -14.41 2.46
CA PHE C 499 28.81 -15.33 2.80
C PHE C 499 27.53 -14.51 2.79
N LEU C 500 26.38 -15.15 2.59
CA LEU C 500 25.13 -14.40 2.48
C LEU C 500 24.60 -14.08 3.86
N ASN C 501 23.88 -12.98 3.96
CA ASN C 501 23.27 -12.55 5.20
C ASN C 501 22.12 -11.64 4.85
N ALA C 502 20.99 -11.80 5.52
CA ALA C 502 19.81 -10.98 5.26
C ALA C 502 20.05 -9.45 5.26
N ASN C 503 21.14 -8.98 5.88
CA ASN C 503 21.45 -7.54 5.89
C ASN C 503 22.21 -7.03 4.66
N ASN C 504 22.79 -7.94 3.90
CA ASN C 504 23.38 -7.67 2.58
C ASN C 504 22.44 -6.76 1.77
N PRO C 505 22.91 -5.53 1.45
CA PRO C 505 22.12 -4.48 0.79
C PRO C 505 21.72 -4.82 -0.63
N ILE C 506 22.47 -5.75 -1.26
CA ILE C 506 22.30 -6.10 -2.66
C ILE C 506 21.39 -7.31 -2.86
N LEU C 507 21.57 -8.32 -2.02
CA LEU C 507 20.83 -9.57 -2.09
C LEU C 507 20.37 -9.85 -0.67
N GLY C 508 19.26 -9.23 -0.27
CA GLY C 508 18.85 -9.25 1.13
C GLY C 508 18.35 -10.58 1.67
N LEU C 509 19.11 -11.65 1.45
CA LEU C 509 18.74 -12.99 1.88
C LEU C 509 19.78 -13.61 2.77
N ASP C 510 19.31 -14.40 3.74
CA ASP C 510 20.13 -15.32 4.50
C ASP C 510 20.43 -16.52 3.65
N TYR C 511 21.60 -17.10 3.84
CA TYR C 511 21.98 -18.27 3.09
C TYR C 511 20.88 -19.34 2.91
N ASP C 512 20.25 -19.77 4.00
CA ASP C 512 19.21 -20.81 3.91
C ASP C 512 18.10 -20.40 2.93
N GLU C 513 17.73 -19.12 2.97
CA GLU C 513 16.70 -18.55 2.10
C GLU C 513 17.10 -18.55 0.64
N PHE C 514 18.33 -18.13 0.36
CA PHE C 514 18.87 -18.17 -0.99
C PHE C 514 18.81 -19.59 -1.60
N VAL C 515 19.25 -20.58 -0.82
CA VAL C 515 19.25 -21.95 -1.29
C VAL C 515 17.83 -22.34 -1.68
N ARG C 516 16.86 -21.90 -0.89
CA ARG C 516 15.46 -22.22 -1.18
C ARG C 516 15.04 -21.63 -2.52
N GLY C 517 15.48 -20.40 -2.78
CA GLY C 517 15.21 -19.73 -4.02
C GLY C 517 15.86 -20.37 -5.23
N CYS C 518 16.87 -21.18 -5.07
CA CYS C 518 17.59 -21.70 -6.23
C CYS C 518 16.97 -22.96 -6.83
N HIS C 519 17.51 -23.44 -7.95
CA HIS C 519 17.01 -24.65 -8.58
C HIS C 519 17.94 -25.83 -8.37
N LEU C 520 19.25 -25.57 -8.33
CA LEU C 520 20.24 -26.64 -8.29
C LEU C 520 21.55 -26.17 -7.63
N GLY C 521 21.93 -26.86 -6.54
CA GLY C 521 23.22 -26.67 -5.89
C GLY C 521 24.25 -27.58 -6.56
N VAL C 522 25.46 -27.11 -6.74
CA VAL C 522 26.46 -27.85 -7.51
C VAL C 522 27.75 -27.76 -6.73
N PHE C 523 28.15 -28.88 -6.13
CA PHE C 523 29.26 -28.90 -5.18
C PHE C 523 30.20 -30.06 -5.53
N PRO C 524 31.07 -29.87 -6.53
CA PRO C 524 31.88 -30.96 -7.05
C PRO C 524 33.21 -31.10 -6.30
N SER C 525 33.07 -31.29 -4.99
CA SER C 525 34.20 -31.45 -4.11
C SER C 525 35.09 -32.64 -4.50
N TYR C 526 36.39 -32.46 -4.26
CA TYR C 526 37.35 -33.55 -4.33
C TYR C 526 37.84 -33.94 -2.94
N TYR C 527 37.76 -33.00 -2.01
CA TYR C 527 37.98 -33.30 -0.60
C TYR C 527 36.81 -32.80 0.23
N GLU C 528 36.03 -33.73 0.77
CA GLU C 528 34.83 -33.37 1.52
C GLU C 528 34.46 -34.50 2.49
N PRO C 529 34.98 -34.44 3.73
CA PRO C 529 34.68 -35.49 4.70
C PRO C 529 33.19 -35.78 4.88
N TRP C 530 32.36 -34.74 4.75
CA TRP C 530 30.91 -34.92 4.67
C TRP C 530 30.31 -34.01 3.60
N GLY C 531 30.10 -32.73 3.93
CA GLY C 531 29.50 -31.74 3.04
C GLY C 531 28.06 -31.40 3.39
N TYR C 532 27.88 -30.57 4.40
CA TYR C 532 26.55 -30.08 4.75
C TYR C 532 25.95 -29.34 3.57
N THR C 533 26.81 -28.74 2.79
CA THR C 533 26.34 -27.95 1.67
C THR C 533 25.33 -28.70 0.77
N PRO C 534 25.69 -29.88 0.23
CA PRO C 534 24.65 -30.60 -0.52
C PRO C 534 23.51 -31.15 0.33
N ALA C 535 23.79 -31.43 1.60
CA ALA C 535 22.80 -32.06 2.49
C ALA C 535 21.72 -31.08 2.83
N GLU C 536 22.14 -29.84 3.08
CA GLU C 536 21.21 -28.75 3.32
C GLU C 536 20.27 -28.54 2.17
N CYS C 537 20.77 -28.57 0.94
CA CYS C 537 19.90 -28.51 -0.22
C CYS C 537 18.79 -29.55 -0.12
N THR C 538 19.18 -30.79 0.16
CA THR C 538 18.26 -31.91 0.12
C THR C 538 17.08 -31.67 1.04
N VAL C 539 17.40 -31.35 2.29
CA VAL C 539 16.40 -31.04 3.32
C VAL C 539 15.45 -29.90 2.91
N MET C 540 15.98 -28.96 2.14
CA MET C 540 15.20 -27.83 1.70
C MET C 540 14.52 -28.10 0.40
N GLY C 541 14.61 -29.34 -0.07
CA GLY C 541 13.98 -29.76 -1.31
C GLY C 541 14.62 -29.24 -2.60
N VAL C 542 15.88 -28.85 -2.53
CA VAL C 542 16.62 -28.42 -3.70
C VAL C 542 17.55 -29.55 -4.16
N PRO C 543 17.41 -30.01 -5.42
CA PRO C 543 18.34 -31.03 -5.94
C PRO C 543 19.78 -30.53 -5.97
N SER C 544 20.73 -31.44 -5.79
CA SER C 544 22.13 -31.06 -5.74
C SER C 544 23.04 -32.03 -6.46
N ILE C 545 24.20 -31.53 -6.85
CA ILE C 545 25.20 -32.36 -7.48
C ILE C 545 26.38 -32.43 -6.52
N THR C 546 26.74 -33.64 -6.12
CA THR C 546 27.95 -33.86 -5.33
C THR C 546 28.82 -34.93 -6.03
N THR C 547 29.83 -35.45 -5.35
CA THR C 547 30.71 -36.44 -5.96
C THR C 547 30.78 -37.67 -5.08
N ASN C 548 31.29 -38.76 -5.64
CA ASN C 548 31.40 -40.00 -4.87
C ASN C 548 32.61 -40.03 -3.93
N VAL C 549 33.33 -38.93 -3.80
CA VAL C 549 34.42 -38.86 -2.80
C VAL C 549 34.08 -37.99 -1.57
N SER C 550 32.85 -37.51 -1.51
CA SER C 550 32.37 -36.74 -0.39
C SER C 550 31.69 -37.68 0.60
N GLY C 551 31.67 -37.33 1.88
CA GLY C 551 31.06 -38.19 2.88
C GLY C 551 29.59 -38.38 2.56
N PHE C 552 28.92 -37.26 2.31
CA PHE C 552 27.52 -37.24 1.99
C PHE C 552 27.21 -38.08 0.74
N GLY C 553 27.95 -37.84 -0.35
CA GLY C 553 27.71 -38.54 -1.60
C GLY C 553 27.79 -40.04 -1.52
N SER C 554 28.84 -40.57 -0.89
CA SER C 554 29.00 -42.03 -0.80
C SER C 554 27.96 -42.63 0.14
N TYR C 555 27.55 -41.85 1.13
CA TYR C 555 26.47 -42.24 2.03
C TYR C 555 25.14 -42.43 1.28
N MET C 556 24.74 -41.41 0.53
CA MET C 556 23.59 -41.50 -0.37
C MET C 556 23.75 -42.59 -1.44
N GLU C 557 24.92 -42.68 -2.04
CA GLU C 557 25.22 -43.75 -2.99
C GLU C 557 24.81 -45.10 -2.45
N ASP C 558 24.98 -45.26 -1.15
CA ASP C 558 24.75 -46.53 -0.49
C ASP C 558 23.26 -46.80 -0.25
N LEU C 559 22.49 -45.73 -0.06
CA LEU C 559 21.06 -45.87 0.21
C LEU C 559 20.19 -45.94 -1.04
N ILE C 560 20.63 -45.35 -2.14
CA ILE C 560 19.84 -45.30 -3.37
C ILE C 560 20.68 -45.74 -4.57
N GLU C 561 20.13 -46.61 -5.42
CA GLU C 561 20.80 -47.04 -6.66
C GLU C 561 20.90 -45.88 -7.65
N THR C 562 22.05 -45.72 -8.30
CA THR C 562 22.38 -44.44 -8.99
C THR C 562 21.37 -43.90 -9.99
N ASN C 563 20.64 -44.78 -10.68
CA ASN C 563 19.60 -44.33 -11.60
C ASN C 563 18.44 -43.64 -10.85
N GLN C 564 17.97 -44.29 -9.78
CA GLN C 564 16.92 -43.74 -8.91
C GLN C 564 17.33 -42.42 -8.27
N ALA C 565 18.61 -42.35 -7.89
CA ALA C 565 19.17 -41.20 -7.17
C ALA C 565 19.03 -39.86 -7.90
N LYS C 566 19.20 -39.87 -9.22
CA LYS C 566 18.95 -38.69 -10.05
C LYS C 566 17.52 -38.15 -9.90
N ASP C 567 16.56 -39.05 -9.78
CA ASP C 567 15.16 -38.68 -9.63
C ASP C 567 14.82 -38.12 -8.26
N TYR C 568 15.59 -38.52 -7.27
CA TYR C 568 15.43 -37.99 -5.92
C TYR C 568 16.33 -36.79 -5.68
N GLY C 569 16.81 -36.19 -6.76
CA GLY C 569 17.58 -34.95 -6.70
C GLY C 569 19.01 -35.11 -6.23
N ILE C 570 19.54 -36.33 -6.32
CA ILE C 570 20.91 -36.58 -5.91
C ILE C 570 21.74 -37.01 -7.10
N TYR C 571 22.41 -36.02 -7.70
CA TYR C 571 23.35 -36.26 -8.78
C TYR C 571 24.73 -36.47 -8.16
N ILE C 572 25.34 -37.61 -8.45
CA ILE C 572 26.65 -37.94 -7.90
C ILE C 572 27.64 -38.09 -9.05
N VAL C 573 28.64 -37.21 -9.09
CA VAL C 573 29.68 -37.26 -10.11
C VAL C 573 30.80 -38.19 -9.67
N ASP C 574 31.19 -39.11 -10.54
CA ASP C 574 32.28 -40.06 -10.26
C ASP C 574 33.66 -39.42 -10.46
N ARG C 575 34.24 -38.99 -9.35
CA ARG C 575 35.56 -38.36 -9.33
C ARG C 575 36.63 -39.35 -8.90
N ARG C 576 36.29 -40.63 -8.87
CA ARG C 576 37.15 -41.64 -8.26
C ARG C 576 37.65 -42.66 -9.27
N PHE C 577 36.86 -42.96 -10.29
CA PHE C 577 37.18 -44.00 -11.26
C PHE C 577 37.22 -43.48 -12.70
N LYS C 578 37.04 -42.19 -12.87
CA LYS C 578 37.16 -41.57 -14.18
C LYS C 578 38.25 -40.52 -14.15
N ALA C 579 38.97 -40.36 -15.26
CA ALA C 579 39.88 -39.22 -15.45
C ALA C 579 39.12 -37.88 -15.28
N PRO C 580 39.83 -36.84 -14.79
CA PRO C 580 39.17 -35.55 -14.51
C PRO C 580 38.31 -35.01 -15.66
N ASP C 581 38.73 -35.25 -16.90
CA ASP C 581 37.98 -34.79 -18.06
C ASP C 581 36.66 -35.55 -18.26
N GLU C 582 36.69 -36.86 -18.06
CA GLU C 582 35.48 -37.66 -18.05
C GLU C 582 34.51 -37.11 -17.00
N SER C 583 35.03 -36.85 -15.80
CA SER C 583 34.26 -36.27 -14.69
C SER C 583 33.56 -34.98 -15.09
N VAL C 584 34.34 -34.05 -15.65
CA VAL C 584 33.80 -32.76 -16.08
C VAL C 584 32.63 -32.98 -17.03
N GLU C 585 32.78 -33.97 -17.90
CA GLU C 585 31.75 -34.26 -18.89
C GLU C 585 30.49 -34.82 -18.25
N GLN C 586 30.65 -35.82 -17.39
CA GLN C 586 29.53 -36.32 -16.62
C GLN C 586 28.79 -35.16 -15.95
N LEU C 587 29.54 -34.27 -15.30
CA LEU C 587 28.98 -33.05 -14.72
C LEU C 587 28.17 -32.23 -15.72
N VAL C 588 28.72 -31.98 -16.90
CA VAL C 588 27.97 -31.24 -17.93
C VAL C 588 26.70 -31.99 -18.33
N ASP C 589 26.78 -33.30 -18.52
CA ASP C 589 25.60 -34.12 -18.80
C ASP C 589 24.51 -33.86 -17.78
N TYR C 590 24.87 -33.94 -16.49
CA TYR C 590 23.89 -33.70 -15.43
C TYR C 590 23.23 -32.35 -15.62
N MET C 591 24.04 -31.31 -15.78
CA MET C 591 23.51 -29.97 -15.86
C MET C 591 22.59 -29.80 -17.05
N GLU C 592 22.99 -30.36 -18.19
CA GLU C 592 22.19 -30.25 -19.41
C GLU C 592 20.86 -31.00 -19.27
N GLU C 593 20.93 -32.24 -18.79
CA GLU C 593 19.76 -33.05 -18.50
C GLU C 593 18.80 -32.28 -17.59
N PHE C 594 19.36 -31.53 -16.63
CA PHE C 594 18.55 -30.74 -15.71
C PHE C 594 17.87 -29.59 -16.42
N VAL C 595 18.64 -28.85 -17.19
CA VAL C 595 18.11 -27.72 -17.93
C VAL C 595 17.00 -28.17 -18.89
N LYS C 596 16.99 -29.45 -19.27
CA LYS C 596 15.99 -29.95 -20.21
C LYS C 596 14.61 -30.13 -19.58
N LYS C 597 14.56 -30.06 -18.27
CA LYS C 597 13.32 -30.28 -17.53
C LYS C 597 12.27 -29.19 -17.74
N THR C 598 11.02 -29.58 -17.58
CA THR C 598 9.91 -28.64 -17.60
C THR C 598 9.62 -28.27 -16.14
N ARG C 599 8.87 -27.19 -15.95
CA ARG C 599 8.51 -26.75 -14.61
C ARG C 599 7.84 -27.87 -13.81
N ARG C 600 6.83 -28.50 -14.41
CA ARG C 600 6.17 -29.64 -13.79
C ARG C 600 7.20 -30.65 -13.30
N GLN C 601 8.19 -30.95 -14.13
CA GLN C 601 9.20 -31.94 -13.77
C GLN C 601 10.07 -31.52 -12.59
N ARG C 602 10.31 -30.22 -12.47
CA ARG C 602 11.16 -29.69 -11.43
C ARG C 602 10.40 -29.69 -10.12
N ILE C 603 9.13 -29.29 -10.20
CA ILE C 603 8.25 -29.32 -9.06
C ILE C 603 8.18 -30.73 -8.48
N ASN C 604 7.88 -31.72 -9.32
CA ASN C 604 7.84 -33.13 -8.89
C ASN C 604 9.16 -33.60 -8.29
N GLN C 605 10.26 -33.20 -8.91
CA GLN C 605 11.57 -33.69 -8.49
C GLN C 605 11.87 -33.16 -7.11
N ARG C 606 11.55 -31.89 -6.88
CA ARG C 606 11.79 -31.27 -5.59
C ARG C 606 11.00 -31.97 -4.46
N ASN C 607 9.76 -32.36 -4.77
CA ASN C 607 8.95 -33.14 -3.83
C ASN C 607 9.65 -34.42 -3.44
N ARG C 608 10.17 -35.16 -4.42
CA ARG C 608 10.88 -36.39 -4.15
C ARG C 608 12.12 -36.09 -3.33
N THR C 609 12.93 -35.13 -3.76
CA THR C 609 14.15 -34.86 -3.02
C THR C 609 13.83 -34.46 -1.59
N GLU C 610 12.69 -33.80 -1.40
CA GLU C 610 12.26 -33.37 -0.09
C GLU C 610 11.91 -34.57 0.83
N ARG C 611 11.27 -35.60 0.29
CA ARG C 611 10.97 -36.82 1.06
C ARG C 611 12.22 -37.45 1.67
N LEU C 612 13.38 -37.24 1.04
CA LEU C 612 14.64 -37.80 1.54
C LEU C 612 15.14 -37.20 2.86
N SER C 613 14.73 -35.98 3.19
CA SER C 613 15.22 -35.32 4.41
C SER C 613 15.09 -36.12 5.70
N ASP C 614 14.07 -36.97 5.79
CA ASP C 614 13.97 -37.86 6.95
C ASP C 614 15.21 -38.75 7.18
N LEU C 615 15.88 -39.15 6.10
CA LEU C 615 17.14 -39.90 6.18
C LEU C 615 18.32 -39.07 6.70
N LEU C 616 18.16 -37.75 6.80
CA LEU C 616 19.24 -36.88 7.28
C LEU C 616 18.88 -36.20 8.60
N ASP C 617 17.86 -36.72 9.25
CA ASP C 617 17.32 -36.13 10.44
C ASP C 617 18.17 -36.54 11.65
N TRP C 618 18.50 -35.58 12.51
CA TRP C 618 19.18 -35.87 13.79
C TRP C 618 18.44 -36.89 14.67
N LYS C 619 17.14 -37.06 14.49
CA LYS C 619 16.40 -38.12 15.19
C LYS C 619 16.83 -39.51 14.73
N ARG C 620 17.50 -39.58 13.60
CA ARG C 620 18.08 -40.82 13.12
C ARG C 620 19.62 -40.88 13.35
N MET C 621 20.32 -39.84 12.90
CA MET C 621 21.78 -39.78 13.05
C MET C 621 22.22 -39.77 14.51
N GLY C 622 21.47 -39.05 15.35
CA GLY C 622 21.77 -38.90 16.78
C GLY C 622 21.97 -40.21 17.52
N LEU C 623 21.35 -41.28 17.03
CA LEU C 623 21.55 -42.60 17.63
C LEU C 623 23.04 -43.06 17.65
N GLU C 624 23.81 -42.64 16.65
CA GLU C 624 25.22 -43.03 16.56
C GLU C 624 26.03 -42.36 17.67
N TYR C 625 25.71 -41.12 17.98
CA TYR C 625 26.30 -40.46 19.14
C TYR C 625 26.03 -41.24 20.42
N VAL C 626 24.78 -41.68 20.63
CA VAL C 626 24.45 -42.49 21.79
C VAL C 626 25.39 -43.69 21.84
N LYS C 627 25.53 -44.39 20.71
CA LYS C 627 26.44 -45.53 20.61
C LYS C 627 27.89 -45.18 20.93
N ALA C 628 28.38 -44.05 20.42
CA ALA C 628 29.74 -43.61 20.74
C ALA C 628 29.93 -43.31 22.23
N ARG C 629 28.91 -42.76 22.89
CA ARG C 629 29.00 -42.57 24.34
C ARG C 629 28.93 -43.86 25.14
N GLN C 630 27.99 -44.75 24.79
CA GLN C 630 27.93 -46.09 25.39
C GLN C 630 29.28 -46.79 25.31
N LEU C 631 29.94 -46.74 24.16
CA LEU C 631 31.25 -47.39 24.00
C LEU C 631 32.34 -46.82 24.92
N ALA C 632 32.34 -45.50 25.11
CA ALA C 632 33.25 -44.85 26.06
C ALA C 632 33.01 -45.33 27.50
N LEU C 633 31.74 -45.35 27.92
CA LEU C 633 31.37 -45.85 29.22
C LEU C 633 31.68 -47.33 29.34
N ARG C 634 31.60 -48.07 28.24
CA ARG C 634 31.87 -49.50 28.26
C ARG C 634 33.38 -49.77 28.36
N ARG C 635 34.18 -48.91 27.75
CA ARG C 635 35.64 -49.09 27.78
C ARG C 635 36.22 -48.59 29.11
N GLY C 636 35.85 -47.39 29.53
CA GLY C 636 36.26 -46.86 30.81
C GLY C 636 35.78 -47.62 32.05
N TYR C 637 34.59 -48.22 32.00
CA TYR C 637 34.02 -48.83 33.20
C TYR C 637 33.50 -50.26 33.01
N PRO C 638 34.39 -51.17 32.55
CA PRO C 638 34.03 -52.54 32.15
C PRO C 638 33.20 -53.34 33.17
N ASP C 639 33.69 -53.40 34.41
CA ASP C 639 33.05 -54.15 35.49
C ASP C 639 31.66 -53.59 35.81
N GLN C 640 31.57 -52.28 35.97
CA GLN C 640 30.30 -51.62 36.23
C GLN C 640 29.31 -51.76 35.06
N PHE C 641 29.83 -51.73 33.83
CA PHE C 641 29.00 -51.90 32.65
C PHE C 641 28.42 -53.31 32.58
N ARG C 642 29.26 -54.33 32.83
CA ARG C 642 28.80 -55.71 32.86
C ARG C 642 27.71 -55.90 33.90
N GLU C 643 27.92 -55.31 35.08
CA GLU C 643 26.96 -55.37 36.19
C GLU C 643 25.59 -54.86 35.76
N LEU C 644 25.58 -53.99 34.76
CA LEU C 644 24.37 -53.27 34.38
C LEU C 644 23.58 -53.94 33.25
N VAL C 645 24.26 -54.71 32.39
CA VAL C 645 23.57 -55.37 31.27
C VAL C 645 23.46 -56.88 31.49
N GLY C 646 24.27 -57.40 32.42
CA GLY C 646 24.18 -58.80 32.81
C GLY C 646 25.24 -59.67 32.18
N GLU C 647 25.96 -59.14 31.20
CA GLU C 647 26.97 -59.89 30.45
C GLU C 647 28.09 -58.98 29.93
N GLU C 648 29.22 -59.59 29.60
CA GLU C 648 30.34 -58.88 29.01
C GLU C 648 30.13 -58.72 27.50
N LEU C 649 29.84 -57.49 27.07
CA LEU C 649 29.53 -57.22 25.68
C LEU C 649 30.77 -56.82 24.86
N ASN C 650 30.70 -57.07 23.55
CA ASN C 650 31.77 -56.78 22.61
C ASN C 650 32.12 -55.30 22.58
N ASP C 651 33.34 -54.95 22.93
CA ASP C 651 33.73 -53.55 23.04
C ASP C 651 34.67 -53.06 21.93
N SER C 652 34.84 -53.87 20.89
CA SER C 652 35.73 -53.45 19.79
C SER C 652 35.23 -52.34 18.87
N ASN C 653 33.96 -51.97 18.96
CA ASN C 653 33.30 -51.09 17.98
C ASN C 653 32.10 -50.46 18.59
N MET C 654 31.65 -49.35 18.03
CA MET C 654 30.28 -48.91 18.27
C MET C 654 29.24 -49.96 17.82
N ASP C 655 29.35 -50.52 16.61
CA ASP C 655 28.35 -51.53 16.17
C ASP C 655 28.35 -52.86 16.91
N ALA C 656 29.55 -53.31 17.29
CA ALA C 656 29.71 -54.58 17.97
C ALA C 656 29.12 -54.56 19.38
N LEU C 657 29.04 -53.38 19.98
CA LEU C 657 28.36 -53.23 21.26
C LEU C 657 26.83 -53.15 21.14
N ALA C 658 26.34 -52.46 20.11
CA ALA C 658 24.88 -52.16 19.97
C ALA C 658 24.12 -53.15 19.06
N SER D 21 -17.68 50.26 51.06
CA SER D 21 -16.31 49.78 50.71
C SER D 21 -16.32 48.35 50.19
N ARG D 22 -16.31 48.21 48.86
CA ARG D 22 -16.17 46.91 48.19
C ARG D 22 -15.22 47.08 47.00
N ASP D 23 -14.48 46.02 46.65
CA ASP D 23 -13.52 46.09 45.54
C ASP D 23 -14.16 45.76 44.18
N LEU D 24 -14.11 46.72 43.27
CA LEU D 24 -14.67 46.58 41.93
C LEU D 24 -13.72 45.92 40.93
N GLN D 25 -12.41 46.11 41.14
CA GLN D 25 -11.39 45.51 40.27
C GLN D 25 -11.08 44.07 40.66
N ASN D 26 -11.03 43.81 41.96
CA ASN D 26 -10.97 42.44 42.48
C ASN D 26 -12.32 42.01 43.03
N HIS D 27 -13.12 41.39 42.18
CA HIS D 27 -14.49 41.00 42.52
C HIS D 27 -14.78 39.53 42.20
N LEU D 28 -15.91 39.02 42.71
CA LEU D 28 -16.33 37.64 42.45
C LEU D 28 -17.36 37.55 41.33
N LEU D 29 -17.52 36.35 40.75
CA LEU D 29 -18.50 36.11 39.67
C LEU D 29 -19.23 34.77 39.79
N PHE D 30 -20.56 34.81 39.74
CA PHE D 30 -21.39 33.62 39.83
C PHE D 30 -22.36 33.46 38.66
N GLU D 31 -22.08 32.47 37.82
CA GLU D 31 -22.85 32.19 36.60
C GLU D 31 -23.86 31.07 36.84
N THR D 32 -25.14 31.43 36.93
CA THR D 32 -26.21 30.53 37.34
C THR D 32 -27.11 30.20 36.16
N ALA D 33 -27.33 28.91 35.92
CA ALA D 33 -28.17 28.39 34.79
C ALA D 33 -28.61 26.93 34.95
N THR D 34 -29.79 26.60 34.42
CA THR D 34 -30.31 25.21 34.40
C THR D 34 -29.32 24.15 33.89
N GLU D 35 -28.67 24.44 32.77
CA GLU D 35 -27.80 23.46 32.08
C GLU D 35 -26.35 23.32 32.59
N VAL D 36 -26.07 23.74 33.83
CA VAL D 36 -24.68 23.74 34.34
C VAL D 36 -24.09 22.32 34.48
N ALA D 37 -24.81 21.44 35.17
CA ALA D 37 -24.37 20.05 35.32
C ALA D 37 -24.58 19.24 34.05
N ASN D 38 -25.78 19.34 33.49
CA ASN D 38 -26.23 18.44 32.43
C ASN D 38 -26.57 19.14 31.12
N ARG D 39 -26.64 18.36 30.05
CA ARG D 39 -26.99 18.88 28.73
C ARG D 39 -28.49 18.74 28.49
N VAL D 40 -29.13 19.87 28.18
CA VAL D 40 -30.53 19.86 27.74
C VAL D 40 -30.66 20.54 26.37
N GLY D 41 -30.07 21.72 26.23
CA GLY D 41 -30.08 22.46 24.97
C GLY D 41 -28.80 23.20 24.65
N GLY D 42 -28.89 24.13 23.70
CA GLY D 42 -27.75 24.95 23.27
C GLY D 42 -26.99 25.70 24.36
N ILE D 43 -27.66 26.01 25.48
CA ILE D 43 -27.03 26.75 26.58
C ILE D 43 -25.86 25.97 27.20
N TYR D 44 -25.96 24.65 27.16
CA TYR D 44 -24.94 23.78 27.74
C TYR D 44 -23.58 24.08 27.16
N SER D 45 -23.53 24.21 25.84
CA SER D 45 -22.28 24.39 25.10
C SER D 45 -21.70 25.82 25.19
N VAL D 46 -22.59 26.79 25.36
CA VAL D 46 -22.19 28.17 25.60
C VAL D 46 -21.39 28.27 26.91
N LEU D 47 -21.92 27.67 27.97
CA LEU D 47 -21.23 27.66 29.25
C LEU D 47 -19.95 26.82 29.21
N LYS D 48 -20.01 25.74 28.43
CA LYS D 48 -18.88 24.83 28.28
C LYS D 48 -17.72 25.53 27.57
N SER D 49 -17.95 26.01 26.35
CA SER D 49 -16.92 26.65 25.54
C SER D 49 -16.38 27.94 26.15
N LYS D 50 -17.21 28.60 26.95
CA LYS D 50 -16.86 29.90 27.52
C LYS D 50 -15.97 29.77 28.76
N ALA D 51 -15.97 28.60 29.37
CA ALA D 51 -15.23 28.35 30.59
C ALA D 51 -13.72 28.68 30.53
N PRO D 52 -13.02 28.26 29.45
CA PRO D 52 -11.58 28.57 29.37
C PRO D 52 -11.25 30.05 29.55
N ILE D 53 -11.98 30.93 28.87
CA ILE D 53 -11.72 32.38 28.96
C ILE D 53 -12.19 33.00 30.29
N THR D 54 -13.24 32.41 30.86
CA THR D 54 -13.78 32.89 32.12
C THR D 54 -12.80 32.53 33.24
N VAL D 55 -12.28 31.31 33.18
CA VAL D 55 -11.31 30.84 34.17
C VAL D 55 -9.97 31.56 34.00
N ALA D 56 -9.61 31.82 32.74
CA ALA D 56 -8.41 32.61 32.43
C ALA D 56 -8.41 33.97 33.14
N GLN D 57 -9.58 34.62 33.16
CA GLN D 57 -9.73 35.94 33.78
C GLN D 57 -9.89 35.91 35.32
N TYR D 58 -10.61 34.91 35.84
CA TYR D 58 -11.02 34.90 37.25
C TYR D 58 -10.32 33.89 38.16
N LYS D 59 -9.78 32.82 37.56
CA LYS D 59 -9.17 31.74 38.33
C LYS D 59 -10.16 31.10 39.30
N ASP D 60 -10.00 31.39 40.59
CA ASP D 60 -10.79 30.80 41.66
C ASP D 60 -11.84 31.79 42.21
N HIS D 61 -11.92 32.97 41.61
CA HIS D 61 -12.90 33.98 42.00
C HIS D 61 -14.26 33.73 41.33
N TYR D 62 -14.28 32.71 40.45
CA TYR D 62 -15.43 32.33 39.62
C TYR D 62 -15.98 30.94 39.99
N HIS D 63 -17.30 30.88 40.15
CA HIS D 63 -18.02 29.64 40.43
C HIS D 63 -19.30 29.56 39.59
N LEU D 64 -19.57 28.39 39.03
CA LEU D 64 -20.81 28.15 38.28
C LEU D 64 -21.86 27.55 39.19
N ILE D 65 -23.14 27.85 38.92
CA ILE D 65 -24.23 27.37 39.78
C ILE D 65 -25.38 26.81 38.96
N GLY D 66 -25.73 25.55 39.24
CA GLY D 66 -26.85 24.88 38.59
C GLY D 66 -27.59 23.92 39.52
N PRO D 67 -28.70 23.34 39.05
CA PRO D 67 -29.39 22.33 39.85
C PRO D 67 -28.72 20.98 39.68
N LEU D 68 -28.40 20.34 40.80
CA LEU D 68 -27.73 19.03 40.80
C LEU D 68 -28.60 17.96 40.13
N ASN D 69 -28.23 17.59 38.90
CA ASN D 69 -28.86 16.48 38.22
C ASN D 69 -28.32 15.17 38.75
N LYS D 70 -29.07 14.55 39.68
CA LYS D 70 -28.66 13.32 40.35
C LYS D 70 -28.29 12.18 39.41
N ALA D 71 -29.00 12.07 38.30
CA ALA D 71 -28.84 10.96 37.35
C ALA D 71 -27.50 10.91 36.60
N THR D 72 -27.01 12.06 36.16
CA THR D 72 -25.85 12.06 35.25
C THR D 72 -24.62 12.82 35.74
N TYR D 73 -24.78 13.68 36.75
CA TYR D 73 -23.70 14.56 37.22
C TYR D 73 -22.33 13.87 37.40
N GLN D 74 -22.36 12.61 37.84
CA GLN D 74 -21.15 11.84 38.13
C GLN D 74 -20.25 11.63 36.89
N ASN D 75 -20.82 11.81 35.71
CA ASN D 75 -20.07 11.72 34.46
C ASN D 75 -19.28 12.99 34.13
N GLU D 76 -19.73 14.13 34.64
CA GLU D 76 -19.20 15.43 34.23
C GLU D 76 -18.49 16.21 35.35
N VAL D 77 -18.83 15.90 36.60
CA VAL D 77 -18.32 16.66 37.74
C VAL D 77 -17.23 15.89 38.48
N ASP D 78 -16.15 16.60 38.79
CA ASP D 78 -15.05 16.08 39.60
C ASP D 78 -15.32 16.43 41.08
N ILE D 79 -15.98 15.51 41.79
CA ILE D 79 -16.45 15.72 43.17
C ILE D 79 -15.30 16.02 44.15
N LEU D 80 -15.50 17.03 45.00
CA LEU D 80 -14.44 17.51 45.90
C LEU D 80 -14.89 17.64 47.36
N ASP D 81 -13.93 17.56 48.27
CA ASP D 81 -14.17 17.85 49.68
C ASP D 81 -13.98 19.35 49.91
N TRP D 82 -15.10 20.03 50.08
CA TRP D 82 -15.12 21.48 50.29
C TRP D 82 -14.90 21.87 51.77
N LYS D 83 -14.74 20.85 52.62
CA LYS D 83 -14.53 21.07 54.06
C LYS D 83 -13.05 21.08 54.47
N LYS D 84 -12.16 20.90 53.50
CA LYS D 84 -10.72 21.04 53.70
C LYS D 84 -10.35 22.51 53.91
N PRO D 85 -9.24 22.77 54.64
CA PRO D 85 -8.71 24.14 54.63
C PRO D 85 -8.10 24.50 53.28
N GLU D 86 -7.58 23.51 52.56
CA GLU D 86 -6.92 23.68 51.27
C GLU D 86 -7.87 23.99 50.12
N ALA D 87 -9.15 23.64 50.28
CA ALA D 87 -10.15 23.80 49.22
C ALA D 87 -10.38 25.25 48.76
N PHE D 88 -10.15 26.21 49.67
CA PHE D 88 -10.28 27.64 49.36
C PHE D 88 -9.08 28.43 49.88
N SER D 89 -8.81 29.58 49.23
CA SER D 89 -7.78 30.51 49.68
C SER D 89 -8.35 31.47 50.72
N ASP D 90 -7.48 32.30 51.31
CA ASP D 90 -7.92 33.20 52.38
C ASP D 90 -8.96 34.24 51.98
N GLU D 91 -8.88 34.75 50.75
CA GLU D 91 -9.88 35.70 50.26
C GLU D 91 -11.09 35.01 49.59
N MET D 92 -11.02 33.69 49.45
CA MET D 92 -12.16 32.91 48.99
C MET D 92 -12.83 32.15 50.14
N ARG D 93 -12.32 32.37 51.36
CA ARG D 93 -12.93 31.86 52.57
C ARG D 93 -14.44 32.20 52.68
N PRO D 94 -14.82 33.48 52.43
CA PRO D 94 -16.24 33.85 52.55
C PRO D 94 -17.22 33.00 51.72
N VAL D 95 -16.72 32.30 50.69
CA VAL D 95 -17.56 31.30 49.97
C VAL D 95 -17.72 30.03 50.81
N GLN D 96 -16.59 29.47 51.24
CA GLN D 96 -16.60 28.25 52.07
C GLN D 96 -17.54 28.36 53.27
N HIS D 97 -17.52 29.52 53.95
CA HIS D 97 -18.39 29.78 55.10
C HIS D 97 -19.87 29.76 54.75
N ALA D 98 -20.21 30.26 53.56
CA ALA D 98 -21.59 30.23 53.06
C ALA D 98 -22.10 28.81 52.90
N LEU D 99 -21.29 27.95 52.29
CA LEU D 99 -21.59 26.52 52.12
C LEU D 99 -21.80 25.78 53.45
N GLN D 100 -21.00 26.13 54.45
CA GLN D 100 -21.20 25.65 55.83
C GLN D 100 -22.53 26.07 56.42
N THR D 101 -22.95 27.31 56.13
CA THR D 101 -24.22 27.83 56.62
C THR D 101 -25.41 27.16 55.91
N MET D 102 -25.24 26.83 54.62
CA MET D 102 -26.22 26.02 53.89
C MET D 102 -26.29 24.62 54.50
N GLU D 103 -25.12 24.09 54.86
CA GLU D 103 -24.99 22.76 55.47
C GLU D 103 -25.66 22.68 56.84
N SER D 104 -25.51 23.74 57.64
CA SER D 104 -26.13 23.83 58.98
C SER D 104 -27.66 23.86 58.93
N ARG D 105 -28.20 24.28 57.79
CA ARG D 105 -29.65 24.37 57.61
C ARG D 105 -30.19 23.13 56.87
N GLY D 106 -29.29 22.23 56.48
CA GLY D 106 -29.68 20.92 55.94
C GLY D 106 -29.55 20.74 54.44
N VAL D 107 -29.21 21.81 53.73
CA VAL D 107 -29.13 21.82 52.28
C VAL D 107 -27.96 20.97 51.77
N HIS D 108 -28.27 19.98 50.93
CA HIS D 108 -27.27 19.10 50.29
C HIS D 108 -26.83 19.73 48.98
N PHE D 109 -25.54 19.62 48.65
CA PHE D 109 -24.97 20.18 47.40
C PHE D 109 -23.66 19.49 46.98
N VAL D 110 -23.16 19.81 45.79
CA VAL D 110 -21.88 19.28 45.29
C VAL D 110 -20.95 20.39 44.77
N TYR D 111 -19.79 20.51 45.40
CA TYR D 111 -18.75 21.44 44.99
C TYR D 111 -17.64 20.67 44.31
N GLY D 112 -17.19 21.16 43.16
CA GLY D 112 -16.13 20.50 42.40
C GLY D 112 -15.76 21.17 41.09
N ARG D 113 -14.79 20.59 40.39
CA ARG D 113 -14.41 21.07 39.08
C ARG D 113 -15.23 20.42 37.97
N TRP D 114 -15.64 21.21 36.99
CA TRP D 114 -16.30 20.68 35.81
C TRP D 114 -15.23 20.12 34.88
N LEU D 115 -15.39 18.85 34.51
CA LEU D 115 -14.39 18.14 33.70
C LEU D 115 -14.42 18.54 32.22
N ILE D 116 -14.22 19.83 31.98
CA ILE D 116 -14.09 20.38 30.63
C ILE D 116 -12.85 21.26 30.60
N GLU D 117 -12.36 21.59 29.40
CA GLU D 117 -11.20 22.45 29.28
C GLU D 117 -11.38 23.69 30.16
N GLY D 118 -10.32 24.06 30.88
CA GLY D 118 -10.39 25.18 31.81
C GLY D 118 -10.86 24.80 33.21
N ALA D 119 -11.61 23.70 33.30
CA ALA D 119 -12.07 23.12 34.57
C ALA D 119 -12.61 24.15 35.59
N PRO D 120 -13.75 24.80 35.27
CA PRO D 120 -14.33 25.78 36.19
C PRO D 120 -14.92 25.14 37.44
N LYS D 121 -14.94 25.89 38.54
CA LYS D 121 -15.50 25.40 39.80
C LYS D 121 -17.03 25.46 39.79
N VAL D 122 -17.65 24.37 40.19
CA VAL D 122 -19.11 24.22 40.13
C VAL D 122 -19.75 24.04 41.53
N ILE D 123 -20.92 24.65 41.73
CA ILE D 123 -21.74 24.40 42.93
C ILE D 123 -23.14 23.94 42.52
N LEU D 124 -23.41 22.65 42.73
CA LEU D 124 -24.69 22.06 42.33
C LEU D 124 -25.58 21.77 43.53
N PHE D 125 -26.67 22.53 43.64
CA PHE D 125 -27.61 22.37 44.74
C PHE D 125 -28.59 21.23 44.51
N ASP D 126 -28.64 20.30 45.47
CA ASP D 126 -29.63 19.24 45.46
C ASP D 126 -31.00 19.83 45.80
N LEU D 127 -31.85 19.94 44.78
CA LEU D 127 -33.19 20.52 44.93
C LEU D 127 -34.17 19.60 45.66
N ASP D 128 -33.84 18.31 45.71
CA ASP D 128 -34.63 17.32 46.45
C ASP D 128 -34.53 17.57 47.96
N SER D 129 -33.38 18.06 48.41
CA SER D 129 -33.16 18.38 49.83
C SER D 129 -33.50 19.83 50.18
N VAL D 130 -34.61 20.32 49.62
CA VAL D 130 -35.13 21.67 49.90
C VAL D 130 -36.60 21.77 49.46
N ARG D 131 -37.08 20.69 48.84
CA ARG D 131 -38.46 20.58 48.32
C ARG D 131 -39.55 20.81 49.38
N GLY D 132 -39.19 20.66 50.66
CA GLY D 132 -40.12 20.89 51.77
C GLY D 132 -40.66 22.31 51.88
N TYR D 133 -39.92 23.26 51.34
CA TYR D 133 -40.31 24.67 51.38
C TYR D 133 -41.27 25.07 50.26
N SER D 134 -41.44 24.16 49.29
CA SER D 134 -42.30 24.35 48.12
C SER D 134 -43.48 25.31 48.33
N ASN D 135 -44.44 24.90 49.18
CA ASN D 135 -45.66 25.66 49.41
C ASN D 135 -45.42 27.07 49.94
N GLU D 136 -44.51 27.18 50.91
CA GLU D 136 -44.14 28.48 51.50
C GLU D 136 -43.49 29.44 50.49
N TRP D 137 -42.62 28.93 49.63
CA TRP D 137 -41.95 29.77 48.63
C TRP D 137 -42.88 30.23 47.50
N LYS D 138 -43.84 29.40 47.13
CA LYS D 138 -44.85 29.74 46.11
C LYS D 138 -45.77 30.85 46.60
N GLY D 139 -46.21 30.73 47.84
CA GLY D 139 -47.02 31.76 48.48
C GLY D 139 -46.28 33.07 48.61
N ASP D 140 -44.97 32.98 48.86
CA ASP D 140 -44.11 34.16 49.00
C ASP D 140 -43.98 34.92 47.69
N LEU D 141 -43.59 34.20 46.64
CA LEU D 141 -43.42 34.78 45.32
C LEU D 141 -44.74 35.31 44.74
N TRP D 142 -45.86 34.76 45.20
CA TRP D 142 -47.19 35.26 44.87
C TRP D 142 -47.43 36.63 45.50
N SER D 143 -46.97 36.83 46.73
CA SER D 143 -47.13 38.13 47.41
C SER D 143 -45.86 38.98 47.44
N LEU D 144 -44.89 38.67 46.58
CA LEU D 144 -43.74 39.55 46.34
C LEU D 144 -43.74 40.11 44.92
N VAL D 145 -43.99 39.24 43.93
CA VAL D 145 -44.05 39.65 42.52
C VAL D 145 -45.43 39.39 41.91
N GLY D 146 -46.15 38.40 42.44
CA GLY D 146 -47.52 38.10 42.01
C GLY D 146 -47.62 36.98 40.98
N ILE D 147 -46.60 36.14 40.93
CA ILE D 147 -46.48 35.08 39.92
C ILE D 147 -47.23 33.81 40.33
N PRO D 148 -48.26 33.40 39.54
CA PRO D 148 -49.00 32.18 39.86
C PRO D 148 -48.13 30.94 39.67
N SER D 149 -48.55 29.81 40.23
CA SER D 149 -47.84 28.55 40.04
C SER D 149 -48.76 27.34 40.17
N PRO D 150 -49.26 26.83 39.03
CA PRO D 150 -49.84 25.49 39.02
C PRO D 150 -48.80 24.46 39.46
N GLU D 151 -49.23 23.43 40.17
CA GLU D 151 -48.30 22.44 40.72
C GLU D 151 -47.91 21.34 39.72
N ASN D 152 -48.80 21.06 38.77
CA ASN D 152 -48.53 20.06 37.72
C ASN D 152 -47.43 20.46 36.73
N ASP D 153 -46.83 21.63 36.95
CA ASP D 153 -45.68 22.10 36.20
C ASP D 153 -44.40 21.87 37.02
N PHE D 154 -43.76 20.73 36.76
CA PHE D 154 -42.58 20.28 37.50
C PHE D 154 -41.39 21.19 37.27
N GLU D 155 -41.31 21.76 36.08
CA GLU D 155 -40.22 22.66 35.68
C GLU D 155 -40.22 24.01 36.44
N THR D 156 -41.39 24.60 36.66
CA THR D 156 -41.49 25.85 37.42
C THR D 156 -41.20 25.67 38.90
N ASN D 157 -41.58 24.51 39.44
CA ASN D 157 -41.29 24.16 40.82
C ASN D 157 -39.78 24.23 41.07
N ASP D 158 -39.03 23.65 40.14
CA ASP D 158 -37.56 23.62 40.22
C ASP D 158 -36.91 24.99 40.00
N ALA D 159 -37.50 25.79 39.12
CA ALA D 159 -37.03 27.15 38.88
C ALA D 159 -37.27 28.03 40.10
N ILE D 160 -38.34 27.75 40.84
CA ILE D 160 -38.63 28.42 42.11
C ILE D 160 -37.67 27.95 43.19
N LEU D 161 -37.55 26.64 43.34
CA LEU D 161 -36.68 26.05 44.36
C LEU D 161 -35.25 26.55 44.20
N LEU D 162 -34.73 26.50 42.98
CA LEU D 162 -33.39 26.95 42.67
C LEU D 162 -33.21 28.42 42.98
N GLY D 163 -34.12 29.25 42.46
CA GLY D 163 -34.09 30.70 42.63
C GLY D 163 -33.89 31.13 44.07
N TYR D 164 -34.64 30.50 44.98
CA TYR D 164 -34.56 30.78 46.40
C TYR D 164 -33.29 30.23 47.05
N THR D 165 -32.89 29.04 46.63
CA THR D 165 -31.64 28.42 47.09
C THR D 165 -30.40 29.20 46.63
N VAL D 166 -30.49 29.82 45.45
CA VAL D 166 -29.39 30.63 44.93
C VAL D 166 -29.39 32.04 45.54
N ALA D 167 -30.57 32.50 45.97
CA ALA D 167 -30.69 33.73 46.74
C ALA D 167 -30.27 33.52 48.20
N TRP D 168 -30.60 32.33 48.72
CA TRP D 168 -30.21 31.89 50.05
C TRP D 168 -28.68 31.91 50.15
N PHE D 169 -28.03 31.49 49.07
CA PHE D 169 -26.58 31.39 48.98
C PHE D 169 -25.87 32.70 48.64
N LEU D 170 -26.52 33.56 47.85
CA LEU D 170 -25.94 34.88 47.51
C LEU D 170 -26.07 35.92 48.62
N GLY D 171 -27.15 35.82 49.40
CA GLY D 171 -27.34 36.67 50.58
C GLY D 171 -26.34 36.33 51.68
N GLU D 172 -25.84 35.09 51.64
CA GLU D 172 -24.80 34.62 52.57
C GLU D 172 -23.41 35.08 52.15
N VAL D 173 -23.08 34.94 50.87
CA VAL D 173 -21.81 35.40 50.32
C VAL D 173 -21.62 36.91 50.55
N ALA D 174 -22.64 37.69 50.20
CA ALA D 174 -22.62 39.15 50.38
C ALA D 174 -22.49 39.56 51.84
N HIS D 175 -23.02 38.73 52.74
CA HIS D 175 -22.92 38.97 54.17
C HIS D 175 -21.54 38.64 54.74
N LEU D 176 -20.98 37.51 54.30
CA LEU D 176 -19.72 37.00 54.84
C LEU D 176 -18.49 37.59 54.13
N ASP D 177 -18.71 38.05 52.90
CA ASP D 177 -17.68 38.78 52.14
C ASP D 177 -18.02 40.27 52.16
N SER D 178 -17.04 41.10 52.51
CA SER D 178 -17.17 42.54 52.40
C SER D 178 -16.01 43.13 51.59
N GLN D 179 -15.03 42.28 51.33
CA GLN D 179 -13.86 42.65 50.52
C GLN D 179 -14.20 42.80 49.03
N HIS D 180 -15.05 41.91 48.51
CA HIS D 180 -15.33 41.89 47.08
C HIS D 180 -16.67 42.51 46.72
N ALA D 181 -16.75 43.03 45.49
CA ALA D 181 -18.03 43.23 44.86
C ALA D 181 -18.41 41.85 44.32
N ILE D 182 -19.70 41.52 44.34
CA ILE D 182 -20.15 40.21 43.88
C ILE D 182 -21.08 40.33 42.68
N VAL D 183 -20.67 39.72 41.57
CA VAL D 183 -21.45 39.70 40.32
C VAL D 183 -22.19 38.38 40.16
N ALA D 184 -23.50 38.46 39.91
CA ALA D 184 -24.35 37.29 39.71
C ALA D 184 -25.03 37.35 38.34
N HIS D 185 -24.75 36.34 37.50
CA HIS D 185 -25.21 36.29 36.12
C HIS D 185 -26.21 35.14 35.94
N PHE D 186 -27.40 35.45 35.45
CA PHE D 186 -28.40 34.40 35.25
C PHE D 186 -28.73 34.16 33.76
N HIS D 187 -28.91 32.88 33.40
CA HIS D 187 -29.24 32.46 32.01
C HIS D 187 -30.61 31.77 31.92
N GLN D 188 -31.46 32.32 31.04
CA GLN D 188 -32.86 31.88 30.82
C GLN D 188 -33.76 32.04 32.04
N TRP D 189 -35.07 32.00 31.80
CA TRP D 189 -36.07 32.21 32.84
C TRP D 189 -36.11 31.08 33.88
N LEU D 190 -35.65 29.89 33.51
CA LEU D 190 -35.60 28.75 34.44
C LEU D 190 -34.59 28.97 35.56
N ALA D 191 -33.66 29.90 35.37
CA ALA D 191 -32.74 30.33 36.43
C ALA D 191 -33.04 31.76 36.92
N GLY D 192 -34.24 32.25 36.59
CA GLY D 192 -34.59 33.65 36.78
C GLY D 192 -35.12 34.06 38.14
N VAL D 193 -35.88 33.17 38.78
CA VAL D 193 -36.57 33.46 40.05
C VAL D 193 -35.74 34.24 41.08
N ALA D 194 -34.43 33.99 41.10
CA ALA D 194 -33.50 34.64 42.03
C ALA D 194 -33.37 36.15 41.85
N LEU D 195 -33.57 36.63 40.63
CA LEU D 195 -33.42 38.06 40.31
C LEU D 195 -34.39 39.02 41.01
N PRO D 196 -35.71 38.68 41.07
CA PRO D 196 -36.63 39.48 41.90
C PRO D 196 -36.28 39.45 43.38
N LEU D 197 -35.87 38.29 43.86
CA LEU D 197 -35.46 38.12 45.25
C LEU D 197 -34.27 38.99 45.63
N CYS D 198 -33.22 38.96 44.82
CA CYS D 198 -32.02 39.77 45.03
C CYS D 198 -32.32 41.26 45.13
N ARG D 199 -33.24 41.72 44.29
CA ARG D 199 -33.62 43.12 44.22
C ARG D 199 -34.52 43.54 45.39
N LYS D 200 -35.58 42.76 45.63
CA LYS D 200 -36.54 43.08 46.68
C LYS D 200 -35.92 42.94 48.08
N ARG D 201 -35.13 41.88 48.28
CA ARG D 201 -34.40 41.73 49.55
C ARG D 201 -33.26 42.74 49.71
N ARG D 202 -32.89 43.40 48.61
CA ARG D 202 -31.82 44.43 48.58
C ARG D 202 -30.41 43.86 48.84
N ILE D 203 -30.22 42.58 48.57
CA ILE D 203 -28.92 41.90 48.66
C ILE D 203 -27.83 42.69 47.89
N ASP D 204 -26.66 42.82 48.50
CA ASP D 204 -25.57 43.62 47.93
C ASP D 204 -24.72 42.92 46.85
N VAL D 205 -25.41 42.39 45.83
CA VAL D 205 -24.74 41.88 44.63
C VAL D 205 -25.21 42.69 43.43
N VAL D 206 -24.42 42.70 42.36
CA VAL D 206 -24.91 43.20 41.07
C VAL D 206 -25.38 42.03 40.22
N THR D 207 -26.49 42.24 39.50
CA THR D 207 -27.17 41.17 38.79
C THR D 207 -27.19 41.37 37.28
N ILE D 208 -27.06 40.27 36.54
CA ILE D 208 -27.23 40.28 35.10
C ILE D 208 -28.19 39.15 34.71
N PHE D 209 -29.16 39.48 33.86
CA PHE D 209 -29.99 38.46 33.23
C PHE D 209 -29.75 38.36 31.73
N THR D 210 -29.66 37.12 31.26
CA THR D 210 -29.58 36.85 29.83
C THR D 210 -30.71 35.93 29.40
N THR D 211 -31.49 36.39 28.42
CA THR D 211 -32.49 35.54 27.79
C THR D 211 -31.97 35.04 26.43
N HIS D 212 -32.03 33.72 26.20
CA HIS D 212 -31.52 33.08 24.97
C HIS D 212 -32.65 32.78 23.97
N ALA D 213 -33.85 33.22 24.33
CA ALA D 213 -35.06 33.07 23.52
C ALA D 213 -36.16 33.63 24.38
N THR D 214 -37.37 33.79 23.83
CA THR D 214 -38.49 34.23 24.66
C THR D 214 -39.54 33.15 24.65
N LEU D 215 -40.26 33.03 25.76
CA LEU D 215 -41.34 32.05 25.88
C LEU D 215 -42.40 32.26 24.82
N LEU D 216 -42.84 33.50 24.68
CA LEU D 216 -43.88 33.85 23.72
C LEU D 216 -43.40 33.61 22.29
N GLY D 217 -42.32 34.29 21.92
CA GLY D 217 -41.77 34.27 20.56
C GLY D 217 -41.88 32.92 19.90
N ARG D 218 -41.53 31.89 20.67
CA ARG D 218 -41.49 30.51 20.16
C ARG D 218 -42.87 30.01 19.72
N TYR D 219 -43.84 30.07 20.64
CA TYR D 219 -45.22 29.62 20.38
C TYR D 219 -45.90 30.45 19.30
N LEU D 220 -45.72 31.77 19.35
CA LEU D 220 -46.38 32.69 18.43
C LEU D 220 -46.06 32.37 16.99
N CYS D 221 -44.76 32.18 16.71
CA CYS D 221 -44.26 31.76 15.40
C CYS D 221 -44.71 30.35 15.04
N ALA D 222 -44.80 29.49 16.06
CA ALA D 222 -45.11 28.08 15.86
C ALA D 222 -46.57 27.81 15.51
N SER D 223 -47.22 28.77 14.84
CA SER D 223 -48.58 28.58 14.31
C SER D 223 -48.66 29.07 12.86
N GLY D 224 -49.43 30.13 12.62
CA GLY D 224 -49.61 30.68 11.27
C GLY D 224 -48.39 31.41 10.77
N PHE D 228 -45.40 38.39 11.90
CA PHE D 228 -44.76 38.25 13.21
C PHE D 228 -43.72 39.32 13.42
N TYR D 229 -42.62 39.25 12.67
CA TYR D 229 -41.55 40.24 12.76
C TYR D 229 -42.02 41.62 12.31
N ASN D 230 -43.19 41.66 11.69
CA ASN D 230 -43.78 42.91 11.22
C ASN D 230 -44.90 43.42 12.13
N CYS D 231 -45.50 42.50 12.88
CA CYS D 231 -46.65 42.86 13.71
C CYS D 231 -46.60 42.19 15.07
N LEU D 232 -45.49 42.37 15.78
CA LEU D 232 -45.39 41.91 17.17
C LEU D 232 -45.39 43.12 18.11
N GLU D 233 -45.66 44.28 17.53
CA GLU D 233 -45.77 45.52 18.27
C GLU D 233 -47.25 45.77 18.52
N SER D 234 -48.07 44.77 18.17
CA SER D 234 -49.53 44.91 18.22
C SER D 234 -50.24 43.67 18.77
N VAL D 235 -49.49 42.77 19.41
CA VAL D 235 -50.10 41.63 20.09
C VAL D 235 -50.15 41.89 21.60
N ASP D 236 -51.13 41.31 22.27
CA ASP D 236 -51.25 41.45 23.72
C ASP D 236 -50.47 40.34 24.42
N VAL D 237 -49.48 40.73 25.22
CA VAL D 237 -48.62 39.77 25.92
C VAL D 237 -49.42 38.81 26.80
N ASP D 238 -50.25 39.36 27.67
CA ASP D 238 -50.92 38.61 28.73
C ASP D 238 -52.08 37.75 28.22
N HIS D 239 -52.83 38.27 27.25
CA HIS D 239 -53.90 37.54 26.59
C HIS D 239 -53.35 36.32 25.83
N GLU D 240 -52.16 36.48 25.23
CA GLU D 240 -51.53 35.41 24.44
C GLU D 240 -50.82 34.36 25.30
N ALA D 241 -50.17 34.80 26.37
CA ALA D 241 -49.54 33.87 27.32
C ALA D 241 -50.59 32.98 27.99
N GLY D 242 -51.72 33.58 28.38
CA GLY D 242 -52.85 32.85 28.94
C GLY D 242 -53.49 31.90 27.94
N ARG D 243 -53.39 32.23 26.65
CA ARG D 243 -53.92 31.38 25.58
C ARG D 243 -53.12 30.09 25.36
N PHE D 244 -51.80 30.16 25.52
CA PHE D 244 -50.94 28.98 25.39
C PHE D 244 -50.79 28.23 26.72
N GLY D 245 -51.46 28.73 27.75
CA GLY D 245 -51.43 28.13 29.09
C GLY D 245 -50.05 28.13 29.71
N ILE D 246 -49.34 29.23 29.55
CA ILE D 246 -47.93 29.30 29.91
C ILE D 246 -47.66 30.62 30.66
N TYR D 247 -48.75 31.23 31.11
CA TYR D 247 -48.74 32.54 31.75
C TYR D 247 -47.80 32.62 32.95
N HIS D 248 -47.91 31.64 33.85
CA HIS D 248 -47.06 31.55 35.03
C HIS D 248 -45.57 31.52 34.67
N ARG D 249 -45.26 30.91 33.54
CA ARG D 249 -43.91 30.91 33.00
C ARG D 249 -43.52 32.29 32.48
N TYR D 250 -44.45 32.94 31.78
CA TYR D 250 -44.21 34.28 31.26
C TYR D 250 -43.88 35.25 32.39
N CYS D 251 -44.55 35.09 33.52
CA CYS D 251 -44.36 35.98 34.66
C CYS D 251 -42.98 35.84 35.30
N ILE D 252 -42.40 34.65 35.25
CA ILE D 252 -41.04 34.42 35.74
C ILE D 252 -40.00 35.06 34.80
N GLU D 253 -40.28 35.02 33.50
CA GLU D 253 -39.43 35.66 32.50
C GLU D 253 -39.43 37.17 32.72
N ARG D 254 -40.63 37.76 32.68
CA ARG D 254 -40.82 39.20 32.80
C ARG D 254 -40.20 39.76 34.07
N ALA D 255 -40.44 39.08 35.19
CA ALA D 255 -39.89 39.51 36.47
C ALA D 255 -38.36 39.49 36.38
N ALA D 256 -37.81 38.39 35.90
CA ALA D 256 -36.35 38.22 35.78
C ALA D 256 -35.69 39.34 34.97
N ALA D 257 -36.30 39.72 33.85
CA ALA D 257 -35.75 40.77 33.00
C ALA D 257 -35.93 42.17 33.60
N HIS D 258 -37.01 42.36 34.36
CA HIS D 258 -37.30 43.66 34.99
C HIS D 258 -36.57 43.88 36.31
N SER D 259 -36.08 42.79 36.91
CA SER D 259 -35.45 42.83 38.23
C SER D 259 -33.94 43.01 38.16
N ALA D 260 -33.34 42.58 37.05
CA ALA D 260 -31.90 42.62 36.88
C ALA D 260 -31.41 44.04 36.65
N ASP D 261 -30.24 44.34 37.20
CA ASP D 261 -29.56 45.61 36.92
C ASP D 261 -29.36 45.73 35.40
N VAL D 262 -28.66 44.76 34.83
CA VAL D 262 -28.40 44.74 33.39
C VAL D 262 -29.22 43.62 32.74
N PHE D 263 -29.90 43.95 31.65
CA PHE D 263 -30.66 42.98 30.87
C PHE D 263 -30.04 42.81 29.48
N THR D 264 -29.75 41.57 29.10
CA THR D 264 -29.13 41.27 27.81
C THR D 264 -29.81 40.09 27.11
N THR D 265 -29.76 40.10 25.78
CA THR D 265 -30.21 38.97 24.98
C THR D 265 -29.00 38.47 24.20
N VAL D 266 -29.18 37.43 23.38
CA VAL D 266 -28.06 36.87 22.61
C VAL D 266 -27.84 37.54 21.26
N SER D 267 -28.85 38.23 20.74
CA SER D 267 -28.70 38.90 19.45
C SER D 267 -29.68 40.04 19.30
N GLN D 268 -29.48 40.83 18.25
CA GLN D 268 -30.32 41.99 18.01
C GLN D 268 -31.77 41.62 17.69
N ILE D 269 -31.96 40.55 16.92
CA ILE D 269 -33.32 40.10 16.58
C ILE D 269 -34.06 39.65 17.84
N THR D 270 -33.32 39.07 18.76
CA THR D 270 -33.87 38.66 20.03
C THR D 270 -34.07 39.86 20.95
N ALA D 271 -33.19 40.85 20.82
CA ALA D 271 -33.31 42.11 21.55
C ALA D 271 -34.59 42.86 21.16
N PHE D 272 -34.91 42.85 19.87
CA PHE D 272 -36.14 43.41 19.35
C PHE D 272 -37.32 42.60 19.87
N GLU D 273 -37.26 41.29 19.62
CA GLU D 273 -38.23 40.32 20.10
C GLU D 273 -38.55 40.55 21.58
N ALA D 274 -37.49 40.69 22.39
CA ALA D 274 -37.64 40.84 23.83
C ALA D 274 -38.32 42.15 24.19
N GLU D 275 -37.80 43.26 23.66
CA GLU D 275 -38.31 44.60 23.99
C GLU D 275 -39.84 44.68 23.97
N HIS D 276 -40.45 44.20 22.89
CA HIS D 276 -41.90 44.25 22.73
C HIS D 276 -42.63 43.11 23.44
N LEU D 277 -41.92 42.03 23.78
CA LEU D 277 -42.56 40.91 24.47
C LEU D 277 -42.29 40.88 25.98
N LEU D 278 -41.21 41.54 26.39
CA LEU D 278 -40.82 41.61 27.81
C LEU D 278 -40.95 43.01 28.40
N LYS D 279 -41.33 43.96 27.55
CA LYS D 279 -41.58 45.35 27.95
C LYS D 279 -40.37 46.04 28.56
N ARG D 280 -39.18 45.51 28.28
CA ARG D 280 -37.93 46.19 28.62
C ARG D 280 -36.94 46.09 27.46
N LYS D 281 -36.32 47.22 27.13
CA LYS D 281 -35.31 47.28 26.08
C LYS D 281 -33.94 46.94 26.67
N PRO D 282 -33.33 45.83 26.20
CA PRO D 282 -32.03 45.38 26.71
C PRO D 282 -30.90 46.42 26.61
N ASP D 283 -29.91 46.28 27.48
CA ASP D 283 -28.78 47.21 27.56
C ASP D 283 -27.61 46.82 26.67
N GLY D 284 -27.86 45.89 25.74
CA GLY D 284 -26.84 45.34 24.86
C GLY D 284 -26.97 43.84 24.66
N ILE D 285 -26.14 43.29 23.78
CA ILE D 285 -26.23 41.87 23.42
C ILE D 285 -24.98 41.08 23.86
N LEU D 286 -25.19 39.79 24.15
CA LEU D 286 -24.10 38.87 24.45
C LEU D 286 -24.08 37.71 23.44
N PRO D 287 -23.48 37.94 22.26
CA PRO D 287 -23.38 36.93 21.21
C PRO D 287 -22.71 35.66 21.71
N ASN D 288 -23.11 34.52 21.16
CA ASN D 288 -22.50 33.25 21.52
C ASN D 288 -21.18 33.09 20.78
N GLY D 289 -20.12 32.82 21.52
CA GLY D 289 -18.83 32.58 20.93
C GLY D 289 -18.58 31.10 20.87
N LEU D 290 -17.49 30.73 20.20
CA LEU D 290 -17.07 29.34 20.07
C LEU D 290 -15.64 29.14 20.54
N ASN D 291 -15.36 27.93 21.02
CA ASN D 291 -14.00 27.57 21.44
C ASN D 291 -13.21 27.04 20.24
N VAL D 292 -12.70 27.98 19.45
CA VAL D 292 -12.08 27.68 18.15
C VAL D 292 -10.69 27.08 18.31
N ILE D 293 -10.50 25.91 17.70
CA ILE D 293 -9.21 25.24 17.72
C ILE D 293 -8.39 25.62 16.47
N LYS D 294 -7.43 26.52 16.67
CA LYS D 294 -6.59 26.99 15.55
C LYS D 294 -5.55 25.97 15.07
N PHE D 295 -5.31 25.96 13.76
CA PHE D 295 -4.23 25.14 13.19
C PHE D 295 -2.89 25.86 13.19
N GLN D 296 -1.81 25.12 13.46
CA GLN D 296 -0.48 25.69 13.34
C GLN D 296 -0.29 26.40 11.97
N ALA D 297 -0.74 25.78 10.88
CA ALA D 297 -0.69 26.42 9.57
C ALA D 297 -2.07 26.91 9.14
N PHE D 298 -2.19 28.20 8.81
CA PHE D 298 -3.49 28.72 8.41
C PHE D 298 -4.18 27.91 7.27
N HIS D 299 -3.41 27.51 6.26
CA HIS D 299 -3.95 26.78 5.10
C HIS D 299 -4.33 25.34 5.41
N GLU D 300 -4.19 24.91 6.66
CA GLU D 300 -4.51 23.53 6.99
C GLU D 300 -5.99 23.13 6.70
N PHE D 301 -6.92 24.02 7.05
CA PHE D 301 -8.35 23.76 6.88
C PHE D 301 -8.68 23.49 5.41
N GLN D 302 -7.91 24.12 4.54
CA GLN D 302 -7.98 23.97 3.11
C GLN D 302 -7.61 22.53 2.67
N ASN D 303 -6.45 22.02 3.11
CA ASN D 303 -6.16 20.60 2.97
C ASN D 303 -7.28 19.70 3.51
N LEU D 304 -7.84 20.01 4.69
CA LEU D 304 -8.92 19.18 5.27
C LEU D 304 -10.21 19.17 4.41
N HIS D 305 -10.58 20.34 3.91
CA HIS D 305 -11.63 20.42 2.92
C HIS D 305 -11.48 19.37 1.82
N ALA D 306 -10.27 19.24 1.28
CA ALA D 306 -10.01 18.36 0.15
C ALA D 306 -10.16 16.89 0.55
N LEU D 307 -9.58 16.53 1.69
CA LEU D 307 -9.65 15.16 2.17
C LEU D 307 -11.08 14.76 2.50
N LYS D 308 -11.78 15.58 3.28
CA LYS D 308 -13.17 15.36 3.58
C LYS D 308 -14.05 15.29 2.32
N LYS D 309 -13.85 16.17 1.35
CA LYS D 309 -14.61 16.12 0.10
C LYS D 309 -14.45 14.80 -0.69
N GLU D 310 -13.28 14.16 -0.63
CA GLU D 310 -13.15 12.82 -1.23
C GLU D 310 -14.08 11.78 -0.59
N LYS D 311 -14.27 11.86 0.73
CA LYS D 311 -15.23 10.99 1.43
C LYS D 311 -16.68 11.19 0.96
N ILE D 312 -17.08 12.46 0.80
CA ILE D 312 -18.41 12.75 0.29
C ILE D 312 -18.50 12.26 -1.15
N ASN D 313 -17.45 12.51 -1.94
CA ASN D 313 -17.35 11.96 -3.29
C ASN D 313 -17.57 10.46 -3.33
N ASP D 314 -16.90 9.77 -2.43
CA ASP D 314 -17.04 8.35 -2.34
C ASP D 314 -18.51 7.98 -2.08
N PHE D 315 -19.17 8.68 -1.15
CA PHE D 315 -20.57 8.43 -0.89
C PHE D 315 -21.42 8.69 -2.16
N VAL D 316 -21.17 9.82 -2.81
CA VAL D 316 -21.96 10.23 -3.95
C VAL D 316 -21.83 9.21 -5.09
N ARG D 317 -20.63 8.71 -5.35
CA ARG D 317 -20.43 7.70 -6.37
C ARG D 317 -21.34 6.48 -6.16
N GLY D 318 -21.44 6.02 -4.92
CA GLY D 318 -22.27 4.86 -4.63
C GLY D 318 -23.75 5.16 -4.77
N HIS D 319 -24.16 6.34 -4.35
CA HIS D 319 -25.54 6.71 -4.36
C HIS D 319 -26.06 6.78 -5.78
N PHE D 320 -25.16 7.17 -6.68
CA PHE D 320 -25.46 7.39 -8.07
C PHE D 320 -24.90 6.28 -8.98
N HIS D 321 -24.56 5.14 -8.40
CA HIS D 321 -24.09 4.03 -9.19
C HIS D 321 -25.11 3.78 -10.28
N GLY D 322 -24.65 3.56 -11.50
CA GLY D 322 -25.56 3.34 -12.62
C GLY D 322 -26.23 4.57 -13.20
N CYS D 323 -26.09 5.73 -12.56
CA CYS D 323 -26.57 7.03 -13.08
C CYS D 323 -25.55 8.11 -12.88
N PHE D 324 -24.30 7.73 -12.94
CA PHE D 324 -23.25 8.66 -12.69
C PHE D 324 -22.87 9.37 -13.99
N ASP D 325 -23.49 10.51 -14.25
CA ASP D 325 -23.27 11.25 -15.51
C ASP D 325 -22.69 12.66 -15.34
N PHE D 326 -22.09 12.94 -14.20
CA PHE D 326 -21.56 14.27 -13.97
C PHE D 326 -20.16 14.20 -13.37
N ASP D 327 -19.41 15.26 -13.60
CA ASP D 327 -18.02 15.36 -13.21
C ASP D 327 -17.97 15.79 -11.75
N LEU D 328 -17.40 14.98 -10.87
CA LEU D 328 -17.27 15.41 -9.46
C LEU D 328 -16.35 16.62 -9.28
N ASP D 329 -15.45 16.85 -10.22
CA ASP D 329 -14.61 18.04 -10.20
C ASP D 329 -15.37 19.32 -10.58
N ASN D 330 -16.64 19.16 -10.87
CA ASN D 330 -17.48 20.27 -11.26
C ASN D 330 -18.81 20.18 -10.52
N THR D 331 -18.78 19.64 -9.31
CA THR D 331 -19.94 19.42 -8.49
C THR D 331 -19.77 20.13 -7.14
N LEU D 332 -20.78 20.90 -6.75
CA LEU D 332 -20.79 21.59 -5.46
C LEU D 332 -21.76 20.94 -4.51
N TYR D 333 -21.31 20.79 -3.25
CA TYR D 333 -22.15 20.24 -2.18
C TYR D 333 -22.73 21.38 -1.37
N PHE D 334 -24.06 21.41 -1.28
CA PHE D 334 -24.82 22.37 -0.46
C PHE D 334 -25.42 21.55 0.66
N PHE D 335 -25.56 22.12 1.85
CA PHE D 335 -26.27 21.40 2.90
C PHE D 335 -27.09 22.31 3.80
N ILE D 336 -28.15 21.73 4.39
CA ILE D 336 -28.89 22.29 5.54
C ILE D 336 -28.81 21.24 6.62
N ALA D 337 -28.77 21.66 7.88
CA ALA D 337 -28.60 20.70 8.99
C ALA D 337 -29.18 21.24 10.29
N GLY D 338 -29.44 20.33 11.21
CA GLY D 338 -29.89 20.72 12.53
C GLY D 338 -31.09 19.93 12.99
N ARG D 339 -31.79 20.47 13.98
CA ARG D 339 -33.06 19.92 14.40
C ARG D 339 -34.05 19.95 13.23
N TYR D 340 -34.94 18.96 13.19
CA TYR D 340 -36.05 18.94 12.27
C TYR D 340 -37.13 19.96 12.73
N GLU D 341 -36.98 21.20 12.29
CA GLU D 341 -38.07 22.20 12.37
C GLU D 341 -38.27 22.79 10.99
N TYR D 342 -39.24 22.21 10.28
CA TYR D 342 -39.42 22.41 8.84
C TYR D 342 -39.55 23.88 8.45
N LYS D 343 -40.43 24.61 9.13
CA LYS D 343 -40.59 26.05 8.86
C LYS D 343 -39.53 26.92 9.55
N ASN D 344 -39.35 26.72 10.85
CA ASN D 344 -38.41 27.55 11.60
C ASN D 344 -37.00 27.55 11.08
N LYS D 345 -36.52 26.41 10.60
CA LYS D 345 -35.18 26.33 10.01
C LYS D 345 -35.18 26.63 8.50
N GLY D 346 -36.37 26.81 7.93
CA GLY D 346 -36.52 27.08 6.50
C GLY D 346 -36.17 25.94 5.57
N ALA D 347 -36.56 24.73 5.94
CA ALA D 347 -36.36 23.59 5.03
C ALA D 347 -37.25 23.76 3.82
N ASP D 348 -38.43 24.34 4.01
CA ASP D 348 -39.36 24.63 2.92
C ASP D 348 -38.75 25.56 1.87
N MET D 349 -38.10 26.63 2.33
CA MET D 349 -37.46 27.61 1.45
C MET D 349 -36.26 27.02 0.76
N PHE D 350 -35.45 26.31 1.53
CA PHE D 350 -34.30 25.62 0.98
C PHE D 350 -34.73 24.78 -0.21
N ILE D 351 -35.71 23.89 -0.02
CA ILE D 351 -36.17 23.01 -1.11
C ILE D 351 -36.83 23.77 -2.26
N GLU D 352 -37.63 24.78 -1.95
CA GLU D 352 -38.29 25.60 -2.96
C GLU D 352 -37.26 26.31 -3.82
N ALA D 353 -36.27 26.90 -3.14
CA ALA D 353 -35.18 27.60 -3.81
C ALA D 353 -34.37 26.66 -4.69
N LEU D 354 -34.12 25.44 -4.21
CA LEU D 354 -33.36 24.48 -4.99
C LEU D 354 -34.08 24.09 -6.27
N ALA D 355 -35.40 23.93 -6.21
CA ALA D 355 -36.19 23.73 -7.43
C ALA D 355 -36.01 24.91 -8.38
N ARG D 356 -36.08 26.12 -7.85
CA ARG D 356 -35.92 27.29 -8.69
C ARG D 356 -34.51 27.38 -9.30
N LEU D 357 -33.48 27.07 -8.52
CA LEU D 357 -32.10 27.09 -9.00
C LEU D 357 -31.91 26.07 -10.10
N ASN D 358 -32.46 24.88 -9.88
CA ASN D 358 -32.46 23.81 -10.87
C ASN D 358 -32.98 24.25 -12.22
N TYR D 359 -34.11 24.94 -12.22
CA TYR D 359 -34.64 25.47 -13.44
C TYR D 359 -33.69 26.47 -14.08
N ARG D 360 -33.12 27.38 -13.27
CA ARG D 360 -32.18 28.39 -13.78
C ARG D 360 -30.97 27.75 -14.46
N LEU D 361 -30.38 26.75 -13.81
CA LEU D 361 -29.17 26.13 -14.33
C LEU D 361 -29.43 25.42 -15.66
N LYS D 362 -30.57 24.76 -15.77
CA LYS D 362 -31.00 24.14 -17.03
C LYS D 362 -31.19 25.16 -18.15
N VAL D 363 -31.99 26.18 -17.88
CA VAL D 363 -32.20 27.25 -18.82
C VAL D 363 -30.88 27.89 -19.27
N SER D 364 -29.98 28.18 -18.35
CA SER D 364 -28.70 28.77 -18.72
C SER D 364 -27.64 27.78 -19.27
N GLY D 365 -27.98 26.50 -19.38
CA GLY D 365 -27.10 25.54 -20.01
C GLY D 365 -25.85 25.20 -19.23
N SER D 366 -25.82 25.60 -17.95
CA SER D 366 -24.73 25.32 -17.04
C SER D 366 -24.27 23.86 -17.07
N LYS D 367 -22.97 23.63 -16.91
CA LYS D 367 -22.43 22.27 -16.78
C LYS D 367 -22.12 21.92 -15.32
N LYS D 368 -22.51 22.77 -14.38
CA LYS D 368 -22.27 22.47 -12.97
C LYS D 368 -23.34 21.54 -12.42
N THR D 369 -23.03 20.86 -11.32
CA THR D 369 -24.05 20.10 -10.60
C THR D 369 -24.03 20.48 -9.13
N VAL D 370 -25.21 20.61 -8.54
CA VAL D 370 -25.32 20.78 -7.10
C VAL D 370 -25.94 19.55 -6.48
N VAL D 371 -25.23 18.92 -5.53
CA VAL D 371 -25.83 17.86 -4.72
C VAL D 371 -26.19 18.48 -3.37
N ALA D 372 -27.49 18.55 -3.07
CA ALA D 372 -27.94 19.21 -1.86
C ALA D 372 -28.26 18.17 -0.78
N PHE D 373 -27.70 18.34 0.41
CA PHE D 373 -27.92 17.40 1.52
C PHE D 373 -28.80 18.00 2.60
N ILE D 374 -29.71 17.18 3.13
CA ILE D 374 -30.51 17.58 4.26
C ILE D 374 -30.20 16.62 5.39
N VAL D 375 -29.65 17.13 6.48
CA VAL D 375 -29.33 16.29 7.62
C VAL D 375 -30.16 16.78 8.79
N MET D 376 -31.30 16.14 9.00
CA MET D 376 -32.20 16.48 10.09
C MET D 376 -32.80 15.18 10.61
N PRO D 377 -32.76 14.96 11.94
CA PRO D 377 -33.21 13.64 12.41
C PRO D 377 -34.69 13.46 12.24
N ALA D 378 -35.10 12.32 11.69
CA ALA D 378 -36.50 11.97 11.62
C ALA D 378 -36.66 10.47 11.91
N LYS D 379 -37.83 10.05 12.36
CA LYS D 379 -38.03 8.66 12.69
C LYS D 379 -37.79 7.71 11.53
N ASN D 380 -36.88 6.78 11.71
CA ASN D 380 -36.55 5.89 10.62
C ASN D 380 -36.22 4.48 11.07
N ASN D 381 -36.07 3.57 10.11
CA ASN D 381 -35.66 2.21 10.42
C ASN D 381 -34.30 1.95 9.85
N SER D 382 -33.43 2.95 9.92
CA SER D 382 -32.04 2.81 9.52
C SER D 382 -31.85 2.80 7.99
N PHE D 383 -30.62 2.55 7.54
CA PHE D 383 -30.29 2.64 6.11
C PHE D 383 -31.09 1.68 5.23
N THR D 384 -31.29 2.05 3.97
CA THR D 384 -31.93 1.14 3.01
C THR D 384 -30.93 0.10 2.48
N VAL D 385 -31.45 -1.02 2.00
CA VAL D 385 -30.66 -2.03 1.33
C VAL D 385 -29.96 -1.44 0.11
N GLU D 386 -30.70 -0.64 -0.65
CA GLU D 386 -30.16 0.06 -1.81
C GLU D 386 -28.92 0.87 -1.50
N ALA D 387 -29.00 1.65 -0.42
CA ALA D 387 -27.91 2.49 0.04
C ALA D 387 -26.65 1.68 0.33
N LEU D 388 -26.83 0.56 1.02
CA LEU D 388 -25.73 -0.24 1.50
C LEU D 388 -25.13 -1.08 0.40
N LYS D 389 -25.99 -1.50 -0.53
CA LYS D 389 -25.60 -2.35 -1.65
C LYS D 389 -24.77 -1.53 -2.63
N GLY D 390 -25.19 -0.29 -2.87
CA GLY D 390 -24.47 0.57 -3.77
C GLY D 390 -23.07 0.85 -3.28
N GLN D 391 -22.93 1.14 -1.99
CA GLN D 391 -21.62 1.40 -1.46
C GLN D 391 -20.74 0.16 -1.52
N ALA D 392 -21.34 -1.02 -1.33
CA ALA D 392 -20.59 -2.26 -1.37
C ALA D 392 -20.10 -2.59 -2.78
N GLU D 393 -20.96 -2.41 -3.78
CA GLU D 393 -20.62 -2.65 -5.17
C GLU D 393 -19.53 -1.71 -5.64
N VAL D 394 -19.61 -0.44 -5.26
CA VAL D 394 -18.55 0.49 -5.61
C VAL D 394 -17.23 0.08 -4.95
N ARG D 395 -17.33 -0.41 -3.71
CA ARG D 395 -16.15 -0.90 -2.99
C ARG D 395 -15.50 -2.05 -3.73
N ALA D 396 -16.33 -2.98 -4.21
CA ALA D 396 -15.91 -4.11 -5.03
C ALA D 396 -15.25 -3.69 -6.35
N LEU D 397 -15.74 -2.65 -7.00
CA LEU D 397 -15.10 -2.19 -8.22
C LEU D 397 -13.70 -1.71 -7.90
N GLU D 398 -13.56 -0.87 -6.87
CA GLU D 398 -12.26 -0.37 -6.39
C GLU D 398 -11.23 -1.47 -6.18
N ASN D 399 -11.59 -2.51 -5.45
CA ASN D 399 -10.65 -3.62 -5.24
C ASN D 399 -10.23 -4.34 -6.53
N THR D 400 -11.16 -4.61 -7.43
CA THR D 400 -10.87 -5.20 -8.72
C THR D 400 -9.96 -4.31 -9.55
N VAL D 401 -10.23 -3.00 -9.59
CA VAL D 401 -9.35 -2.05 -10.27
C VAL D 401 -7.95 -2.12 -9.66
N HIS D 402 -7.87 -2.24 -8.33
CA HIS D 402 -6.56 -2.35 -7.70
C HIS D 402 -5.81 -3.62 -8.12
N GLU D 403 -6.50 -4.76 -8.19
CA GLU D 403 -5.86 -5.99 -8.66
C GLU D 403 -5.27 -5.84 -10.06
N VAL D 404 -6.10 -5.32 -10.96
CA VAL D 404 -5.73 -5.11 -12.34
C VAL D 404 -4.52 -4.20 -12.50
N THR D 405 -4.52 -3.02 -11.86
CA THR D 405 -3.36 -2.14 -11.95
C THR D 405 -2.04 -2.74 -11.37
N THR D 406 -2.15 -3.67 -10.43
CA THR D 406 -0.97 -4.44 -10.04
C THR D 406 -0.41 -5.24 -11.21
N SER D 407 -1.28 -5.98 -11.92
CA SER D 407 -0.92 -6.66 -13.14
C SER D 407 -0.31 -5.71 -14.15
N ILE D 408 -0.99 -4.57 -14.36
CA ILE D 408 -0.55 -3.59 -15.33
C ILE D 408 0.85 -3.11 -14.99
N GLY D 409 1.11 -2.90 -13.70
CA GLY D 409 2.41 -2.51 -13.20
C GLY D 409 3.45 -3.56 -13.53
N LYS D 410 3.17 -4.82 -13.18
CA LYS D 410 4.08 -5.91 -13.54
C LYS D 410 4.53 -5.83 -14.99
N ARG D 411 3.63 -5.46 -15.90
CA ARG D 411 3.90 -5.49 -17.34
C ARG D 411 4.58 -4.22 -17.84
N ILE D 412 4.15 -3.05 -17.36
CA ILE D 412 4.87 -1.81 -17.64
C ILE D 412 6.33 -1.98 -17.21
N PHE D 413 6.51 -2.40 -15.97
CA PHE D 413 7.84 -2.62 -15.39
C PHE D 413 8.72 -3.55 -16.21
N ASP D 414 8.15 -4.64 -16.74
CA ASP D 414 8.93 -5.58 -17.54
C ASP D 414 9.41 -4.92 -18.83
N HIS D 415 8.52 -4.19 -19.48
CA HIS D 415 8.87 -3.47 -20.70
C HIS D 415 10.02 -2.51 -20.42
N ALA D 416 9.87 -1.70 -19.36
CA ALA D 416 10.87 -0.69 -18.97
C ALA D 416 12.26 -1.27 -18.74
N ILE D 417 12.32 -2.47 -18.19
CA ILE D 417 13.59 -3.03 -17.76
C ILE D 417 14.22 -3.83 -18.88
N ARG D 418 13.46 -4.08 -19.93
CA ARG D 418 13.86 -4.96 -21.03
C ARG D 418 14.31 -4.18 -22.24
N TYR D 419 13.73 -3.00 -22.43
CA TYR D 419 13.98 -2.20 -23.62
C TYR D 419 15.47 -1.89 -23.69
N PRO D 420 16.07 -1.90 -24.88
CA PRO D 420 15.53 -2.14 -26.23
C PRO D 420 15.66 -3.59 -26.72
N HIS D 421 15.75 -4.56 -25.81
CA HIS D 421 16.00 -5.95 -26.20
C HIS D 421 14.75 -6.73 -26.56
N ASN D 422 14.95 -7.96 -27.03
CA ASN D 422 13.85 -8.88 -27.40
C ASN D 422 12.76 -8.23 -28.28
N GLY D 423 13.18 -7.44 -29.26
CA GLY D 423 12.23 -6.85 -30.20
C GLY D 423 11.50 -5.58 -29.77
N LEU D 424 11.63 -5.18 -28.50
CA LEU D 424 11.03 -3.91 -28.06
C LEU D 424 11.65 -2.72 -28.77
N THR D 425 10.83 -1.97 -29.51
CA THR D 425 11.29 -0.82 -30.30
C THR D 425 10.91 0.53 -29.68
N THR D 426 9.95 0.53 -28.77
CA THR D 426 9.58 1.77 -28.06
C THR D 426 9.90 1.61 -26.58
N GLU D 427 10.15 2.72 -25.89
CA GLU D 427 10.51 2.65 -24.46
C GLU D 427 9.35 2.18 -23.59
N LEU D 428 8.16 2.70 -23.87
CA LEU D 428 6.97 2.31 -23.14
C LEU D 428 6.05 1.49 -24.03
N PRO D 429 5.08 0.78 -23.41
CA PRO D 429 4.02 0.15 -24.20
C PRO D 429 3.26 1.22 -24.96
N THR D 430 2.84 0.90 -26.18
CA THR D 430 2.02 1.81 -26.94
C THR D 430 0.57 1.32 -27.02
N ASP D 431 0.41 0.00 -26.90
CA ASP D 431 -0.86 -0.66 -27.13
C ASP D 431 -1.42 -1.27 -25.86
N LEU D 432 -2.72 -1.02 -25.60
CA LEU D 432 -3.37 -1.41 -24.34
C LEU D 432 -3.34 -2.91 -24.12
N GLY D 433 -3.54 -3.66 -25.20
CA GLY D 433 -3.53 -5.12 -25.16
C GLY D 433 -2.25 -5.71 -24.60
N GLU D 434 -1.15 -4.98 -24.68
CA GLU D 434 0.07 -5.41 -24.04
C GLU D 434 -0.11 -5.47 -22.51
N LEU D 435 -0.95 -4.59 -21.97
CA LEU D 435 -1.09 -4.43 -20.52
C LEU D 435 -2.37 -5.00 -19.92
N LEU D 436 -3.47 -4.90 -20.64
CA LEU D 436 -4.78 -5.32 -20.13
C LEU D 436 -5.19 -6.61 -20.85
N LYS D 437 -5.25 -7.71 -20.09
CA LYS D 437 -5.50 -9.04 -20.64
C LYS D 437 -6.99 -9.45 -20.56
N SER D 438 -7.41 -10.42 -21.37
CA SER D 438 -8.76 -10.97 -21.34
C SER D 438 -9.26 -11.18 -19.94
N SER D 439 -8.46 -11.86 -19.15
CA SER D 439 -8.83 -12.18 -17.78
C SER D 439 -9.20 -10.93 -16.95
N ASP D 440 -8.42 -9.87 -17.11
CA ASP D 440 -8.66 -8.59 -16.43
C ASP D 440 -9.94 -7.91 -16.90
N LYS D 441 -10.19 -7.98 -18.21
CA LYS D 441 -11.37 -7.38 -18.80
C LYS D 441 -12.63 -8.06 -18.30
N VAL D 442 -12.59 -9.37 -18.10
CA VAL D 442 -13.78 -10.09 -17.67
C VAL D 442 -14.23 -9.62 -16.29
N MET D 443 -13.32 -9.56 -15.31
CA MET D 443 -13.74 -9.20 -13.96
C MET D 443 -14.17 -7.76 -13.79
N LEU D 444 -13.53 -6.83 -14.49
CA LEU D 444 -14.02 -5.46 -14.48
C LEU D 444 -15.39 -5.32 -15.16
N LYS D 445 -15.62 -6.07 -16.24
CA LYS D 445 -16.92 -6.03 -16.87
C LYS D 445 -17.95 -6.46 -15.86
N ARG D 446 -17.68 -7.56 -15.17
CA ARG D 446 -18.60 -8.09 -14.17
C ARG D 446 -18.90 -7.08 -13.05
N ARG D 447 -17.88 -6.37 -12.57
CA ARG D 447 -18.09 -5.35 -11.57
C ARG D 447 -18.97 -4.24 -12.10
N ILE D 448 -18.77 -3.84 -13.36
CA ILE D 448 -19.57 -2.80 -14.01
C ILE D 448 -21.03 -3.21 -14.13
N LEU D 449 -21.27 -4.50 -14.34
CA LEU D 449 -22.61 -5.02 -14.46
C LEU D 449 -23.34 -4.93 -13.12
N ALA D 450 -22.61 -5.17 -12.03
CA ALA D 450 -23.18 -5.06 -10.69
C ALA D 450 -23.67 -3.66 -10.34
N LEU D 451 -23.05 -2.63 -10.93
CA LEU D 451 -23.41 -1.22 -10.70
C LEU D 451 -24.64 -0.74 -11.48
N ARG D 452 -25.02 -1.52 -12.49
CA ARG D 452 -26.14 -1.22 -13.40
C ARG D 452 -27.46 -1.19 -12.68
N ARG D 453 -28.27 -0.17 -12.90
CA ARG D 453 -29.58 -0.21 -12.27
C ARG D 453 -30.77 -0.39 -13.23
N PRO D 454 -31.84 -1.08 -12.75
CA PRO D 454 -32.99 -1.36 -13.61
C PRO D 454 -33.42 -0.13 -14.42
N GLU D 455 -33.88 -0.36 -15.65
CA GLU D 455 -34.30 0.72 -16.55
C GLU D 455 -35.26 1.70 -15.86
N GLY D 456 -34.96 2.99 -15.99
CA GLY D 456 -35.83 4.02 -15.43
C GLY D 456 -35.76 4.23 -13.92
N GLN D 457 -35.00 3.42 -13.19
CA GLN D 457 -34.83 3.62 -11.75
C GLN D 457 -33.92 4.80 -11.52
N LEU D 458 -34.29 5.66 -10.57
CA LEU D 458 -33.53 6.88 -10.31
C LEU D 458 -32.77 6.83 -8.96
N PRO D 459 -31.67 7.58 -8.85
CA PRO D 459 -31.01 7.64 -7.52
C PRO D 459 -31.96 8.19 -6.46
N PRO D 460 -32.12 7.48 -5.33
CA PRO D 460 -33.15 7.87 -4.34
C PRO D 460 -33.00 9.31 -3.83
N ILE D 461 -34.09 9.87 -3.35
CA ILE D 461 -34.07 11.14 -2.65
C ILE D 461 -33.84 11.00 -1.12
N VAL D 462 -33.62 9.77 -0.62
CA VAL D 462 -33.53 9.47 0.81
C VAL D 462 -32.70 8.20 1.03
N THR D 463 -31.94 8.14 2.12
CA THR D 463 -30.96 7.07 2.38
C THR D 463 -31.46 6.03 3.40
N HIS D 464 -32.55 6.35 4.10
CA HIS D 464 -33.09 5.49 5.17
C HIS D 464 -34.51 5.05 4.85
N ASN D 465 -34.96 3.99 5.49
CA ASN D 465 -36.35 3.66 5.49
C ASN D 465 -37.01 4.47 6.56
N MET D 466 -38.07 5.19 6.21
CA MET D 466 -38.73 6.09 7.13
C MET D 466 -39.88 5.38 7.83
N VAL D 467 -40.11 5.72 9.10
CA VAL D 467 -41.22 5.19 9.87
C VAL D 467 -42.53 5.66 9.25
N ASP D 468 -42.63 6.97 8.92
CA ASP D 468 -43.80 7.51 8.21
C ASP D 468 -43.41 8.41 7.02
N ASP D 469 -43.03 7.77 5.93
CA ASP D 469 -42.60 8.40 4.70
C ASP D 469 -43.67 9.26 3.98
N ALA D 470 -44.94 8.86 4.05
CA ALA D 470 -45.95 9.64 3.33
C ALA D 470 -46.25 10.94 4.07
N ASN D 471 -46.20 10.90 5.40
CA ASN D 471 -46.52 12.11 6.17
C ASN D 471 -45.35 13.07 6.43
N ASP D 472 -44.11 12.62 6.21
CA ASP D 472 -42.93 13.44 6.42
C ASP D 472 -42.98 14.75 5.63
N LEU D 473 -42.72 15.86 6.29
CA LEU D 473 -42.86 17.16 5.64
C LEU D 473 -41.82 17.37 4.53
N ILE D 474 -40.58 16.95 4.79
CA ILE D 474 -39.49 17.13 3.80
C ILE D 474 -39.68 16.35 2.49
N LEU D 475 -39.96 15.05 2.59
CA LEU D 475 -40.27 14.25 1.43
C LEU D 475 -41.52 14.76 0.70
N ASN D 476 -42.50 15.31 1.42
CA ASN D 476 -43.62 15.90 0.70
C ASN D 476 -43.21 17.07 -0.18
N LYS D 477 -42.25 17.86 0.27
CA LYS D 477 -41.86 19.03 -0.48
C LYS D 477 -41.03 18.64 -1.68
N ILE D 478 -40.06 17.76 -1.44
CA ILE D 478 -39.21 17.27 -2.50
C ILE D 478 -40.07 16.64 -3.60
N ARG D 479 -41.19 16.02 -3.24
CA ARG D 479 -42.03 15.40 -4.27
C ARG D 479 -42.83 16.47 -4.98
N GLN D 480 -43.30 17.44 -4.21
CA GLN D 480 -44.09 18.52 -4.74
C GLN D 480 -43.31 19.33 -5.79
N VAL D 481 -42.02 19.57 -5.58
CA VAL D 481 -41.19 20.35 -6.51
C VAL D 481 -40.52 19.42 -7.53
N GLN D 482 -40.65 18.12 -7.31
CA GLN D 482 -40.29 17.10 -8.30
C GLN D 482 -38.81 17.01 -8.60
N LEU D 483 -38.00 17.15 -7.55
CA LEU D 483 -36.59 16.95 -7.64
C LEU D 483 -36.31 15.49 -7.40
N PHE D 484 -36.35 14.69 -8.46
CA PHE D 484 -36.16 13.23 -8.34
C PHE D 484 -34.82 12.71 -8.82
N ASN D 485 -33.81 13.59 -8.90
CA ASN D 485 -32.46 13.17 -9.27
C ASN D 485 -32.41 12.53 -10.64
N SER D 486 -33.22 13.04 -11.56
CA SER D 486 -33.19 12.54 -12.90
C SER D 486 -31.93 13.11 -13.56
N PRO D 487 -31.40 12.43 -14.59
CA PRO D 487 -30.14 12.89 -15.22
C PRO D 487 -30.17 14.34 -15.71
N SER D 488 -31.32 14.83 -16.15
CA SER D 488 -31.35 16.21 -16.65
C SER D 488 -31.47 17.24 -15.53
N ASP D 489 -31.68 16.78 -14.30
CA ASP D 489 -31.67 17.66 -13.15
C ASP D 489 -30.25 18.07 -12.79
N ARG D 490 -30.00 19.37 -12.81
CA ARG D 490 -28.71 19.92 -12.42
C ARG D 490 -28.57 20.01 -10.90
N VAL D 491 -29.70 20.01 -10.18
CA VAL D 491 -29.67 19.93 -8.71
C VAL D 491 -30.15 18.58 -8.20
N LYS D 492 -29.28 17.83 -7.54
CA LYS D 492 -29.62 16.55 -6.95
C LYS D 492 -29.96 16.74 -5.48
N MET D 493 -30.76 15.82 -4.95
CA MET D 493 -31.33 15.99 -3.62
C MET D 493 -31.16 14.72 -2.82
N ILE D 494 -30.54 14.84 -1.65
CA ILE D 494 -30.34 13.71 -0.76
C ILE D 494 -30.78 14.05 0.67
N PHE D 495 -31.74 13.30 1.18
CA PHE D 495 -32.23 13.46 2.55
C PHE D 495 -31.61 12.34 3.44
N HIS D 496 -30.95 12.76 4.51
CA HIS D 496 -30.28 11.83 5.41
C HIS D 496 -30.88 12.05 6.81
N PRO D 497 -31.98 11.33 7.14
CA PRO D 497 -32.76 11.65 8.33
C PRO D 497 -32.12 11.27 9.69
N GLU D 498 -30.87 11.64 9.89
CA GLU D 498 -30.10 11.13 11.01
C GLU D 498 -28.83 11.93 11.04
N PHE D 499 -28.42 12.34 12.24
CA PHE D 499 -27.20 13.08 12.45
C PHE D 499 -25.99 12.26 12.01
N LEU D 500 -24.95 12.93 11.54
CA LEU D 500 -23.76 12.25 11.03
C LEU D 500 -22.89 11.70 12.14
N ASN D 501 -22.26 10.57 11.88
CA ASN D 501 -21.40 9.91 12.82
C ASN D 501 -20.39 9.09 12.02
N ALA D 502 -19.10 9.19 12.35
CA ALA D 502 -18.06 8.41 11.66
C ALA D 502 -18.30 6.90 11.61
N ASN D 503 -19.27 6.41 12.38
CA ASN D 503 -19.62 5.00 12.38
C ASN D 503 -20.62 4.68 11.27
N ASN D 504 -21.35 5.70 10.81
CA ASN D 504 -22.19 5.61 9.65
C ASN D 504 -21.46 4.70 8.65
N PRO D 505 -22.15 3.62 8.19
CA PRO D 505 -21.56 2.73 7.20
C PRO D 505 -21.55 3.30 5.81
N ILE D 506 -22.24 4.42 5.62
CA ILE D 506 -22.47 4.93 4.28
C ILE D 506 -21.80 6.26 3.95
N LEU D 507 -21.72 7.11 4.97
CA LEU D 507 -21.08 8.40 4.86
C LEU D 507 -20.27 8.47 6.14
N GLY D 508 -19.10 7.84 6.14
CA GLY D 508 -18.37 7.63 7.40
C GLY D 508 -17.67 8.86 7.92
N LEU D 509 -18.42 9.92 8.22
CA LEU D 509 -17.86 11.19 8.67
C LEU D 509 -18.55 11.72 9.91
N ASP D 510 -17.80 12.34 10.82
CA ASP D 510 -18.41 13.12 11.87
C ASP D 510 -18.97 14.40 11.30
N TYR D 511 -20.03 14.94 11.89
CA TYR D 511 -20.62 16.18 11.37
C TYR D 511 -19.60 17.24 10.93
N ASP D 512 -18.68 17.57 11.84
CA ASP D 512 -17.72 18.63 11.60
C ASP D 512 -16.85 18.32 10.38
N GLU D 513 -16.49 17.06 10.17
CA GLU D 513 -15.78 16.74 8.93
C GLU D 513 -16.68 16.82 7.68
N PHE D 514 -17.94 16.42 7.77
CA PHE D 514 -18.84 16.62 6.63
C PHE D 514 -18.93 18.08 6.25
N VAL D 515 -19.06 18.97 7.23
CA VAL D 515 -19.17 20.40 6.94
C VAL D 515 -17.93 20.88 6.21
N ARG D 516 -16.76 20.49 6.71
CA ARG D 516 -15.49 20.86 6.09
C ARG D 516 -15.39 20.48 4.63
N GLY D 517 -15.99 19.34 4.26
CA GLY D 517 -15.90 18.85 2.90
C GLY D 517 -16.91 19.49 1.96
N CYS D 518 -17.90 20.18 2.52
CA CYS D 518 -18.92 20.81 1.70
C CYS D 518 -18.46 22.13 1.12
N HIS D 519 -19.29 22.74 0.27
CA HIS D 519 -18.93 24.00 -0.33
C HIS D 519 -19.76 25.15 0.22
N LEU D 520 -21.00 24.89 0.63
CA LEU D 520 -21.90 25.98 1.09
C LEU D 520 -22.99 25.47 2.01
N GLY D 521 -23.17 26.13 3.17
CA GLY D 521 -24.24 25.82 4.11
C GLY D 521 -25.37 26.78 3.89
N VAL D 522 -26.62 26.27 3.86
CA VAL D 522 -27.80 27.07 3.51
C VAL D 522 -28.81 26.96 4.65
N PHE D 523 -28.97 28.03 5.40
CA PHE D 523 -29.73 27.96 6.66
C PHE D 523 -30.71 29.11 6.70
N PRO D 524 -31.78 29.02 5.92
CA PRO D 524 -32.67 30.14 5.78
C PRO D 524 -33.73 30.17 6.89
N SER D 525 -33.26 30.29 8.13
CA SER D 525 -34.13 30.21 9.31
C SER D 525 -35.23 31.29 9.36
N TYR D 526 -36.35 30.94 9.99
CA TYR D 526 -37.43 31.91 10.26
C TYR D 526 -37.47 32.33 11.74
N TYR D 527 -37.10 31.40 12.61
CA TYR D 527 -36.99 31.69 14.03
C TYR D 527 -35.78 30.96 14.59
N GLU D 528 -34.76 31.72 14.96
CA GLU D 528 -33.47 31.18 15.37
C GLU D 528 -32.77 32.28 16.16
N PRO D 529 -32.93 32.28 17.50
CA PRO D 529 -32.39 33.32 18.38
C PRO D 529 -30.88 33.51 18.27
N TRP D 530 -30.13 32.41 18.08
CA TRP D 530 -28.72 32.49 17.70
C TRP D 530 -28.39 31.73 16.38
N GLY D 531 -28.10 30.45 16.46
CA GLY D 531 -27.75 29.73 15.25
C GLY D 531 -26.33 29.24 15.28
N TYR D 532 -26.11 28.16 16.01
CA TYR D 532 -24.78 27.60 16.14
C TYR D 532 -24.37 26.96 14.85
N THR D 533 -25.37 26.56 14.06
CA THR D 533 -25.18 25.88 12.80
C THR D 533 -24.42 26.75 11.79
N PRO D 534 -24.94 27.94 11.45
CA PRO D 534 -24.16 28.76 10.54
C PRO D 534 -22.87 29.32 11.14
N ALA D 535 -22.84 29.52 12.46
CA ALA D 535 -21.62 30.04 13.12
C ALA D 535 -20.53 28.97 13.11
N GLU D 536 -20.94 27.73 13.31
CA GLU D 536 -20.04 26.62 13.26
C GLU D 536 -19.47 26.51 11.87
N CYS D 537 -20.31 26.81 10.89
CA CYS D 537 -19.97 26.62 9.51
C CYS D 537 -18.84 27.58 9.12
N THR D 538 -18.99 28.85 9.49
CA THR D 538 -17.94 29.84 9.30
C THR D 538 -16.60 29.42 9.94
N VAL D 539 -16.65 28.73 11.08
CA VAL D 539 -15.40 28.40 11.78
C VAL D 539 -14.69 27.26 11.04
N MET D 540 -15.46 26.33 10.51
CA MET D 540 -14.97 25.36 9.54
C MET D 540 -14.42 26.00 8.24
N GLY D 541 -14.56 27.32 8.09
CA GLY D 541 -14.15 27.99 6.88
C GLY D 541 -15.04 27.79 5.65
N VAL D 542 -16.31 27.49 5.86
CA VAL D 542 -17.23 27.22 4.76
C VAL D 542 -18.26 28.33 4.69
N PRO D 543 -18.43 28.94 3.51
CA PRO D 543 -19.42 30.01 3.35
C PRO D 543 -20.83 29.49 3.59
N SER D 544 -21.73 30.39 3.97
CA SER D 544 -23.03 30.00 4.50
C SER D 544 -24.02 31.06 4.13
N ILE D 545 -25.28 30.64 3.97
CA ILE D 545 -26.38 31.56 3.72
C ILE D 545 -27.23 31.61 4.99
N THR D 546 -27.67 32.79 5.38
CA THR D 546 -28.44 32.92 6.60
C THR D 546 -29.48 34.03 6.38
N THR D 547 -30.20 34.38 7.44
CA THR D 547 -31.24 35.41 7.30
C THR D 547 -31.09 36.46 8.37
N ASN D 548 -31.67 37.64 8.12
CA ASN D 548 -31.65 38.73 9.07
C ASN D 548 -32.59 38.54 10.27
N VAL D 549 -33.38 37.47 10.28
CA VAL D 549 -34.22 37.15 11.44
C VAL D 549 -33.54 36.12 12.33
N SER D 550 -32.42 35.59 11.85
CA SER D 550 -31.57 34.74 12.65
C SER D 550 -30.63 35.60 13.50
N GLY D 551 -30.40 35.19 14.74
CA GLY D 551 -29.49 35.87 15.63
C GLY D 551 -28.12 36.08 15.04
N PHE D 552 -27.47 34.99 14.64
CA PHE D 552 -26.17 35.04 13.96
C PHE D 552 -26.22 35.96 12.73
N GLY D 553 -27.27 35.81 11.94
CA GLY D 553 -27.47 36.63 10.75
C GLY D 553 -27.54 38.09 11.10
N SER D 554 -28.43 38.43 12.02
CA SER D 554 -28.62 39.80 12.47
C SER D 554 -27.33 40.41 13.00
N TYR D 555 -26.56 39.62 13.75
CA TYR D 555 -25.25 40.03 14.28
C TYR D 555 -24.23 40.29 13.18
N MET D 556 -24.14 39.35 12.24
CA MET D 556 -23.21 39.45 11.11
C MET D 556 -23.52 40.65 10.22
N GLU D 557 -24.78 41.06 10.26
CA GLU D 557 -25.30 42.15 9.45
C GLU D 557 -24.87 43.51 10.00
N ASP D 558 -24.76 43.61 11.33
CA ASP D 558 -24.39 44.87 12.00
C ASP D 558 -22.90 45.10 12.02
N LEU D 559 -22.13 44.15 11.48
CA LEU D 559 -20.70 44.16 11.63
C LEU D 559 -19.98 44.46 10.32
N ILE D 560 -20.51 43.92 9.23
CA ILE D 560 -20.00 44.14 7.88
C ILE D 560 -21.20 44.59 7.08
N GLU D 561 -21.03 45.57 6.20
CA GLU D 561 -22.16 45.98 5.36
C GLU D 561 -22.51 44.87 4.35
N THR D 562 -23.81 44.61 4.19
CA THR D 562 -24.29 43.56 3.27
C THR D 562 -23.84 43.89 1.85
N ASN D 563 -22.91 43.07 1.35
CA ASN D 563 -22.27 43.20 0.04
C ASN D 563 -20.77 42.94 0.17
N GLN D 564 -20.11 43.70 1.04
CA GLN D 564 -18.80 43.30 1.54
C GLN D 564 -18.92 41.89 2.16
N ALA D 565 -20.05 41.65 2.83
CA ALA D 565 -20.29 40.40 3.56
C ALA D 565 -20.33 39.14 2.67
N LYS D 566 -20.76 39.29 1.42
CA LYS D 566 -20.74 38.19 0.45
C LYS D 566 -19.32 37.77 0.05
N ASP D 567 -18.37 38.72 -0.01
CA ASP D 567 -16.95 38.41 -0.26
C ASP D 567 -16.36 37.53 0.82
N TYR D 568 -16.79 37.74 2.05
CA TYR D 568 -16.36 36.93 3.19
C TYR D 568 -17.24 35.69 3.38
N GLY D 569 -18.07 35.39 2.38
CA GLY D 569 -18.85 34.14 2.40
C GLY D 569 -20.02 34.13 3.35
N ILE D 570 -20.54 35.30 3.67
CA ILE D 570 -21.76 35.40 4.47
C ILE D 570 -22.85 35.96 3.61
N TYR D 571 -23.84 35.15 3.30
CA TYR D 571 -24.94 35.64 2.52
C TYR D 571 -26.15 35.83 3.42
N ILE D 572 -26.66 37.05 3.51
CA ILE D 572 -27.85 37.29 4.33
C ILE D 572 -29.09 37.52 3.47
N VAL D 573 -30.11 36.68 3.69
CA VAL D 573 -31.43 36.78 3.07
C VAL D 573 -32.33 37.67 3.93
N ASP D 574 -32.96 38.65 3.32
CA ASP D 574 -33.93 39.50 4.00
C ASP D 574 -35.28 38.79 4.17
N ARG D 575 -35.51 38.19 5.33
CA ARG D 575 -36.79 37.54 5.61
C ARG D 575 -37.67 38.39 6.51
N ARG D 576 -37.35 39.68 6.59
CA ARG D 576 -37.95 40.55 7.57
C ARG D 576 -38.69 41.73 6.92
N PHE D 577 -38.20 42.17 5.76
CA PHE D 577 -38.80 43.29 5.04
C PHE D 577 -39.12 42.90 3.60
N LYS D 578 -39.33 41.62 3.37
CA LYS D 578 -39.63 41.14 2.03
C LYS D 578 -40.72 40.09 2.12
N ALA D 579 -41.56 40.02 1.08
CA ALA D 579 -42.57 38.96 0.99
C ALA D 579 -41.88 37.59 0.88
N PRO D 580 -42.56 36.53 1.37
CA PRO D 580 -41.96 35.20 1.33
C PRO D 580 -41.45 34.82 -0.06
N ASP D 581 -42.14 35.25 -1.11
CA ASP D 581 -41.71 34.89 -2.45
C ASP D 581 -40.44 35.63 -2.87
N GLU D 582 -40.34 36.91 -2.49
CA GLU D 582 -39.16 37.69 -2.79
C GLU D 582 -37.95 37.12 -2.05
N SER D 583 -38.12 36.77 -0.77
CA SER D 583 -37.08 36.10 0.00
C SER D 583 -36.52 34.85 -0.67
N VAL D 584 -37.42 34.03 -1.22
CA VAL D 584 -37.04 32.80 -1.92
C VAL D 584 -36.15 33.13 -3.10
N GLU D 585 -36.54 34.15 -3.87
CA GLU D 585 -35.79 34.55 -5.04
C GLU D 585 -34.44 35.12 -4.68
N GLN D 586 -34.35 35.81 -3.55
CA GLN D 586 -33.05 36.24 -3.06
C GLN D 586 -32.15 35.03 -2.74
N LEU D 587 -32.73 34.00 -2.14
CA LEU D 587 -32.01 32.76 -1.86
C LEU D 587 -31.49 32.11 -3.15
N VAL D 588 -32.36 31.99 -4.14
CA VAL D 588 -31.94 31.43 -5.42
C VAL D 588 -30.81 32.28 -5.98
N ASP D 589 -30.93 33.60 -5.87
CA ASP D 589 -29.91 34.49 -6.39
C ASP D 589 -28.55 34.19 -5.80
N TYR D 590 -28.47 34.10 -4.47
CA TYR D 590 -27.22 33.80 -3.80
C TYR D 590 -26.62 32.46 -4.26
N MET D 591 -27.45 31.42 -4.34
CA MET D 591 -26.98 30.13 -4.82
C MET D 591 -26.47 30.23 -6.25
N GLU D 592 -27.23 30.87 -7.13
CA GLU D 592 -26.82 30.96 -8.50
C GLU D 592 -25.52 31.74 -8.56
N GLU D 593 -25.40 32.74 -7.69
CA GLU D 593 -24.18 33.52 -7.62
C GLU D 593 -23.00 32.65 -7.20
N PHE D 594 -23.21 31.79 -6.22
CA PHE D 594 -22.15 30.93 -5.76
C PHE D 594 -21.71 29.87 -6.80
N VAL D 595 -22.67 29.22 -7.45
CA VAL D 595 -22.40 28.23 -8.53
C VAL D 595 -21.50 28.74 -9.67
N LYS D 596 -21.57 30.02 -9.98
CA LYS D 596 -20.82 30.57 -11.08
C LYS D 596 -19.37 30.87 -10.73
N LYS D 597 -19.00 30.70 -9.46
CA LYS D 597 -17.62 30.95 -9.06
C LYS D 597 -16.63 29.94 -9.70
N THR D 598 -15.42 30.41 -10.02
CA THR D 598 -14.33 29.52 -10.39
C THR D 598 -13.76 28.88 -9.14
N ARG D 599 -12.96 27.84 -9.33
CA ARG D 599 -12.29 27.17 -8.22
C ARG D 599 -11.43 28.16 -7.41
N ARG D 600 -10.59 28.91 -8.11
CA ARG D 600 -9.75 29.93 -7.49
C ARG D 600 -10.59 30.88 -6.64
N GLN D 601 -11.73 31.29 -7.18
CA GLN D 601 -12.61 32.18 -6.45
C GLN D 601 -13.17 31.50 -5.18
N ARG D 602 -13.50 30.22 -5.27
CA ARG D 602 -13.93 29.47 -4.09
C ARG D 602 -12.85 29.34 -2.99
N ILE D 603 -11.60 29.10 -3.39
CA ILE D 603 -10.49 28.91 -2.47
C ILE D 603 -10.26 30.20 -1.68
N ASN D 604 -10.14 31.32 -2.39
CA ASN D 604 -9.97 32.63 -1.78
C ASN D 604 -11.12 33.02 -0.87
N GLN D 605 -12.36 32.66 -1.25
CA GLN D 605 -13.50 33.08 -0.48
C GLN D 605 -13.50 32.34 0.85
N ARG D 606 -13.11 31.06 0.81
CA ARG D 606 -13.01 30.25 2.00
C ARG D 606 -11.88 30.76 2.90
N ASN D 607 -10.84 31.33 2.30
CA ASN D 607 -9.77 31.94 3.07
C ASN D 607 -10.34 33.15 3.81
N ARG D 608 -11.16 33.92 3.12
CA ARG D 608 -11.72 35.12 3.71
C ARG D 608 -12.65 34.78 4.85
N THR D 609 -13.49 33.76 4.67
CA THR D 609 -14.46 33.41 5.69
C THR D 609 -13.81 32.84 6.96
N GLU D 610 -12.77 32.02 6.76
CA GLU D 610 -11.93 31.52 7.83
C GLU D 610 -11.35 32.67 8.67
N ARG D 611 -10.95 33.77 8.04
CA ARG D 611 -10.50 34.94 8.80
C ARG D 611 -11.60 35.47 9.71
N LEU D 612 -12.82 35.57 9.19
CA LEU D 612 -13.96 36.01 9.99
C LEU D 612 -14.18 35.18 11.23
N SER D 613 -13.88 33.89 11.14
CA SER D 613 -14.18 32.95 12.21
C SER D 613 -13.50 33.37 13.49
N ASP D 614 -12.48 34.23 13.35
CA ASP D 614 -11.77 34.76 14.50
C ASP D 614 -12.68 35.66 15.35
N LEU D 615 -13.52 36.44 14.67
CA LEU D 615 -14.46 37.32 15.37
C LEU D 615 -15.56 36.55 16.11
N LEU D 616 -15.60 35.24 15.94
CA LEU D 616 -16.58 34.40 16.62
C LEU D 616 -15.97 33.63 17.78
N ASP D 617 -14.66 33.79 17.96
CA ASP D 617 -13.92 33.10 19.02
C ASP D 617 -14.27 33.76 20.35
N TRP D 618 -14.33 32.97 21.42
CA TRP D 618 -14.61 33.53 22.74
C TRP D 618 -13.57 34.59 23.17
N LYS D 619 -12.34 34.44 22.67
CA LYS D 619 -11.29 35.45 22.85
C LYS D 619 -11.70 36.87 22.45
N ARG D 620 -12.73 36.97 21.62
CA ARG D 620 -13.27 38.29 21.27
C ARG D 620 -14.71 38.50 21.75
N MET D 621 -15.53 37.44 21.70
CA MET D 621 -16.94 37.53 22.08
C MET D 621 -17.12 37.69 23.58
N GLY D 622 -16.06 37.36 24.32
CA GLY D 622 -16.00 37.48 25.77
C GLY D 622 -15.93 38.92 26.22
N LEU D 623 -15.42 39.78 25.34
CA LEU D 623 -15.37 41.22 25.57
C LEU D 623 -16.75 41.83 25.79
N GLU D 624 -17.79 41.18 25.31
CA GLU D 624 -19.15 41.68 25.49
C GLU D 624 -19.68 41.25 26.85
N TYR D 625 -19.21 40.11 27.33
CA TYR D 625 -19.49 39.66 28.70
C TYR D 625 -18.81 40.60 29.71
N VAL D 626 -17.57 40.98 29.41
CA VAL D 626 -16.82 41.94 30.22
C VAL D 626 -17.59 43.27 30.31
N LYS D 627 -18.02 43.80 29.17
CA LYS D 627 -18.78 45.05 29.13
C LYS D 627 -20.06 44.98 29.95
N ALA D 628 -20.80 43.87 29.79
CA ALA D 628 -22.04 43.62 30.54
C ALA D 628 -21.80 43.54 32.04
N ARG D 629 -20.60 43.14 32.44
CA ARG D 629 -20.24 43.09 33.85
C ARG D 629 -19.87 44.47 34.43
N GLN D 630 -19.14 45.26 33.63
CA GLN D 630 -18.74 46.60 34.05
C GLN D 630 -19.95 47.50 34.20
N LEU D 631 -20.96 47.29 33.35
CA LEU D 631 -22.20 48.05 33.44
C LEU D 631 -22.98 47.67 34.70
N ALA D 632 -22.84 46.42 35.14
CA ALA D 632 -23.45 45.97 36.38
C ALA D 632 -22.81 46.64 37.59
N LEU D 633 -21.48 46.75 37.59
CA LEU D 633 -20.72 47.39 38.67
C LEU D 633 -20.89 48.92 38.68
N ARG D 634 -21.15 49.47 37.50
CA ARG D 634 -21.39 50.90 37.32
C ARG D 634 -22.77 51.32 37.83
N ARG D 635 -23.77 50.47 37.60
CA ARG D 635 -25.13 50.75 38.05
C ARG D 635 -25.31 50.49 39.55
N GLY D 636 -24.69 49.42 40.04
CA GLY D 636 -24.76 49.04 41.46
C GLY D 636 -24.11 50.04 42.41
N TYR D 637 -22.86 50.42 42.12
CA TYR D 637 -22.11 51.35 42.95
C TYR D 637 -21.53 52.52 42.13
N PRO D 638 -22.40 53.45 41.66
CA PRO D 638 -22.01 54.52 40.72
C PRO D 638 -20.92 55.47 41.23
N ASP D 639 -20.86 55.66 42.56
CA ASP D 639 -19.89 56.55 43.18
C ASP D 639 -18.46 56.01 43.08
N GLN D 640 -18.23 54.82 43.65
CA GLN D 640 -16.90 54.21 43.69
C GLN D 640 -16.32 54.09 42.28
N PHE D 641 -17.21 53.89 41.32
CA PHE D 641 -16.85 53.75 39.91
C PHE D 641 -16.23 55.02 39.34
N ARG D 642 -16.79 56.16 39.72
CA ARG D 642 -16.24 57.45 39.32
C ARG D 642 -14.84 57.62 39.90
N GLU D 643 -14.63 57.07 41.10
CA GLU D 643 -13.34 57.18 41.79
C GLU D 643 -12.28 56.30 41.14
N LEU D 644 -12.73 55.22 40.48
CA LEU D 644 -11.83 54.31 39.79
C LEU D 644 -11.48 54.74 38.36
N VAL D 645 -12.21 55.72 37.83
CA VAL D 645 -12.00 56.17 36.44
C VAL D 645 -11.61 57.65 36.34
N GLY D 646 -12.27 58.51 37.11
CA GLY D 646 -11.97 59.94 37.11
C GLY D 646 -13.20 60.80 36.95
N GLU D 647 -14.07 60.40 36.02
CA GLU D 647 -15.37 61.04 35.83
C GLU D 647 -16.46 59.98 35.69
N GLU D 648 -17.72 60.41 35.66
CA GLU D 648 -18.85 59.49 35.51
C GLU D 648 -19.22 59.29 34.03
N LEU D 649 -19.01 58.08 33.53
CA LEU D 649 -19.35 57.75 32.15
C LEU D 649 -20.82 57.37 31.98
N ASN D 650 -21.29 57.34 30.73
CA ASN D 650 -22.68 57.04 30.38
C ASN D 650 -23.07 55.59 30.68
N ASP D 651 -24.13 55.41 31.47
CA ASP D 651 -24.54 54.08 31.96
C ASP D 651 -25.81 53.51 31.32
N SER D 652 -26.34 54.18 30.30
CA SER D 652 -27.56 53.72 29.63
C SER D 652 -27.30 52.47 28.78
N ASN D 653 -26.11 52.39 28.21
CA ASN D 653 -25.72 51.24 27.39
C ASN D 653 -24.43 50.59 27.85
N MET D 654 -24.25 49.34 27.41
CA MET D 654 -22.97 48.65 27.50
C MET D 654 -21.95 49.35 26.58
N ASP D 655 -22.37 49.61 25.35
CA ASP D 655 -21.50 50.22 24.33
C ASP D 655 -21.23 51.70 24.58
N ALA D 656 -22.21 52.40 25.14
CA ALA D 656 -22.05 53.81 25.52
C ALA D 656 -21.08 53.98 26.70
N LEU D 657 -20.91 52.92 27.49
CA LEU D 657 -19.95 52.91 28.61
C LEU D 657 -18.50 52.75 28.12
N ALA D 658 -18.28 51.80 27.20
CA ALA D 658 -16.96 51.52 26.64
C ALA D 658 -16.75 52.21 25.30
N1 UDP E . 21.22 24.42 -10.72
C2 UDP E . 20.86 23.14 -11.22
N3 UDP E . 21.05 22.02 -10.51
C4 UDP E . 21.60 22.10 -9.28
C5 UDP E . 21.96 23.35 -8.74
C6 UDP E . 21.77 24.52 -9.50
O2 UDP E . 20.37 23.07 -12.35
O4 UDP E . 21.78 21.05 -8.60
C1' UDP E . 21.00 25.59 -11.58
C2' UDP E . 20.05 26.61 -10.99
O2' UDP E . 18.77 26.43 -11.58
C3' UDP E . 20.65 27.95 -11.37
C4' UDP E . 22.06 27.68 -11.84
O4' UDP E . 22.23 26.26 -11.83
O3' UDP E . 19.91 28.48 -12.47
C5' UDP E . 23.11 28.32 -10.96
O5' UDP E . 23.76 29.37 -11.67
PA UDP E . 25.24 29.94 -11.31
O1A UDP E . 25.58 29.64 -9.86
O2A UDP E . 26.18 29.45 -12.39
O3A UDP E . 25.01 31.53 -11.44
PB UDP E . 23.98 32.34 -10.50
O1B UDP E . 22.97 32.85 -11.49
O2B UDP E . 24.81 33.43 -9.87
O3B UDP E . 23.44 31.38 -9.47
C1 G6P F . 4.06 23.20 5.34
C2 G6P F . 2.98 22.16 5.60
C3 G6P F . 2.63 22.08 7.08
C4 G6P F . 3.88 21.93 7.94
C5 G6P F . 4.86 23.04 7.60
C6 G6P F . 6.19 22.83 8.28
O1 G6P F . 3.54 24.52 5.49
O2 G6P F . 1.81 22.47 4.83
O3 G6P F . 1.82 20.92 7.26
O4 G6P F . 3.53 21.96 9.33
O5 G6P F . 5.16 23.02 6.21
O6 G6P F . 7.04 23.95 8.00
P G6P F . 8.57 23.87 8.44
O1P G6P F . 8.54 23.33 9.85
O2P G6P F . 8.97 25.31 8.29
O3P G6P F . 9.25 22.95 7.47
C1 PEG G . -6.82 -6.57 8.81
O1 PEG G . -5.95 -5.74 9.58
C2 PEG G . -7.18 -7.82 9.60
O2 PEG G . -8.13 -8.59 8.87
C3 PEG G . -7.79 -9.97 8.81
C4 PEG G . -7.35 -10.33 7.39
O4 PEG G . -6.29 -11.29 7.44
N1 UDP H . -24.47 -24.21 -8.60
C2 UDP H . -24.16 -22.89 -8.95
N3 UDP H . -24.12 -21.91 -8.04
C4 UDP H . -24.42 -22.17 -6.75
C5 UDP H . -24.74 -23.47 -6.36
C6 UDP H . -24.76 -24.50 -7.31
O2 UDP H . -23.88 -22.68 -10.14
O4 UDP H . -24.39 -21.23 -5.92
C1' UDP H . -24.47 -25.19 -9.66
C2' UDP H . -23.59 -26.38 -9.34
O2' UDP H . -22.42 -26.25 -10.15
C3' UDP H . -24.42 -27.61 -9.67
C4' UDP H . -25.81 -27.11 -9.99
O4' UDP H . -25.80 -25.68 -9.85
O3' UDP H . -23.85 -28.29 -10.80
C5' UDP H . -26.93 -27.59 -9.08
O5' UDP H . -27.14 -28.97 -9.23
PA UDP H . -28.60 -29.64 -9.02
O1A UDP H . -28.98 -29.62 -7.55
O2A UDP H . -29.58 -28.98 -9.97
O3A UDP H . -28.28 -31.18 -9.44
PB UDP H . -27.32 -32.18 -8.58
O1B UDP H . -26.58 -33.04 -9.56
O2B UDP H . -28.28 -32.99 -7.72
O3B UDP H . -26.39 -31.30 -7.79
C1 G6P I . -3.74 -25.35 2.67
C2 G6P I . -2.72 -24.24 2.87
C3 G6P I . -2.07 -24.39 4.25
C4 G6P I . -3.16 -24.31 5.32
C5 G6P I . -4.26 -25.34 5.06
C6 G6P I . -5.48 -25.16 5.94
O1 G6P I . -3.07 -26.60 2.78
O2 G6P I . -1.75 -24.30 1.82
O3 G6P I . -1.13 -23.34 4.44
O4 G6P I . -2.54 -24.62 6.56
O5 G6P I . -4.73 -25.23 3.70
O6 G6P I . -6.23 -26.38 6.00
P G6P I . -7.61 -26.34 6.82
O1P G6P I . -7.23 -26.02 8.25
O2P G6P I . -8.19 -27.72 6.66
O3P G6P I . -8.42 -25.20 6.21
C1 PEG J . 8.69 8.43 7.00
O1 PEG J . 7.33 8.83 7.24
C2 PEG J . 9.27 7.73 8.22
O2 PEG J . 9.65 6.40 7.86
C3 PEG J . 8.80 5.45 8.50
C4 PEG J . 8.56 4.24 7.61
O4 PEG J . 7.86 3.25 8.37
C1 GLC K . 34.79 -30.43 7.90
C2 GLC K . 34.67 -30.95 6.46
C3 GLC K . 33.24 -30.88 5.93
C4 GLC K . 32.27 -31.44 6.96
C5 GLC K . 32.49 -30.68 8.26
C6 GLC K . 31.45 -31.05 9.31
O1 GLC K . 34.68 -29.00 7.94
O2 GLC K . 35.53 -30.19 5.61
O3 GLC K . 33.12 -31.62 4.71
O4 GLC K . 30.91 -31.34 6.52
O5 GLC K . 33.79 -31.01 8.72
O6 GLC K . 31.59 -32.44 9.64
C2 BGC L . 34.61 -30.71 6.44
C3 BGC L . 33.20 -30.90 5.90
C4 BGC L . 32.32 -31.48 7.00
C5 BGC L . 32.40 -30.59 8.24
C6 BGC L . 31.56 -31.16 9.38
C1 BGC L . 34.53 -29.81 7.67
O1 BGC L . 35.83 -29.46 8.16
O2 BGC L . 35.44 -30.10 5.44
O3 BGC L . 33.19 -31.77 4.76
O4 BGC L . 30.96 -31.59 6.56
O5 BGC L . 33.77 -30.49 8.66
O6 BGC L . 31.91 -32.55 9.56
N1 UDP M . 27.20 -21.51 4.65
C2 UDP M . 26.79 -20.30 5.25
N3 UDP M . 26.66 -19.18 4.54
C4 UDP M . 26.93 -19.18 3.21
C5 UDP M . 27.34 -20.36 2.59
C6 UDP M . 27.47 -21.53 3.33
O2 UDP M . 26.54 -20.28 6.47
O4 UDP M . 26.80 -18.12 2.52
C1' UDP M . 27.34 -22.71 5.48
C2' UDP M . 26.52 -23.89 4.99
O2' UDP M . 25.22 -23.85 5.57
C3' UDP M . 27.31 -25.10 5.45
C4' UDP M . 28.72 -24.58 5.73
O4' UDP M . 28.70 -23.18 5.48
O3' UDP M . 26.78 -25.59 6.70
C5' UDP M . 29.78 -25.23 4.87
O5' UDP M . 30.14 -26.48 5.45
PA UDP M . 30.40 -27.83 4.61
O1A UDP M . 29.95 -29.00 5.44
O2A UDP M . 29.98 -27.67 3.16
O3A UDP M . 32.00 -27.97 4.54
PB UDP M . 33.09 -27.04 5.29
O1B UDP M . 32.82 -27.24 6.74
O2B UDP M . 32.91 -25.63 4.81
O3B UDP M . 34.31 -27.77 4.76
C1 G6P N . 6.49 -23.70 -6.68
C2 G6P N . 5.30 -22.75 -6.65
C3 G6P N . 4.66 -22.70 -8.03
C4 G6P N . 5.71 -22.28 -9.08
C5 G6P N . 6.95 -23.19 -9.04
C6 G6P N . 8.06 -22.62 -9.91
O1 G6P N . 6.02 -25.03 -6.93
O2 G6P N . 4.36 -23.15 -5.65
O3 G6P N . 3.59 -21.76 -8.03
O4 G6P N . 5.14 -22.28 -10.38
O5 G6P N . 7.43 -23.31 -7.69
O6 G6P N . 9.16 -23.53 -9.87
P G6P N . 10.50 -23.26 -10.73
O1P G6P N . 10.01 -22.90 -12.10
O2P G6P N . 11.23 -24.57 -10.61
O3P G6P N . 11.19 -22.09 -10.07
C1 PEG O . -10.95 8.22 -6.59
O1 PEG O . -10.06 9.16 -5.97
C2 PEG O . -10.86 6.89 -5.84
O2 PEG O . -11.05 5.83 -6.76
C3 PEG O . -10.27 4.68 -6.47
C4 PEG O . -9.40 4.35 -7.67
O4 PEG O . -8.83 3.06 -7.51
N1 UDP P . -25.19 18.64 14.66
C2 UDP P . -24.55 17.43 14.94
N3 UDP P . -24.56 16.44 14.03
C4 UDP P . -25.19 16.58 12.85
C5 UDP P . -25.84 17.79 12.55
C6 UDP P . -25.83 18.82 13.48
O2 UDP P . -23.98 17.33 16.03
O4 UDP P . -25.18 15.65 12.01
C1' UDP P . -25.13 19.66 15.71
C2' UDP P . -24.62 20.98 15.17
O2' UDP P . -23.22 21.09 15.45
C3' UDP P . -25.43 22.02 15.90
C4' UDP P . -26.63 21.27 16.46
O4' UDP P . -26.42 19.88 16.28
O3' UDP P . -24.66 22.56 16.98
C5' UDP P . -27.91 21.60 15.70
O5' UDP P . -28.30 22.91 16.08
PA UDP P . -29.87 23.25 16.14
O1A UDP P . -30.38 23.19 14.71
O2A UDP P . -30.48 22.37 17.21
O3A UDP P . -29.89 24.80 16.58
PB UDP P . -29.32 25.99 15.64
O1B UDP P . -28.66 26.95 16.59
O2B UDP P . -30.56 26.51 14.96
O3B UDP P . -28.32 25.36 14.72
C1 G6P Q . -8.30 22.88 -1.40
C2 G6P Q . -7.20 21.96 -1.92
C3 G6P Q . -6.95 22.22 -3.40
C4 G6P Q . -8.25 21.97 -4.15
C5 G6P Q . -9.34 22.87 -3.60
C6 G6P Q . -10.66 22.52 -4.25
O1 G6P Q . -7.87 24.21 -1.53
O2 G6P Q . -6.00 22.11 -1.16
O3 G6P Q . -6.05 21.24 -3.87
O4 G6P Q . -8.07 22.17 -5.56
O5 G6P Q . -9.49 22.71 -2.19
O6 G6P Q . -11.67 23.44 -3.86
P G6P Q . -13.17 23.15 -4.29
O1P G6P Q . -13.03 22.88 -5.77
O2P G6P Q . -13.93 24.40 -3.97
O3P G6P Q . -13.55 21.92 -3.48
C1 PEG R . 7.49 -4.02 -10.12
O1 PEG R . 6.12 -3.67 -9.96
C2 PEG R . 7.81 -5.28 -9.34
O2 PEG R . 8.34 -6.26 -10.25
C3 PEG R . 8.46 -7.55 -9.66
C4 PEG R . 7.54 -8.56 -10.35
O4 PEG R . 6.93 -9.37 -9.34
#